data_6D8C
#
_entry.id   6D8C
#
_cell.length_a   1
_cell.length_b   1
_cell.length_c   1
_cell.angle_alpha   90
_cell.angle_beta   90
_cell.angle_gamma   90
#
_symmetry.space_group_name_H-M   'P 1'
#
loop_
_entity.id
_entity.type
_entity.pdbx_description
1 polymer Filamin-A
2 polymer 'Actin, alpha skeletal muscle'
3 polymer Phalloidin
4 non-polymer "ADENOSINE-5'-DIPHOSPHATE"
5 non-polymer 'MAGNESIUM ION'
#
loop_
_entity_poly.entity_id
_entity_poly.type
_entity_poly.pdbx_seq_one_letter_code
_entity_poly.pdbx_strand_id
1 'polypeptide(L)'
;MHHHHHHGSLVPRSENLYFQGSDILQGTMSSSHSRAGQSAAGAAPGGGVDTRDAEMPATEKDLAEDAPWKKIQQNTFTRW
CNEHLKCVSKRIANLQTDLSDGLRLIALLEVLSQKKMHRKHNQRPTFRQMQLENVSVALEFLDRESIKLVSIDSKAIVDG
NLKLILGLIWTLILHYSISMPMWDEEEDEEAKKQTPKQRLLGWIQNKLPQLPITNFSRDWQSGRALGALVDSCAPGLCPD
WDSWDASKPVTNAREAMQQADDWLGIPQVITPEEIVDPNVDKHSVMTYLSQFPKAKLKPGAPLRPK
;
D,A,B,C,E
2 'polypeptide(L)'
;DEDETTALVCDNGSGLVKAGFAGDDAPRAVFPSIVGRPRHQGVMVGMGQKDSYVGDEAQSKRGILTLKYPIEHGIITNWD
DMEKIWHHTFYNELRVAPEEHPTLLTEAPLNPKANREKMTQIMFETFNVPAMYVAIQAVLSLYASGRTTGIVLDSGDGVT
HNVPIYEGYALPHAIMRLDLAGRDLTDYLMKILTERGYSFVTTAEREIVRDIKEKLCYVALDFENEMATAASSSSLEKSY
ELPDGQVITIGNERFRCPETLFQPSFIGMESAGIHETTYNSIMKCDIDIRKDLYANNVMSGGTTMYPGIADRMQKEITAL
APSTMKIKIIAPPERKYSVWIGGSILASLSTFQQMWITKQEYDEAGPSIVHRKCF
;
H,J,K,L,M
3 'polypeptide(L)' (HYP)AW(G5G)A(ALO)C N,O,P
#
loop_
_chem_comp.id
_chem_comp.type
_chem_comp.name
_chem_comp.formula
ADP non-polymer ADENOSINE-5'-DIPHOSPHATE 'C10 H15 N5 O10 P2'
MG non-polymer 'MAGNESIUM ION' 'Mg 2'
#
# COMPACT_ATOMS: atom_id res chain seq x y z
N PRO A 57 -3.79 27.57 -12.81
CA PRO A 57 -3.72 27.23 -14.23
C PRO A 57 -5.11 27.13 -14.85
N ALA A 58 -5.12 27.07 -16.18
CA ALA A 58 -6.38 26.96 -16.91
C ALA A 58 -7.05 25.61 -16.69
N THR A 59 -6.31 24.59 -16.26
CA THR A 59 -6.89 23.25 -16.10
C THR A 59 -7.93 23.24 -14.99
N GLU A 60 -7.69 23.99 -13.91
CA GLU A 60 -8.65 24.13 -12.81
C GLU A 60 -8.84 25.62 -12.47
N LYS A 61 -9.72 26.27 -13.22
CA LYS A 61 -10.15 27.62 -12.86
C LYS A 61 -11.16 27.59 -11.73
N ASP A 62 -11.98 26.54 -11.68
CA ASP A 62 -13.07 26.47 -10.69
C ASP A 62 -12.54 26.14 -9.30
N LEU A 63 -11.57 25.25 -9.21
CA LEU A 63 -11.23 24.65 -7.92
C LEU A 63 -10.52 25.61 -6.99
N ALA A 64 -9.88 26.65 -7.53
CA ALA A 64 -9.13 27.56 -6.67
C ALA A 64 -10.04 28.28 -5.68
N GLU A 65 -10.90 29.19 -6.16
CA GLU A 65 -11.92 29.85 -5.36
C GLU A 65 -12.71 30.79 -6.26
N ASP A 66 -13.89 31.22 -5.83
CA ASP A 66 -14.66 32.30 -6.46
C ASP A 66 -15.04 31.99 -7.92
N ALA A 67 -15.40 30.75 -8.22
CA ALA A 67 -15.87 30.44 -9.56
C ALA A 67 -17.21 31.13 -9.79
N PRO A 68 -17.63 31.28 -11.06
CA PRO A 68 -18.96 31.86 -11.30
C PRO A 68 -20.09 31.04 -10.72
N TRP A 69 -20.05 29.72 -10.87
CA TRP A 69 -21.12 28.87 -10.35
C TRP A 69 -21.17 28.93 -8.83
N LYS A 70 -20.03 29.09 -8.18
CA LYS A 70 -20.01 29.23 -6.72
C LYS A 70 -20.73 30.51 -6.31
N LYS A 71 -20.50 31.61 -7.03
CA LYS A 71 -21.15 32.87 -6.70
C LYS A 71 -22.60 32.85 -7.15
N ILE A 72 -22.89 32.29 -8.33
CA ILE A 72 -24.26 32.24 -8.82
C ILE A 72 -25.12 31.36 -7.92
N GLN A 73 -24.58 30.23 -7.47
CA GLN A 73 -25.31 29.39 -6.53
C GLN A 73 -25.51 30.12 -5.20
N GLN A 74 -24.46 30.74 -4.68
CA GLN A 74 -24.56 31.47 -3.41
C GLN A 74 -25.64 32.54 -3.47
N ASN A 75 -25.71 33.27 -4.59
CA ASN A 75 -26.76 34.26 -4.75
C ASN A 75 -28.14 33.61 -4.81
N THR A 76 -28.20 32.37 -5.31
CA THR A 76 -29.48 31.67 -5.38
C THR A 76 -29.93 31.21 -4.00
N PHE A 77 -29.00 30.69 -3.20
CA PHE A 77 -29.33 30.29 -1.84
C PHE A 77 -29.76 31.49 -1.01
N THR A 78 -29.17 32.65 -1.27
CA THR A 78 -29.51 33.84 -0.50
C THR A 78 -30.93 34.30 -0.77
N ARG A 79 -31.36 34.27 -2.04
CA ARG A 79 -32.70 34.75 -2.36
C ARG A 79 -33.78 33.79 -1.86
N TRP A 80 -33.53 32.48 -1.98
CA TRP A 80 -34.56 31.50 -1.62
C TRP A 80 -34.92 31.57 -0.14
N CYS A 81 -33.91 31.49 0.73
CA CYS A 81 -34.17 31.46 2.16
C CYS A 81 -34.75 32.77 2.66
N ASN A 82 -34.42 33.88 2.01
CA ASN A 82 -34.93 35.17 2.46
C ASN A 82 -36.44 35.28 2.25
N GLU A 83 -36.95 34.68 1.18
CA GLU A 83 -38.38 34.78 0.89
C GLU A 83 -39.21 34.16 2.01
N HIS A 84 -38.77 33.04 2.56
CA HIS A 84 -39.47 32.44 3.69
C HIS A 84 -39.35 33.30 4.93
N LEU A 85 -38.26 34.06 5.05
CA LEU A 85 -38.02 34.88 6.23
C LEU A 85 -38.70 36.25 6.17
N LYS A 86 -39.42 36.56 5.08
CA LYS A 86 -40.10 37.85 5.01
C LYS A 86 -41.18 37.97 6.07
N CYS A 87 -41.78 36.86 6.48
CA CYS A 87 -42.80 36.90 7.53
C CYS A 87 -42.22 37.34 8.86
N VAL A 88 -40.96 36.97 9.15
CA VAL A 88 -40.29 37.37 10.37
C VAL A 88 -39.47 38.64 10.21
N SER A 89 -39.47 39.26 9.03
CA SER A 89 -38.76 40.52 8.78
C SER A 89 -37.27 40.36 9.03
N LYS A 90 -36.67 39.32 8.46
CA LYS A 90 -35.24 39.04 8.57
C LYS A 90 -34.64 38.88 7.20
N ARG A 91 -33.48 39.49 6.98
CA ARG A 91 -32.76 39.44 5.71
C ARG A 91 -31.34 38.95 5.96
N ILE A 92 -30.79 38.25 4.97
CA ILE A 92 -29.46 37.67 5.03
C ILE A 92 -28.65 38.31 3.91
N ALA A 93 -27.83 39.30 4.26
CA ALA A 93 -27.01 39.98 3.26
C ALA A 93 -25.88 39.07 2.78
N ASN A 94 -25.16 38.45 3.71
CA ASN A 94 -24.05 37.55 3.40
C ASN A 94 -24.28 36.25 4.14
N LEU A 95 -24.47 35.16 3.40
CA LEU A 95 -24.79 33.88 4.02
C LEU A 95 -23.63 33.35 4.87
N GLN A 96 -22.41 33.80 4.58
CA GLN A 96 -21.24 33.29 5.31
C GLN A 96 -21.27 33.75 6.76
N THR A 97 -21.38 35.06 6.99
CA THR A 97 -21.22 35.65 8.31
C THR A 97 -22.54 35.88 9.04
N ASP A 98 -23.67 35.89 8.34
CA ASP A 98 -24.94 36.20 9.00
C ASP A 98 -25.41 35.04 9.87
N LEU A 99 -25.03 33.81 9.53
CA LEU A 99 -25.41 32.64 10.31
C LEU A 99 -24.48 32.35 11.47
N SER A 100 -23.56 33.27 11.81
CA SER A 100 -22.67 33.06 12.94
C SER A 100 -23.45 33.01 14.25
N ASP A 101 -24.37 33.95 14.45
CA ASP A 101 -25.20 33.94 15.65
C ASP A 101 -26.10 32.71 15.69
N GLY A 102 -26.48 32.19 14.52
CA GLY A 102 -27.32 31.01 14.44
C GLY A 102 -28.80 31.25 14.60
N LEU A 103 -29.20 32.45 15.00
CA LEU A 103 -30.63 32.74 15.19
C LEU A 103 -31.38 32.64 13.87
N ARG A 104 -30.76 33.09 12.77
CA ARG A 104 -31.42 33.03 11.48
C ARG A 104 -31.65 31.60 11.04
N LEU A 105 -30.73 30.70 11.39
CA LEU A 105 -30.92 29.28 11.08
C LEU A 105 -32.10 28.70 11.85
N ILE A 106 -32.25 29.10 13.11
CA ILE A 106 -33.38 28.62 13.91
C ILE A 106 -34.69 29.14 13.33
N ALA A 107 -34.73 30.41 12.95
CA ALA A 107 -35.96 30.99 12.41
C ALA A 107 -36.33 30.36 11.08
N LEU A 108 -35.33 30.03 10.26
CA LEU A 108 -35.60 29.40 8.97
C LEU A 108 -36.26 28.04 9.15
N LEU A 109 -35.82 27.28 10.16
CA LEU A 109 -36.42 25.97 10.40
C LEU A 109 -37.83 26.10 10.96
N GLU A 110 -38.08 27.14 11.76
CA GLU A 110 -39.42 27.35 12.31
C GLU A 110 -40.44 27.56 11.21
N VAL A 111 -40.08 28.30 10.16
CA VAL A 111 -41.02 28.58 9.09
C VAL A 111 -41.27 27.32 8.26
N LEU A 112 -40.20 26.65 7.86
CA LEU A 112 -40.34 25.49 6.98
C LEU A 112 -40.94 24.30 7.70
N SER A 113 -40.34 23.89 8.82
CA SER A 113 -40.80 22.70 9.52
C SER A 113 -42.13 22.94 10.21
N GLN A 114 -42.43 24.19 10.58
CA GLN A 114 -43.64 24.52 11.34
C GLN A 114 -43.69 23.75 12.66
N LYS A 115 -42.53 23.59 13.30
CA LYS A 115 -42.39 22.89 14.56
C LYS A 115 -41.55 23.74 15.51
N LYS A 116 -41.58 23.37 16.79
CA LYS A 116 -40.83 24.05 17.83
C LYS A 116 -39.58 23.25 18.18
N MET A 117 -38.54 23.96 18.59
CA MET A 117 -37.26 23.32 18.86
C MET A 117 -37.36 22.42 20.08
N HIS A 118 -36.58 21.33 20.08
CA HIS A 118 -36.63 20.37 21.17
C HIS A 118 -35.84 20.86 22.38
N ARG A 119 -34.83 21.70 22.17
CA ARG A 119 -34.11 22.38 23.23
C ARG A 119 -34.28 23.88 23.07
N LYS A 120 -34.39 24.58 24.20
CA LYS A 120 -34.49 26.04 24.17
C LYS A 120 -33.15 26.65 23.75
N HIS A 121 -33.23 27.67 22.90
CA HIS A 121 -32.04 28.33 22.35
C HIS A 121 -31.85 29.68 23.01
N ASN A 122 -30.60 30.13 23.03
CA ASN A 122 -30.28 31.43 23.63
C ASN A 122 -30.84 32.56 22.76
N GLN A 123 -31.38 33.58 23.43
CA GLN A 123 -32.01 34.68 22.69
C GLN A 123 -30.97 35.52 21.95
N ARG A 124 -29.84 35.82 22.60
CA ARG A 124 -28.72 36.48 21.93
C ARG A 124 -27.44 35.91 22.54
N PRO A 125 -26.53 35.31 21.74
CA PRO A 125 -25.22 34.92 22.30
C PRO A 125 -24.17 36.01 22.17
N THR A 126 -23.50 36.33 23.28
CA THR A 126 -22.36 37.25 23.23
C THR A 126 -21.06 36.46 23.05
N PHE A 127 -20.88 35.39 23.82
CA PHE A 127 -19.69 34.59 23.74
C PHE A 127 -19.79 33.56 22.61
N ARG A 128 -18.65 32.99 22.27
CA ARG A 128 -18.58 32.01 21.20
C ARG A 128 -19.31 30.71 21.49
N GLN A 129 -19.26 30.24 22.73
CA GLN A 129 -19.83 28.94 23.06
C GLN A 129 -21.35 28.95 22.95
N MET A 130 -21.99 30.06 23.29
CA MET A 130 -23.45 30.13 23.18
C MET A 130 -23.89 30.15 21.73
N GLN A 131 -23.04 30.65 20.83
CA GLN A 131 -23.35 30.58 19.40
C GLN A 131 -23.37 29.13 18.93
N LEU A 132 -22.38 28.35 19.35
CA LEU A 132 -22.31 26.95 18.95
C LEU A 132 -23.46 26.15 19.56
N GLU A 133 -23.91 26.55 20.75
CA GLU A 133 -25.05 25.88 21.35
C GLU A 133 -26.31 26.09 20.51
N ASN A 134 -26.49 27.30 19.96
CA ASN A 134 -27.65 27.57 19.13
C ASN A 134 -27.60 26.76 17.83
N VAL A 135 -26.41 26.67 17.23
CA VAL A 135 -26.27 25.96 15.97
C VAL A 135 -26.32 24.45 16.20
N SER A 136 -25.72 23.98 17.30
CA SER A 136 -25.74 22.55 17.59
C SER A 136 -27.17 22.07 17.85
N VAL A 137 -27.97 22.88 18.54
CA VAL A 137 -29.37 22.54 18.74
C VAL A 137 -30.11 22.50 17.41
N ALA A 138 -29.69 23.32 16.45
CA ALA A 138 -30.33 23.32 15.13
C ALA A 138 -30.07 22.01 14.41
N LEU A 139 -28.80 21.59 14.33
CA LEU A 139 -28.46 20.38 13.61
C LEU A 139 -29.07 19.15 14.26
N GLU A 140 -29.14 19.13 15.59
CA GLU A 140 -29.78 18.01 16.28
C GLU A 140 -31.27 17.94 15.98
N PHE A 141 -31.88 19.07 15.65
CA PHE A 141 -33.31 19.05 15.32
C PHE A 141 -33.55 18.39 13.97
N LEU A 142 -32.65 18.60 13.01
CA LEU A 142 -32.81 17.98 11.69
C LEU A 142 -32.70 16.47 11.79
N ASP A 143 -31.94 15.97 12.75
CA ASP A 143 -31.91 14.53 13.00
C ASP A 143 -33.28 14.02 13.42
N ARG A 144 -33.98 14.79 14.25
CA ARG A 144 -35.35 14.44 14.62
C ARG A 144 -36.29 14.56 13.43
N GLU A 145 -35.95 15.43 12.47
CA GLU A 145 -36.72 15.60 11.25
C GLU A 145 -36.45 14.50 10.22
N SER A 146 -35.59 13.53 10.54
CA SER A 146 -35.25 12.44 9.64
C SER A 146 -34.59 12.96 8.36
N ILE A 147 -33.62 13.86 8.54
CA ILE A 147 -32.81 14.39 7.45
C ILE A 147 -31.36 13.98 7.70
N LYS A 148 -30.70 13.50 6.67
CA LYS A 148 -29.32 13.03 6.76
C LYS A 148 -28.38 14.17 6.39
N LEU A 149 -27.44 14.46 7.28
CA LEU A 149 -26.40 15.46 7.07
C LEU A 149 -25.04 14.83 7.33
N VAL A 150 -24.08 15.13 6.46
CA VAL A 150 -22.73 14.57 6.55
C VAL A 150 -21.74 15.73 6.56
N SER A 151 -20.92 15.80 7.60
CA SER A 151 -19.77 16.69 7.64
C SER A 151 -20.17 18.17 7.61
N ILE A 152 -21.22 18.51 8.36
CA ILE A 152 -21.61 19.89 8.58
C ILE A 152 -21.80 20.10 10.08
N ASP A 153 -20.81 20.73 10.71
CA ASP A 153 -20.75 20.89 12.15
C ASP A 153 -20.99 22.35 12.51
N SER A 154 -21.17 22.59 13.81
CA SER A 154 -21.47 23.95 14.28
C SER A 154 -20.27 24.86 14.14
N LYS A 155 -19.05 24.31 14.23
CA LYS A 155 -17.85 25.14 14.12
C LYS A 155 -17.72 25.74 12.72
N ALA A 156 -18.00 24.94 11.69
CA ALA A 156 -17.84 25.44 10.32
C ALA A 156 -18.87 26.51 10.00
N ILE A 157 -20.10 26.34 10.48
CA ILE A 157 -21.17 27.30 10.18
C ILE A 157 -20.84 28.65 10.80
N VAL A 158 -20.23 28.65 12.00
CA VAL A 158 -19.88 29.91 12.66
C VAL A 158 -18.64 30.52 12.00
N ASP A 159 -17.66 29.68 11.64
CA ASP A 159 -16.43 30.16 11.01
C ASP A 159 -16.62 30.52 9.54
N GLY A 160 -17.79 30.25 8.97
CA GLY A 160 -18.07 30.64 7.60
C GLY A 160 -17.20 29.97 6.58
N ASN A 161 -17.17 28.63 6.60
CA ASN A 161 -16.50 27.85 5.55
C ASN A 161 -17.48 27.74 4.40
N LEU A 162 -17.37 28.67 3.43
CA LEU A 162 -18.44 28.89 2.46
C LEU A 162 -18.76 27.65 1.65
N LYS A 163 -17.83 26.73 1.52
CA LYS A 163 -18.08 25.50 0.79
C LYS A 163 -19.09 24.62 1.51
N LEU A 164 -19.19 24.74 2.82
CA LEU A 164 -20.09 23.90 3.60
C LEU A 164 -21.46 24.46 3.93
N ILE A 165 -21.55 25.77 4.06
CA ILE A 165 -22.86 26.36 4.39
C ILE A 165 -23.82 26.22 3.22
N LEU A 166 -23.31 26.32 2.00
CA LEU A 166 -24.18 26.16 0.83
C LEU A 166 -24.74 24.75 0.75
N GLY A 167 -23.99 23.77 1.25
CA GLY A 167 -24.50 22.40 1.29
C GLY A 167 -25.65 22.24 2.27
N LEU A 168 -25.62 23.01 3.36
CA LEU A 168 -26.67 22.89 4.37
C LEU A 168 -28.01 23.35 3.81
N ILE A 169 -28.01 24.46 3.06
CA ILE A 169 -29.27 25.00 2.55
C ILE A 169 -29.78 24.14 1.40
N TRP A 170 -28.87 23.57 0.61
CA TRP A 170 -29.29 22.73 -0.52
C TRP A 170 -30.04 21.51 -0.05
N THR A 171 -29.67 20.95 1.11
CA THR A 171 -30.40 19.83 1.67
C THR A 171 -31.82 20.24 2.03
N LEU A 172 -32.02 21.51 2.40
CA LEU A 172 -33.34 21.99 2.77
C LEU A 172 -34.21 22.25 1.54
N ILE A 173 -33.58 22.67 0.44
CA ILE A 173 -34.34 22.96 -0.78
C ILE A 173 -35.01 21.69 -1.30
N LEU A 174 -34.26 20.59 -1.35
CA LEU A 174 -34.80 19.35 -1.90
C LEU A 174 -35.79 18.70 -0.94
N HIS A 175 -35.55 18.83 0.37
CA HIS A 175 -36.47 18.27 1.34
C HIS A 175 -37.77 19.07 1.38
N TYR A 176 -37.67 20.40 1.43
CA TYR A 176 -38.82 21.30 1.43
C TYR A 176 -39.05 21.79 0.01
N SER A 177 -39.99 21.17 -0.69
CA SER A 177 -40.31 21.57 -2.05
C SER A 177 -41.75 21.18 -2.41
N THR B 5 -30.85 17.80 -18.30
CA THR B 5 -30.43 16.97 -19.42
C THR B 5 -28.95 16.62 -19.29
N THR B 6 -28.15 17.57 -18.83
CA THR B 6 -26.73 17.33 -18.63
C THR B 6 -26.52 16.33 -17.51
N ALA B 7 -25.61 15.38 -17.76
CA ALA B 7 -25.28 14.31 -16.82
C ALA B 7 -23.94 14.62 -16.17
N LEU B 8 -23.88 14.50 -14.84
CA LEU B 8 -22.65 14.79 -14.14
C LEU B 8 -21.72 13.59 -14.19
N VAL B 9 -20.48 13.82 -13.74
CA VAL B 9 -19.42 12.81 -13.75
C VAL B 9 -18.83 12.73 -12.35
N CYS B 10 -18.42 11.54 -11.94
CA CYS B 10 -17.74 11.32 -10.68
C CYS B 10 -16.64 10.29 -10.91
N ASP B 11 -15.39 10.73 -10.86
CA ASP B 11 -14.27 9.84 -11.10
C ASP B 11 -14.13 8.72 -10.09
N ASN B 12 -14.38 9.04 -8.82
CA ASN B 12 -14.26 8.07 -7.74
C ASN B 12 -12.85 7.46 -7.73
N GLY B 13 -11.85 8.34 -7.65
CA GLY B 13 -10.48 7.88 -7.66
C GLY B 13 -10.13 7.15 -6.38
N SER B 14 -9.05 6.37 -6.48
CA SER B 14 -8.62 5.56 -5.33
C SER B 14 -7.95 6.40 -4.26
N GLY B 15 -7.60 7.66 -4.58
CA GLY B 15 -7.05 8.59 -3.61
C GLY B 15 -7.57 10.00 -3.70
N LEU B 16 -8.46 10.29 -4.65
CA LEU B 16 -8.94 11.65 -4.86
C LEU B 16 -10.27 11.57 -5.61
N VAL B 17 -11.24 12.35 -5.15
CA VAL B 17 -12.56 12.41 -5.76
C VAL B 17 -12.60 13.63 -6.67
N LYS B 18 -13.03 13.42 -7.92
CA LYS B 18 -13.07 14.47 -8.92
C LYS B 18 -14.40 14.36 -9.66
N ALA B 19 -15.27 15.34 -9.48
CA ALA B 19 -16.62 15.33 -10.03
C ALA B 19 -16.97 16.68 -10.63
N GLY B 20 -17.73 16.65 -11.71
CA GLY B 20 -18.19 17.86 -12.37
C GLY B 20 -19.20 17.54 -13.45
N PHE B 21 -19.84 18.58 -13.94
CA PHE B 21 -20.84 18.41 -14.99
C PHE B 21 -20.16 18.11 -16.33
N ALA B 22 -20.87 17.37 -17.17
CA ALA B 22 -20.36 17.05 -18.49
C ALA B 22 -20.31 18.31 -19.36
N GLY B 23 -19.51 18.23 -20.42
CA GLY B 23 -19.31 19.37 -21.28
C GLY B 23 -18.51 20.50 -20.65
N ASP B 24 -17.83 20.24 -19.54
CA ASP B 24 -17.07 21.24 -18.82
C ASP B 24 -15.59 20.90 -18.91
N ASP B 25 -14.76 21.92 -19.11
CA ASP B 25 -13.33 21.69 -19.31
C ASP B 25 -12.63 21.40 -17.98
N ALA B 26 -13.06 22.05 -16.91
CA ALA B 26 -12.48 21.90 -15.58
C ALA B 26 -13.54 21.37 -14.62
N PRO B 27 -13.15 20.53 -13.64
CA PRO B 27 -14.16 20.00 -12.71
C PRO B 27 -14.60 21.04 -11.71
N ARG B 28 -15.84 20.92 -11.28
CA ARG B 28 -16.42 21.83 -10.29
C ARG B 28 -15.85 21.72 -8.87
N ALA B 29 -15.64 20.49 -8.41
CA ALA B 29 -15.16 20.25 -7.05
C ALA B 29 -14.24 19.04 -7.03
N VAL B 30 -13.16 19.15 -6.25
CA VAL B 30 -12.22 18.07 -6.02
C VAL B 30 -11.88 18.06 -4.53
N PHE B 31 -11.83 16.87 -3.93
CA PHE B 31 -11.52 16.73 -2.52
C PHE B 31 -10.92 15.35 -2.31
N PRO B 32 -10.06 15.18 -1.29
CA PRO B 32 -9.47 13.86 -1.05
C PRO B 32 -10.51 12.82 -0.65
N SER B 33 -10.25 11.57 -1.01
CA SER B 33 -11.12 10.45 -0.65
C SER B 33 -10.72 9.90 0.72
N ILE B 34 -11.19 10.58 1.76
CA ILE B 34 -10.87 10.25 3.14
C ILE B 34 -12.10 10.44 4.01
N VAL B 35 -12.26 9.59 5.01
CA VAL B 35 -13.25 9.76 6.07
C VAL B 35 -12.52 9.60 7.40
N GLY B 36 -12.74 10.57 8.29
CA GLY B 36 -12.09 10.58 9.59
C GLY B 36 -13.10 10.56 10.71
N ARG B 37 -12.66 10.10 11.87
CA ARG B 37 -13.46 10.08 13.08
C ARG B 37 -12.60 10.47 14.26
N PRO B 38 -13.17 11.12 15.30
CA PRO B 38 -12.33 11.53 16.44
C PRO B 38 -11.74 10.33 17.16
N ARG B 39 -10.48 10.49 17.59
CA ARG B 39 -9.82 9.57 18.50
C ARG B 39 -9.63 10.16 19.89
N HIS B 40 -10.38 11.22 20.22
CA HIS B 40 -10.34 11.85 21.53
C HIS B 40 -11.75 12.16 21.98
N GLN B 41 -11.92 12.31 23.30
CA GLN B 41 -13.22 12.60 23.85
C GLN B 41 -13.56 14.08 23.68
N GLY B 42 -14.85 14.38 23.64
CA GLY B 42 -15.33 15.74 23.49
C GLY B 42 -15.63 16.41 24.82
N VAL B 43 -14.76 17.32 25.24
CA VAL B 43 -14.91 17.96 26.54
C VAL B 43 -15.93 19.10 26.46
N MET B 44 -15.98 19.80 25.33
CA MET B 44 -16.85 20.96 25.22
C MET B 44 -18.32 20.53 25.15
N VAL B 45 -19.20 21.47 25.47
CA VAL B 45 -20.64 21.27 25.46
C VAL B 45 -21.22 22.13 24.35
N GLY B 46 -22.19 21.57 23.61
CA GLY B 46 -22.76 22.28 22.48
C GLY B 46 -21.74 22.63 21.42
N MET B 47 -20.86 21.68 21.10
CA MET B 47 -19.74 21.90 20.18
C MET B 47 -20.01 21.35 18.79
N GLY B 48 -21.05 20.54 18.61
CA GLY B 48 -21.24 19.82 17.38
C GLY B 48 -20.44 18.53 17.42
N GLN B 49 -19.25 18.57 16.82
CA GLN B 49 -18.28 17.48 16.88
C GLN B 49 -18.85 16.10 16.56
N LYS B 50 -19.55 15.99 15.45
CA LYS B 50 -20.18 14.74 15.07
C LYS B 50 -19.12 13.71 14.67
N ASP B 51 -19.59 12.54 14.24
CA ASP B 51 -18.70 11.39 14.12
C ASP B 51 -17.81 11.48 12.89
N SER B 52 -18.36 11.88 11.73
CA SER B 52 -17.69 11.71 10.44
C SER B 52 -17.33 13.05 9.84
N TYR B 53 -16.14 13.09 9.23
CA TYR B 53 -15.68 14.22 8.44
C TYR B 53 -14.98 13.69 7.20
N VAL B 54 -15.21 14.35 6.05
CA VAL B 54 -14.65 13.90 4.78
C VAL B 54 -14.15 15.14 4.02
N GLY B 55 -13.34 14.87 3.00
CA GLY B 55 -12.86 15.93 2.14
C GLY B 55 -11.81 16.79 2.82
N ASP B 56 -11.66 18.02 2.31
CA ASP B 56 -10.70 18.97 2.87
C ASP B 56 -11.04 19.36 4.30
N GLU B 57 -12.30 19.21 4.72
CA GLU B 57 -12.65 19.46 6.11
C GLU B 57 -11.88 18.53 7.05
N ALA B 58 -11.65 17.29 6.61
CA ALA B 58 -10.90 16.34 7.43
C ALA B 58 -9.44 16.76 7.57
N GLN B 59 -8.83 17.26 6.49
CA GLN B 59 -7.47 17.75 6.58
C GLN B 59 -7.35 18.94 7.52
N SER B 60 -8.40 19.74 7.64
CA SER B 60 -8.37 20.88 8.55
C SER B 60 -8.27 20.41 10.01
N LYS B 61 -9.01 19.36 10.34
CA LYS B 61 -9.04 18.84 11.70
C LYS B 61 -8.31 17.51 11.85
N ARG B 62 -7.39 17.21 10.94
CA ARG B 62 -6.72 15.92 10.96
C ARG B 62 -5.95 15.64 12.24
N GLY B 63 -5.57 16.68 12.98
CA GLY B 63 -4.79 16.43 14.18
C GLY B 63 -5.49 15.52 15.16
N ILE B 64 -6.79 15.69 15.33
CA ILE B 64 -7.60 14.91 16.27
C ILE B 64 -8.52 13.93 15.55
N LEU B 65 -8.23 13.61 14.28
CA LEU B 65 -8.99 12.64 13.51
C LEU B 65 -8.06 11.56 12.99
N THR B 66 -8.52 10.31 13.05
CA THR B 66 -7.84 9.18 12.43
C THR B 66 -8.47 8.92 11.07
N LEU B 67 -7.67 9.00 10.01
CA LEU B 67 -8.15 8.95 8.65
C LEU B 67 -8.05 7.53 8.11
N LYS B 68 -9.15 7.05 7.53
CA LYS B 68 -9.22 5.74 6.90
C LYS B 68 -9.75 5.92 5.49
N TYR B 69 -9.08 5.35 4.50
CA TYR B 69 -9.56 5.51 3.15
C TYR B 69 -10.59 4.45 2.85
N PRO B 70 -11.78 4.87 2.41
CA PRO B 70 -12.81 3.87 2.08
C PRO B 70 -12.51 3.10 0.82
N ILE B 71 -11.88 3.74 -0.16
CA ILE B 71 -11.48 3.12 -1.42
C ILE B 71 -10.00 2.78 -1.31
N GLU B 72 -9.65 1.55 -1.69
CA GLU B 72 -8.29 1.04 -1.53
C GLU B 72 -7.97 0.08 -2.66
N HIS B 73 -6.90 0.37 -3.41
CA HIS B 73 -6.49 -0.41 -4.57
C HIS B 73 -7.64 -0.57 -5.57
N GLY B 74 -8.43 0.48 -5.75
CA GLY B 74 -9.61 0.38 -6.60
C GLY B 74 -10.68 -0.55 -6.07
N ILE B 75 -10.63 -0.90 -4.78
CA ILE B 75 -11.57 -1.81 -4.15
C ILE B 75 -12.12 -1.14 -2.91
N ILE B 76 -13.43 -1.24 -2.72
CA ILE B 76 -14.13 -0.58 -1.64
C ILE B 76 -14.21 -1.53 -0.46
N THR B 77 -13.69 -1.08 0.69
CA THR B 77 -13.69 -1.86 1.92
C THR B 77 -14.86 -1.49 2.82
N ASN B 78 -15.04 -0.19 3.09
CA ASN B 78 -16.10 0.32 3.96
C ASN B 78 -17.18 0.91 3.06
N TRP B 79 -18.30 0.18 2.93
CA TRP B 79 -19.37 0.63 2.04
C TRP B 79 -20.17 1.76 2.66
N ASP B 80 -20.44 1.68 3.97
CA ASP B 80 -21.16 2.75 4.65
C ASP B 80 -20.35 4.05 4.62
N ASP B 81 -19.02 3.94 4.59
CA ASP B 81 -18.18 5.13 4.51
C ASP B 81 -18.21 5.73 3.11
N MET B 82 -18.12 4.88 2.08
CA MET B 82 -18.12 5.38 0.72
C MET B 82 -19.44 6.03 0.35
N GLU B 83 -20.53 5.59 0.98
CA GLU B 83 -21.82 6.24 0.78
C GLU B 83 -21.78 7.69 1.26
N LYS B 84 -20.98 7.97 2.29
CA LYS B 84 -20.88 9.34 2.79
C LYS B 84 -20.11 10.23 1.83
N ILE B 85 -19.14 9.65 1.10
CA ILE B 85 -18.36 10.44 0.14
C ILE B 85 -19.26 10.94 -0.98
N TRP B 86 -20.19 10.11 -1.45
CA TRP B 86 -21.08 10.51 -2.52
C TRP B 86 -22.11 11.53 -2.04
N HIS B 87 -22.60 11.36 -0.81
CA HIS B 87 -23.51 12.35 -0.24
C HIS B 87 -22.83 13.69 -0.09
N HIS B 88 -21.55 13.70 0.30
CA HIS B 88 -20.79 14.94 0.38
C HIS B 88 -20.44 15.46 -1.01
N THR B 89 -20.29 14.55 -1.98
CA THR B 89 -19.89 14.96 -3.32
C THR B 89 -20.99 15.76 -4.01
N PHE B 90 -22.24 15.34 -3.86
CA PHE B 90 -23.36 15.95 -4.58
C PHE B 90 -23.96 17.10 -3.79
N TYR B 91 -24.31 16.85 -2.53
CA TYR B 91 -25.04 17.84 -1.75
C TYR B 91 -24.13 18.95 -1.25
N ASN B 92 -22.96 18.59 -0.72
CA ASN B 92 -22.08 19.56 -0.05
C ASN B 92 -21.10 20.21 -1.02
N GLU B 93 -20.43 19.40 -1.86
CA GLU B 93 -19.41 19.95 -2.75
C GLU B 93 -20.03 20.64 -3.95
N LEU B 94 -20.89 19.92 -4.69
CA LEU B 94 -21.48 20.44 -5.91
C LEU B 94 -22.80 21.17 -5.70
N ARG B 95 -23.54 20.81 -4.65
CA ARG B 95 -24.87 21.38 -4.38
C ARG B 95 -25.82 21.15 -5.56
N VAL B 96 -25.95 19.89 -5.97
CA VAL B 96 -26.76 19.50 -7.12
C VAL B 96 -27.49 18.21 -6.76
N ALA B 97 -28.73 18.10 -7.22
CA ALA B 97 -29.51 16.90 -6.95
C ALA B 97 -29.11 15.77 -7.89
N PRO B 98 -28.95 14.53 -7.43
CA PRO B 98 -28.71 13.42 -8.36
C PRO B 98 -29.96 12.87 -9.01
N GLU B 99 -31.14 13.12 -8.45
CA GLU B 99 -32.36 12.54 -8.99
C GLU B 99 -32.77 13.20 -10.30
N GLU B 100 -32.26 14.41 -10.58
CA GLU B 100 -32.71 15.14 -11.76
C GLU B 100 -32.10 14.58 -13.03
N HIS B 101 -30.82 14.23 -13.00
CA HIS B 101 -30.07 13.81 -14.18
C HIS B 101 -29.10 12.69 -13.83
N PRO B 102 -28.75 11.84 -14.79
CA PRO B 102 -27.93 10.67 -14.47
C PRO B 102 -26.48 11.04 -14.21
N THR B 103 -25.71 10.03 -13.79
CA THR B 103 -24.33 10.19 -13.36
C THR B 103 -23.44 9.18 -14.07
N LEU B 104 -22.20 9.60 -14.33
CA LEU B 104 -21.18 8.76 -14.95
C LEU B 104 -20.11 8.45 -13.93
N LEU B 105 -19.72 7.18 -13.86
CA LEU B 105 -18.76 6.69 -12.88
C LEU B 105 -17.58 6.03 -13.60
N THR B 106 -16.51 5.84 -12.85
CA THR B 106 -15.30 5.21 -13.37
C THR B 106 -14.77 4.21 -12.35
N GLU B 107 -14.05 3.21 -12.84
CA GLU B 107 -13.49 2.17 -11.98
C GLU B 107 -12.40 1.45 -12.75
N ALA B 108 -11.43 0.94 -11.99
CA ALA B 108 -10.24 0.36 -12.60
C ALA B 108 -10.54 -1.06 -13.12
N PRO B 109 -9.83 -1.51 -14.16
CA PRO B 109 -10.15 -2.83 -14.73
C PRO B 109 -9.78 -3.97 -13.79
N LEU B 110 -10.40 -5.12 -14.04
CA LEU B 110 -10.18 -6.37 -13.30
C LEU B 110 -10.54 -6.26 -11.83
N ASN B 111 -11.33 -5.27 -11.43
CA ASN B 111 -11.84 -5.22 -10.07
C ASN B 111 -12.82 -6.37 -9.85
N PRO B 112 -13.07 -6.74 -8.59
CA PRO B 112 -14.04 -7.81 -8.35
C PRO B 112 -15.44 -7.41 -8.77
N LYS B 113 -16.25 -8.41 -9.11
CA LYS B 113 -17.60 -8.15 -9.61
C LYS B 113 -18.47 -7.51 -8.55
N ALA B 114 -18.19 -7.78 -7.27
CA ALA B 114 -19.00 -7.19 -6.20
C ALA B 114 -18.86 -5.68 -6.18
N ASN B 115 -17.64 -5.16 -6.32
CA ASN B 115 -17.44 -3.72 -6.41
C ASN B 115 -18.14 -3.15 -7.63
N ARG B 116 -18.15 -3.90 -8.72
CA ARG B 116 -18.74 -3.41 -9.97
C ARG B 116 -20.27 -3.43 -9.89
N GLU B 117 -20.83 -4.37 -9.11
CA GLU B 117 -22.27 -4.47 -8.98
C GLU B 117 -22.78 -3.64 -7.80
N LYS B 118 -22.11 -3.76 -6.64
CA LYS B 118 -22.56 -3.05 -5.45
C LYS B 118 -22.50 -1.54 -5.62
N MET B 119 -21.64 -1.09 -6.52
CA MET B 119 -21.51 0.33 -6.83
C MET B 119 -22.83 0.80 -7.40
N THR B 120 -23.47 -0.05 -8.20
CA THR B 120 -24.74 0.28 -8.84
C THR B 120 -25.90 0.15 -7.85
N GLN B 121 -25.80 -0.82 -6.94
CA GLN B 121 -26.88 -1.07 -5.97
C GLN B 121 -27.11 0.14 -5.07
N ILE B 122 -26.07 0.95 -4.85
CA ILE B 122 -26.18 2.06 -3.91
C ILE B 122 -26.86 3.26 -4.58
N MET B 123 -26.52 3.52 -5.84
CA MET B 123 -26.98 4.75 -6.50
C MET B 123 -28.49 4.80 -6.60
N PHE B 124 -29.10 3.78 -7.20
CA PHE B 124 -30.53 3.83 -7.51
C PHE B 124 -31.38 3.80 -6.24
N GLU B 125 -30.88 3.16 -5.19
CA GLU B 125 -31.64 3.05 -3.95
C GLU B 125 -31.40 4.26 -3.05
N THR B 126 -30.14 4.62 -2.83
CA THR B 126 -29.83 5.75 -1.96
C THR B 126 -30.16 7.07 -2.63
N PHE B 127 -29.52 7.36 -3.77
CA PHE B 127 -29.66 8.63 -4.45
C PHE B 127 -30.75 8.64 -5.51
N ASN B 128 -31.03 7.50 -6.15
CA ASN B 128 -32.13 7.39 -7.11
C ASN B 128 -31.91 8.29 -8.31
N VAL B 129 -30.77 8.12 -8.97
CA VAL B 129 -30.49 8.82 -10.22
C VAL B 129 -31.45 8.30 -11.28
N PRO B 130 -31.76 9.09 -12.32
CA PRO B 130 -32.62 8.53 -13.39
C PRO B 130 -31.94 7.43 -14.17
N ALA B 131 -30.61 7.49 -14.29
CA ALA B 131 -29.86 6.43 -14.96
C ALA B 131 -28.41 6.55 -14.53
N MET B 132 -27.60 5.58 -14.97
CA MET B 132 -26.21 5.50 -14.55
C MET B 132 -25.42 4.73 -15.60
N TYR B 133 -24.10 4.85 -15.53
CA TYR B 133 -23.22 4.10 -16.42
C TYR B 133 -21.81 4.09 -15.84
N VAL B 134 -21.17 2.93 -15.95
CA VAL B 134 -19.81 2.72 -15.48
C VAL B 134 -18.91 2.56 -16.70
N ALA B 135 -17.65 2.97 -16.55
CA ALA B 135 -16.70 2.89 -17.63
C ALA B 135 -15.30 2.66 -17.07
N ILE B 136 -14.51 1.87 -17.81
CA ILE B 136 -13.14 1.61 -17.38
C ILE B 136 -12.35 2.91 -17.42
N GLN B 137 -11.59 3.16 -16.35
CA GLN B 137 -10.90 4.44 -16.18
C GLN B 137 -9.91 4.71 -17.30
N ALA B 138 -9.45 3.66 -17.98
CA ALA B 138 -8.44 3.82 -19.03
C ALA B 138 -9.02 4.39 -20.30
N VAL B 139 -10.15 3.85 -20.75
CA VAL B 139 -10.72 4.23 -22.02
C VAL B 139 -11.01 5.72 -22.11
N LEU B 140 -11.38 6.33 -21.00
CA LEU B 140 -11.72 7.74 -21.01
C LEU B 140 -10.55 8.61 -21.42
N SER B 141 -9.32 8.14 -21.17
CA SER B 141 -8.14 8.95 -21.48
C SER B 141 -8.00 9.21 -22.97
N LEU B 142 -8.43 8.27 -23.80
CA LEU B 142 -8.35 8.46 -25.23
C LEU B 142 -9.25 9.62 -25.67
N TYR B 143 -10.43 9.71 -25.07
CA TYR B 143 -11.38 10.76 -25.40
C TYR B 143 -10.73 12.10 -25.11
N ALA B 144 -10.00 12.20 -24.00
CA ALA B 144 -9.31 13.43 -23.65
C ALA B 144 -8.20 13.74 -24.63
N SER B 145 -7.40 12.72 -24.98
CA SER B 145 -6.33 12.90 -25.95
C SER B 145 -6.84 13.01 -27.38
N GLY B 146 -8.07 12.58 -27.65
CA GLY B 146 -8.63 12.69 -28.98
C GLY B 146 -7.97 11.81 -30.01
N ARG B 147 -7.60 10.59 -29.63
CA ARG B 147 -6.96 9.64 -30.54
C ARG B 147 -7.54 8.25 -30.30
N THR B 148 -7.78 7.52 -31.39
CA THR B 148 -8.43 6.22 -31.30
C THR B 148 -7.46 5.13 -30.84
N THR B 149 -6.18 5.27 -31.20
CA THR B 149 -5.17 4.24 -30.96
C THR B 149 -4.19 4.72 -29.90
N GLY B 150 -3.77 3.82 -29.02
CA GLY B 150 -2.79 4.14 -28.02
C GLY B 150 -2.84 3.15 -26.87
N ILE B 151 -1.84 3.26 -26.00
CA ILE B 151 -1.76 2.51 -24.76
C ILE B 151 -1.73 3.49 -23.61
N VAL B 152 -2.58 3.27 -22.62
CA VAL B 152 -2.88 4.24 -21.58
C VAL B 152 -2.20 3.82 -20.29
N LEU B 153 -1.75 4.77 -19.47
CA LEU B 153 -1.16 4.40 -18.18
C LEU B 153 -1.80 5.29 -17.12
N ASP B 154 -2.80 4.77 -16.41
CA ASP B 154 -3.50 5.56 -15.40
C ASP B 154 -2.69 6.01 -14.19
N SER B 155 -1.97 5.08 -13.56
CA SER B 155 -1.13 5.38 -12.40
C SER B 155 -1.85 6.10 -11.24
N GLY B 156 -3.12 5.80 -11.03
CA GLY B 156 -3.88 6.39 -9.95
C GLY B 156 -3.32 6.01 -8.59
N ASP B 157 -3.88 6.61 -7.55
CA ASP B 157 -3.35 6.41 -6.21
C ASP B 157 -3.53 4.96 -5.75
N GLY B 158 -4.43 4.20 -6.40
CA GLY B 158 -4.65 2.82 -6.02
C GLY B 158 -3.94 1.82 -6.90
N VAL B 159 -4.01 2.00 -8.22
CA VAL B 159 -3.65 0.94 -9.16
C VAL B 159 -3.20 1.55 -10.47
N THR B 160 -2.43 0.79 -11.25
CA THR B 160 -2.06 1.13 -12.62
C THR B 160 -2.38 -0.07 -13.50
N HIS B 161 -2.85 0.17 -14.72
CA HIS B 161 -3.28 -0.92 -15.59
C HIS B 161 -2.51 -1.22 -16.89
N ASN B 162 -2.10 -0.20 -17.64
CA ASN B 162 -1.38 -0.45 -18.89
C ASN B 162 -2.20 -1.29 -19.88
N VAL B 163 -3.31 -0.72 -20.37
CA VAL B 163 -4.16 -1.43 -21.34
C VAL B 163 -3.90 -0.87 -22.74
N PRO B 164 -3.72 -1.71 -23.79
CA PRO B 164 -3.60 -1.16 -25.15
C PRO B 164 -4.93 -1.13 -25.89
N ILE B 165 -5.05 -0.19 -26.83
CA ILE B 165 -6.24 -0.03 -27.67
C ILE B 165 -5.78 0.21 -29.10
N TYR B 166 -6.52 -0.32 -30.07
CA TYR B 166 -6.15 -0.24 -31.48
C TYR B 166 -7.40 0.13 -32.29
N GLU B 167 -7.49 1.39 -32.67
CA GLU B 167 -8.66 1.88 -33.37
C GLU B 167 -9.93 1.70 -32.52
N GLY B 168 -9.82 1.85 -31.20
CA GLY B 168 -10.99 1.72 -30.35
C GLY B 168 -11.31 0.31 -29.90
N TYR B 169 -10.57 -0.69 -30.35
CA TYR B 169 -10.79 -2.07 -29.93
C TYR B 169 -9.91 -2.38 -28.73
N ALA B 170 -10.55 -2.59 -27.58
CA ALA B 170 -9.84 -2.96 -26.36
C ALA B 170 -9.52 -4.44 -26.41
N LEU B 171 -8.33 -4.80 -25.94
CA LEU B 171 -7.95 -6.18 -25.93
C LEU B 171 -7.87 -6.63 -24.48
N PRO B 172 -8.79 -7.49 -24.07
CA PRO B 172 -8.72 -8.00 -22.69
C PRO B 172 -7.56 -8.95 -22.45
N HIS B 173 -7.00 -9.56 -23.50
CA HIS B 173 -5.89 -10.48 -23.32
C HIS B 173 -4.60 -9.73 -22.97
N ALA B 174 -4.47 -8.49 -23.45
CA ALA B 174 -3.26 -7.71 -23.24
C ALA B 174 -3.33 -6.85 -21.98
N ILE B 175 -4.50 -6.74 -21.35
CA ILE B 175 -4.65 -5.83 -20.23
C ILE B 175 -3.86 -6.37 -19.03
N MET B 176 -3.40 -5.44 -18.20
CA MET B 176 -2.59 -5.74 -17.03
C MET B 176 -3.03 -4.91 -15.83
N ARG B 177 -2.68 -5.37 -14.64
CA ARG B 177 -3.01 -4.67 -13.42
C ARG B 177 -1.86 -4.84 -12.44
N LEU B 178 -1.45 -3.75 -11.84
CA LEU B 178 -0.39 -3.75 -10.84
C LEU B 178 -0.79 -2.84 -9.70
N ASP B 179 -0.83 -3.39 -8.48
CA ASP B 179 -1.33 -2.67 -7.32
C ASP B 179 -0.37 -1.58 -6.84
N LEU B 180 0.85 -1.53 -7.35
CA LEU B 180 1.78 -0.47 -6.95
C LEU B 180 1.24 0.89 -7.36
N ALA B 181 1.28 1.83 -6.42
CA ALA B 181 0.63 3.11 -6.63
C ALA B 181 1.18 4.12 -5.62
N GLY B 182 0.50 5.27 -5.50
CA GLY B 182 1.02 6.36 -4.70
C GLY B 182 1.05 6.05 -3.21
N ARG B 183 0.05 5.31 -2.72
CA ARG B 183 0.05 4.96 -1.29
C ARG B 183 1.25 4.11 -0.94
N ASP B 184 1.69 3.25 -1.87
CA ASP B 184 2.92 2.51 -1.67
C ASP B 184 4.14 3.44 -1.72
N LEU B 185 4.09 4.46 -2.56
CA LEU B 185 5.15 5.46 -2.57
C LEU B 185 5.17 6.24 -1.27
N THR B 186 3.99 6.63 -0.77
CA THR B 186 3.92 7.34 0.50
C THR B 186 4.35 6.44 1.65
N ASP B 187 3.84 5.21 1.70
CA ASP B 187 4.24 4.29 2.76
C ASP B 187 5.72 3.98 2.69
N TYR B 188 6.28 3.89 1.47
CA TYR B 188 7.72 3.71 1.33
C TYR B 188 8.47 5.00 1.66
N LEU B 189 7.90 6.15 1.29
CA LEU B 189 8.54 7.42 1.63
C LEU B 189 8.55 7.63 3.14
N MET B 190 7.47 7.20 3.82
CA MET B 190 7.46 7.24 5.29
C MET B 190 8.54 6.35 5.88
N LYS B 191 8.94 5.31 5.14
CA LYS B 191 9.92 4.36 5.66
C LYS B 191 11.35 4.91 5.54
N ILE B 192 11.70 5.39 4.35
CA ILE B 192 13.10 5.79 4.11
C ILE B 192 13.47 7.04 4.88
N LEU B 193 12.48 7.89 5.21
CA LEU B 193 12.77 9.08 6.00
C LEU B 193 13.24 8.73 7.40
N THR B 194 12.95 7.52 7.83
CA THR B 194 13.38 7.09 9.14
C THR B 194 14.89 7.16 9.10
N GLU B 195 15.47 6.93 7.92
CA GLU B 195 16.92 6.97 7.74
C GLU B 195 17.48 8.35 8.06
N ARG B 196 16.76 9.39 7.67
CA ARG B 196 17.21 10.76 7.90
C ARG B 196 16.84 11.27 9.28
N GLY B 197 16.15 10.46 10.05
CA GLY B 197 15.74 10.85 11.39
C GLY B 197 14.37 11.50 11.53
N TYR B 198 13.61 11.54 10.44
CA TYR B 198 12.27 12.12 10.49
C TYR B 198 11.30 10.98 10.66
N SER B 199 10.34 11.11 11.57
CA SER B 199 9.39 10.01 11.77
C SER B 199 7.95 10.42 11.57
N PHE B 200 7.29 9.76 10.62
CA PHE B 200 5.88 10.01 10.33
C PHE B 200 5.17 8.66 10.43
N VAL B 201 4.42 8.46 11.50
CA VAL B 201 3.90 7.14 11.86
C VAL B 201 2.40 7.19 12.19
N THR B 202 1.66 8.16 11.64
CA THR B 202 0.22 8.26 11.85
C THR B 202 -0.48 8.65 10.57
N THR B 203 -1.80 8.51 10.57
CA THR B 203 -2.64 8.84 9.42
C THR B 203 -2.55 10.32 9.09
N ALA B 204 -2.58 11.17 10.11
CA ALA B 204 -2.44 12.60 9.87
C ALA B 204 -1.04 12.94 9.39
N GLU B 205 -0.03 12.29 9.96
CA GLU B 205 1.35 12.51 9.52
C GLU B 205 1.58 11.97 8.12
N ARG B 206 0.76 11.00 7.68
CA ARG B 206 0.88 10.48 6.32
C ARG B 206 0.59 11.55 5.29
N GLU B 207 -0.36 12.44 5.57
CA GLU B 207 -0.79 13.42 4.58
C GLU B 207 0.31 14.44 4.29
N ILE B 208 1.11 14.78 5.30
CA ILE B 208 2.23 15.68 5.07
C ILE B 208 3.27 15.00 4.18
N VAL B 209 3.52 13.71 4.43
CA VAL B 209 4.47 12.97 3.60
C VAL B 209 3.95 12.86 2.18
N ARG B 210 2.64 12.74 2.01
CA ARG B 210 2.04 12.78 0.68
C ARG B 210 2.24 14.17 0.06
N ASP B 211 2.06 15.22 0.87
CA ASP B 211 2.26 16.58 0.35
C ASP B 211 3.71 16.81 -0.03
N ILE B 212 4.65 16.23 0.72
CA ILE B 212 6.06 16.29 0.35
C ILE B 212 6.28 15.60 -0.98
N LYS B 213 5.57 14.50 -1.22
CA LYS B 213 5.79 13.71 -2.43
C LYS B 213 5.37 14.48 -3.68
N GLU B 214 4.37 15.36 -3.56
CA GLU B 214 3.81 16.00 -4.74
C GLU B 214 4.76 17.03 -5.34
N LYS B 215 5.21 17.98 -4.54
CA LYS B 215 5.85 19.18 -5.07
C LYS B 215 7.37 19.12 -5.08
N LEU B 216 7.99 18.03 -4.62
CA LEU B 216 9.40 18.02 -4.30
C LEU B 216 10.16 16.83 -4.90
N CYS B 217 9.47 15.78 -5.32
CA CYS B 217 10.11 14.56 -5.80
C CYS B 217 10.22 14.56 -7.32
N TYR B 218 11.26 13.91 -7.83
CA TYR B 218 11.49 13.76 -9.27
C TYR B 218 11.93 12.34 -9.57
N VAL B 219 11.95 11.99 -10.86
CA VAL B 219 11.99 10.58 -11.26
C VAL B 219 13.43 10.08 -11.38
N ALA B 220 14.40 10.99 -11.47
CA ALA B 220 15.81 10.61 -11.53
C ALA B 220 16.11 9.76 -12.77
N LEU B 221 16.12 10.43 -13.94
CA LEU B 221 16.40 9.80 -15.23
C LEU B 221 17.48 8.72 -15.16
N ASP B 222 18.58 9.01 -14.46
CA ASP B 222 19.65 8.04 -14.24
C ASP B 222 19.78 7.82 -12.73
N PHE B 223 19.28 6.68 -12.26
CA PHE B 223 19.25 6.41 -10.83
C PHE B 223 20.65 6.24 -10.27
N GLU B 224 21.41 5.29 -10.83
CA GLU B 224 22.74 4.97 -10.29
C GLU B 224 23.67 6.16 -10.38
N ASN B 225 23.57 6.96 -11.44
CA ASN B 225 24.42 8.13 -11.57
C ASN B 225 24.00 9.23 -10.59
N GLU B 226 22.70 9.34 -10.31
CA GLU B 226 22.22 10.43 -9.47
C GLU B 226 22.46 10.13 -7.99
N MET B 227 22.41 8.85 -7.61
CA MET B 227 22.71 8.48 -6.23
C MET B 227 24.13 8.85 -5.86
N ALA B 228 25.10 8.53 -6.73
CA ALA B 228 26.48 8.94 -6.50
C ALA B 228 26.59 10.47 -6.52
N THR B 229 25.74 11.13 -7.31
CA THR B 229 25.76 12.59 -7.36
C THR B 229 25.19 13.17 -6.07
N ALA B 230 24.19 12.51 -5.48
CA ALA B 230 23.57 13.02 -4.27
C ALA B 230 24.55 13.03 -3.11
N ALA B 231 25.35 11.97 -2.97
CA ALA B 231 26.33 11.92 -1.87
C ALA B 231 27.43 12.94 -2.08
N SER B 232 27.85 13.16 -3.33
CA SER B 232 28.94 14.07 -3.60
C SER B 232 28.49 15.53 -3.53
N SER B 233 27.33 15.83 -4.11
CA SER B 233 26.81 17.19 -4.19
C SER B 233 25.53 17.31 -3.37
N SER B 234 25.44 18.40 -2.61
CA SER B 234 24.26 18.70 -1.80
C SER B 234 23.30 19.66 -2.49
N SER B 235 23.44 19.84 -3.81
CA SER B 235 22.57 20.77 -4.53
C SER B 235 21.14 20.26 -4.56
N LEU B 236 20.95 18.94 -4.63
CA LEU B 236 19.61 18.38 -4.73
C LEU B 236 18.85 18.52 -3.43
N GLU B 237 19.54 18.71 -2.31
CA GLU B 237 18.87 18.83 -1.01
C GLU B 237 18.01 20.09 -0.96
N LYS B 238 16.73 19.90 -0.63
CA LYS B 238 15.80 21.00 -0.44
C LYS B 238 15.01 20.75 0.84
N SER B 239 14.33 21.80 1.31
CA SER B 239 13.61 21.78 2.57
C SER B 239 12.12 21.99 2.33
N TYR B 240 11.31 21.48 3.26
CA TYR B 240 9.86 21.63 3.24
C TYR B 240 9.40 22.03 4.63
N GLU B 241 8.48 22.99 4.70
CA GLU B 241 8.00 23.53 5.96
C GLU B 241 6.72 22.79 6.36
N LEU B 242 6.88 21.67 7.07
CA LEU B 242 5.75 21.00 7.69
C LEU B 242 5.25 21.88 8.83
N PRO B 243 4.00 21.67 9.22
CA PRO B 243 3.38 22.43 10.31
C PRO B 243 4.07 22.07 11.61
N ASP B 244 4.07 22.99 12.56
CA ASP B 244 4.77 22.75 13.82
C ASP B 244 6.22 23.15 13.63
N GLY B 245 6.48 23.93 12.58
CA GLY B 245 7.83 24.36 12.28
C GLY B 245 8.62 23.11 11.99
N GLN B 246 9.74 22.91 12.67
CA GLN B 246 10.51 21.70 12.41
C GLN B 246 10.91 21.51 10.96
N VAL B 247 11.49 22.51 10.34
CA VAL B 247 11.92 22.37 8.95
C VAL B 247 12.68 21.06 8.79
N ILE B 248 12.62 20.51 7.59
CA ILE B 248 13.27 19.26 7.24
C ILE B 248 14.04 19.40 5.94
N THR B 249 14.88 18.42 5.64
CA THR B 249 15.70 18.43 4.44
C THR B 249 15.91 17.01 3.97
N ILE B 250 15.49 16.72 2.74
CA ILE B 250 15.61 15.40 2.13
C ILE B 250 16.60 15.50 0.97
N GLY B 251 17.44 14.47 0.84
CA GLY B 251 18.44 14.41 -0.21
C GLY B 251 18.13 13.32 -1.21
N ASN B 252 18.81 12.18 -1.07
CA ASN B 252 18.55 11.04 -1.95
C ASN B 252 17.17 10.46 -1.75
N GLU B 253 16.52 10.73 -0.61
CA GLU B 253 15.12 10.36 -0.43
C GLU B 253 14.20 11.15 -1.34
N ARG B 254 14.66 12.28 -1.88
CA ARG B 254 13.83 13.09 -2.76
C ARG B 254 13.39 12.32 -3.99
N PHE B 255 14.27 11.43 -4.49
CA PHE B 255 13.98 10.65 -5.68
C PHE B 255 14.13 9.14 -5.47
N ARG B 256 14.19 8.67 -4.21
CA ARG B 256 14.31 7.24 -3.99
C ARG B 256 12.96 6.54 -4.19
N CYS B 257 11.87 7.14 -3.72
CA CYS B 257 10.59 6.45 -3.76
C CYS B 257 10.00 6.33 -5.18
N PRO B 258 10.09 7.34 -6.07
CA PRO B 258 9.45 7.16 -7.38
C PRO B 258 10.13 6.09 -8.22
N GLU B 259 11.38 5.75 -7.91
CA GLU B 259 12.07 4.62 -8.53
C GLU B 259 11.40 3.30 -8.22
N THR B 260 10.54 3.23 -7.21
CA THR B 260 9.84 1.99 -6.88
C THR B 260 8.98 1.52 -8.06
N LEU B 261 8.51 2.46 -8.90
CA LEU B 261 7.79 2.10 -10.11
C LEU B 261 8.65 1.22 -11.02
N PHE B 262 9.80 1.75 -11.46
CA PHE B 262 10.59 1.06 -12.46
C PHE B 262 11.23 -0.20 -11.90
N GLN B 263 11.53 -0.22 -10.60
CA GLN B 263 11.97 -1.43 -9.92
C GLN B 263 11.25 -1.49 -8.57
N PRO B 264 10.23 -2.34 -8.41
CA PRO B 264 9.61 -2.51 -7.08
C PRO B 264 10.38 -3.42 -6.12
N SER B 265 11.65 -3.73 -6.40
CA SER B 265 12.41 -4.57 -5.47
C SER B 265 12.59 -3.91 -4.12
N PHE B 266 12.53 -2.57 -4.06
CA PHE B 266 12.66 -1.87 -2.79
C PHE B 266 11.51 -2.23 -1.86
N ILE B 267 10.27 -2.06 -2.31
CA ILE B 267 9.10 -2.38 -1.50
C ILE B 267 8.86 -3.89 -1.41
N GLY B 268 9.45 -4.68 -2.30
CA GLY B 268 9.39 -6.12 -2.22
C GLY B 268 8.34 -6.79 -3.08
N MET B 269 7.62 -6.04 -3.91
CA MET B 269 6.63 -6.64 -4.78
C MET B 269 7.31 -7.41 -5.91
N GLU B 270 6.85 -8.64 -6.13
CA GLU B 270 7.36 -9.48 -7.22
C GLU B 270 6.70 -9.07 -8.53
N SER B 271 7.14 -7.92 -9.04
CA SER B 271 6.61 -7.35 -10.26
C SER B 271 7.76 -6.97 -11.18
N ALA B 272 7.47 -6.95 -12.49
CA ALA B 272 8.50 -6.67 -13.48
C ALA B 272 8.88 -5.18 -13.48
N GLY B 273 7.91 -4.31 -13.23
CA GLY B 273 8.11 -2.88 -13.27
C GLY B 273 7.19 -2.21 -14.27
N ILE B 274 7.05 -0.89 -14.09
CA ILE B 274 6.14 -0.12 -14.93
C ILE B 274 6.64 -0.09 -16.37
N HIS B 275 7.95 0.03 -16.55
CA HIS B 275 8.50 0.10 -17.90
C HIS B 275 8.33 -1.23 -18.63
N GLU B 276 8.38 -2.34 -17.90
CA GLU B 276 8.39 -3.65 -18.54
C GLU B 276 6.97 -4.18 -18.73
N THR B 277 6.03 -3.74 -17.91
CA THR B 277 4.63 -4.12 -18.10
C THR B 277 4.09 -3.50 -19.39
N THR B 278 4.40 -2.23 -19.64
CA THR B 278 4.06 -1.63 -20.93
C THR B 278 4.76 -2.36 -22.06
N TYR B 279 5.99 -2.84 -21.82
CA TYR B 279 6.68 -3.65 -22.81
C TYR B 279 6.02 -5.03 -22.93
N ASN B 280 5.56 -5.58 -21.81
CA ASN B 280 4.90 -6.89 -21.86
C ASN B 280 3.53 -6.78 -22.51
N SER B 281 2.75 -5.77 -22.14
CA SER B 281 1.40 -5.63 -22.66
C SER B 281 1.40 -5.43 -24.17
N ILE B 282 2.37 -4.67 -24.68
CA ILE B 282 2.43 -4.44 -26.12
C ILE B 282 2.82 -5.71 -26.86
N MET B 283 3.72 -6.50 -26.27
CA MET B 283 4.13 -7.74 -26.91
C MET B 283 3.01 -8.77 -26.93
N LYS B 284 2.08 -8.70 -25.97
CA LYS B 284 0.91 -9.57 -26.01
C LYS B 284 0.02 -9.32 -27.22
N CYS B 285 0.09 -8.11 -27.79
CA CYS B 285 -0.74 -7.76 -28.93
C CYS B 285 -0.16 -8.34 -30.21
N ASP B 286 -0.92 -8.21 -31.30
CA ASP B 286 -0.46 -8.65 -32.60
C ASP B 286 0.75 -7.83 -33.05
N ILE B 287 1.50 -8.38 -33.99
CA ILE B 287 2.71 -7.73 -34.47
C ILE B 287 2.46 -6.38 -35.15
N ASP B 288 1.39 -6.29 -35.92
CA ASP B 288 1.11 -5.05 -36.64
C ASP B 288 0.70 -3.93 -35.69
N ILE B 289 0.18 -4.27 -34.51
CA ILE B 289 -0.32 -3.26 -33.59
C ILE B 289 0.81 -2.57 -32.85
N ARG B 290 1.93 -3.25 -32.69
CA ARG B 290 3.02 -2.72 -31.88
C ARG B 290 3.58 -1.39 -32.36
N LYS B 291 3.52 -1.13 -33.65
CA LYS B 291 4.10 0.10 -34.18
C LYS B 291 3.35 1.32 -33.67
N ASP B 292 2.01 1.28 -33.71
CA ASP B 292 1.22 2.45 -33.35
C ASP B 292 1.26 2.68 -31.84
N LEU B 293 1.32 1.60 -31.05
CA LEU B 293 1.33 1.76 -29.60
C LEU B 293 2.60 2.43 -29.13
N TYR B 294 3.75 2.07 -29.72
CA TYR B 294 4.99 2.77 -29.42
C TYR B 294 4.90 4.24 -29.79
N ALA B 295 4.28 4.54 -30.93
CA ALA B 295 4.15 5.93 -31.37
C ALA B 295 3.15 6.68 -30.50
N ASN B 296 2.15 5.99 -29.97
CA ASN B 296 1.10 6.58 -29.14
C ASN B 296 1.08 5.89 -27.79
N ASN B 297 1.90 6.40 -26.86
CA ASN B 297 1.95 5.91 -25.49
C ASN B 297 1.42 7.02 -24.59
N VAL B 298 0.12 6.95 -24.29
CA VAL B 298 -0.52 8.00 -23.52
C VAL B 298 -0.14 7.86 -22.05
N MET B 299 0.15 9.01 -21.42
CA MET B 299 0.46 9.10 -20.00
C MET B 299 -0.61 9.97 -19.35
N SER B 300 -1.29 9.42 -18.34
CA SER B 300 -2.45 10.06 -17.74
C SER B 300 -2.45 9.85 -16.24
N GLY B 301 -3.48 10.40 -15.59
CA GLY B 301 -3.72 10.16 -14.19
C GLY B 301 -2.62 10.69 -13.28
N GLY B 302 -2.89 10.58 -11.98
CA GLY B 302 -1.91 10.97 -10.99
C GLY B 302 -0.68 10.07 -11.02
N THR B 303 0.32 10.47 -10.26
CA THR B 303 1.62 9.79 -10.08
C THR B 303 2.51 10.01 -11.32
N THR B 304 2.02 10.64 -12.38
CA THR B 304 2.79 10.88 -13.61
C THR B 304 3.32 12.30 -13.67
N MET B 305 3.26 13.05 -12.58
CA MET B 305 3.70 14.44 -12.54
C MET B 305 5.16 14.60 -12.15
N TYR B 306 5.87 13.52 -11.87
CA TYR B 306 7.30 13.62 -11.57
C TYR B 306 8.03 14.18 -12.79
N PRO B 307 8.76 15.29 -12.68
CA PRO B 307 9.40 15.86 -13.88
C PRO B 307 10.39 14.90 -14.53
N GLY B 308 10.24 14.73 -15.84
CA GLY B 308 11.10 13.86 -16.61
C GLY B 308 10.65 12.43 -16.72
N ILE B 309 9.46 12.09 -16.20
CA ILE B 309 9.00 10.70 -16.25
C ILE B 309 8.81 10.26 -17.70
N ALA B 310 8.43 11.19 -18.57
CA ALA B 310 8.36 10.88 -20.00
C ALA B 310 9.75 10.60 -20.56
N ASP B 311 10.77 11.29 -20.04
CA ASP B 311 12.14 11.06 -20.50
C ASP B 311 12.65 9.72 -19.99
N ARG B 312 12.40 9.40 -18.72
CA ARG B 312 12.81 8.11 -18.17
C ARG B 312 12.11 6.97 -18.88
N MET B 313 10.81 7.11 -19.13
CA MET B 313 10.05 6.04 -19.74
C MET B 313 10.41 5.89 -21.21
N GLN B 314 10.66 7.00 -21.90
CA GLN B 314 11.11 6.94 -23.29
C GLN B 314 12.51 6.34 -23.38
N LYS B 315 13.40 6.73 -22.46
CA LYS B 315 14.75 6.18 -22.45
C LYS B 315 14.73 4.68 -22.13
N GLU B 316 13.79 4.26 -21.28
CA GLU B 316 13.80 2.90 -20.79
C GLU B 316 13.18 1.93 -21.80
N ILE B 317 12.02 2.29 -22.34
CA ILE B 317 11.37 1.43 -23.33
C ILE B 317 12.22 1.34 -24.60
N THR B 318 12.95 2.41 -24.91
CA THR B 318 13.79 2.41 -26.10
C THR B 318 14.88 1.34 -26.01
N ALA B 319 15.40 1.11 -24.81
CA ALA B 319 16.41 0.07 -24.63
C ALA B 319 15.81 -1.31 -24.85
N LEU B 320 14.61 -1.55 -24.32
CA LEU B 320 13.96 -2.84 -24.50
C LEU B 320 13.39 -2.99 -25.90
N ALA B 321 12.80 -1.93 -26.43
CA ALA B 321 12.17 -2.01 -27.74
C ALA B 321 13.23 -2.10 -28.84
N PRO B 322 12.88 -2.64 -30.01
CA PRO B 322 13.87 -2.73 -31.09
C PRO B 322 14.05 -1.39 -31.78
N SER B 323 15.15 -1.27 -32.51
CA SER B 323 15.42 -0.06 -33.29
C SER B 323 14.39 0.07 -34.41
N THR B 324 14.38 1.26 -35.02
CA THR B 324 13.51 1.68 -36.13
C THR B 324 12.10 2.01 -35.64
N MET B 325 11.77 1.76 -34.37
CA MET B 325 10.44 2.03 -33.82
C MET B 325 10.49 3.38 -33.12
N LYS B 326 9.75 4.35 -33.65
CA LYS B 326 9.70 5.67 -33.04
C LYS B 326 8.81 5.64 -31.80
N ILE B 327 9.36 6.05 -30.67
CA ILE B 327 8.66 6.05 -29.39
C ILE B 327 8.36 7.49 -29.02
N LYS B 328 7.08 7.82 -28.91
CA LYS B 328 6.62 9.14 -28.50
C LYS B 328 5.61 8.97 -27.39
N ILE B 329 5.96 9.44 -26.20
CA ILE B 329 5.12 9.29 -25.01
C ILE B 329 4.39 10.60 -24.79
N ILE B 330 3.07 10.54 -24.78
CA ILE B 330 2.22 11.72 -24.71
C ILE B 330 1.87 11.97 -23.26
N ALA B 331 2.51 12.98 -22.67
CA ALA B 331 2.30 13.38 -21.28
C ALA B 331 1.80 14.82 -21.27
N PRO B 332 0.52 15.05 -21.55
CA PRO B 332 0.02 16.42 -21.65
C PRO B 332 0.00 17.09 -20.28
N PRO B 333 0.02 18.43 -20.22
CA PRO B 333 -0.11 19.10 -18.91
C PRO B 333 -1.44 18.83 -18.23
N GLU B 334 -2.51 18.59 -18.99
CA GLU B 334 -3.84 18.44 -18.42
C GLU B 334 -4.07 17.07 -17.78
N ARG B 335 -3.06 16.20 -17.70
CA ARG B 335 -3.23 14.95 -16.99
C ARG B 335 -3.39 15.24 -15.49
N LYS B 336 -3.75 14.17 -14.76
CA LYS B 336 -4.35 14.19 -13.42
C LYS B 336 -5.85 14.51 -13.50
N TYR B 337 -6.35 14.81 -14.70
CA TYR B 337 -7.78 15.01 -14.93
C TYR B 337 -8.26 14.34 -16.22
N SER B 338 -7.35 13.76 -17.02
CA SER B 338 -7.71 13.32 -18.36
C SER B 338 -8.78 12.25 -18.31
N VAL B 339 -8.81 11.45 -17.24
CA VAL B 339 -9.91 10.50 -17.06
C VAL B 339 -11.23 11.24 -16.90
N TRP B 340 -11.19 12.43 -16.30
CA TRP B 340 -12.43 13.18 -16.10
C TRP B 340 -12.89 13.83 -17.39
N ILE B 341 -11.97 14.46 -18.14
CA ILE B 341 -12.36 15.11 -19.39
C ILE B 341 -12.92 14.09 -20.38
N GLY B 342 -12.43 12.86 -20.32
CA GLY B 342 -13.06 11.79 -21.09
C GLY B 342 -14.50 11.55 -20.66
N GLY B 343 -14.78 11.73 -19.37
CA GLY B 343 -16.14 11.57 -18.89
C GLY B 343 -17.05 12.69 -19.36
N SER B 344 -16.54 13.92 -19.35
CA SER B 344 -17.30 15.04 -19.90
C SER B 344 -17.54 14.85 -21.40
N ILE B 345 -16.55 14.30 -22.10
CA ILE B 345 -16.72 14.03 -23.53
C ILE B 345 -17.64 12.84 -23.75
N LEU B 346 -17.38 11.75 -23.01
CA LEU B 346 -18.15 10.51 -23.21
C LEU B 346 -19.63 10.73 -22.94
N ALA B 347 -19.95 11.56 -21.94
CA ALA B 347 -21.35 11.87 -21.67
C ALA B 347 -21.94 12.81 -22.72
N SER B 348 -21.08 13.56 -23.43
CA SER B 348 -21.58 14.54 -24.39
C SER B 348 -22.03 13.90 -25.69
N LEU B 349 -21.55 12.69 -25.99
CA LEU B 349 -21.95 12.02 -27.22
C LEU B 349 -23.45 11.76 -27.24
N SER B 350 -24.07 12.04 -28.40
CA SER B 350 -25.49 11.73 -28.57
C SER B 350 -25.71 10.23 -28.70
N THR B 351 -24.74 9.53 -29.26
CA THR B 351 -24.80 8.10 -29.38
C THR B 351 -24.83 7.47 -27.99
N PHE B 352 -24.09 8.08 -27.07
CA PHE B 352 -23.94 7.56 -25.72
C PHE B 352 -25.25 7.55 -24.95
N GLN B 353 -26.27 8.28 -25.40
CA GLN B 353 -27.54 8.34 -24.69
C GLN B 353 -28.23 6.98 -24.64
N GLN B 354 -27.91 6.08 -25.57
CA GLN B 354 -28.51 4.76 -25.56
C GLN B 354 -27.87 3.86 -24.51
N MET B 355 -26.61 4.13 -24.14
CA MET B 355 -25.84 3.21 -23.32
C MET B 355 -26.08 3.40 -21.82
N TRP B 356 -26.94 4.31 -21.40
CA TRP B 356 -27.20 4.48 -19.98
C TRP B 356 -27.90 3.26 -19.40
N ILE B 357 -27.78 3.09 -18.08
CA ILE B 357 -28.47 2.05 -17.34
C ILE B 357 -29.60 2.74 -16.58
N THR B 358 -30.81 2.66 -17.14
CA THR B 358 -31.94 3.39 -16.58
C THR B 358 -32.51 2.68 -15.36
N LYS B 359 -33.34 3.42 -14.62
CA LYS B 359 -33.98 2.87 -13.42
C LYS B 359 -34.91 1.71 -13.77
N GLN B 360 -35.67 1.85 -14.87
CA GLN B 360 -36.68 0.84 -15.19
C GLN B 360 -36.02 -0.48 -15.56
N GLU B 361 -34.82 -0.45 -16.13
CA GLU B 361 -34.14 -1.67 -16.52
C GLU B 361 -33.50 -2.37 -15.31
N TYR B 362 -33.16 -1.59 -14.28
CA TYR B 362 -32.57 -2.17 -13.09
C TYR B 362 -33.54 -3.10 -12.38
N ASP B 363 -34.78 -2.63 -12.16
CA ASP B 363 -35.76 -3.44 -11.46
C ASP B 363 -36.11 -4.71 -12.23
N GLU B 364 -35.99 -4.66 -13.57
CA GLU B 364 -36.32 -5.83 -14.37
C GLU B 364 -35.23 -6.88 -14.29
N ALA B 365 -33.96 -6.48 -14.45
CA ALA B 365 -32.85 -7.40 -14.54
C ALA B 365 -32.03 -7.50 -13.26
N GLY B 366 -32.15 -6.53 -12.34
CA GLY B 366 -31.39 -6.55 -11.13
C GLY B 366 -30.01 -5.94 -11.31
N PRO B 367 -29.15 -6.05 -10.30
CA PRO B 367 -27.82 -5.44 -10.37
C PRO B 367 -26.83 -6.18 -11.26
N SER B 368 -27.19 -7.32 -11.84
CA SER B 368 -26.34 -8.02 -12.79
C SER B 368 -26.42 -7.46 -14.20
N ILE B 369 -27.17 -6.37 -14.41
CA ILE B 369 -27.29 -5.76 -15.73
C ILE B 369 -26.01 -5.06 -16.14
N VAL B 370 -25.10 -4.78 -15.19
CA VAL B 370 -23.92 -3.99 -15.50
C VAL B 370 -23.01 -4.73 -16.48
N HIS B 371 -22.81 -6.02 -16.26
CA HIS B 371 -21.75 -6.73 -16.97
C HIS B 371 -22.03 -6.83 -18.47
N ARG B 372 -23.28 -7.04 -18.86
CA ARG B 372 -23.59 -7.24 -20.27
C ARG B 372 -23.56 -5.92 -21.03
N LYS B 373 -23.99 -4.83 -20.40
CA LYS B 373 -24.05 -3.54 -21.07
C LYS B 373 -22.72 -2.79 -20.99
N CYS B 374 -22.16 -2.69 -19.78
CA CYS B 374 -20.96 -1.90 -19.57
C CYS B 374 -19.78 -2.48 -20.38
N PRO C 57 6.63 1.07 -62.33
CA PRO C 57 6.85 0.61 -63.70
C PRO C 57 5.69 1.00 -64.60
N ALA C 58 5.92 0.86 -65.91
CA ALA C 58 4.89 1.18 -66.90
C ALA C 58 3.71 0.22 -66.82
N THR C 59 3.89 -0.97 -66.26
CA THR C 59 2.82 -1.95 -66.23
C THR C 59 1.65 -1.48 -65.36
N GLU C 60 1.95 -0.79 -64.25
CA GLU C 60 0.93 -0.21 -63.38
C GLU C 60 1.28 1.26 -63.09
N LYS C 61 0.89 2.15 -64.01
CA LYS C 61 0.97 3.58 -63.74
C LYS C 61 -0.17 4.03 -62.85
N ASP C 62 -1.32 3.39 -62.98
CA ASP C 62 -2.52 3.84 -62.25
C ASP C 62 -2.47 3.44 -60.78
N LEU C 63 -1.96 2.24 -60.49
CA LEU C 63 -2.15 1.67 -59.16
C LEU C 63 -1.31 2.36 -58.09
N ALA C 64 -0.22 3.02 -58.48
CA ALA C 64 0.64 3.63 -57.48
C ALA C 64 -0.09 4.73 -56.70
N GLU C 65 -0.39 5.85 -57.35
CA GLU C 65 -1.21 6.93 -56.78
C GLU C 65 -1.36 8.03 -57.83
N ASP C 66 -2.34 8.90 -57.67
CA ASP C 66 -2.47 10.15 -58.43
C ASP C 66 -2.64 9.90 -59.92
N ALA C 67 -3.41 8.87 -60.31
CA ALA C 67 -3.69 8.66 -61.72
C ALA C 67 -4.56 9.81 -62.24
N PRO C 68 -4.63 10.00 -63.56
CA PRO C 68 -5.54 11.03 -64.08
C PRO C 68 -7.00 10.76 -63.76
N TRP C 69 -7.46 9.51 -63.91
CA TRP C 69 -8.85 9.20 -63.63
C TRP C 69 -9.18 9.40 -62.16
N LYS C 70 -8.22 9.15 -61.27
CA LYS C 70 -8.44 9.40 -59.85
C LYS C 70 -8.65 10.88 -59.59
N LYS C 71 -7.86 11.73 -60.24
CA LYS C 71 -8.01 13.17 -60.06
C LYS C 71 -9.24 13.69 -60.80
N ILE C 72 -9.49 13.18 -62.02
CA ILE C 72 -10.64 13.63 -62.79
C ILE C 72 -11.93 13.24 -62.09
N GLN C 73 -11.99 12.01 -61.55
CA GLN C 73 -13.17 11.62 -60.79
C GLN C 73 -13.32 12.47 -59.53
N GLN C 74 -12.23 12.68 -58.78
CA GLN C 74 -12.28 13.48 -57.57
C GLN C 74 -12.80 14.88 -57.85
N ASN C 75 -12.37 15.48 -58.96
CA ASN C 75 -12.88 16.79 -59.33
C ASN C 75 -14.36 16.73 -59.69
N THR C 76 -14.81 15.57 -60.20
CA THR C 76 -16.22 15.43 -60.56
C THR C 76 -17.08 15.28 -59.30
N PHE C 77 -16.61 14.50 -58.32
CA PHE C 77 -17.34 14.38 -57.06
C PHE C 77 -17.41 15.72 -56.35
N THR C 78 -16.36 16.54 -56.46
CA THR C 78 -16.35 17.82 -55.77
C THR C 78 -17.40 18.78 -56.34
N ARG C 79 -17.54 18.80 -57.66
CA ARG C 79 -18.49 19.74 -58.28
C ARG C 79 -19.93 19.33 -58.02
N TRP C 80 -20.21 18.01 -58.08
CA TRP C 80 -21.58 17.54 -57.96
C TRP C 80 -22.17 17.87 -56.59
N CYS C 81 -21.47 17.48 -55.53
CA CYS C 81 -22.00 17.65 -54.18
C CYS C 81 -22.11 19.12 -53.81
N ASN C 82 -21.23 19.97 -54.37
CA ASN C 82 -21.26 21.39 -54.04
C ASN C 82 -22.53 22.06 -54.56
N GLU C 83 -23.02 21.62 -55.72
CA GLU C 83 -24.20 22.24 -56.31
C GLU C 83 -25.42 22.09 -55.41
N HIS C 84 -25.57 20.93 -54.77
CA HIS C 84 -26.67 20.74 -53.83
C HIS C 84 -26.47 21.59 -52.58
N LEU C 85 -25.21 21.87 -52.22
CA LEU C 85 -24.90 22.63 -51.01
C LEU C 85 -24.95 24.14 -51.22
N LYS C 86 -25.26 24.62 -52.43
CA LYS C 86 -25.34 26.05 -52.64
C LYS C 86 -26.48 26.68 -51.84
N CYS C 87 -27.54 25.92 -51.57
CA CYS C 87 -28.63 26.44 -50.77
C CYS C 87 -28.20 26.73 -49.34
N VAL C 88 -27.29 25.91 -48.80
CA VAL C 88 -26.77 26.13 -47.44
C VAL C 88 -25.49 26.97 -47.42
N SER C 89 -25.02 27.43 -48.58
CA SER C 89 -23.83 28.29 -48.66
C SER C 89 -22.60 27.59 -48.09
N LYS C 90 -22.37 26.36 -48.53
CA LYS C 90 -21.23 25.55 -48.11
C LYS C 90 -20.47 25.06 -49.34
N ARG C 91 -19.15 25.15 -49.30
CA ARG C 91 -18.28 24.72 -50.38
C ARG C 91 -17.24 23.74 -49.84
N ILE C 92 -16.83 22.81 -50.70
CA ILE C 92 -15.89 21.76 -50.35
C ILE C 92 -14.68 21.93 -51.26
N ALA C 93 -13.62 22.56 -50.74
CA ALA C 93 -12.42 22.78 -51.54
C ALA C 93 -11.67 21.47 -51.77
N ASN C 94 -11.45 20.70 -50.71
CA ASN C 94 -10.76 19.42 -50.78
C ASN C 94 -11.63 18.37 -50.10
N LEU C 95 -12.08 17.38 -50.88
CA LEU C 95 -13.00 16.39 -50.35
C LEU C 95 -12.34 15.53 -49.28
N GLN C 96 -11.02 15.43 -49.29
CA GLN C 96 -10.32 14.57 -48.34
C GLN C 96 -10.44 15.11 -46.92
N THR C 97 -10.06 16.38 -46.72
CA THR C 97 -9.95 16.97 -45.38
C THR C 97 -11.18 17.74 -44.95
N ASP C 98 -12.05 18.15 -45.88
CA ASP C 98 -13.20 18.97 -45.51
C ASP C 98 -14.25 18.17 -44.77
N LEU C 99 -14.33 16.86 -45.02
CA LEU C 99 -15.29 15.99 -44.35
C LEU C 99 -14.80 15.46 -43.01
N SER C 100 -13.68 15.98 -42.48
CA SER C 100 -13.19 15.53 -41.19
C SER C 100 -14.17 15.89 -40.08
N ASP C 101 -14.67 17.14 -40.08
CA ASP C 101 -15.65 17.54 -39.08
C ASP C 101 -16.95 16.76 -39.24
N GLY C 102 -17.26 16.34 -40.47
CA GLY C 102 -18.47 15.57 -40.73
C GLY C 102 -19.73 16.38 -40.89
N LEU C 103 -19.70 17.68 -40.57
CA LEU C 103 -20.90 18.51 -40.69
C LEU C 103 -21.36 18.60 -42.14
N ARG C 104 -20.40 18.68 -43.08
CA ARG C 104 -20.76 18.79 -44.49
C ARG C 104 -21.45 17.52 -44.97
N LEU C 105 -21.05 16.36 -44.44
CA LEU C 105 -21.72 15.12 -44.80
C LEU C 105 -23.15 15.10 -44.29
N ILE C 106 -23.39 15.64 -43.09
CA ILE C 106 -24.74 15.70 -42.55
C ILE C 106 -25.60 16.63 -43.40
N ALA C 107 -25.06 17.78 -43.77
CA ALA C 107 -25.82 18.75 -44.55
C ALA C 107 -26.14 18.21 -45.94
N LEU C 108 -25.21 17.45 -46.52
CA LEU C 108 -25.45 16.87 -47.85
C LEU C 108 -26.62 15.91 -47.82
N LEU C 109 -26.72 15.12 -46.74
CA LEU C 109 -27.83 14.17 -46.64
C LEU C 109 -29.15 14.87 -46.39
N GLU C 110 -29.12 16.00 -45.67
CA GLU C 110 -30.34 16.75 -45.41
C GLU C 110 -30.96 17.25 -46.70
N VAL C 111 -30.14 17.71 -47.65
CA VAL C 111 -30.66 18.24 -48.90
C VAL C 111 -31.21 17.12 -49.77
N LEU C 112 -30.44 16.04 -49.93
CA LEU C 112 -30.85 14.96 -50.83
C LEU C 112 -32.01 14.17 -50.25
N SER C 113 -31.85 13.66 -49.03
CA SER C 113 -32.88 12.79 -48.45
C SER C 113 -34.11 13.58 -48.06
N GLN C 114 -33.96 14.87 -47.76
CA GLN C 114 -35.05 15.71 -47.27
C GLN C 114 -35.68 15.12 -46.00
N LYS C 115 -34.82 14.59 -45.13
CA LYS C 115 -35.23 13.99 -43.87
C LYS C 115 -34.32 14.52 -42.77
N LYS C 116 -34.75 14.30 -41.52
CA LYS C 116 -34.01 14.72 -40.34
C LYS C 116 -33.29 13.53 -39.73
N MET C 117 -32.15 13.80 -39.11
CA MET C 117 -31.31 12.73 -38.57
C MET C 117 -32.00 12.05 -37.40
N HIS C 118 -31.72 10.75 -37.24
CA HIS C 118 -32.38 9.98 -36.19
C HIS C 118 -31.71 10.22 -34.83
N ARG C 119 -30.43 10.57 -34.83
CA ARG C 119 -29.72 11.01 -33.63
C ARG C 119 -29.25 12.44 -33.81
N LYS C 120 -29.29 13.22 -32.74
CA LYS C 120 -28.79 14.59 -32.79
C LYS C 120 -27.28 14.59 -32.90
N HIS C 121 -26.77 15.49 -33.74
CA HIS C 121 -25.34 15.59 -34.02
C HIS C 121 -24.75 16.81 -33.34
N ASN C 122 -23.46 16.74 -33.04
CA ASN C 122 -22.77 17.86 -32.39
C ASN C 122 -22.66 19.04 -33.35
N GLN C 123 -22.86 20.24 -32.81
CA GLN C 123 -22.84 21.44 -33.65
C GLN C 123 -21.44 21.74 -34.16
N ARG C 124 -20.44 21.63 -33.28
CA ARG C 124 -19.04 21.74 -33.69
C ARG C 124 -18.23 20.78 -32.81
N PRO C 125 -17.50 19.81 -33.41
CA PRO C 125 -16.59 18.98 -32.59
C PRO C 125 -15.20 19.56 -32.49
N THR C 126 -14.69 19.70 -31.25
CA THR C 126 -13.30 20.08 -31.05
C THR C 126 -12.40 18.84 -30.95
N PHE C 127 -12.82 17.86 -30.17
CA PHE C 127 -12.05 16.64 -29.99
C PHE C 127 -12.32 15.65 -31.13
N ARG C 128 -11.47 14.66 -31.22
CA ARG C 128 -11.59 13.64 -32.25
C ARG C 128 -12.81 12.76 -32.14
N GLN C 129 -13.20 12.42 -30.91
CA GLN C 129 -14.29 11.46 -30.71
C GLN C 129 -15.63 12.05 -31.15
N MET C 130 -15.82 13.35 -30.95
CA MET C 130 -17.08 13.98 -31.36
C MET C 130 -17.19 14.04 -32.88
N GLN C 131 -16.05 14.10 -33.57
CA GLN C 131 -16.07 14.04 -35.03
C GLN C 131 -16.57 12.68 -35.50
N LEU C 132 -16.06 11.61 -34.88
CA LEU C 132 -16.49 10.27 -35.27
C LEU C 132 -17.95 10.03 -34.93
N GLU C 133 -18.44 10.66 -33.86
CA GLU C 133 -19.85 10.56 -33.51
C GLU C 133 -20.72 11.16 -34.60
N ASN C 134 -20.30 12.29 -35.17
CA ASN C 134 -21.07 12.93 -36.23
C ASN C 134 -21.08 12.05 -37.49
N VAL C 135 -19.93 11.47 -37.82
CA VAL C 135 -19.84 10.65 -39.04
C VAL C 135 -20.54 9.31 -38.82
N SER C 136 -20.39 8.74 -37.64
CA SER C 136 -21.04 7.46 -37.35
C SER C 136 -22.56 7.59 -37.41
N VAL C 137 -23.09 8.71 -36.90
CA VAL C 137 -24.53 8.95 -37.01
C VAL C 137 -24.94 9.09 -38.46
N ALA C 138 -24.05 9.60 -39.30
CA ALA C 138 -24.36 9.74 -40.73
C ALA C 138 -24.51 8.38 -41.39
N LEU C 139 -23.51 7.50 -41.19
CA LEU C 139 -23.55 6.20 -41.83
C LEU C 139 -24.72 5.35 -41.33
N GLU C 140 -25.05 5.47 -40.04
CA GLU C 140 -26.19 4.74 -39.51
C GLU C 140 -27.50 5.24 -40.13
N PHE C 141 -27.55 6.49 -40.57
CA PHE C 141 -28.76 7.00 -41.21
C PHE C 141 -28.97 6.38 -42.57
N LEU C 142 -27.89 6.14 -43.32
CA LEU C 142 -28.02 5.53 -44.64
C LEU C 142 -28.54 4.11 -44.54
N ASP C 143 -28.24 3.43 -43.43
CA ASP C 143 -28.84 2.12 -43.20
C ASP C 143 -30.36 2.22 -43.07
N ARG C 144 -30.85 3.27 -42.41
CA ARG C 144 -32.28 3.50 -42.35
C ARG C 144 -32.84 3.89 -43.72
N GLU C 145 -32.01 4.48 -44.57
CA GLU C 145 -32.39 4.84 -45.93
C GLU C 145 -32.38 3.63 -46.88
N SER C 146 -32.05 2.43 -46.38
CA SER C 146 -32.00 1.22 -47.20
C SER C 146 -30.95 1.34 -48.30
N ILE C 147 -29.76 1.80 -47.92
CA ILE C 147 -28.60 1.89 -48.80
C ILE C 147 -27.52 0.97 -48.24
N LYS C 148 -26.91 0.19 -49.12
CA LYS C 148 -25.89 -0.77 -48.74
C LYS C 148 -24.51 -0.12 -48.89
N LEU C 149 -23.73 -0.15 -47.81
CA LEU C 149 -22.36 0.35 -47.80
C LEU C 149 -21.45 -0.73 -47.25
N VAL C 150 -20.30 -0.91 -47.89
CA VAL C 150 -19.32 -1.93 -47.53
C VAL C 150 -17.98 -1.25 -47.30
N SER C 151 -17.42 -1.42 -46.11
CA SER C 151 -16.04 -1.05 -45.82
C SER C 151 -15.82 0.45 -45.92
N ILE C 152 -16.76 1.23 -45.42
CA ILE C 152 -16.61 2.69 -45.28
C ILE C 152 -17.00 3.06 -43.85
N ASP C 153 -15.98 3.31 -43.03
CA ASP C 153 -16.15 3.55 -41.60
C ASP C 153 -15.86 5.01 -41.29
N SER C 154 -16.18 5.41 -40.06
CA SER C 154 -16.01 6.80 -39.67
C SER C 154 -14.53 7.17 -39.55
N LYS C 155 -13.68 6.20 -39.20
CA LYS C 155 -12.26 6.49 -39.04
C LYS C 155 -11.62 6.86 -40.37
N ALA C 156 -11.98 6.17 -41.45
CA ALA C 156 -11.38 6.44 -42.75
C ALA C 156 -11.81 7.80 -43.28
N ILE C 157 -13.08 8.17 -43.07
CA ILE C 157 -13.58 9.43 -43.59
C ILE C 157 -12.88 10.60 -42.90
N VAL C 158 -12.57 10.46 -41.61
CA VAL C 158 -11.88 11.52 -40.89
C VAL C 158 -10.41 11.55 -41.25
N ASP C 159 -9.79 10.38 -41.40
CA ASP C 159 -8.38 10.29 -41.75
C ASP C 159 -8.11 10.57 -43.22
N GLY C 160 -9.15 10.73 -44.03
CA GLY C 160 -8.98 11.10 -45.43
C GLY C 160 -8.27 10.05 -46.26
N ASN C 161 -8.76 8.81 -46.23
CA ASN C 161 -8.26 7.76 -47.11
C ASN C 161 -8.97 7.94 -48.45
N LEU C 162 -8.31 8.67 -49.36
CA LEU C 162 -8.98 9.20 -50.54
C LEU C 162 -9.61 8.12 -51.41
N LYS C 163 -9.10 6.91 -51.33
CA LYS C 163 -9.67 5.82 -52.11
C LYS C 163 -11.07 5.47 -51.63
N LEU C 164 -11.38 5.74 -50.37
CA LEU C 164 -12.67 5.36 -49.80
C LEU C 164 -13.74 6.43 -49.77
N ILE C 165 -13.34 7.69 -49.66
CA ILE C 165 -14.32 8.76 -49.61
C ILE C 165 -15.01 8.92 -50.95
N LEU C 166 -14.28 8.70 -52.05
CA LEU C 166 -14.89 8.80 -53.37
C LEU C 166 -15.94 7.72 -53.57
N GLY C 167 -15.75 6.56 -52.93
CA GLY C 167 -16.76 5.52 -53.01
C GLY C 167 -18.05 5.89 -52.30
N LEU C 168 -17.94 6.67 -51.22
CA LEU C 168 -19.12 7.06 -50.47
C LEU C 168 -20.03 7.96 -51.29
N ILE C 169 -19.45 8.92 -52.02
CA ILE C 169 -20.25 9.86 -52.79
C ILE C 169 -20.82 9.17 -54.02
N TRP C 170 -20.08 8.22 -54.60
CA TRP C 170 -20.56 7.54 -55.80
C TRP C 170 -21.82 6.74 -55.51
N THR C 171 -21.92 6.18 -54.30
CA THR C 171 -23.15 5.49 -53.91
C THR C 171 -24.32 6.44 -53.86
N LEU C 172 -24.06 7.72 -53.54
CA LEU C 172 -25.15 8.70 -53.45
C LEU C 172 -25.57 9.17 -54.84
N ILE C 173 -24.63 9.22 -55.79
CA ILE C 173 -24.95 9.68 -57.14
C ILE C 173 -25.94 8.75 -57.79
N LEU C 174 -25.71 7.44 -57.68
CA LEU C 174 -26.57 6.46 -58.34
C LEU C 174 -27.90 6.33 -57.62
N HIS C 175 -27.89 6.47 -56.29
CA HIS C 175 -29.13 6.39 -55.53
C HIS C 175 -29.99 7.63 -55.77
N TYR C 176 -29.38 8.81 -55.70
CA TYR C 176 -30.06 10.08 -55.94
C TYR C 176 -29.79 10.51 -57.38
N SER C 177 -30.74 10.24 -58.26
CA SER C 177 -30.61 10.63 -59.66
C SER C 177 -31.97 10.80 -60.31
N THR D 5 -20.40 2.18 -73.52
CA THR D 5 -20.13 1.16 -74.53
C THR D 5 -18.96 0.27 -74.10
N THR D 6 -17.96 0.88 -73.46
CA THR D 6 -16.82 0.12 -72.97
C THR D 6 -17.26 -0.80 -71.84
N ALA D 7 -16.77 -2.04 -71.89
CA ALA D 7 -17.09 -3.07 -70.90
C ALA D 7 -15.89 -3.26 -69.98
N LEU D 8 -16.16 -3.28 -68.67
CA LEU D 8 -15.07 -3.44 -67.72
C LEU D 8 -14.70 -4.91 -67.57
N VAL D 9 -13.59 -5.14 -66.87
CA VAL D 9 -13.03 -6.48 -66.66
C VAL D 9 -12.81 -6.66 -65.17
N CYS D 10 -13.01 -7.88 -64.69
CA CYS D 10 -12.73 -8.26 -63.30
C CYS D 10 -12.11 -9.64 -63.30
N ASP D 11 -10.83 -9.72 -62.99
CA ASP D 11 -10.11 -10.99 -62.99
C ASP D 11 -10.65 -11.99 -61.96
N ASN D 12 -10.99 -11.50 -60.78
CA ASN D 12 -11.48 -12.35 -59.70
C ASN D 12 -10.47 -13.45 -59.40
N GLY D 13 -9.24 -13.04 -59.11
CA GLY D 13 -8.20 -13.98 -58.82
C GLY D 13 -8.41 -14.69 -57.49
N SER D 14 -7.74 -15.84 -57.36
CA SER D 14 -7.91 -16.65 -56.16
C SER D 14 -7.18 -16.04 -54.96
N GLY D 15 -6.31 -15.06 -55.19
CA GLY D 15 -5.63 -14.34 -54.13
C GLY D 15 -5.53 -12.85 -54.33
N LEU D 16 -6.02 -12.32 -55.43
CA LEU D 16 -5.88 -10.89 -55.73
C LEU D 16 -6.94 -10.52 -56.75
N VAL D 17 -7.59 -9.39 -56.51
CA VAL D 17 -8.63 -8.87 -57.39
C VAL D 17 -8.00 -7.81 -58.28
N LYS D 18 -8.22 -7.93 -59.59
CA LYS D 18 -7.65 -7.02 -60.58
C LYS D 18 -8.73 -6.68 -61.58
N ALA D 19 -9.16 -5.42 -61.58
CA ALA D 19 -10.26 -4.96 -62.41
C ALA D 19 -9.92 -3.63 -63.06
N GLY D 20 -10.41 -3.44 -64.29
CA GLY D 20 -10.20 -2.21 -65.02
C GLY D 20 -11.03 -2.21 -66.29
N PHE D 21 -11.09 -1.03 -66.92
CA PHE D 21 -11.84 -0.89 -68.15
C PHE D 21 -11.09 -1.53 -69.31
N ALA D 22 -11.84 -2.01 -70.29
CA ALA D 22 -11.25 -2.61 -71.47
C ALA D 22 -10.54 -1.55 -72.30
N GLY D 23 -9.65 -2.01 -73.17
CA GLY D 23 -8.83 -1.11 -73.96
C GLY D 23 -7.81 -0.33 -73.18
N ASP D 24 -7.51 -0.75 -71.94
CA ASP D 24 -6.58 -0.06 -71.07
C ASP D 24 -5.36 -0.96 -70.84
N ASP D 25 -4.17 -0.36 -70.85
CA ASP D 25 -2.95 -1.14 -70.74
C ASP D 25 -2.70 -1.57 -69.30
N ALA D 26 -3.04 -0.72 -68.34
CA ALA D 26 -2.85 -0.98 -66.92
C ALA D 26 -4.19 -0.99 -66.20
N PRO D 27 -4.37 -1.82 -65.18
CA PRO D 27 -5.68 -1.85 -64.49
C PRO D 27 -5.86 -0.64 -63.60
N ARG D 28 -7.10 -0.22 -63.43
CA ARG D 28 -7.45 0.90 -62.59
C ARG D 28 -7.26 0.71 -61.08
N ALA D 29 -7.65 -0.46 -60.60
CA ALA D 29 -7.60 -0.77 -59.17
C ALA D 29 -7.25 -2.23 -58.95
N VAL D 30 -6.40 -2.48 -57.96
CA VAL D 30 -6.02 -3.83 -57.54
C VAL D 30 -6.02 -3.85 -56.02
N PHE D 31 -6.57 -4.91 -55.43
CA PHE D 31 -6.63 -5.05 -53.99
C PHE D 31 -6.67 -6.54 -53.65
N PRO D 32 -6.18 -6.93 -52.48
CA PRO D 32 -6.22 -8.36 -52.13
C PRO D 32 -7.64 -8.87 -51.96
N SER D 33 -7.84 -10.14 -52.26
CA SER D 33 -9.14 -10.81 -52.10
C SER D 33 -9.27 -11.37 -50.68
N ILE D 34 -9.61 -10.46 -49.75
CA ILE D 34 -9.73 -10.79 -48.34
C ILE D 34 -10.94 -10.06 -47.77
N VAL D 35 -11.61 -10.70 -46.81
CA VAL D 35 -12.64 -10.08 -45.99
C VAL D 35 -12.32 -10.38 -44.54
N GLY D 36 -12.31 -9.35 -43.71
CA GLY D 36 -11.97 -9.49 -42.31
C GLY D 36 -13.11 -9.02 -41.43
N ARG D 37 -13.13 -9.53 -40.20
CA ARG D 37 -14.10 -9.13 -39.19
C ARG D 37 -13.40 -9.00 -37.84
N PRO D 38 -13.86 -8.12 -36.95
CA PRO D 38 -13.17 -7.98 -35.66
C PRO D 38 -13.26 -9.23 -34.82
N ARG D 39 -12.15 -9.54 -34.15
CA ARG D 39 -12.10 -10.58 -33.12
C ARG D 39 -11.97 -10.00 -31.72
N HIS D 40 -12.29 -8.71 -31.55
CA HIS D 40 -12.26 -8.04 -30.26
C HIS D 40 -13.49 -7.16 -30.11
N GLN D 41 -13.85 -6.87 -28.87
CA GLN D 41 -15.02 -6.03 -28.61
C GLN D 41 -14.69 -4.56 -28.83
N GLY D 42 -15.73 -3.79 -29.14
CA GLY D 42 -15.58 -2.37 -29.39
C GLY D 42 -15.85 -1.54 -28.16
N VAL D 43 -14.78 -0.99 -27.56
CA VAL D 43 -14.94 -0.24 -26.32
C VAL D 43 -15.37 1.19 -26.60
N MET D 44 -14.92 1.77 -27.71
CA MET D 44 -15.22 3.16 -28.01
C MET D 44 -16.69 3.33 -28.39
N VAL D 45 -17.17 4.56 -28.24
CA VAL D 45 -18.53 4.93 -28.58
C VAL D 45 -18.50 5.86 -29.79
N GLY D 46 -19.43 5.66 -30.71
CA GLY D 46 -19.45 6.44 -31.94
C GLY D 46 -18.18 6.28 -32.75
N MET D 47 -17.71 5.04 -32.87
CA MET D 47 -16.43 4.74 -33.53
C MET D 47 -16.62 4.23 -34.96
N GLY D 48 -17.84 3.87 -35.35
CA GLY D 48 -18.05 3.17 -36.61
C GLY D 48 -17.85 1.69 -36.40
N GLN D 49 -16.66 1.22 -36.73
CA GLN D 49 -16.23 -0.17 -36.48
C GLN D 49 -17.21 -1.23 -36.91
N LYS D 50 -17.66 -1.15 -38.14
CA LYS D 50 -18.65 -2.08 -38.66
C LYS D 50 -18.04 -3.46 -38.83
N ASP D 51 -18.84 -4.39 -39.36
CA ASP D 51 -18.48 -5.81 -39.30
C ASP D 51 -17.39 -6.17 -40.31
N SER D 52 -17.50 -5.69 -41.54
CA SER D 52 -16.73 -6.21 -42.66
C SER D 52 -15.73 -5.17 -43.16
N TYR D 53 -14.54 -5.63 -43.51
CA TYR D 53 -13.52 -4.83 -44.19
C TYR D 53 -12.86 -5.70 -45.24
N VAL D 54 -12.57 -5.11 -46.40
CA VAL D 54 -12.00 -5.82 -47.54
C VAL D 54 -10.91 -4.96 -48.16
N GLY D 55 -10.08 -5.60 -48.98
CA GLY D 55 -9.06 -4.88 -49.72
C GLY D 55 -7.91 -4.45 -48.82
N ASP D 56 -7.19 -3.42 -49.28
CA ASP D 56 -6.07 -2.87 -48.54
C ASP D 56 -6.50 -2.25 -47.21
N GLU D 57 -7.77 -1.88 -47.06
CA GLU D 57 -8.26 -1.40 -45.78
C GLU D 57 -8.13 -2.48 -44.71
N ALA D 58 -8.32 -3.74 -45.09
CA ALA D 58 -8.19 -4.83 -44.13
C ALA D 58 -6.74 -4.99 -43.67
N GLN D 59 -5.80 -4.87 -44.60
CA GLN D 59 -4.38 -4.95 -44.22
C GLN D 59 -3.99 -3.83 -43.27
N SER D 60 -4.65 -2.66 -43.37
CA SER D 60 -4.35 -1.56 -42.47
C SER D 60 -4.73 -1.91 -41.04
N LYS D 61 -5.87 -2.57 -40.87
CA LYS D 61 -6.38 -2.93 -39.54
C LYS D 61 -6.29 -4.41 -39.26
N ARG D 62 -5.39 -5.11 -39.95
CA ARG D 62 -5.32 -6.55 -39.79
C ARG D 62 -4.99 -7.01 -38.38
N GLY D 63 -4.38 -6.16 -37.57
CA GLY D 63 -4.01 -6.58 -36.23
C GLY D 63 -5.20 -7.07 -35.41
N ILE D 64 -6.34 -6.39 -35.53
CA ILE D 64 -7.55 -6.72 -34.79
C ILE D 64 -8.63 -7.32 -35.70
N LEU D 65 -8.25 -7.82 -36.87
CA LEU D 65 -9.16 -8.48 -37.80
C LEU D 65 -8.65 -9.88 -38.12
N THR D 66 -9.57 -10.84 -38.16
CA THR D 66 -9.28 -12.20 -38.62
C THR D 66 -9.69 -12.29 -40.09
N LEU D 67 -8.72 -12.62 -40.94
CA LEU D 67 -8.90 -12.59 -42.39
C LEU D 67 -9.28 -13.98 -42.90
N LYS D 68 -10.34 -14.03 -43.69
CA LYS D 68 -10.80 -15.26 -44.33
C LYS D 68 -10.93 -15.01 -45.83
N TYR D 69 -10.35 -15.87 -46.65
CA TYR D 69 -10.44 -15.65 -48.08
C TYR D 69 -11.73 -16.24 -48.59
N PRO D 70 -12.54 -15.43 -49.28
CA PRO D 70 -13.79 -15.97 -49.81
C PRO D 70 -13.59 -16.90 -50.99
N ILE D 71 -12.58 -16.62 -51.81
CA ILE D 71 -12.21 -17.45 -52.96
C ILE D 71 -11.04 -18.34 -52.53
N GLU D 72 -11.14 -19.63 -52.84
CA GLU D 72 -10.16 -20.62 -52.39
C GLU D 72 -10.03 -21.71 -53.44
N HIS D 73 -8.81 -21.91 -53.93
CA HIS D 73 -8.52 -22.89 -54.98
C HIS D 73 -9.41 -22.68 -56.21
N GLY D 74 -9.67 -21.43 -56.55
CA GLY D 74 -10.60 -21.12 -57.63
C GLY D 74 -12.02 -21.52 -57.35
N ILE D 75 -12.38 -21.75 -56.08
CA ILE D 75 -13.70 -22.18 -55.67
C ILE D 75 -14.17 -21.24 -54.56
N ILE D 76 -15.43 -20.82 -54.66
CA ILE D 76 -16.01 -19.83 -53.76
C ILE D 76 -16.68 -20.59 -52.62
N THR D 77 -16.27 -20.29 -51.39
CA THR D 77 -16.83 -20.90 -50.19
C THR D 77 -17.91 -20.03 -49.56
N ASN D 78 -17.60 -18.76 -49.32
CA ASN D 78 -18.52 -17.80 -48.71
C ASN D 78 -19.08 -16.91 -49.81
N TRP D 79 -20.34 -17.16 -50.19
CA TRP D 79 -20.96 -16.40 -51.28
C TRP D 79 -21.34 -15.00 -50.83
N ASP D 80 -21.88 -14.86 -49.62
CA ASP D 80 -22.23 -13.54 -49.10
C ASP D 80 -20.99 -12.67 -48.95
N ASP D 81 -19.84 -13.29 -48.70
CA ASP D 81 -18.59 -12.53 -48.59
C ASP D 81 -18.10 -12.09 -49.97
N MET D 82 -18.16 -12.98 -50.95
CA MET D 82 -17.68 -12.64 -52.28
C MET D 82 -18.54 -11.55 -52.91
N GLU D 83 -19.82 -11.48 -52.54
CA GLU D 83 -20.68 -10.40 -53.00
C GLU D 83 -20.15 -9.04 -52.53
N LYS D 84 -19.53 -9.01 -51.35
CA LYS D 84 -19.00 -7.75 -50.83
C LYS D 84 -17.76 -7.32 -51.60
N ILE D 85 -16.98 -8.28 -52.11
CA ILE D 85 -15.78 -7.94 -52.87
C ILE D 85 -16.16 -7.22 -54.16
N TRP D 86 -17.23 -7.67 -54.81
CA TRP D 86 -17.66 -7.04 -56.06
C TRP D 86 -18.28 -5.67 -55.80
N HIS D 87 -19.02 -5.52 -54.70
CA HIS D 87 -19.57 -4.22 -54.34
C HIS D 87 -18.44 -3.23 -54.05
N HIS D 88 -17.38 -3.70 -53.38
CA HIS D 88 -16.22 -2.86 -53.14
C HIS D 88 -15.43 -2.62 -54.42
N THR D 89 -15.45 -3.59 -55.34
CA THR D 89 -14.67 -3.48 -56.56
C THR D 89 -15.20 -2.37 -57.46
N PHE D 90 -16.52 -2.27 -57.59
CA PHE D 90 -17.14 -1.32 -58.53
C PHE D 90 -17.38 0.03 -57.88
N TYR D 91 -18.04 0.04 -56.72
CA TYR D 91 -18.45 1.30 -56.11
C TYR D 91 -17.29 2.00 -55.42
N ASN D 92 -16.49 1.26 -54.65
CA ASN D 92 -15.45 1.85 -53.82
C ASN D 92 -14.12 1.99 -54.55
N GLU D 93 -13.68 0.93 -55.23
CA GLU D 93 -12.37 0.96 -55.88
C GLU D 93 -12.42 1.73 -57.19
N LEU D 94 -13.32 1.35 -58.10
CA LEU D 94 -13.41 1.96 -59.41
C LEU D 94 -14.34 3.15 -59.48
N ARG D 95 -15.36 3.20 -58.61
CA ARG D 95 -16.37 4.26 -58.64
C ARG D 95 -17.08 4.32 -59.99
N VAL D 96 -17.61 3.18 -60.43
CA VAL D 96 -18.26 3.05 -61.72
C VAL D 96 -19.50 2.18 -61.54
N ALA D 97 -20.57 2.52 -62.25
CA ALA D 97 -21.80 1.74 -62.14
C ALA D 97 -21.70 0.49 -63.00
N PRO D 98 -22.15 -0.67 -62.50
CA PRO D 98 -22.18 -1.87 -63.36
C PRO D 98 -23.39 -1.95 -64.28
N GLU D 99 -24.47 -1.21 -63.98
CA GLU D 99 -25.69 -1.31 -64.78
C GLU D 99 -25.53 -0.66 -66.15
N GLU D 100 -24.54 0.23 -66.30
CA GLU D 100 -24.42 0.99 -67.54
C GLU D 100 -23.84 0.13 -68.66
N HIS D 101 -22.84 -0.69 -68.35
CA HIS D 101 -22.10 -1.45 -69.34
C HIS D 101 -21.74 -2.83 -68.81
N PRO D 102 -21.56 -3.83 -69.68
CA PRO D 102 -21.37 -5.20 -69.18
C PRO D 102 -19.98 -5.40 -68.62
N THR D 103 -19.78 -6.59 -68.05
CA THR D 103 -18.55 -6.94 -67.34
C THR D 103 -18.01 -8.27 -67.85
N LEU D 104 -16.68 -8.39 -67.84
CA LEU D 104 -15.98 -9.61 -68.22
C LEU D 104 -15.35 -10.22 -66.99
N LEU D 105 -15.52 -11.54 -66.86
CA LEU D 105 -15.04 -12.28 -65.69
C LEU D 105 -14.11 -13.40 -66.15
N THR D 106 -13.37 -13.94 -65.19
CA THR D 106 -12.43 -15.02 -65.44
C THR D 106 -12.55 -16.06 -64.34
N GLU D 107 -12.21 -17.30 -64.66
CA GLU D 107 -12.30 -18.40 -63.71
C GLU D 107 -11.46 -19.56 -64.22
N ALA D 108 -10.92 -20.34 -63.29
CA ALA D 108 -9.98 -21.38 -63.63
C ALA D 108 -10.71 -22.60 -64.21
N PRO D 109 -10.04 -23.39 -65.06
CA PRO D 109 -10.74 -24.51 -65.70
C PRO D 109 -11.05 -25.63 -64.72
N LEU D 110 -12.01 -26.47 -65.09
CA LEU D 110 -12.45 -27.64 -64.33
C LEU D 110 -13.03 -27.28 -62.97
N ASN D 111 -13.42 -26.03 -62.75
CA ASN D 111 -14.13 -25.67 -61.53
C ASN D 111 -15.51 -26.34 -61.52
N PRO D 112 -16.13 -26.48 -60.35
CA PRO D 112 -17.47 -27.06 -60.32
C PRO D 112 -18.48 -26.18 -61.04
N LYS D 113 -19.54 -26.81 -61.54
CA LYS D 113 -20.54 -26.10 -62.32
C LYS D 113 -21.29 -25.08 -61.46
N ALA D 114 -21.40 -25.33 -60.15
CA ALA D 114 -22.10 -24.39 -59.28
C ALA D 114 -21.38 -23.05 -59.23
N ASN D 115 -20.05 -23.07 -59.11
CA ASN D 115 -19.27 -21.83 -59.14
C ASN D 115 -19.43 -21.13 -60.47
N ARG D 116 -19.53 -21.90 -61.55
CA ARG D 116 -19.62 -21.33 -62.89
C ARG D 116 -21.01 -20.74 -63.15
N GLU D 117 -22.04 -21.32 -62.52
CA GLU D 117 -23.40 -20.84 -62.68
C GLU D 117 -23.75 -19.79 -61.64
N LYS D 118 -23.44 -20.06 -60.37
CA LYS D 118 -23.80 -19.14 -59.29
C LYS D 118 -23.10 -17.80 -59.45
N MET D 119 -21.97 -17.79 -60.13
CA MET D 119 -21.23 -16.57 -60.40
C MET D 119 -22.12 -15.66 -61.24
N THR D 120 -22.87 -16.26 -62.16
CA THR D 120 -23.75 -15.52 -63.05
C THR D 120 -25.04 -15.11 -62.34
N GLN D 121 -25.53 -15.96 -61.43
CA GLN D 121 -26.78 -15.69 -60.72
C GLN D 121 -26.68 -14.42 -59.88
N ILE D 122 -25.47 -14.06 -59.44
CA ILE D 122 -25.32 -12.92 -58.54
C ILE D 122 -25.31 -11.61 -59.33
N MET D 123 -24.65 -11.60 -60.49
CA MET D 123 -24.44 -10.36 -61.23
C MET D 123 -25.76 -9.72 -61.65
N PHE D 124 -26.59 -10.47 -62.37
CA PHE D 124 -27.78 -9.89 -62.98
C PHE D 124 -28.81 -9.50 -61.92
N GLU D 125 -28.83 -10.19 -60.78
CA GLU D 125 -29.81 -9.89 -59.74
C GLU D 125 -29.29 -8.80 -58.81
N THR D 126 -28.06 -8.95 -58.32
CA THR D 126 -27.51 -7.96 -57.40
C THR D 126 -27.14 -6.67 -58.12
N PHE D 127 -26.24 -6.75 -59.09
CA PHE D 127 -25.72 -5.57 -59.78
C PHE D 127 -26.48 -5.23 -61.05
N ASN D 128 -27.06 -6.21 -61.73
CA ASN D 128 -27.89 -5.98 -62.91
C ASN D 128 -27.10 -5.33 -64.03
N VAL D 129 -26.02 -5.98 -64.44
CA VAL D 129 -25.24 -5.55 -65.59
C VAL D 129 -26.10 -5.74 -66.84
N PRO D 130 -25.86 -4.98 -67.92
CA PRO D 130 -26.63 -5.24 -69.15
C PRO D 130 -26.31 -6.58 -69.77
N ALA D 131 -25.08 -7.06 -69.61
CA ALA D 131 -24.68 -8.37 -70.10
C ALA D 131 -23.43 -8.79 -69.36
N MET D 132 -23.00 -10.03 -69.62
CA MET D 132 -21.87 -10.62 -68.91
C MET D 132 -21.26 -11.71 -69.78
N TYR D 133 -20.03 -12.11 -69.44
CA TYR D 133 -19.36 -13.21 -70.12
C TYR D 133 -18.23 -13.71 -69.25
N VAL D 134 -18.10 -15.04 -69.22
CA VAL D 134 -17.06 -15.73 -68.47
C VAL D 134 -16.07 -16.31 -69.47
N ALA D 135 -14.81 -16.42 -69.06
CA ALA D 135 -13.77 -16.96 -69.92
C ALA D 135 -12.72 -17.67 -69.07
N ILE D 136 -12.17 -18.75 -69.62
CA ILE D 136 -11.13 -19.49 -68.91
C ILE D 136 -9.91 -18.62 -68.77
N GLN D 137 -9.34 -18.59 -67.57
CA GLN D 137 -8.25 -17.66 -67.25
C GLN D 137 -7.02 -17.90 -68.13
N ALA D 138 -6.89 -19.10 -68.71
CA ALA D 138 -5.71 -19.43 -69.50
C ALA D 138 -5.76 -18.77 -70.88
N VAL D 139 -6.91 -18.87 -71.55
CA VAL D 139 -7.01 -18.40 -72.91
C VAL D 139 -6.67 -16.94 -73.06
N LEU D 140 -6.97 -16.14 -72.05
CA LEU D 140 -6.72 -14.71 -72.13
C LEU D 140 -5.23 -14.40 -72.27
N SER D 141 -4.37 -15.29 -71.78
CA SER D 141 -2.93 -15.03 -71.81
C SER D 141 -2.41 -14.96 -73.24
N LEU D 142 -3.01 -15.73 -74.14
CA LEU D 142 -2.58 -15.70 -75.53
C LEU D 142 -2.83 -14.32 -76.14
N TYR D 143 -3.98 -13.73 -75.81
CA TYR D 143 -4.33 -12.42 -76.32
C TYR D 143 -3.28 -11.42 -75.90
N ALA D 144 -2.81 -11.53 -74.66
CA ALA D 144 -1.77 -10.64 -74.16
C ALA D 144 -0.45 -10.87 -74.89
N SER D 145 -0.08 -12.14 -75.05
CA SER D 145 1.15 -12.47 -75.77
C SER D 145 1.01 -12.28 -77.28
N GLY D 146 -0.20 -12.23 -77.81
CA GLY D 146 -0.39 -12.01 -79.23
C GLY D 146 0.06 -13.16 -80.10
N ARG D 147 -0.18 -14.40 -79.66
CA ARG D 147 0.20 -15.59 -80.40
C ARG D 147 -0.93 -16.62 -80.31
N THR D 148 -1.21 -17.29 -81.43
CA THR D 148 -2.32 -18.22 -81.48
C THR D 148 -1.97 -19.55 -80.83
N THR D 149 -0.71 -19.96 -80.91
CA THR D 149 -0.26 -21.27 -80.46
C THR D 149 0.60 -21.12 -79.22
N GLY D 150 0.43 -22.05 -78.28
CA GLY D 150 1.25 -22.05 -77.08
C GLY D 150 0.59 -22.85 -75.97
N ILE D 151 1.35 -23.06 -74.92
CA ILE D 151 0.88 -23.69 -73.69
C ILE D 151 1.07 -22.69 -72.55
N VAL D 152 0.02 -22.50 -71.76
CA VAL D 152 -0.07 -21.40 -70.81
C VAL D 152 0.13 -21.95 -69.40
N LEU D 153 0.73 -21.18 -68.50
CA LEU D 153 0.86 -21.64 -67.12
C LEU D 153 0.44 -20.51 -66.21
N ASP D 154 -0.81 -20.54 -65.74
CA ASP D 154 -1.32 -19.46 -64.90
C ASP D 154 -0.66 -19.27 -63.53
N SER D 155 -0.51 -20.35 -62.78
CA SER D 155 0.14 -20.30 -61.47
C SER D 155 -0.44 -19.26 -60.49
N GLY D 156 -1.76 -19.03 -60.54
CA GLY D 156 -2.41 -18.10 -59.65
C GLY D 156 -2.33 -18.56 -58.20
N ASP D 157 -2.80 -17.70 -57.30
CA ASP D 157 -2.67 -17.99 -55.88
C ASP D 157 -3.49 -19.22 -55.47
N GLY D 158 -4.46 -19.61 -56.31
CA GLY D 158 -5.30 -20.76 -55.98
C GLY D 158 -4.88 -22.03 -56.70
N VAL D 159 -4.62 -21.94 -58.01
CA VAL D 159 -4.52 -23.14 -58.85
C VAL D 159 -3.62 -22.85 -60.04
N THR D 160 -3.08 -23.92 -60.64
CA THR D 160 -2.33 -23.86 -61.90
C THR D 160 -2.93 -24.91 -62.82
N HIS D 161 -3.02 -24.59 -64.12
CA HIS D 161 -3.66 -25.51 -65.06
C HIS D 161 -2.83 -26.18 -66.17
N ASN D 162 -1.91 -25.47 -66.81
CA ASN D 162 -1.11 -26.08 -67.88
C ASN D 162 -1.99 -26.61 -69.02
N VAL D 163 -2.65 -25.70 -69.74
CA VAL D 163 -3.51 -26.09 -70.86
C VAL D 163 -2.78 -25.79 -72.18
N PRO D 164 -2.75 -26.73 -73.17
CA PRO D 164 -2.15 -26.38 -74.47
C PRO D 164 -3.17 -25.88 -75.48
N ILE D 165 -2.73 -25.05 -76.42
CA ILE D 165 -3.57 -24.52 -77.49
C ILE D 165 -2.77 -24.59 -78.79
N TYR D 166 -3.45 -24.86 -79.90
CA TYR D 166 -2.81 -25.05 -81.20
C TYR D 166 -3.62 -24.29 -82.26
N GLU D 167 -3.14 -23.12 -82.64
CA GLU D 167 -3.84 -22.29 -83.57
C GLU D 167 -5.22 -21.89 -83.01
N GLY D 168 -5.34 -21.69 -81.70
CA GLY D 168 -6.60 -21.28 -81.13
C GLY D 168 -7.54 -22.41 -80.75
N TYR D 169 -7.19 -23.65 -81.04
CA TYR D 169 -8.00 -24.80 -80.69
C TYR D 169 -7.58 -25.32 -79.32
N ALA D 170 -8.46 -25.18 -78.33
CA ALA D 170 -8.21 -25.70 -77.00
C ALA D 170 -8.50 -27.19 -76.98
N LEU D 171 -7.68 -27.94 -76.27
CA LEU D 171 -7.89 -29.35 -76.18
C LEU D 171 -8.28 -29.68 -74.76
N PRO D 172 -9.52 -30.07 -74.56
CA PRO D 172 -9.94 -30.47 -73.19
C PRO D 172 -9.32 -31.78 -72.72
N HIS D 173 -8.86 -32.62 -73.63
CA HIS D 173 -8.26 -33.89 -73.21
C HIS D 173 -6.88 -33.67 -72.60
N ALA D 174 -6.18 -32.63 -73.04
CA ALA D 174 -4.82 -32.36 -72.56
C ALA D 174 -4.79 -31.44 -71.35
N ILE D 175 -5.92 -30.83 -70.98
CA ILE D 175 -5.92 -29.85 -69.90
C ILE D 175 -5.67 -30.55 -68.58
N MET D 176 -5.05 -29.81 -67.66
CA MET D 176 -4.67 -30.30 -66.35
C MET D 176 -4.97 -29.28 -65.26
N ARG D 177 -5.08 -29.75 -64.03
CA ARG D 177 -5.34 -28.87 -62.91
C ARG D 177 -4.58 -29.40 -61.70
N LEU D 178 -3.89 -28.51 -61.02
CA LEU D 178 -3.14 -28.85 -59.82
C LEU D 178 -3.36 -27.75 -58.78
N ASP D 179 -3.86 -28.15 -57.61
CA ASP D 179 -4.24 -27.19 -56.57
C ASP D 179 -3.05 -26.52 -55.90
N LEU D 180 -1.83 -27.00 -56.14
CA LEU D 180 -0.65 -26.37 -55.54
C LEU D 180 -0.52 -24.94 -56.05
N ALA D 181 -0.29 -24.00 -55.12
CA ALA D 181 -0.32 -22.59 -55.45
C ALA D 181 0.37 -21.80 -54.35
N GLY D 182 0.19 -20.48 -54.37
CA GLY D 182 0.92 -19.61 -53.47
C GLY D 182 0.54 -19.78 -52.02
N ARG D 183 -0.75 -20.04 -51.74
CA ARG D 183 -1.17 -20.24 -50.36
C ARG D 183 -0.50 -21.47 -49.76
N ASP D 184 -0.26 -22.49 -50.58
CA ASP D 184 0.51 -23.64 -50.12
C ASP D 184 1.97 -23.27 -49.91
N LEU D 185 2.50 -22.37 -50.74
CA LEU D 185 3.85 -21.87 -50.52
C LEU D 185 3.92 -21.06 -49.22
N THR D 186 2.92 -20.20 -49.00
CA THR D 186 2.89 -19.42 -47.78
C THR D 186 2.70 -20.32 -46.56
N ASP D 187 1.73 -21.24 -46.62
CA ASP D 187 1.51 -22.16 -45.51
C ASP D 187 2.74 -23.03 -45.26
N TYR D 188 3.44 -23.42 -46.33
CA TYR D 188 4.69 -24.16 -46.16
C TYR D 188 5.81 -23.24 -45.68
N LEU D 189 5.83 -22.00 -46.15
CA LEU D 189 6.82 -21.05 -45.67
C LEU D 189 6.63 -20.74 -44.20
N MET D 190 5.37 -20.66 -43.77
CA MET D 190 5.07 -20.49 -42.34
C MET D 190 5.57 -21.69 -41.53
N LYS D 191 5.66 -22.86 -42.17
CA LYS D 191 6.06 -24.08 -41.46
C LYS D 191 7.58 -24.13 -41.27
N ILE D 192 8.33 -23.93 -42.35
CA ILE D 192 9.78 -24.13 -42.29
C ILE D 192 10.46 -23.05 -41.45
N LEU D 193 9.85 -21.87 -41.34
CA LEU D 193 10.43 -20.82 -40.50
C LEU D 193 10.42 -21.21 -39.03
N THR D 194 9.60 -22.17 -38.68
CA THR D 194 9.55 -22.64 -37.31
C THR D 194 10.95 -23.16 -37.03
N GLU D 195 11.61 -23.69 -38.05
CA GLU D 195 12.95 -24.23 -37.92
C GLU D 195 13.94 -23.15 -37.48
N ARG D 196 13.79 -21.95 -38.02
CA ARG D 196 14.69 -20.85 -37.69
C ARG D 196 14.29 -20.12 -36.42
N GLY D 197 13.19 -20.54 -35.81
CA GLY D 197 12.72 -19.92 -34.59
C GLY D 197 11.72 -18.78 -34.75
N TYR D 198 11.27 -18.52 -35.97
CA TYR D 198 10.29 -17.47 -36.20
C TYR D 198 8.93 -18.12 -36.26
N SER D 199 7.93 -17.57 -35.57
CA SER D 199 6.62 -18.19 -35.57
C SER D 199 5.52 -17.27 -36.09
N PHE D 200 4.87 -17.69 -37.16
CA PHE D 200 3.75 -16.93 -37.73
C PHE D 200 2.57 -17.88 -37.80
N VAL D 201 1.60 -17.70 -36.91
CA VAL D 201 0.54 -18.67 -36.67
C VAL D 201 -0.85 -18.02 -36.68
N THR D 202 -1.01 -16.89 -37.36
CA THR D 202 -2.31 -16.22 -37.46
C THR D 202 -2.52 -15.70 -38.87
N THR D 203 -3.77 -15.31 -39.14
CA THR D 203 -4.16 -14.77 -40.45
C THR D 203 -3.43 -13.48 -40.75
N ALA D 204 -3.32 -12.59 -39.76
CA ALA D 204 -2.58 -11.36 -39.95
C ALA D 204 -1.10 -11.63 -40.13
N GLU D 205 -0.56 -12.58 -39.36
CA GLU D 205 0.85 -12.95 -39.48
C GLU D 205 1.12 -13.65 -40.80
N ARG D 206 0.09 -14.24 -41.41
CA ARG D 206 0.25 -14.88 -42.71
C ARG D 206 0.63 -13.87 -43.78
N GLU D 207 0.07 -12.67 -43.71
CA GLU D 207 0.27 -11.68 -44.77
C GLU D 207 1.71 -11.19 -44.81
N ILE D 208 2.37 -11.11 -43.65
CA ILE D 208 3.78 -10.74 -43.63
C ILE D 208 4.61 -11.84 -44.27
N VAL D 209 4.28 -13.10 -43.99
CA VAL D 209 5.00 -14.21 -44.59
C VAL D 209 4.78 -14.22 -46.10
N ARG D 210 3.58 -13.85 -46.54
CA ARG D 210 3.33 -13.67 -47.97
C ARG D 210 4.17 -12.53 -48.52
N ASP D 211 4.28 -11.43 -47.78
CA ASP D 211 5.09 -10.30 -48.22
C ASP D 211 6.56 -10.69 -48.30
N ILE D 212 7.02 -11.53 -47.36
CA ILE D 212 8.39 -12.05 -47.42
C ILE D 212 8.58 -12.88 -48.68
N LYS D 213 7.55 -13.63 -49.07
CA LYS D 213 7.67 -14.54 -50.21
C LYS D 213 7.85 -13.76 -51.51
N GLU D 214 7.28 -12.56 -51.61
CA GLU D 214 7.26 -11.86 -52.88
C GLU D 214 8.64 -11.32 -53.26
N LYS D 215 9.27 -10.56 -52.37
CA LYS D 215 10.43 -9.75 -52.74
C LYS D 215 11.77 -10.39 -52.43
N LEU D 216 11.79 -11.60 -51.85
CA LEU D 216 13.00 -12.14 -51.23
C LEU D 216 13.33 -13.57 -51.67
N CYS D 217 12.36 -14.30 -52.24
CA CYS D 217 12.55 -15.71 -52.56
C CYS D 217 12.95 -15.87 -54.02
N TYR D 218 13.72 -16.92 -54.31
CA TYR D 218 14.15 -17.26 -55.67
C TYR D 218 14.04 -18.76 -55.87
N VAL D 219 14.18 -19.19 -57.13
CA VAL D 219 13.74 -20.53 -57.51
C VAL D 219 14.84 -21.56 -57.33
N ALA D 220 16.10 -21.11 -57.20
CA ALA D 220 17.22 -22.02 -56.97
C ALA D 220 17.40 -23.00 -58.12
N LEU D 221 17.90 -22.50 -59.26
CA LEU D 221 18.16 -23.29 -60.47
C LEU D 221 18.69 -24.69 -60.16
N ASP D 222 19.66 -24.80 -59.25
CA ASP D 222 20.18 -26.09 -58.80
C ASP D 222 19.91 -26.22 -57.31
N PHE D 223 18.92 -27.03 -56.96
CA PHE D 223 18.51 -27.15 -55.56
C PHE D 223 19.58 -27.81 -54.72
N GLU D 224 19.99 -29.02 -55.11
CA GLU D 224 20.94 -29.79 -54.30
C GLU D 224 22.28 -29.06 -54.18
N ASN D 225 22.70 -28.37 -55.23
CA ASN D 225 23.96 -27.64 -55.18
C ASN D 225 23.83 -26.39 -54.30
N GLU D 226 22.65 -25.76 -54.31
CA GLU D 226 22.49 -24.51 -53.58
C GLU D 226 22.30 -24.75 -52.09
N MET D 227 21.66 -25.88 -51.74
CA MET D 227 21.51 -26.22 -50.32
C MET D 227 22.87 -26.41 -49.65
N ALA D 228 23.77 -27.15 -50.30
CA ALA D 228 25.12 -27.28 -49.78
C ALA D 228 25.84 -25.93 -49.77
N THR D 229 25.49 -25.06 -50.72
CA THR D 229 26.09 -23.73 -50.75
C THR D 229 25.56 -22.86 -49.61
N ALA D 230 24.29 -23.04 -49.26
CA ALA D 230 23.70 -22.23 -48.19
C ALA D 230 24.35 -22.50 -46.85
N ALA D 231 24.62 -23.78 -46.55
CA ALA D 231 25.25 -24.12 -45.28
C ALA D 231 26.70 -23.63 -45.24
N SER D 232 27.40 -23.69 -46.36
CA SER D 232 28.80 -23.30 -46.40
C SER D 232 28.95 -21.79 -46.41
N SER D 233 28.15 -21.10 -47.23
CA SER D 233 28.24 -19.65 -47.41
C SER D 233 26.98 -18.98 -46.88
N SER D 234 27.17 -17.88 -46.15
CA SER D 234 26.08 -17.08 -45.62
C SER D 234 25.73 -15.88 -46.50
N SER D 235 26.20 -15.88 -47.74
CA SER D 235 25.93 -14.75 -48.63
C SER D 235 24.45 -14.66 -48.98
N LEU D 236 23.77 -15.81 -49.08
CA LEU D 236 22.37 -15.81 -49.47
C LEU D 236 21.47 -15.27 -48.36
N GLU D 237 21.95 -15.28 -47.11
CA GLU D 237 21.15 -14.80 -46.00
C GLU D 237 20.87 -13.32 -46.13
N LYS D 238 19.59 -12.97 -46.08
CA LYS D 238 19.14 -11.58 -46.09
C LYS D 238 18.09 -11.40 -45.00
N SER D 239 17.80 -10.13 -44.70
CA SER D 239 16.89 -9.76 -43.61
C SER D 239 15.69 -9.02 -44.17
N TYR D 240 14.58 -9.09 -43.43
CA TYR D 240 13.35 -8.39 -43.76
C TYR D 240 12.81 -7.73 -42.49
N GLU D 241 12.36 -6.48 -42.62
CA GLU D 241 11.88 -5.71 -41.48
C GLU D 241 10.37 -5.86 -41.37
N LEU D 242 9.93 -6.89 -40.66
CA LEU D 242 8.53 -7.01 -40.29
C LEU D 242 8.20 -5.92 -39.29
N PRO D 243 6.92 -5.59 -39.17
CA PRO D 243 6.45 -4.57 -38.24
C PRO D 243 6.67 -5.05 -36.82
N ASP D 244 6.84 -4.14 -35.89
CA ASP D 244 7.12 -4.53 -34.51
C ASP D 244 8.63 -4.74 -34.38
N GLY D 245 9.38 -4.21 -35.34
CA GLY D 245 10.82 -4.36 -35.35
C GLY D 245 11.09 -5.84 -35.47
N GLN D 246 11.87 -6.41 -34.58
CA GLN D 246 12.14 -7.84 -34.66
C GLN D 246 12.70 -8.29 -35.99
N VAL D 247 13.75 -7.63 -36.47
CA VAL D 247 14.34 -8.05 -37.74
C VAL D 247 14.56 -9.56 -37.73
N ILE D 248 14.51 -10.14 -38.93
CA ILE D 248 14.66 -11.57 -39.13
C ILE D 248 15.66 -11.84 -40.25
N THR D 249 16.08 -13.10 -40.35
CA THR D 249 17.06 -13.50 -41.35
C THR D 249 16.79 -14.93 -41.77
N ILE D 250 16.53 -15.13 -43.07
CA ILE D 250 16.24 -16.44 -43.64
C ILE D 250 17.39 -16.83 -44.56
N GLY D 251 17.77 -18.10 -44.52
CA GLY D 251 18.84 -18.63 -45.33
C GLY D 251 18.33 -19.60 -46.37
N ASN D 252 18.47 -20.90 -46.10
CA ASN D 252 17.96 -21.91 -47.02
C ASN D 252 16.44 -21.89 -47.12
N GLU D 253 15.74 -21.30 -46.15
CA GLU D 253 14.30 -21.08 -46.27
C GLU D 253 13.97 -20.07 -47.36
N ARG D 254 14.94 -19.26 -47.78
CA ARG D 254 14.70 -18.25 -48.81
C ARG D 254 14.24 -18.90 -50.11
N PHE D 255 14.77 -20.09 -50.41
CA PHE D 255 14.44 -20.81 -51.64
C PHE D 255 13.93 -22.22 -51.41
N ARG D 256 13.55 -22.57 -50.17
CA ARG D 256 13.04 -23.92 -49.94
C ARG D 256 11.60 -24.05 -50.43
N CYS D 257 10.76 -23.04 -50.19
CA CYS D 257 9.35 -23.18 -50.51
C CYS D 257 9.06 -23.17 -52.02
N PRO D 258 9.71 -22.35 -52.87
CA PRO D 258 9.33 -22.37 -54.29
C PRO D 258 9.68 -23.68 -54.97
N GLU D 259 10.60 -24.46 -54.40
CA GLU D 259 10.90 -25.81 -54.86
C GLU D 259 9.72 -26.75 -54.71
N THR D 260 8.71 -26.39 -53.90
CA THR D 260 7.52 -27.22 -53.74
C THR D 260 6.81 -27.43 -55.08
N LEU D 261 6.93 -26.45 -55.98
CA LEU D 261 6.38 -26.61 -57.32
C LEU D 261 6.98 -27.81 -58.04
N PHE D 262 8.30 -27.81 -58.22
CA PHE D 262 8.94 -28.82 -59.04
C PHE D 262 8.90 -30.19 -58.36
N GLN D 263 8.90 -30.21 -57.02
CA GLN D 263 8.68 -31.44 -56.26
C GLN D 263 7.74 -31.11 -55.10
N PRO D 264 6.46 -31.48 -55.16
CA PRO D 264 5.58 -31.29 -54.00
C PRO D 264 5.71 -32.34 -52.90
N SER D 265 6.78 -33.14 -52.89
CA SER D 265 6.96 -34.13 -51.84
C SER D 265 7.11 -33.48 -50.47
N PHE D 266 7.58 -32.23 -50.44
CA PHE D 266 7.72 -31.54 -49.16
C PHE D 266 6.37 -31.34 -48.49
N ILE D 267 5.40 -30.75 -49.21
CA ILE D 267 4.07 -30.52 -48.66
C ILE D 267 3.23 -31.80 -48.64
N GLY D 268 3.63 -32.84 -49.38
CA GLY D 268 2.99 -34.13 -49.31
C GLY D 268 1.95 -34.40 -50.39
N MET D 269 1.76 -33.49 -51.34
CA MET D 269 0.80 -33.74 -52.41
C MET D 269 1.33 -34.80 -53.37
N GLU D 270 0.48 -35.76 -53.70
CA GLU D 270 0.82 -36.82 -54.64
C GLU D 270 0.65 -36.29 -56.07
N SER D 271 1.60 -35.44 -56.47
CA SER D 271 1.60 -34.81 -57.78
C SER D 271 2.97 -34.99 -58.43
N ALA D 272 2.96 -34.96 -59.77
CA ALA D 272 4.20 -35.18 -60.52
C ALA D 272 5.12 -33.98 -60.42
N GLY D 273 4.56 -32.78 -60.38
CA GLY D 273 5.32 -31.54 -60.38
C GLY D 273 4.95 -30.65 -61.54
N ILE D 274 5.31 -29.37 -61.39
CA ILE D 274 4.96 -28.38 -62.40
C ILE D 274 5.71 -28.66 -63.70
N HIS D 275 6.98 -29.08 -63.60
CA HIS D 275 7.76 -29.34 -64.80
C HIS D 275 7.23 -30.54 -65.56
N GLU D 276 6.69 -31.53 -64.83
CA GLU D 276 6.30 -32.78 -65.47
C GLU D 276 4.86 -32.74 -65.95
N THR D 277 4.03 -31.89 -65.35
CA THR D 277 2.66 -31.72 -65.84
C THR D 277 2.66 -31.05 -67.21
N THR D 278 3.51 -30.02 -67.38
CA THR D 278 3.69 -29.44 -68.71
C THR D 278 4.26 -30.48 -69.68
N TYR D 279 5.12 -31.37 -69.18
CA TYR D 279 5.61 -32.47 -69.99
C TYR D 279 4.51 -33.48 -70.26
N ASN D 280 3.64 -33.73 -69.28
CA ASN D 280 2.54 -34.67 -69.47
C ASN D 280 1.49 -34.09 -70.40
N SER D 281 1.12 -32.83 -70.20
CA SER D 281 0.06 -32.22 -70.99
C SER D 281 0.44 -32.16 -72.47
N ILE D 282 1.71 -31.87 -72.77
CA ILE D 282 2.15 -31.80 -74.15
C ILE D 282 2.14 -33.18 -74.79
N MET D 283 2.51 -34.21 -74.03
CA MET D 283 2.51 -35.56 -74.58
C MET D 283 1.10 -36.07 -74.84
N LYS D 284 0.11 -35.56 -74.11
CA LYS D 284 -1.28 -35.92 -74.39
C LYS D 284 -1.73 -35.43 -75.76
N CYS D 285 -1.08 -34.40 -76.30
CA CYS D 285 -1.46 -33.84 -77.59
C CYS D 285 -0.92 -34.71 -78.72
N ASP D 286 -1.33 -34.38 -79.94
CA ASP D 286 -0.83 -35.07 -81.12
C ASP D 286 0.66 -34.83 -81.28
N ILE D 287 1.31 -35.69 -82.05
CA ILE D 287 2.74 -35.61 -82.25
C ILE D 287 3.19 -34.33 -82.96
N ASP D 288 2.42 -33.89 -83.95
CA ASP D 288 2.80 -32.70 -84.71
C ASP D 288 2.69 -31.43 -83.86
N ILE D 289 1.86 -31.46 -82.82
CA ILE D 289 1.63 -30.26 -82.03
C ILE D 289 2.77 -30.01 -81.06
N ARG D 290 3.47 -31.05 -80.65
CA ARG D 290 4.49 -30.91 -79.63
C ARG D 290 5.63 -29.95 -79.98
N LYS D 291 5.93 -29.80 -81.26
CA LYS D 291 7.05 -28.93 -81.64
C LYS D 291 6.75 -27.48 -81.30
N ASP D 292 5.55 -27.01 -81.64
CA ASP D 292 5.23 -25.60 -81.43
C ASP D 292 5.05 -25.28 -79.95
N LEU D 293 4.53 -26.22 -79.17
CA LEU D 293 4.31 -25.96 -77.76
C LEU D 293 5.63 -25.81 -77.01
N TYR D 294 6.62 -26.63 -77.35
CA TYR D 294 7.96 -26.45 -76.79
C TYR D 294 8.53 -25.09 -77.17
N ALA D 295 8.32 -24.67 -78.42
CA ALA D 295 8.84 -23.38 -78.85
C ALA D 295 8.08 -22.23 -78.22
N ASN D 296 6.80 -22.44 -77.91
CA ASN D 296 5.92 -21.41 -77.34
C ASN D 296 5.36 -21.94 -76.01
N ASN D 297 6.11 -21.71 -74.93
CA ASN D 297 5.70 -22.07 -73.58
C ASN D 297 5.48 -20.77 -72.81
N VAL D 298 4.24 -20.30 -72.80
CA VAL D 298 3.93 -19.02 -72.17
C VAL D 298 3.92 -19.18 -70.66
N MET D 299 4.51 -18.19 -69.99
CA MET D 299 4.54 -18.11 -68.53
C MET D 299 3.80 -16.85 -68.11
N SER D 300 2.78 -17.01 -67.28
CA SER D 300 1.87 -15.92 -66.93
C SER D 300 1.49 -15.99 -65.47
N GLY D 301 0.66 -15.05 -65.06
CA GLY D 301 0.06 -15.05 -63.74
C GLY D 301 1.08 -14.91 -62.61
N GLY D 302 0.54 -14.81 -61.40
CA GLY D 302 1.38 -14.75 -60.22
C GLY D 302 2.13 -16.05 -59.99
N THR D 303 3.03 -16.02 -59.03
CA THR D 303 3.90 -17.13 -58.60
C THR D 303 5.02 -17.38 -59.60
N THR D 304 5.05 -16.69 -60.75
CA THR D 304 6.07 -16.88 -61.77
C THR D 304 7.13 -15.77 -61.72
N MET D 305 7.15 -14.97 -60.66
CA MET D 305 8.08 -13.87 -60.52
C MET D 305 9.39 -14.25 -59.82
N TYR D 306 9.54 -15.51 -59.41
CA TYR D 306 10.79 -15.94 -58.81
C TYR D 306 11.91 -15.82 -59.85
N PRO D 307 12.99 -15.07 -59.57
CA PRO D 307 14.03 -14.90 -60.61
C PRO D 307 14.65 -16.21 -61.03
N GLY D 308 14.71 -16.42 -62.34
CA GLY D 308 15.30 -17.61 -62.92
C GLY D 308 14.35 -18.76 -63.13
N ILE D 309 13.05 -18.57 -62.88
CA ILE D 309 12.09 -19.67 -63.04
C ILE D 309 12.03 -20.12 -64.48
N ALA D 310 12.23 -19.18 -65.42
CA ALA D 310 12.33 -19.56 -66.83
C ALA D 310 13.57 -20.39 -67.08
N ASP D 311 14.66 -20.11 -66.35
CA ASP D 311 15.88 -20.90 -66.51
C ASP D 311 15.72 -22.29 -65.90
N ARG D 312 15.11 -22.38 -64.72
CA ARG D 312 14.86 -23.67 -64.11
C ARG D 312 13.92 -24.51 -64.96
N MET D 313 12.86 -23.89 -65.47
CA MET D 313 11.87 -24.64 -66.24
C MET D 313 12.43 -25.04 -67.61
N GLN D 314 13.22 -24.16 -68.21
CA GLN D 314 13.88 -24.51 -69.47
C GLN D 314 14.92 -25.61 -69.26
N LYS D 315 15.68 -25.52 -68.17
CA LYS D 315 16.68 -26.55 -67.88
C LYS D 315 16.00 -27.89 -67.58
N GLU D 316 14.83 -27.85 -66.95
CA GLU D 316 14.19 -29.06 -66.47
C GLU D 316 13.45 -29.78 -67.60
N ILE D 317 12.66 -29.05 -68.38
CA ILE D 317 11.93 -29.67 -69.49
C ILE D 317 12.91 -30.18 -70.53
N THR D 318 14.06 -29.51 -70.68
CA THR D 318 15.04 -29.93 -71.67
C THR D 318 15.58 -31.32 -71.35
N ALA D 319 15.71 -31.64 -70.07
CA ALA D 319 16.17 -32.98 -69.68
C ALA D 319 15.12 -34.03 -70.04
N LEU D 320 13.85 -33.74 -69.77
CA LEU D 320 12.79 -34.69 -70.08
C LEU D 320 12.50 -34.72 -71.58
N ALA D 321 12.51 -33.56 -72.22
CA ALA D 321 12.16 -33.50 -73.63
C ALA D 321 13.29 -34.07 -74.48
N PRO D 322 12.99 -34.53 -75.70
CA PRO D 322 14.06 -35.08 -76.55
C PRO D 322 14.89 -33.97 -77.18
N SER D 323 16.08 -34.36 -77.66
CA SER D 323 16.94 -33.43 -78.35
C SER D 323 16.30 -32.98 -79.66
N THR D 324 16.88 -31.94 -80.26
CA THR D 324 16.49 -31.31 -81.53
C THR D 324 15.25 -30.42 -81.36
N MET D 325 14.62 -30.41 -80.18
CA MET D 325 13.43 -29.60 -79.93
C MET D 325 13.86 -28.33 -79.22
N LYS D 326 13.69 -27.19 -79.89
CA LYS D 326 14.05 -25.92 -79.30
C LYS D 326 12.99 -25.50 -78.29
N ILE D 327 13.42 -25.24 -77.06
CA ILE D 327 12.54 -24.87 -75.96
C ILE D 327 12.77 -23.40 -75.65
N LYS D 328 11.73 -22.58 -75.83
CA LYS D 328 11.77 -21.16 -75.52
C LYS D 328 10.57 -20.83 -74.64
N ILE D 329 10.83 -20.45 -73.40
CA ILE D 329 9.79 -20.17 -72.42
C ILE D 329 9.61 -18.65 -72.36
N ILE D 330 8.40 -18.20 -72.64
CA ILE D 330 8.09 -16.78 -72.74
C ILE D 330 7.59 -16.29 -71.40
N ALA D 331 8.45 -15.57 -70.68
CA ALA D 331 8.15 -15.01 -69.36
C ALA D 331 8.27 -13.49 -69.46
N PRO D 332 7.26 -12.80 -70.00
CA PRO D 332 7.38 -11.36 -70.20
C PRO D 332 7.37 -10.63 -68.87
N PRO D 333 7.90 -9.40 -68.80
CA PRO D 333 7.79 -8.64 -67.54
C PRO D 333 6.36 -8.30 -67.17
N GLU D 334 5.46 -8.17 -68.14
CA GLU D 334 4.09 -7.76 -67.86
C GLU D 334 3.21 -8.86 -67.28
N ARG D 335 3.76 -10.05 -67.00
CA ARG D 335 2.97 -11.07 -66.35
C ARG D 335 2.64 -10.63 -64.93
N LYS D 336 1.75 -11.40 -64.29
CA LYS D 336 0.95 -11.04 -63.10
C LYS D 336 -0.24 -10.17 -63.50
N TYR D 337 -0.35 -9.79 -64.78
CA TYR D 337 -1.50 -9.08 -65.31
C TYR D 337 -1.94 -9.60 -66.68
N SER D 338 -1.20 -10.56 -67.26
CA SER D 338 -1.43 -10.95 -68.66
C SER D 338 -2.83 -11.50 -68.85
N VAL D 339 -3.38 -12.14 -67.81
CA VAL D 339 -4.77 -12.57 -67.87
C VAL D 339 -5.70 -11.36 -67.98
N TRP D 340 -5.31 -10.23 -67.39
CA TRP D 340 -6.15 -9.05 -67.45
C TRP D 340 -6.06 -8.37 -68.82
N ILE D 341 -4.84 -8.22 -69.35
CA ILE D 341 -4.67 -7.57 -70.65
C ILE D 341 -5.39 -8.36 -71.73
N GLY D 342 -5.46 -9.69 -71.58
CA GLY D 342 -6.29 -10.48 -72.47
C GLY D 342 -7.75 -10.11 -72.36
N GLY D 343 -8.19 -9.73 -71.17
CA GLY D 343 -9.57 -9.30 -70.99
C GLY D 343 -9.85 -7.96 -71.64
N SER D 344 -8.90 -7.03 -71.51
CA SER D 344 -9.03 -5.75 -72.20
C SER D 344 -9.02 -5.95 -73.72
N ILE D 345 -8.23 -6.90 -74.20
CA ILE D 345 -8.19 -7.20 -75.63
C ILE D 345 -9.45 -7.96 -76.04
N LEU D 346 -9.80 -9.00 -75.28
CA LEU D 346 -10.94 -9.85 -75.64
C LEU D 346 -12.24 -9.05 -75.69
N ALA D 347 -12.39 -8.09 -74.78
CA ALA D 347 -13.57 -7.23 -74.81
C ALA D 347 -13.52 -6.23 -75.95
N SER D 348 -12.32 -5.93 -76.47
CA SER D 348 -12.17 -4.91 -77.50
C SER D 348 -12.58 -5.43 -78.87
N LEU D 349 -12.57 -6.74 -79.07
CA LEU D 349 -12.95 -7.31 -80.36
C LEU D 349 -14.39 -6.97 -80.70
N SER D 350 -14.62 -6.56 -81.95
CA SER D 350 -15.97 -6.31 -82.43
C SER D 350 -16.74 -7.62 -82.62
N THR D 351 -16.03 -8.68 -82.95
CA THR D 351 -16.64 -9.98 -83.10
C THR D 351 -17.18 -10.42 -81.75
N PHE D 352 -16.46 -10.07 -80.68
CA PHE D 352 -16.80 -10.51 -79.34
C PHE D 352 -18.14 -9.95 -78.87
N GLN D 353 -18.67 -8.91 -79.53
CA GLN D 353 -19.92 -8.31 -79.11
C GLN D 353 -21.08 -9.29 -79.20
N GLN D 354 -20.97 -10.31 -80.05
CA GLN D 354 -22.05 -11.30 -80.18
C GLN D 354 -22.04 -12.29 -79.01
N MET D 355 -20.88 -12.49 -78.39
CA MET D 355 -20.71 -13.57 -77.42
C MET D 355 -21.14 -13.19 -76.00
N TRP D 356 -21.64 -11.98 -75.78
CA TRP D 356 -22.08 -11.61 -74.44
C TRP D 356 -23.31 -12.40 -74.03
N ILE D 357 -23.52 -12.50 -72.72
CA ILE D 357 -24.71 -13.12 -72.14
C ILE D 357 -25.60 -11.99 -71.65
N THR D 358 -26.60 -11.64 -72.45
CA THR D 358 -27.44 -10.49 -72.15
C THR D 358 -28.48 -10.82 -71.08
N LYS D 359 -29.08 -9.76 -70.53
CA LYS D 359 -30.10 -9.92 -69.50
C LYS D 359 -31.32 -10.64 -70.05
N GLN D 360 -31.73 -10.31 -71.27
CA GLN D 360 -32.97 -10.88 -71.81
C GLN D 360 -32.83 -12.37 -72.03
N GLU D 361 -31.63 -12.85 -72.34
CA GLU D 361 -31.43 -14.28 -72.58
C GLU D 361 -31.37 -15.06 -71.27
N TYR D 362 -30.96 -14.40 -70.18
CA TYR D 362 -30.89 -15.07 -68.89
C TYR D 362 -32.28 -15.48 -68.41
N ASP D 363 -33.24 -14.55 -68.46
CA ASP D 363 -34.59 -14.85 -67.99
C ASP D 363 -35.24 -15.94 -68.82
N GLU D 364 -34.86 -16.06 -70.10
CA GLU D 364 -35.46 -17.06 -70.96
C GLU D 364 -34.92 -18.46 -70.65
N ALA D 365 -33.59 -18.58 -70.54
CA ALA D 365 -32.93 -19.87 -70.39
C ALA D 365 -32.49 -20.18 -68.96
N GLY D 366 -32.40 -19.16 -68.10
CA GLY D 366 -31.96 -19.38 -66.74
C GLY D 366 -30.46 -19.36 -66.62
N PRO D 367 -29.93 -19.72 -65.45
CA PRO D 367 -28.48 -19.70 -65.23
C PRO D 367 -27.70 -20.82 -65.90
N SER D 368 -28.38 -21.77 -66.54
CA SER D 368 -27.70 -22.83 -67.29
C SER D 368 -27.27 -22.39 -68.69
N ILE D 369 -27.47 -21.13 -69.04
CA ILE D 369 -27.07 -20.62 -70.35
C ILE D 369 -25.56 -20.51 -70.48
N VAL D 370 -24.83 -20.53 -69.36
CA VAL D 370 -23.39 -20.29 -69.39
C VAL D 370 -22.67 -21.39 -70.17
N HIS D 371 -23.05 -22.65 -69.92
CA HIS D 371 -22.25 -23.77 -70.40
C HIS D 371 -22.23 -23.88 -71.91
N ARG D 372 -23.38 -23.60 -72.56
CA ARG D 372 -23.44 -23.79 -74.01
C ARG D 372 -22.74 -22.65 -74.74
N LYS D 373 -22.82 -21.43 -74.21
CA LYS D 373 -22.23 -20.27 -74.88
C LYS D 373 -20.76 -20.10 -74.50
N CYS D 374 -20.46 -20.12 -73.20
CA CYS D 374 -19.09 -19.86 -72.75
C CYS D 374 -18.11 -20.90 -73.27
N PRO E 57 18.29 -17.34 39.47
CA PRO E 57 18.05 -18.33 38.41
C PRO E 57 19.31 -18.61 37.62
N ALA E 58 19.24 -19.68 36.81
CA ALA E 58 20.38 -20.05 35.97
C ALA E 58 20.65 -19.04 34.87
N THR E 59 19.66 -18.21 34.51
CA THR E 59 19.85 -17.27 33.41
C THR E 59 20.89 -16.22 33.76
N GLU E 60 20.93 -15.77 35.03
CA GLU E 60 21.94 -14.83 35.51
C GLU E 60 22.56 -15.36 36.81
N LYS E 61 23.57 -16.22 36.65
CA LYS E 61 24.37 -16.63 37.80
C LYS E 61 25.39 -15.56 38.15
N ASP E 62 25.88 -14.82 37.15
CA ASP E 62 26.94 -13.85 37.37
C ASP E 62 26.43 -12.59 38.05
N LEU E 63 25.23 -12.14 37.66
CA LEU E 63 24.81 -10.78 38.01
C LEU E 63 24.45 -10.65 39.48
N ALA E 64 24.11 -11.75 40.15
CA ALA E 64 23.70 -11.65 41.55
C ALA E 64 24.83 -11.11 42.43
N GLU E 65 25.88 -11.92 42.64
CA GLU E 65 27.09 -11.50 43.34
C GLU E 65 28.07 -12.67 43.35
N ASP E 66 29.34 -12.41 43.61
CA ASP E 66 30.35 -13.43 43.89
C ASP E 66 30.55 -14.40 42.73
N ALA E 67 30.53 -13.91 41.50
CA ALA E 67 30.82 -14.78 40.37
C ALA E 67 32.29 -15.20 40.43
N PRO E 68 32.68 -16.27 39.71
CA PRO E 68 34.10 -16.63 39.67
C PRO E 68 34.97 -15.54 39.07
N TRP E 69 34.55 -14.94 37.96
CA TRP E 69 35.37 -13.91 37.32
C TRP E 69 35.51 -12.69 38.21
N LYS E 70 34.48 -12.38 39.00
CA LYS E 70 34.59 -11.27 39.95
C LYS E 70 35.66 -11.55 41.00
N LYS E 71 35.71 -12.79 41.50
CA LYS E 71 36.71 -13.14 42.49
C LYS E 71 38.09 -13.32 41.85
N ILE E 72 38.13 -13.93 40.66
CA ILE E 72 39.40 -14.14 39.98
C ILE E 72 40.02 -12.81 39.59
N GLN E 73 39.21 -11.87 39.09
CA GLN E 73 39.71 -10.54 38.79
C GLN E 73 40.18 -9.83 40.05
N GLN E 74 39.38 -9.88 41.12
CA GLN E 74 39.74 -9.23 42.38
C GLN E 74 41.07 -9.74 42.90
N ASN E 75 41.30 -11.06 42.80
CA ASN E 75 42.58 -11.61 43.21
C ASN E 75 43.70 -11.13 42.31
N THR E 76 43.40 -10.85 41.04
CA THR E 76 44.41 -10.36 40.12
C THR E 76 44.77 -8.91 40.42
N PHE E 77 43.77 -8.08 40.71
CA PHE E 77 44.04 -6.69 41.10
C PHE E 77 44.85 -6.63 42.39
N THR E 78 44.61 -7.57 43.31
CA THR E 78 45.31 -7.55 44.58
C THR E 78 46.79 -7.86 44.41
N ARG E 79 47.12 -8.82 43.55
CA ARG E 79 48.52 -9.19 43.38
C ARG E 79 49.30 -8.11 42.64
N TRP E 80 48.69 -7.50 41.62
CA TRP E 80 49.41 -6.54 40.79
C TRP E 80 49.84 -5.32 41.60
N CYS E 81 48.90 -4.69 42.29
CA CYS E 81 49.21 -3.46 43.00
C CYS E 81 50.17 -3.71 44.16
N ASN E 82 50.14 -4.90 44.74
CA ASN E 82 51.02 -5.19 45.88
C ASN E 82 52.48 -5.24 45.44
N GLU E 83 52.75 -5.72 44.23
CA GLU E 83 54.13 -5.84 43.77
C GLU E 83 54.81 -4.47 43.69
N HIS E 84 54.08 -3.45 43.26
CA HIS E 84 54.65 -2.10 43.24
C HIS E 84 54.84 -1.57 44.65
N LEU E 85 54.03 -2.03 45.60
CA LEU E 85 54.09 -1.54 46.97
C LEU E 85 55.12 -2.27 47.82
N LYS E 86 55.84 -3.25 47.26
CA LYS E 86 56.87 -3.95 48.04
C LYS E 86 57.99 -3.01 48.46
N CYS E 87 58.26 -1.97 47.65
CA CYS E 87 59.30 -1.02 48.02
C CYS E 87 58.93 -0.24 49.28
N VAL E 88 57.64 0.05 49.47
CA VAL E 88 57.18 0.75 50.67
C VAL E 88 56.74 -0.20 51.79
N SER E 89 56.88 -1.51 51.59
CA SER E 89 56.53 -2.51 52.62
C SER E 89 55.07 -2.40 53.04
N LYS E 90 54.18 -2.37 52.05
CA LYS E 90 52.74 -2.28 52.28
C LYS E 90 52.04 -3.40 51.53
N ARG E 91 51.09 -4.06 52.19
CA ARG E 91 50.34 -5.16 51.62
C ARG E 91 48.85 -4.87 51.75
N ILE E 92 48.07 -5.36 50.79
CA ILE E 92 46.64 -5.15 50.72
C ILE E 92 45.98 -6.52 50.80
N ALA E 93 45.50 -6.89 51.99
CA ALA E 93 44.85 -8.18 52.16
C ALA E 93 43.49 -8.22 51.47
N ASN E 94 42.67 -7.20 51.71
CA ASN E 94 41.34 -7.09 51.12
C ASN E 94 41.22 -5.72 50.47
N LEU E 95 41.05 -5.71 49.15
CA LEU E 95 41.02 -4.44 48.41
C LEU E 95 39.81 -3.59 48.79
N GLN E 96 38.75 -4.23 49.30
CA GLN E 96 37.54 -3.50 49.63
C GLN E 96 37.75 -2.56 50.80
N THR E 97 38.25 -3.09 51.92
CA THR E 97 38.34 -2.34 53.18
C THR E 97 39.70 -1.71 53.42
N ASP E 98 40.75 -2.15 52.74
CA ASP E 98 42.08 -1.63 53.02
C ASP E 98 42.25 -0.21 52.49
N LEU E 99 41.50 0.15 51.44
CA LEU E 99 41.58 1.49 50.86
C LEU E 99 40.66 2.49 51.56
N SER E 100 40.08 2.14 52.70
CA SER E 100 39.21 3.09 53.41
C SER E 100 40.01 4.28 53.92
N ASP E 101 41.17 4.02 54.51
CA ASP E 101 42.02 5.12 54.96
C ASP E 101 42.53 5.95 53.79
N GLY E 102 42.68 5.33 52.63
CA GLY E 102 43.14 6.02 51.44
C GLY E 102 44.64 6.20 51.33
N LEU E 103 45.39 5.92 52.39
CA LEU E 103 46.85 6.09 52.34
C LEU E 103 47.47 5.15 51.32
N ARG E 104 46.95 3.93 51.21
CA ARG E 104 47.50 2.98 50.26
C ARG E 104 47.29 3.45 48.82
N LEU E 105 46.17 4.12 48.56
CA LEU E 105 45.92 4.67 47.24
C LEU E 105 46.92 5.77 46.91
N ILE E 106 47.25 6.60 47.90
CA ILE E 106 48.23 7.67 47.68
C ILE E 106 49.61 7.08 47.41
N ALA E 107 50.00 6.05 48.17
CA ALA E 107 51.31 5.44 47.99
C ALA E 107 51.41 4.74 46.65
N LEU E 108 50.32 4.13 46.19
CA LEU E 108 50.34 3.45 44.89
C LEU E 108 50.59 4.45 43.76
N LEU E 109 50.01 5.64 43.86
CA LEU E 109 50.20 6.65 42.82
C LEU E 109 51.62 7.21 42.87
N GLU E 110 52.20 7.30 44.06
CA GLU E 110 53.57 7.81 44.19
C GLU E 110 54.56 6.92 43.46
N VAL E 111 54.37 5.60 43.54
CA VAL E 111 55.30 4.68 42.89
C VAL E 111 55.13 4.73 41.38
N LEU E 112 53.89 4.65 40.90
CA LEU E 112 53.64 4.58 39.47
C LEU E 112 53.91 5.92 38.79
N SER E 113 53.28 6.99 39.28
CA SER E 113 53.41 8.29 38.61
C SER E 113 54.80 8.89 38.85
N GLN E 114 55.45 8.54 39.95
CA GLN E 114 56.74 9.11 40.33
C GLN E 114 56.63 10.64 40.45
N LYS E 115 55.51 11.09 41.01
CA LYS E 115 55.25 12.52 41.21
C LYS E 115 54.74 12.71 42.63
N LYS E 116 54.71 13.97 43.07
CA LYS E 116 54.25 14.35 44.39
C LYS E 116 52.85 14.93 44.29
N MET E 117 52.07 14.75 45.35
CA MET E 117 50.68 15.16 45.34
C MET E 117 50.58 16.69 45.31
N HIS E 118 49.51 17.19 44.67
CA HIS E 118 49.34 18.63 44.53
C HIS E 118 48.80 19.26 45.80
N ARG E 119 48.06 18.49 46.60
CA ARG E 119 47.61 18.89 47.92
C ARG E 119 48.20 17.94 48.96
N LYS E 120 48.56 18.49 50.12
CA LYS E 120 49.07 17.67 51.20
C LYS E 120 47.94 16.83 51.80
N HIS E 121 48.26 15.57 52.09
CA HIS E 121 47.30 14.60 52.60
C HIS E 121 47.53 14.36 54.09
N ASN E 122 46.46 13.97 54.79
CA ASN E 122 46.56 13.69 56.21
C ASN E 122 47.37 12.44 56.45
N GLN E 123 48.22 12.47 57.48
CA GLN E 123 49.10 11.34 57.76
C GLN E 123 48.31 10.13 58.26
N ARG E 124 47.35 10.36 59.16
CA ARG E 124 46.44 9.31 59.58
C ARG E 124 45.07 9.96 59.84
N PRO E 125 43.99 9.53 59.15
CA PRO E 125 42.65 10.04 59.51
C PRO E 125 41.96 9.20 60.56
N THR E 126 41.46 9.85 61.62
CA THR E 126 40.63 9.16 62.60
C THR E 126 39.16 9.28 62.24
N PHE E 127 38.72 10.48 61.88
CA PHE E 127 37.34 10.73 61.52
C PHE E 127 37.09 10.37 60.06
N ARG E 128 35.82 10.28 59.72
CA ARG E 128 35.42 9.93 58.37
C ARG E 128 35.76 10.98 57.32
N GLN E 129 35.64 12.26 57.68
CA GLN E 129 35.82 13.33 56.70
C GLN E 129 37.27 13.42 56.25
N MET E 130 38.23 13.16 57.14
CA MET E 130 39.63 13.21 56.75
C MET E 130 39.99 12.07 55.81
N GLN E 131 39.28 10.94 55.91
CA GLN E 131 39.47 9.85 54.97
C GLN E 131 39.05 10.27 53.57
N LEU E 132 37.90 10.92 53.46
CA LEU E 132 37.42 11.37 52.16
C LEU E 132 38.31 12.46 51.58
N GLU E 133 38.92 13.27 52.45
CA GLU E 133 39.87 14.28 51.98
C GLU E 133 41.08 13.63 51.33
N ASN E 134 41.56 12.52 51.91
CA ASN E 134 42.72 11.83 51.34
C ASN E 134 42.36 11.22 49.99
N VAL E 135 41.17 10.62 49.88
CA VAL E 135 40.77 9.96 48.65
C VAL E 135 40.41 11.00 47.59
N SER E 136 39.74 12.08 48.00
CA SER E 136 39.37 13.13 47.06
C SER E 136 40.61 13.79 46.46
N VAL E 137 41.65 14.00 47.27
CA VAL E 137 42.91 14.53 46.74
C VAL E 137 43.53 13.55 45.76
N ALA E 138 43.31 12.25 45.97
CA ALA E 138 43.86 11.25 45.05
C ALA E 138 43.20 11.36 43.68
N LEU E 139 41.86 11.36 43.65
CA LEU E 139 41.15 11.40 42.38
C LEU E 139 41.42 12.70 41.63
N GLU E 140 41.54 13.81 42.36
CA GLU E 140 41.86 15.08 41.71
C GLU E 140 43.26 15.06 41.09
N PHE E 141 44.16 14.23 41.62
CA PHE E 141 45.49 14.15 41.04
C PHE E 141 45.47 13.44 39.69
N LEU E 142 44.62 12.42 39.55
CA LEU E 142 44.53 11.70 38.28
C LEU E 142 43.99 12.61 37.18
N ASP E 143 43.17 13.59 37.54
CA ASP E 143 42.73 14.59 36.56
C ASP E 143 43.92 15.39 36.05
N ARG E 144 44.87 15.73 36.94
CA ARG E 144 46.09 16.39 36.51
C ARG E 144 46.97 15.46 35.68
N GLU E 145 46.85 14.15 35.90
CA GLU E 145 47.57 13.15 35.14
C GLU E 145 46.94 12.88 33.77
N SER E 146 45.86 13.58 33.43
CA SER E 146 45.16 13.41 32.14
C SER E 146 44.62 11.99 32.01
N ILE E 147 43.96 11.52 33.05
CA ILE E 147 43.28 10.22 33.07
C ILE E 147 41.80 10.48 33.28
N LYS E 148 40.97 9.81 32.49
CA LYS E 148 39.52 9.98 32.53
C LYS E 148 38.92 8.93 33.46
N LEU E 149 38.15 9.38 34.44
CA LEU E 149 37.44 8.52 35.37
C LEU E 149 35.97 8.93 35.40
N VAL E 150 35.10 7.93 35.38
CA VAL E 150 33.66 8.13 35.36
C VAL E 150 33.03 7.37 36.52
N SER E 151 32.32 8.09 37.38
CA SER E 151 31.48 7.49 38.40
C SER E 151 32.28 6.69 39.43
N ILE E 152 33.42 7.25 39.86
CA ILE E 152 34.22 6.70 40.95
C ILE E 152 34.52 7.85 41.91
N ASP E 153 33.79 7.88 43.02
CA ASP E 153 33.85 8.97 43.98
C ASP E 153 34.52 8.49 45.26
N SER E 154 34.83 9.44 46.14
CA SER E 154 35.52 9.11 47.38
C SER E 154 34.63 8.33 48.33
N LYS E 155 33.31 8.56 48.28
CA LYS E 155 32.40 7.86 49.18
C LYS E 155 32.36 6.37 48.89
N ALA E 156 32.36 5.99 47.60
CA ALA E 156 32.28 4.58 47.26
C ALA E 156 33.55 3.84 47.63
N ILE E 157 34.71 4.48 47.46
CA ILE E 157 35.97 3.83 47.75
C ILE E 157 36.08 3.55 49.24
N VAL E 158 35.57 4.46 50.08
CA VAL E 158 35.62 4.25 51.52
C VAL E 158 34.58 3.22 51.96
N ASP E 159 33.39 3.27 51.36
CA ASP E 159 32.32 2.34 51.69
C ASP E 159 32.53 0.95 51.10
N GLY E 160 33.54 0.78 50.25
CA GLY E 160 33.86 -0.53 49.70
C GLY E 160 32.78 -1.11 48.82
N ASN E 161 32.36 -0.35 47.80
CA ASN E 161 31.44 -0.85 46.79
C ASN E 161 32.29 -1.62 45.77
N LEU E 162 32.41 -2.94 45.98
CA LEU E 162 33.44 -3.73 45.31
C LEU E 162 33.36 -3.66 43.80
N LYS E 163 32.19 -3.37 43.27
CA LYS E 163 32.04 -3.26 41.82
C LYS E 163 32.79 -2.05 41.28
N LEU E 164 33.00 -1.04 42.10
CA LEU E 164 33.65 0.20 41.63
C LEU E 164 35.13 0.32 41.90
N ILE E 165 35.61 -0.29 42.97
CA ILE E 165 37.03 -0.19 43.28
C ILE E 165 37.87 -0.95 42.26
N LEU E 166 37.34 -2.08 41.77
CA LEU E 166 38.07 -2.84 40.75
C LEU E 166 38.19 -2.05 39.46
N GLY E 167 37.22 -1.18 39.18
CA GLY E 167 37.33 -0.33 38.00
C GLY E 167 38.42 0.71 38.12
N LEU E 168 38.67 1.18 39.34
CA LEU E 168 39.70 2.19 39.56
C LEU E 168 41.08 1.65 39.25
N ILE E 169 41.36 0.42 39.69
CA ILE E 169 42.69 -0.15 39.48
C ILE E 169 42.88 -0.55 38.02
N TRP E 170 41.80 -0.99 37.37
CA TRP E 170 41.91 -1.41 35.98
C TRP E 170 42.30 -0.25 35.07
N THR E 171 41.84 0.97 35.41
CA THR E 171 42.26 2.15 34.66
C THR E 171 43.75 2.39 34.81
N LEU E 172 44.31 2.00 35.95
CA LEU E 172 45.74 2.21 36.19
C LEU E 172 46.58 1.17 35.47
N ILE E 173 46.05 -0.05 35.33
CA ILE E 173 46.79 -1.12 34.66
C ILE E 173 47.04 -0.75 33.20
N LEU E 174 46.01 -0.28 32.52
CA LEU E 174 46.14 0.03 31.09
C LEU E 174 46.95 1.30 30.88
N HIS E 175 46.82 2.27 31.79
CA HIS E 175 47.60 3.50 31.67
C HIS E 175 49.07 3.25 31.97
N TYR E 176 49.35 2.53 33.05
CA TYR E 176 50.71 2.18 33.45
C TYR E 176 51.01 0.76 32.97
N SER E 177 51.69 0.65 31.83
CA SER E 177 52.05 -0.65 31.28
C SER E 177 53.29 -0.54 30.41
N THR F 5 41.09 -13.06 21.61
CA THR F 5 40.39 -13.56 20.43
C THR F 5 38.89 -13.46 20.61
N THR F 6 38.42 -13.70 21.83
CA THR F 6 37.00 -13.58 22.14
C THR F 6 36.56 -12.13 22.04
N ALA F 7 35.41 -11.92 21.40
CA ALA F 7 34.84 -10.59 21.19
C ALA F 7 33.68 -10.40 22.16
N LEU F 8 33.66 -9.25 22.83
CA LEU F 8 32.60 -8.98 23.79
C LEU F 8 31.35 -8.47 23.06
N VAL F 9 30.26 -8.38 23.83
CA VAL F 9 28.96 -7.97 23.32
C VAL F 9 28.44 -6.85 24.20
N CYS F 10 27.73 -5.90 23.61
CA CYS F 10 27.07 -4.81 24.34
C CYS F 10 25.72 -4.58 23.69
N ASP F 11 24.66 -4.93 24.39
CA ASP F 11 23.31 -4.78 23.86
C ASP F 11 22.92 -3.33 23.60
N ASN F 12 23.31 -2.44 24.50
CA ASN F 12 22.96 -1.03 24.39
C ASN F 12 21.45 -0.85 24.29
N GLY F 13 20.75 -1.40 25.28
CA GLY F 13 19.30 -1.31 25.28
C GLY F 13 18.81 0.09 25.54
N SER F 14 17.56 0.32 25.16
CA SER F 14 16.97 1.64 25.29
C SER F 14 16.62 1.98 26.74
N GLY F 15 16.64 0.98 27.62
CA GLY F 15 16.41 1.18 29.04
C GLY F 15 17.32 0.38 29.95
N LEU F 16 18.21 -0.44 29.41
CA LEU F 16 19.05 -1.31 30.21
C LEU F 16 20.25 -1.71 29.39
N VAL F 17 21.43 -1.65 29.99
CA VAL F 17 22.68 -2.03 29.35
C VAL F 17 23.02 -3.45 29.76
N LYS F 18 23.31 -4.30 28.79
CA LYS F 18 23.61 -5.71 29.02
C LYS F 18 24.80 -6.10 28.16
N ALA F 19 25.93 -6.38 28.81
CA ALA F 19 27.18 -6.66 28.12
C ALA F 19 27.87 -7.86 28.75
N GLY F 20 28.55 -8.63 27.91
CA GLY F 20 29.29 -9.80 28.36
C GLY F 20 30.11 -10.37 27.22
N PHE F 21 31.00 -11.29 27.58
CA PHE F 21 31.86 -11.92 26.59
C PHE F 21 31.06 -12.94 25.78
N ALA F 22 31.48 -13.13 24.53
CA ALA F 22 30.83 -14.11 23.67
C ALA F 22 31.10 -15.52 24.17
N GLY F 23 30.26 -16.46 23.71
CA GLY F 23 30.35 -17.82 24.17
C GLY F 23 29.95 -18.02 25.62
N ASP F 24 29.28 -17.06 26.23
CA ASP F 24 28.87 -17.12 27.62
C ASP F 24 27.35 -17.18 27.70
N ASP F 25 26.84 -18.03 28.60
CA ASP F 25 25.39 -18.23 28.68
C ASP F 25 24.70 -17.07 29.39
N ALA F 26 25.36 -16.49 30.39
CA ALA F 26 24.84 -15.39 31.19
C ALA F 26 25.73 -14.17 31.03
N PRO F 27 25.17 -12.95 31.04
CA PRO F 27 26.04 -11.77 30.89
C PRO F 27 26.81 -11.47 32.16
N ARG F 28 27.99 -10.89 31.98
CA ARG F 28 28.85 -10.51 33.10
C ARG F 28 28.34 -9.37 33.97
N ALA F 29 27.81 -8.33 33.33
CA ALA F 29 27.36 -7.13 34.04
C ALA F 29 26.13 -6.56 33.35
N VAL F 30 25.17 -6.10 34.17
CA VAL F 30 23.96 -5.43 33.71
C VAL F 30 23.71 -4.25 34.62
N PHE F 31 23.35 -3.11 34.06
CA PHE F 31 23.08 -1.90 34.82
C PHE F 31 22.13 -1.04 34.03
N PRO F 32 21.31 -0.21 34.71
CA PRO F 32 20.37 0.65 33.96
C PRO F 32 21.10 1.69 33.11
N SER F 33 20.48 2.06 32.00
CA SER F 33 21.00 3.09 31.11
C SER F 33 20.53 4.47 31.56
N ILE F 34 21.22 4.99 32.56
CA ILE F 34 20.89 6.28 33.17
C ILE F 34 22.17 7.03 33.48
N VAL F 35 22.12 8.35 33.34
CA VAL F 35 23.17 9.24 33.83
C VAL F 35 22.51 10.33 34.65
N GLY F 36 23.03 10.56 35.85
CA GLY F 36 22.47 11.53 36.77
C GLY F 36 23.49 12.59 37.13
N ARG F 37 22.99 13.75 37.55
CA ARG F 37 23.82 14.85 38.00
C ARG F 37 23.17 15.50 39.21
N PRO F 38 23.94 16.06 40.14
CA PRO F 38 23.32 16.66 41.33
C PRO F 38 22.45 17.86 40.98
N ARG F 39 21.31 17.95 41.67
CA ARG F 39 20.46 19.13 41.64
C ARG F 39 20.53 19.92 42.95
N HIS F 40 21.56 19.70 43.76
CA HIS F 40 21.76 20.42 45.01
C HIS F 40 23.23 20.79 45.14
N GLN F 41 23.50 21.82 45.95
CA GLN F 41 24.87 22.27 46.15
C GLN F 41 25.59 21.34 47.12
N GLY F 42 26.92 21.31 46.99
CA GLY F 42 27.76 20.47 47.84
C GLY F 42 28.29 21.23 49.03
N VAL F 43 27.75 20.96 50.22
CA VAL F 43 28.16 21.69 51.42
C VAL F 43 29.45 21.12 51.99
N MET F 44 29.64 19.81 51.88
CA MET F 44 30.80 19.18 52.49
C MET F 44 32.07 19.55 51.72
N VAL F 45 33.20 19.40 52.42
CA VAL F 45 34.53 19.67 51.88
C VAL F 45 35.26 18.35 51.75
N GLY F 46 35.99 18.19 50.65
CA GLY F 46 36.69 16.93 50.41
C GLY F 46 35.76 15.74 50.34
N MET F 47 34.63 15.89 49.66
CA MET F 47 33.58 14.88 49.60
C MET F 47 33.61 14.07 48.31
N GLY F 48 34.37 14.51 47.31
CA GLY F 48 34.27 13.92 45.99
C GLY F 48 33.14 14.57 45.22
N GLN F 49 31.98 13.91 45.22
CA GLN F 49 30.74 14.45 44.65
C GLN F 49 30.88 15.03 43.26
N LYS F 50 31.46 14.26 42.36
CA LYS F 50 31.68 14.72 41.00
C LYS F 50 30.36 14.83 40.25
N ASP F 51 30.45 15.19 38.97
CA ASP F 51 29.27 15.63 38.23
C ASP F 51 28.37 14.45 37.84
N SER F 52 28.95 13.35 37.35
CA SER F 52 28.21 12.31 36.65
C SER F 52 28.21 11.02 37.46
N TYR F 53 27.06 10.34 37.46
CA TYR F 53 26.91 9.01 38.01
C TYR F 53 26.02 8.20 37.07
N VAL F 54 26.36 6.92 36.88
CA VAL F 54 25.64 6.05 35.95
C VAL F 54 25.47 4.68 36.61
N GLY F 55 24.57 3.89 36.04
CA GLY F 55 24.36 2.53 36.50
C GLY F 55 23.64 2.48 37.84
N ASP F 56 23.83 1.36 38.54
CA ASP F 56 23.22 1.17 39.85
C ASP F 56 23.73 2.17 40.88
N GLU F 57 24.91 2.76 40.67
CA GLU F 57 25.39 3.81 41.57
C GLU F 57 24.43 4.99 41.58
N ALA F 58 23.83 5.29 40.42
CA ALA F 58 22.88 6.40 40.35
C ALA F 58 21.62 6.11 41.15
N GLN F 59 21.13 4.87 41.08
CA GLN F 59 19.96 4.50 41.87
C GLN F 59 20.24 4.60 43.36
N SER F 60 21.49 4.37 43.78
CA SER F 60 21.82 4.49 45.19
C SER F 60 21.67 5.92 45.67
N LYS F 61 22.09 6.88 44.85
CA LYS F 61 22.03 8.29 45.21
C LYS F 61 20.97 9.06 44.46
N ARG F 62 19.95 8.37 43.95
CA ARG F 62 18.95 9.02 43.12
C ARG F 62 18.19 10.13 43.84
N GLY F 63 18.15 10.12 45.16
CA GLY F 63 17.40 11.14 45.87
C GLY F 63 17.85 12.55 45.54
N ILE F 64 19.17 12.75 45.42
CA ILE F 64 19.76 14.06 45.13
C ILE F 64 20.32 14.12 43.71
N LEU F 65 19.89 13.23 42.82
CA LEU F 65 20.30 13.23 41.42
C LEU F 65 19.07 13.28 40.52
N THR F 66 19.16 14.08 39.46
CA THR F 66 18.15 14.12 38.41
C THR F 66 18.62 13.22 37.27
N LEU F 67 17.81 12.22 36.95
CA LEU F 67 18.19 11.19 36.01
C LEU F 67 17.67 11.52 34.61
N LYS F 68 18.56 11.46 33.62
CA LYS F 68 18.21 11.67 32.22
C LYS F 68 18.70 10.48 31.42
N TYR F 69 17.85 9.90 30.59
CA TYR F 69 18.27 8.75 29.82
C TYR F 69 18.96 9.23 28.56
N PRO F 70 20.18 8.78 28.32
CA PRO F 70 20.87 9.20 27.09
C PRO F 70 20.29 8.56 25.85
N ILE F 71 19.83 7.32 25.95
CA ILE F 71 19.20 6.58 24.87
C ILE F 71 17.70 6.69 25.05
N GLU F 72 16.99 7.01 23.97
CA GLU F 72 15.56 7.25 24.02
C GLU F 72 14.91 6.82 22.71
N HIS F 73 13.95 5.91 22.80
CA HIS F 73 13.27 5.33 21.63
C HIS F 73 14.26 4.75 20.63
N GLY F 74 15.31 4.12 21.14
CA GLY F 74 16.36 3.62 20.28
C GLY F 74 17.15 4.70 19.56
N ILE F 75 17.07 5.95 20.04
CA ILE F 75 17.74 7.09 19.44
C ILE F 75 18.51 7.81 20.54
N ILE F 76 19.75 8.17 20.21
CA ILE F 76 20.68 8.78 21.16
C ILE F 76 20.53 10.30 21.07
N THR F 77 20.21 10.93 22.21
CA THR F 77 20.06 12.36 22.29
C THR F 77 21.34 13.05 22.79
N ASN F 78 21.88 12.56 23.90
CA ASN F 78 23.09 13.12 24.51
C ASN F 78 24.25 12.20 24.18
N TRP F 79 25.10 12.63 23.25
CA TRP F 79 26.21 11.79 22.81
C TRP F 79 27.33 11.77 23.84
N ASP F 80 27.63 12.91 24.44
CA ASP F 80 28.66 12.95 25.47
C ASP F 80 28.26 12.11 26.68
N ASP F 81 26.96 11.99 26.94
CA ASP F 81 26.49 11.16 28.03
C ASP F 81 26.61 9.68 27.69
N MET F 82 26.24 9.30 26.46
CA MET F 82 26.30 7.89 26.07
C MET F 82 27.75 7.39 26.04
N GLU F 83 28.69 8.30 25.76
CA GLU F 83 30.11 7.93 25.82
C GLU F 83 30.50 7.50 27.23
N LYS F 84 29.87 8.09 28.24
CA LYS F 84 30.19 7.73 29.62
C LYS F 84 29.65 6.35 29.97
N ILE F 85 28.53 5.95 29.37
CA ILE F 85 27.96 4.64 29.64
C ILE F 85 28.91 3.55 29.16
N TRP F 86 29.53 3.74 28.00
CA TRP F 86 30.44 2.75 27.46
C TRP F 86 31.75 2.70 28.26
N HIS F 87 32.23 3.86 28.70
CA HIS F 87 33.42 3.90 29.55
C HIS F 87 33.16 3.18 30.87
N HIS F 88 31.96 3.35 31.43
CA HIS F 88 31.59 2.62 32.63
C HIS F 88 31.34 1.15 32.34
N THR F 89 30.88 0.84 31.13
CA THR F 89 30.55 -0.54 30.78
C THR F 89 31.80 -1.41 30.73
N PHE F 90 32.88 -0.90 30.15
CA PHE F 90 34.08 -1.69 29.93
C PHE F 90 35.03 -1.61 31.13
N TYR F 91 35.36 -0.39 31.55
CA TYR F 91 36.38 -0.22 32.58
C TYR F 91 35.85 -0.53 33.97
N ASN F 92 34.65 -0.03 34.30
CA ASN F 92 34.13 -0.15 35.65
C ASN F 92 33.32 -1.42 35.86
N GLU F 93 32.41 -1.74 34.95
CA GLU F 93 31.55 -2.91 35.14
C GLU F 93 32.28 -4.20 34.82
N LEU F 94 32.85 -4.30 33.62
CA LEU F 94 33.51 -5.52 33.17
C LEU F 94 35.00 -5.58 33.51
N ARG F 95 35.65 -4.43 33.63
CA ARG F 95 37.10 -4.37 33.88
C ARG F 95 37.88 -5.09 32.78
N VAL F 96 37.62 -4.71 31.53
CA VAL F 96 38.22 -5.33 30.36
C VAL F 96 38.58 -4.23 29.37
N ALA F 97 39.70 -4.39 28.69
CA ALA F 97 40.13 -3.40 27.72
C ALA F 97 39.38 -3.61 26.39
N PRO F 98 38.88 -2.55 25.74
CA PRO F 98 38.29 -2.72 24.42
C PRO F 98 39.30 -2.80 23.27
N GLU F 99 40.52 -2.33 23.48
CA GLU F 99 41.51 -2.30 22.40
C GLU F 99 42.01 -3.69 22.05
N GLU F 100 41.86 -4.66 22.97
CA GLU F 100 42.45 -5.97 22.76
C GLU F 100 41.64 -6.79 21.75
N HIS F 101 40.31 -6.72 21.84
CA HIS F 101 39.42 -7.56 21.04
C HIS F 101 38.17 -6.77 20.62
N PRO F 102 37.54 -7.13 19.51
CA PRO F 102 36.44 -6.31 18.99
C PRO F 102 35.18 -6.48 19.80
N THR F 103 34.18 -5.66 19.46
CA THR F 103 32.92 -5.58 20.20
C THR F 103 31.74 -5.70 19.25
N LEU F 104 30.67 -6.32 19.75
CA LEU F 104 29.42 -6.48 19.01
C LEU F 104 28.35 -5.59 19.63
N LEU F 105 27.62 -4.88 18.79
CA LEU F 105 26.61 -3.93 19.21
C LEU F 105 25.27 -4.29 18.60
N THR F 106 24.21 -3.70 19.15
CA THR F 106 22.86 -3.93 18.69
C THR F 106 22.12 -2.61 18.63
N GLU F 107 21.11 -2.53 17.77
CA GLU F 107 20.33 -1.32 17.58
C GLU F 107 19.03 -1.68 16.87
N ALA F 108 17.99 -0.90 17.16
CA ALA F 108 16.66 -1.22 16.67
C ALA F 108 16.51 -0.82 15.20
N PRO F 109 15.65 -1.51 14.45
CA PRO F 109 15.55 -1.21 13.01
C PRO F 109 14.92 0.15 12.76
N LEU F 110 15.17 0.68 11.55
CA LEU F 110 14.63 1.95 11.05
C LEU F 110 15.09 3.14 11.88
N ASN F 111 16.15 3.01 12.67
CA ASN F 111 16.72 4.16 13.35
C ASN F 111 17.33 5.11 12.32
N PRO F 112 17.53 6.38 12.68
CA PRO F 112 18.17 7.29 11.72
C PRO F 112 19.60 6.89 11.43
N LYS F 113 20.06 7.27 10.24
CA LYS F 113 21.40 6.89 9.80
C LYS F 113 22.49 7.52 10.68
N ALA F 114 22.21 8.68 11.27
CA ALA F 114 23.20 9.33 12.12
C ALA F 114 23.51 8.48 13.35
N ASN F 115 22.47 7.93 13.98
CA ASN F 115 22.69 7.03 15.12
C ASN F 115 23.46 5.80 14.69
N ARG F 116 23.21 5.31 13.48
CA ARG F 116 23.85 4.09 13.00
C ARG F 116 25.30 4.36 12.62
N GLU F 117 25.61 5.59 12.19
CA GLU F 117 26.97 5.94 11.81
C GLU F 117 27.75 6.50 12.99
N LYS F 118 27.15 7.43 13.73
CA LYS F 118 27.84 8.08 14.84
C LYS F 118 28.20 7.08 15.93
N MET F 119 27.46 5.99 16.00
CA MET F 119 27.72 4.95 16.96
C MET F 119 29.10 4.37 16.66
N THR F 120 29.42 4.27 15.38
CA THR F 120 30.70 3.72 14.93
C THR F 120 31.82 4.74 15.09
N GLN F 121 31.50 6.03 14.88
CA GLN F 121 32.50 7.08 14.94
C GLN F 121 33.12 7.18 16.34
N ILE F 122 32.37 6.78 17.37
CA ILE F 122 32.84 6.94 18.75
C ILE F 122 33.80 5.81 19.12
N MET F 123 33.49 4.59 18.70
CA MET F 123 34.23 3.41 19.15
C MET F 123 35.71 3.49 18.75
N PHE F 124 35.96 3.65 17.45
CA PHE F 124 37.32 3.54 16.94
C PHE F 124 38.19 4.70 17.40
N GLU F 125 37.58 5.86 17.64
CA GLU F 125 38.35 7.03 18.06
C GLU F 125 38.51 7.07 19.57
N THR F 126 37.41 6.89 20.31
CA THR F 126 37.49 6.94 21.76
C THR F 126 38.15 5.70 22.33
N PHE F 127 37.56 4.52 22.07
CA PHE F 127 38.03 3.27 22.64
C PHE F 127 39.01 2.53 21.76
N ASN F 128 38.93 2.68 20.44
CA ASN F 128 39.90 2.08 19.51
C ASN F 128 39.89 0.56 19.59
N VAL F 129 38.71 -0.02 19.38
CA VAL F 129 38.58 -1.47 19.30
C VAL F 129 39.30 -1.94 18.04
N PRO F 130 39.77 -3.19 17.96
CA PRO F 130 40.38 -3.65 16.71
C PRO F 130 39.37 -3.77 15.58
N ALA F 131 38.12 -4.05 15.90
CA ALA F 131 37.06 -4.11 14.90
C ALA F 131 35.72 -4.00 15.63
N MET F 132 34.65 -3.92 14.84
CA MET F 132 33.32 -3.70 15.37
C MET F 132 32.29 -4.24 14.38
N TYR F 133 31.06 -4.42 14.86
CA TYR F 133 29.96 -4.84 14.00
C TYR F 133 28.64 -4.52 14.70
N VAL F 134 27.69 -4.05 13.90
CA VAL F 134 26.35 -3.71 14.36
C VAL F 134 25.39 -4.74 13.78
N ALA F 135 24.30 -4.99 14.51
CA ALA F 135 23.31 -5.97 14.09
C ALA F 135 21.94 -5.54 14.60
N ILE F 136 20.92 -5.81 13.78
CA ILE F 136 19.56 -5.48 14.17
C ILE F 136 19.16 -6.33 15.37
N GLN F 137 18.56 -5.69 16.38
CA GLN F 137 18.29 -6.35 17.65
C GLN F 137 17.35 -7.55 17.48
N ALA F 138 16.58 -7.58 16.40
CA ALA F 138 15.61 -8.65 16.20
C ALA F 138 16.27 -9.94 15.76
N VAL F 139 17.18 -9.86 14.80
CA VAL F 139 17.76 -11.05 14.22
C VAL F 139 18.46 -11.92 15.25
N LEU F 140 19.04 -11.29 16.25
CA LEU F 140 19.78 -12.05 17.26
C LEU F 140 18.88 -13.02 18.01
N SER F 141 17.58 -12.71 18.11
CA SER F 141 16.67 -13.55 18.89
C SER F 141 16.54 -14.95 18.28
N LEU F 142 16.64 -15.04 16.96
CA LEU F 142 16.55 -16.33 16.30
C LEU F 142 17.71 -17.22 16.73
N TYR F 143 18.90 -16.64 16.83
CA TYR F 143 20.09 -17.38 17.21
C TYR F 143 19.87 -17.98 18.59
N ALA F 144 19.26 -17.21 19.49
CA ALA F 144 18.97 -17.69 20.83
C ALA F 144 17.94 -18.80 20.80
N SER F 145 16.87 -18.62 20.03
CA SER F 145 15.84 -19.65 19.89
C SER F 145 16.30 -20.82 19.04
N GLY F 146 17.34 -20.64 18.22
CA GLY F 146 17.84 -21.75 17.41
C GLY F 146 16.89 -22.18 16.31
N ARG F 147 16.21 -21.23 15.66
CA ARG F 147 15.29 -21.52 14.57
C ARG F 147 15.46 -20.48 13.48
N THR F 148 15.41 -20.95 12.23
CA THR F 148 15.67 -20.06 11.10
C THR F 148 14.45 -19.21 10.76
N THR F 149 13.25 -19.73 10.99
CA THR F 149 12.00 -19.08 10.60
C THR F 149 11.26 -18.62 11.84
N GLY F 150 10.64 -17.43 11.73
CA GLY F 150 9.84 -16.91 12.82
C GLY F 150 9.67 -15.41 12.69
N ILE F 151 8.78 -14.89 13.53
CA ILE F 151 8.55 -13.46 13.67
C ILE F 151 8.87 -13.06 15.11
N VAL F 152 9.67 -12.00 15.27
CA VAL F 152 10.28 -11.66 16.55
C VAL F 152 9.57 -10.46 17.13
N LEU F 153 9.47 -10.37 18.45
CA LEU F 153 8.86 -9.19 19.05
C LEU F 153 9.78 -8.72 20.17
N ASP F 154 10.61 -7.72 19.91
CA ASP F 154 11.57 -7.25 20.91
C ASP F 154 10.98 -6.60 22.17
N SER F 155 10.06 -5.66 21.99
CA SER F 155 9.40 -4.98 23.10
C SER F 155 10.34 -4.34 24.12
N GLY F 156 11.49 -3.84 23.68
CA GLY F 156 12.44 -3.18 24.57
C GLY F 156 11.86 -1.93 25.19
N ASP F 157 12.63 -1.34 26.10
CA ASP F 157 12.12 -0.19 26.85
C ASP F 157 11.91 1.01 25.93
N GLY F 158 12.51 1.00 24.73
CA GLY F 158 12.36 2.12 23.81
C GLY F 158 11.34 1.87 22.71
N VAL F 159 11.39 0.70 22.08
CA VAL F 159 10.70 0.47 20.83
C VAL F 159 10.38 -1.01 20.68
N THR F 160 9.39 -1.32 19.84
CA THR F 160 9.05 -2.68 19.43
C THR F 160 8.97 -2.69 17.90
N HIS F 161 9.44 -3.77 17.28
CA HIS F 161 9.48 -3.82 15.81
C HIS F 161 8.60 -4.82 15.05
N ASN F 162 8.46 -6.05 15.52
CA ASN F 162 7.63 -7.03 14.80
C ASN F 162 8.13 -7.27 13.37
N VAL F 163 9.32 -7.85 13.24
CA VAL F 163 9.90 -8.15 11.92
C VAL F 163 9.74 -9.64 11.63
N PRO F 164 9.27 -10.06 10.42
CA PRO F 164 9.24 -11.49 10.11
C PRO F 164 10.48 -11.97 9.37
N ILE F 165 10.83 -13.24 9.53
CA ILE F 165 11.96 -13.86 8.85
C ILE F 165 11.52 -15.24 8.37
N TYR F 166 12.03 -15.65 7.19
CA TYR F 166 11.63 -16.90 6.55
C TYR F 166 12.88 -17.61 6.05
N GLU F 167 13.33 -18.61 6.80
CA GLU F 167 14.54 -19.32 6.47
C GLU F 167 15.74 -18.36 6.48
N GLY F 168 15.75 -17.37 7.38
CA GLY F 168 16.88 -16.47 7.44
C GLY F 168 16.81 -15.26 6.53
N TYR F 169 15.79 -15.16 5.68
CA TYR F 169 15.62 -14.03 4.79
C TYR F 169 14.75 -12.98 5.46
N ALA F 170 15.36 -11.84 5.79
CA ALA F 170 14.64 -10.72 6.38
C ALA F 170 13.90 -9.97 5.27
N LEU F 171 12.68 -9.53 5.58
CA LEU F 171 11.93 -8.80 4.60
C LEU F 171 11.80 -7.37 5.10
N PRO F 172 12.45 -6.45 4.43
CA PRO F 172 12.30 -5.04 4.83
C PRO F 172 10.93 -4.46 4.52
N HIS F 173 10.18 -5.05 3.60
CA HIS F 173 8.86 -4.51 3.29
C HIS F 173 7.86 -4.81 4.40
N ALA F 174 8.06 -5.92 5.12
CA ALA F 174 7.14 -6.31 6.18
C ALA F 174 7.52 -5.77 7.54
N ILE F 175 8.70 -5.16 7.68
CA ILE F 175 9.16 -4.72 8.99
C ILE F 175 8.31 -3.54 9.46
N MET F 176 8.18 -3.43 10.78
CA MET F 176 7.38 -2.41 11.42
C MET F 176 8.10 -1.83 12.64
N ARG F 177 7.68 -0.63 13.04
CA ARG F 177 8.27 0.01 14.20
C ARG F 177 7.16 0.78 14.92
N LEU F 178 7.11 0.61 16.22
CA LEU F 178 6.14 1.30 17.07
C LEU F 178 6.86 1.78 18.33
N ASP F 179 6.80 3.09 18.58
CA ASP F 179 7.53 3.70 19.68
C ASP F 179 6.96 3.37 21.05
N LEU F 180 5.78 2.76 21.12
CA LEU F 180 5.20 2.39 22.40
C LEU F 180 6.09 1.38 23.10
N ALA F 181 6.38 1.61 24.37
CA ALA F 181 7.35 0.81 25.08
C ALA F 181 7.17 1.01 26.60
N GLY F 182 8.15 0.54 27.37
CA GLY F 182 8.01 0.54 28.81
C GLY F 182 7.96 1.93 29.43
N ARG F 183 8.73 2.86 28.87
CA ARG F 183 8.71 4.23 29.41
C ARG F 183 7.33 4.84 29.25
N ASP F 184 6.61 4.50 28.18
CA ASP F 184 5.24 4.93 28.04
C ASP F 184 4.33 4.22 29.04
N LEU F 185 4.64 2.96 29.36
CA LEU F 185 3.90 2.27 30.41
C LEU F 185 4.18 2.91 31.76
N THR F 186 5.44 3.24 32.04
CA THR F 186 5.78 3.89 33.29
C THR F 186 5.16 5.29 33.36
N ASP F 187 5.30 6.08 32.30
CA ASP F 187 4.71 7.41 32.28
C ASP F 187 3.20 7.34 32.39
N TYR F 188 2.58 6.32 31.79
CA TYR F 188 1.14 6.13 31.95
C TYR F 188 0.81 5.59 33.33
N LEU F 189 1.66 4.71 33.87
CA LEU F 189 1.44 4.21 35.22
C LEU F 189 1.57 5.33 36.24
N MET F 190 2.50 6.26 36.02
CA MET F 190 2.61 7.44 36.87
C MET F 190 1.34 8.29 36.79
N LYS F 191 0.62 8.22 35.67
CA LYS F 191 -0.57 9.05 35.49
C LYS F 191 -1.77 8.47 36.23
N ILE F 192 -2.04 7.18 36.02
CA ILE F 192 -3.27 6.59 36.55
C ILE F 192 -3.22 6.47 38.07
N LEU F 193 -2.03 6.40 38.66
CA LEU F 193 -1.92 6.35 40.11
C LEU F 193 -2.39 7.64 40.76
N THR F 194 -2.43 8.70 39.98
CA THR F 194 -2.91 9.96 40.50
C THR F 194 -4.34 9.70 40.93
N GLU F 195 -5.03 8.79 40.23
CA GLU F 195 -6.40 8.45 40.54
C GLU F 195 -6.52 7.87 41.95
N ARG F 196 -5.56 7.05 42.35
CA ARG F 196 -5.59 6.42 43.67
C ARG F 196 -5.01 7.31 44.76
N GLY F 197 -4.54 8.49 44.38
CA GLY F 197 -3.98 9.42 45.33
C GLY F 197 -2.48 9.34 45.56
N TYR F 198 -1.79 8.52 44.77
CA TYR F 198 -0.34 8.40 44.90
C TYR F 198 0.28 9.29 43.84
N SER F 199 1.27 10.10 44.21
CA SER F 199 1.87 10.99 43.23
C SER F 199 3.36 10.77 43.05
N PHE F 200 3.76 10.44 41.82
CA PHE F 200 5.16 10.24 41.49
C PHE F 200 5.46 11.16 40.30
N VAL F 201 6.17 12.25 40.56
CA VAL F 201 6.31 13.34 39.60
C VAL F 201 7.77 13.76 39.42
N THR F 202 8.73 12.87 39.67
CA THR F 202 10.15 13.17 39.50
C THR F 202 10.86 11.97 38.88
N THR F 203 12.09 12.23 38.43
CA THR F 203 12.93 11.20 37.81
C THR F 203 13.25 10.08 38.80
N ALA F 204 13.57 10.46 40.03
CA ALA F 204 13.85 9.44 41.05
C ALA F 204 12.57 8.69 41.40
N GLU F 205 11.45 9.39 41.49
CA GLU F 205 10.17 8.75 41.78
C GLU F 205 9.72 7.87 40.61
N ARG F 206 10.21 8.15 39.40
CA ARG F 206 9.87 7.31 38.25
C ARG F 206 10.41 5.89 38.42
N GLU F 207 11.59 5.75 39.03
CA GLU F 207 12.23 4.44 39.11
C GLU F 207 11.47 3.50 40.03
N ILE F 208 10.84 4.04 41.08
CA ILE F 208 10.01 3.20 41.95
C ILE F 208 8.77 2.73 41.19
N VAL F 209 8.18 3.63 40.39
CA VAL F 209 7.02 3.25 39.60
C VAL F 209 7.41 2.19 38.56
N ARG F 210 8.63 2.29 38.03
CA ARG F 210 9.14 1.24 37.15
C ARG F 210 9.32 -0.05 37.93
N ASP F 211 9.83 0.03 39.16
CA ASP F 211 10.01 -1.17 39.97
C ASP F 211 8.66 -1.80 40.31
N ILE F 212 7.64 -0.97 40.55
CA ILE F 212 6.29 -1.48 40.75
C ILE F 212 5.80 -2.22 39.51
N LYS F 213 6.17 -1.71 38.33
CA LYS F 213 5.67 -2.30 37.09
C LYS F 213 6.23 -3.69 36.87
N GLU F 214 7.43 -3.96 37.36
CA GLU F 214 8.11 -5.22 37.03
C GLU F 214 7.46 -6.40 37.74
N LYS F 215 7.35 -6.33 39.06
CA LYS F 215 7.04 -7.51 39.88
C LYS F 215 5.57 -7.68 40.22
N LEU F 216 4.70 -6.77 39.79
CA LEU F 216 3.35 -6.67 40.34
C LEU F 216 2.26 -6.60 39.27
N CYS F 217 2.59 -6.28 38.03
CA CYS F 217 1.61 -6.06 36.98
C CYS F 217 1.43 -7.32 36.14
N TYR F 218 0.21 -7.51 35.61
CA TYR F 218 -0.11 -8.64 34.74
C TYR F 218 -0.95 -8.15 33.58
N VAL F 219 -1.14 -9.02 32.58
CA VAL F 219 -1.61 -8.56 31.27
C VAL F 219 -3.13 -8.56 31.18
N ALA F 220 -3.81 -9.27 32.10
CA ALA F 220 -5.27 -9.28 32.13
C ALA F 220 -5.86 -9.86 30.85
N LEU F 221 -5.73 -11.19 30.70
CA LEU F 221 -6.25 -11.94 29.55
C LEU F 221 -7.59 -11.41 29.05
N ASP F 222 -8.53 -11.14 29.95
CA ASP F 222 -9.82 -10.55 29.61
C ASP F 222 -9.93 -9.21 30.33
N PHE F 223 -9.74 -8.12 29.58
CA PHE F 223 -9.73 -6.79 30.17
C PHE F 223 -11.10 -6.41 30.72
N GLU F 224 -12.12 -6.43 29.86
CA GLU F 224 -13.44 -5.97 30.26
C GLU F 224 -14.01 -6.83 31.40
N ASN F 225 -13.73 -8.13 31.38
CA ASN F 225 -14.20 -8.99 32.45
C ASN F 225 -13.45 -8.75 33.75
N GLU F 226 -12.17 -8.42 33.65
CA GLU F 226 -11.35 -8.28 34.85
C GLU F 226 -11.60 -6.93 35.53
N MET F 227 -11.89 -5.90 34.74
CA MET F 227 -12.21 -4.60 35.31
C MET F 227 -13.45 -4.67 36.19
N ALA F 228 -14.51 -5.32 35.68
CA ALA F 228 -15.69 -5.54 36.51
C ALA F 228 -15.38 -6.43 37.71
N THR F 229 -14.41 -7.33 37.56
CA THR F 229 -14.01 -8.18 38.67
C THR F 229 -13.22 -7.38 39.72
N ALA F 230 -12.44 -6.40 39.26
CA ALA F 230 -11.63 -5.62 40.19
C ALA F 230 -12.50 -4.78 41.12
N ALA F 231 -13.58 -4.18 40.58
CA ALA F 231 -14.46 -3.38 41.41
C ALA F 231 -15.24 -4.25 42.39
N SER F 232 -15.64 -5.45 41.95
CA SER F 232 -16.44 -6.32 42.80
C SER F 232 -15.59 -7.00 43.86
N SER F 233 -14.42 -7.52 43.47
CA SER F 233 -13.53 -8.28 44.34
C SER F 233 -12.24 -7.51 44.57
N SER F 234 -11.79 -7.48 45.81
CA SER F 234 -10.54 -6.83 46.20
C SER F 234 -9.39 -7.82 46.30
N SER F 235 -9.53 -9.03 45.73
CA SER F 235 -8.47 -10.01 45.82
C SER F 235 -7.24 -9.59 45.02
N LEU F 236 -7.45 -8.89 43.91
CA LEU F 236 -6.33 -8.49 43.06
C LEU F 236 -5.50 -7.40 43.72
N GLU F 237 -6.05 -6.67 44.68
CA GLU F 237 -5.31 -5.60 45.32
C GLU F 237 -4.12 -6.15 46.11
N LYS F 238 -2.94 -5.62 45.82
CA LYS F 238 -1.72 -5.96 46.53
C LYS F 238 -0.98 -4.67 46.87
N SER F 239 0.00 -4.79 47.77
CA SER F 239 0.75 -3.65 48.28
C SER F 239 2.22 -3.78 47.91
N TYR F 240 2.89 -2.63 47.83
CA TYR F 240 4.33 -2.55 47.56
C TYR F 240 4.95 -1.57 48.54
N GLU F 241 6.11 -1.95 49.09
CA GLU F 241 6.79 -1.13 50.09
C GLU F 241 7.82 -0.24 49.41
N LEU F 242 7.38 0.94 48.98
CA LEU F 242 8.30 1.96 48.51
C LEU F 242 9.09 2.47 49.71
N PRO F 243 10.25 3.07 49.45
CA PRO F 243 11.11 3.61 50.49
C PRO F 243 10.41 4.78 51.13
N ASP F 244 10.72 5.07 52.39
CA ASP F 244 10.06 6.15 53.10
C ASP F 244 8.77 5.58 53.69
N GLY F 245 8.69 4.26 53.77
CA GLY F 245 7.51 3.60 54.29
C GLY F 245 6.38 3.96 53.36
N GLN F 246 5.28 4.49 53.88
CA GLN F 246 4.19 4.86 53.00
C GLN F 246 3.68 3.73 52.12
N VAL F 247 3.38 2.59 52.72
CA VAL F 247 2.86 1.48 51.92
C VAL F 247 1.74 1.97 51.02
N ILE F 248 1.59 1.29 49.88
CA ILE F 248 0.58 1.64 48.88
C ILE F 248 -0.18 0.39 48.45
N THR F 249 -1.28 0.59 47.74
CA THR F 249 -2.11 -0.50 47.29
C THR F 249 -2.75 -0.13 45.96
N ILE F 250 -2.49 -0.92 44.93
CA ILE F 250 -3.02 -0.70 43.58
C ILE F 250 -3.99 -1.83 43.26
N GLY F 251 -5.10 -1.48 42.61
CA GLY F 251 -6.12 -2.43 42.23
C GLY F 251 -6.20 -2.60 40.73
N ASN F 252 -7.16 -1.94 40.10
CA ASN F 252 -7.28 -1.99 38.64
C ASN F 252 -6.12 -1.32 37.93
N GLU F 253 -5.36 -0.46 38.63
CA GLU F 253 -4.12 0.06 38.07
C GLU F 253 -3.06 -1.01 37.92
N ARG F 254 -3.21 -2.14 38.62
CA ARG F 254 -2.22 -3.21 38.54
C ARG F 254 -2.09 -3.74 37.12
N PHE F 255 -3.19 -3.76 36.37
CA PHE F 255 -3.22 -4.26 35.01
C PHE F 255 -3.78 -3.27 33.99
N ARG F 256 -3.91 -1.99 34.35
CA ARG F 256 -4.42 -1.02 33.39
C ARG F 256 -3.34 -0.63 32.38
N CYS F 257 -2.10 -0.44 32.84
CA CYS F 257 -1.07 0.07 31.94
C CYS F 257 -0.62 -0.96 30.89
N PRO F 258 -0.45 -2.26 31.19
CA PRO F 258 0.04 -3.16 30.13
C PRO F 258 -0.96 -3.34 29.00
N GLU F 259 -2.24 -3.05 29.24
CA GLU F 259 -3.25 -3.02 28.19
C GLU F 259 -2.99 -1.94 27.15
N THR F 260 -2.13 -0.96 27.45
CA THR F 260 -1.78 0.08 26.48
C THR F 260 -1.16 -0.52 25.23
N LEU F 261 -0.49 -1.66 25.36
CA LEU F 261 0.03 -2.37 24.20
C LEU F 261 -1.08 -2.74 23.23
N PHE F 262 -2.05 -3.53 23.69
CA PHE F 262 -3.06 -4.07 22.79
C PHE F 262 -4.00 -2.99 22.30
N GLN F 263 -4.23 -1.95 23.10
CA GLN F 263 -4.96 -0.76 22.66
C GLN F 263 -4.23 0.46 23.19
N PRO F 264 -3.48 1.20 22.36
CA PRO F 264 -2.88 2.46 22.81
C PRO F 264 -3.81 3.66 22.84
N SER F 265 -5.13 3.45 22.78
CA SER F 265 -6.07 4.57 22.85
C SER F 265 -5.98 5.29 24.20
N PHE F 266 -5.54 4.60 25.25
CA PHE F 266 -5.39 5.24 26.55
C PHE F 266 -4.35 6.36 26.50
N ILE F 267 -3.14 6.03 26.04
CA ILE F 267 -2.08 7.03 25.94
C ILE F 267 -2.27 7.97 24.76
N GLY F 268 -3.11 7.61 23.79
CA GLY F 268 -3.46 8.50 22.70
C GLY F 268 -2.69 8.28 21.41
N MET F 269 -1.83 7.27 21.34
CA MET F 269 -1.09 7.01 20.11
C MET F 269 -2.02 6.43 19.05
N GLU F 270 -1.93 6.99 17.84
CA GLU F 270 -2.73 6.50 16.71
C GLU F 270 -2.04 5.27 16.11
N SER F 271 -2.15 4.16 16.83
CA SER F 271 -1.55 2.90 16.44
C SER F 271 -2.59 1.79 16.51
N ALA F 272 -2.36 0.75 15.71
CA ALA F 272 -3.32 -0.35 15.63
C ALA F 272 -3.26 -1.22 16.89
N GLY F 273 -2.08 -1.39 17.46
CA GLY F 273 -1.86 -2.25 18.60
C GLY F 273 -0.83 -3.31 18.32
N ILE F 274 -0.31 -3.88 19.41
CA ILE F 274 0.74 -4.89 19.29
C ILE F 274 0.20 -6.15 18.63
N HIS F 275 -1.03 -6.53 18.96
CA HIS F 275 -1.61 -7.74 18.40
C HIS F 275 -1.86 -7.59 16.90
N GLU F 276 -2.19 -6.37 16.46
CA GLU F 276 -2.60 -6.18 15.08
C GLU F 276 -1.41 -5.85 14.18
N THR F 277 -0.35 -5.31 14.76
CA THR F 277 0.88 -5.09 13.98
C THR F 277 1.51 -6.42 13.58
N THR F 278 1.56 -7.37 14.51
CA THR F 278 1.99 -8.71 14.16
C THR F 278 1.05 -9.33 13.12
N TYR F 279 -0.24 -9.02 13.22
CA TYR F 279 -1.19 -9.46 12.21
C TYR F 279 -0.96 -8.71 10.89
N ASN F 280 -0.62 -7.42 10.97
CA ASN F 280 -0.36 -6.66 9.76
C ASN F 280 0.94 -7.09 9.10
N SER F 281 2.00 -7.25 9.90
CA SER F 281 3.31 -7.59 9.36
C SER F 281 3.29 -8.93 8.65
N ILE F 282 2.55 -9.90 9.21
CA ILE F 282 2.49 -11.22 8.59
C ILE F 282 1.71 -11.17 7.28
N MET F 283 0.65 -10.35 7.24
CA MET F 283 -0.12 -10.24 6.00
C MET F 283 0.65 -9.54 4.90
N LYS F 284 1.61 -8.69 5.26
CA LYS F 284 2.47 -8.08 4.24
C LYS F 284 3.33 -9.11 3.54
N CYS F 285 3.59 -10.25 4.16
CA CYS F 285 4.43 -11.28 3.57
C CYS F 285 3.64 -12.07 2.53
N ASP F 286 4.35 -12.96 1.82
CA ASP F 286 3.71 -13.84 0.86
C ASP F 286 2.77 -14.80 1.57
N ILE F 287 1.85 -15.37 0.80
CA ILE F 287 0.86 -16.28 1.35
C ILE F 287 1.45 -17.54 1.95
N ASP F 288 2.47 -18.11 1.30
CA ASP F 288 3.05 -19.35 1.78
C ASP F 288 3.81 -19.14 3.09
N ILE F 289 4.26 -17.92 3.36
CA ILE F 289 5.09 -17.67 4.54
C ILE F 289 4.23 -17.58 5.80
N ARG F 290 2.98 -17.21 5.66
CA ARG F 290 2.14 -16.98 6.81
C ARG F 290 1.96 -18.19 7.72
N LYS F 291 2.01 -19.38 7.17
CA LYS F 291 1.79 -20.57 7.99
C LYS F 291 2.88 -20.74 9.03
N ASP F 292 4.14 -20.59 8.61
CA ASP F 292 5.25 -20.84 9.53
C ASP F 292 5.37 -19.73 10.57
N LEU F 293 5.03 -18.50 10.21
CA LEU F 293 5.15 -17.39 11.16
C LEU F 293 4.14 -17.53 12.29
N TYR F 294 2.91 -17.97 11.97
CA TYR F 294 1.93 -18.25 13.01
C TYR F 294 2.43 -19.37 13.92
N ALA F 295 3.05 -20.40 13.34
CA ALA F 295 3.56 -21.52 14.14
C ALA F 295 4.77 -21.09 14.96
N ASN F 296 5.55 -20.15 14.46
CA ASN F 296 6.77 -19.67 15.11
C ASN F 296 6.65 -18.18 15.34
N ASN F 297 6.07 -17.80 16.48
CA ASN F 297 5.95 -16.40 16.89
C ASN F 297 6.82 -16.22 18.13
N VAL F 298 8.05 -15.78 17.90
CA VAL F 298 9.01 -15.64 19.00
C VAL F 298 8.68 -14.41 19.83
N MET F 299 8.77 -14.56 21.14
CA MET F 299 8.56 -13.49 22.10
C MET F 299 9.87 -13.31 22.88
N SER F 300 10.41 -12.09 22.83
CA SER F 300 11.73 -11.81 23.37
C SER F 300 11.75 -10.46 24.06
N GLY F 301 12.92 -10.10 24.58
CA GLY F 301 13.16 -8.78 25.13
C GLY F 301 12.31 -8.48 26.35
N GLY F 302 12.59 -7.31 26.94
CA GLY F 302 11.82 -6.84 28.06
C GLY F 302 10.39 -6.51 27.66
N THR F 303 9.57 -6.24 28.68
CA THR F 303 8.15 -5.88 28.58
C THR F 303 7.29 -7.11 28.28
N THR F 304 7.89 -8.29 28.05
CA THR F 304 7.16 -9.52 27.74
C THR F 304 7.06 -10.44 28.95
N MET F 305 7.38 -9.94 30.14
CA MET F 305 7.37 -10.74 31.36
C MET F 305 6.03 -10.69 32.09
N TYR F 306 5.06 -9.94 31.59
CA TYR F 306 3.74 -9.93 32.22
C TYR F 306 3.14 -11.34 32.15
N PRO F 307 2.76 -11.95 33.27
CA PRO F 307 2.25 -13.33 33.20
C PRO F 307 1.01 -13.45 32.34
N GLY F 308 1.03 -14.42 31.43
CA GLY F 308 -0.09 -14.68 30.54
C GLY F 308 -0.06 -13.91 29.24
N ILE F 309 0.99 -13.15 28.96
CA ILE F 309 1.04 -12.36 27.72
C ILE F 309 1.02 -13.28 26.51
N ALA F 310 1.61 -14.47 26.64
CA ALA F 310 1.52 -15.46 25.58
C ALA F 310 0.08 -15.93 25.40
N ASP F 311 -0.67 -16.02 26.50
CA ASP F 311 -2.07 -16.44 26.42
C ASP F 311 -2.93 -15.34 25.80
N ARG F 312 -2.71 -14.08 26.21
CA ARG F 312 -3.45 -12.97 25.62
C ARG F 312 -3.14 -12.83 24.14
N MET F 313 -1.86 -12.95 23.78
CA MET F 313 -1.47 -12.76 22.38
C MET F 313 -1.95 -13.93 21.52
N GLN F 314 -1.90 -15.15 22.07
CA GLN F 314 -2.42 -16.30 21.35
C GLN F 314 -3.93 -16.21 21.20
N LYS F 315 -4.62 -15.79 22.26
CA LYS F 315 -6.07 -15.64 22.20
C LYS F 315 -6.46 -14.54 21.22
N GLU F 316 -5.65 -13.49 21.12
CA GLU F 316 -6.02 -12.33 20.33
C GLU F 316 -5.75 -12.55 18.85
N ILE F 317 -4.56 -13.05 18.51
CA ILE F 317 -4.24 -13.31 17.10
C ILE F 317 -5.14 -14.40 16.54
N THR F 318 -5.56 -15.35 17.39
CA THR F 318 -6.42 -16.42 16.94
C THR F 318 -7.76 -15.89 16.44
N ALA F 319 -8.27 -14.84 17.07
CA ALA F 319 -9.52 -14.24 16.63
C ALA F 319 -9.36 -13.58 15.27
N LEU F 320 -8.25 -12.86 15.07
CA LEU F 320 -8.00 -12.20 13.80
C LEU F 320 -7.58 -13.20 12.73
N ALA F 321 -6.74 -14.16 13.10
CA ALA F 321 -6.22 -15.10 12.13
C ALA F 321 -7.31 -16.09 11.71
N PRO F 322 -7.20 -16.70 10.53
CA PRO F 322 -8.22 -17.67 10.11
C PRO F 322 -8.04 -19.00 10.82
N SER F 323 -9.10 -19.81 10.78
CA SER F 323 -9.04 -21.15 11.34
C SER F 323 -8.08 -22.01 10.55
N THR F 324 -7.76 -23.18 11.12
CA THR F 324 -6.87 -24.22 10.58
C THR F 324 -5.40 -23.82 10.75
N MET F 325 -5.09 -22.60 11.19
CA MET F 325 -3.71 -22.13 11.36
C MET F 325 -3.34 -22.32 12.83
N LYS F 326 -2.38 -23.20 13.09
CA LYS F 326 -1.92 -23.43 14.45
C LYS F 326 -1.01 -22.28 14.89
N ILE F 327 -1.36 -21.65 16.01
CA ILE F 327 -0.64 -20.51 16.55
C ILE F 327 0.08 -20.98 17.81
N LYS F 328 1.41 -20.92 17.78
CA LYS F 328 2.25 -21.26 18.92
C LYS F 328 3.24 -20.12 19.16
N ILE F 329 3.08 -19.44 20.29
CA ILE F 329 3.90 -18.27 20.63
C ILE F 329 4.98 -18.74 21.59
N ILE F 330 6.23 -18.54 21.19
CA ILE F 330 7.39 -19.04 21.93
C ILE F 330 7.87 -17.94 22.86
N ALA F 331 7.58 -18.10 24.15
CA ALA F 331 7.97 -17.15 25.20
C ALA F 331 8.85 -17.88 26.19
N PRO F 332 10.14 -18.08 25.88
CA PRO F 332 11.00 -18.87 26.77
C PRO F 332 11.27 -18.12 28.06
N PRO F 333 11.64 -18.82 29.13
CA PRO F 333 12.02 -18.10 30.36
C PRO F 333 13.26 -17.22 30.20
N GLU F 334 14.17 -17.59 29.28
CA GLU F 334 15.42 -16.86 29.14
C GLU F 334 15.29 -15.54 28.38
N ARG F 335 14.07 -15.13 28.02
CA ARG F 335 13.91 -13.82 27.40
C ARG F 335 14.23 -12.73 28.42
N LYS F 336 14.31 -11.49 27.92
CA LYS F 336 14.95 -10.33 28.55
C LYS F 336 16.48 -10.38 28.36
N TYR F 337 16.99 -11.48 27.78
CA TYR F 337 18.39 -11.59 27.42
C TYR F 337 18.60 -12.23 26.05
N SER F 338 17.52 -12.67 25.38
CA SER F 338 17.66 -13.48 24.17
C SER F 338 18.39 -12.71 23.07
N VAL F 339 18.24 -11.38 23.05
CA VAL F 339 19.02 -10.57 22.13
C VAL F 339 20.51 -10.68 22.46
N TRP F 340 20.85 -10.85 23.74
CA TRP F 340 22.25 -10.97 24.11
C TRP F 340 22.82 -12.33 23.76
N ILE F 341 22.08 -13.41 24.06
CA ILE F 341 22.57 -14.75 23.76
C ILE F 341 22.78 -14.92 22.25
N GLY F 342 21.95 -14.25 21.45
CA GLY F 342 22.21 -14.21 20.02
C GLY F 342 23.54 -13.55 19.70
N GLY F 343 23.93 -12.56 20.49
CA GLY F 343 25.20 -11.90 20.29
C GLY F 343 26.37 -12.80 20.65
N SER F 344 26.24 -13.55 21.75
CA SER F 344 27.25 -14.52 22.11
C SER F 344 27.35 -15.61 21.06
N ILE F 345 26.22 -16.01 20.47
CA ILE F 345 26.24 -17.01 19.42
C ILE F 345 26.76 -16.40 18.13
N LEU F 346 26.24 -15.23 17.75
CA LEU F 346 26.61 -14.61 16.48
C LEU F 346 28.10 -14.32 16.41
N ALA F 347 28.70 -13.92 17.54
CA ALA F 347 30.13 -13.70 17.57
C ALA F 347 30.91 -15.02 17.55
N SER F 348 30.27 -16.12 17.95
CA SER F 348 30.98 -17.39 18.05
C SER F 348 31.17 -18.05 16.69
N LEU F 349 30.35 -17.69 15.70
CA LEU F 349 30.47 -18.27 14.38
C LEU F 349 31.83 -17.95 13.75
N SER F 350 32.45 -18.98 13.16
CA SER F 350 33.70 -18.78 12.44
C SER F 350 33.49 -18.02 11.14
N THR F 351 32.33 -18.21 10.55
CA THR F 351 31.98 -17.51 9.33
C THR F 351 31.89 -16.01 9.63
N PHE F 352 31.40 -15.69 10.83
CA PHE F 352 31.18 -14.31 11.23
C PHE F 352 32.47 -13.51 11.31
N GLN F 353 33.63 -14.17 11.35
CA GLN F 353 34.89 -13.45 11.46
C GLN F 353 35.16 -12.56 10.26
N GLN F 354 34.55 -12.87 9.11
CA GLN F 354 34.76 -12.05 7.92
C GLN F 354 33.94 -10.76 7.99
N MET F 355 32.83 -10.77 8.73
CA MET F 355 31.88 -9.67 8.69
C MET F 355 32.21 -8.52 9.63
N TRP F 356 33.34 -8.57 10.36
CA TRP F 356 33.69 -7.47 11.23
C TRP F 356 34.05 -6.23 10.42
N ILE F 357 33.95 -5.07 11.07
CA ILE F 357 34.35 -3.79 10.50
C ILE F 357 35.67 -3.42 11.17
N THR F 358 36.78 -3.68 10.48
CA THR F 358 38.09 -3.49 11.06
C THR F 358 38.50 -2.02 11.05
N LYS F 359 39.54 -1.72 11.83
CA LYS F 359 40.06 -0.36 11.92
C LYS F 359 40.60 0.11 10.57
N GLN F 360 41.31 -0.76 9.85
CA GLN F 360 41.96 -0.34 8.62
C GLN F 360 40.93 0.02 7.54
N GLU F 361 39.77 -0.64 7.57
CA GLU F 361 38.75 -0.35 6.56
C GLU F 361 38.00 0.94 6.89
N TYR F 362 37.95 1.33 8.16
CA TYR F 362 37.27 2.55 8.55
C TYR F 362 37.97 3.78 7.97
N ASP F 363 39.30 3.84 8.14
CA ASP F 363 40.05 5.00 7.64
C ASP F 363 39.97 5.11 6.13
N GLU F 364 39.82 3.98 5.43
CA GLU F 364 39.75 4.00 3.98
C GLU F 364 38.41 4.53 3.49
N ALA F 365 37.31 4.01 4.06
CA ALA F 365 35.96 4.31 3.57
C ALA F 365 35.22 5.31 4.44
N GLY F 366 35.66 5.54 5.68
CA GLY F 366 35.00 6.46 6.57
C GLY F 366 33.84 5.80 7.30
N PRO F 367 33.04 6.59 8.02
CA PRO F 367 31.92 6.02 8.79
C PRO F 367 30.72 5.57 7.98
N SER F 368 30.72 5.77 6.66
CA SER F 368 29.65 5.29 5.80
C SER F 368 29.83 3.82 5.41
N ILE F 369 30.84 3.15 5.95
CA ILE F 369 31.06 1.74 5.64
C ILE F 369 30.01 0.84 6.29
N VAL F 370 29.28 1.35 7.29
CA VAL F 370 28.35 0.52 8.04
C VAL F 370 27.23 0.01 7.15
N HIS F 371 26.67 0.89 6.31
CA HIS F 371 25.42 0.57 5.63
C HIS F 371 25.59 -0.58 4.64
N ARG F 372 26.71 -0.62 3.93
CA ARG F 372 26.87 -1.63 2.88
C ARG F 372 27.18 -3.00 3.48
N LYS F 373 27.94 -3.02 4.58
CA LYS F 373 28.34 -4.30 5.19
C LYS F 373 27.28 -4.80 6.17
N CYS F 374 26.84 -3.94 7.08
CA CYS F 374 25.91 -4.37 8.13
C CYS F 374 24.59 -4.84 7.54
N PRO G 57 -1.84 -44.46 -6.74
CA PRO G 57 -2.25 -45.37 -7.82
C PRO G 57 -1.08 -46.19 -8.33
N ALA G 58 -1.40 -47.20 -9.13
CA ALA G 58 -0.38 -48.06 -9.70
C ALA G 58 0.49 -47.33 -10.73
N THR G 59 0.01 -46.21 -11.28
CA THR G 59 0.78 -45.51 -12.31
C THR G 59 2.07 -44.93 -11.74
N GLU G 60 2.03 -44.44 -10.50
CA GLU G 60 3.22 -43.93 -9.80
C GLU G 60 3.31 -44.54 -8.41
N LYS G 61 3.88 -45.74 -8.34
CA LYS G 61 4.21 -46.34 -7.05
C LYS G 61 5.49 -45.73 -6.48
N ASP G 62 6.41 -45.33 -7.36
CA ASP G 62 7.71 -44.84 -6.90
C ASP G 62 7.62 -43.42 -6.36
N LEU G 63 6.81 -42.57 -6.99
CA LEU G 63 6.91 -41.13 -6.74
C LEU G 63 6.35 -40.75 -5.38
N ALA G 64 5.47 -41.57 -4.80
CA ALA G 64 4.87 -41.19 -3.53
C ALA G 64 5.91 -41.08 -2.42
N GLU G 65 6.49 -42.21 -1.99
CA GLU G 65 7.60 -42.24 -1.04
C GLU G 65 8.00 -43.70 -0.82
N ASP G 66 9.20 -43.93 -0.29
CA ASP G 66 9.63 -45.24 0.20
C ASP G 66 9.66 -46.31 -0.89
N ALA G 67 10.08 -45.95 -2.10
CA ALA G 67 10.21 -46.96 -3.15
C ALA G 67 11.35 -47.92 -2.79
N PRO G 68 11.40 -49.10 -3.40
CA PRO G 68 12.53 -50.00 -3.13
C PRO G 68 13.88 -49.40 -3.53
N TRP G 69 13.96 -48.77 -4.70
CA TRP G 69 15.23 -48.20 -5.15
C TRP G 69 15.67 -47.06 -4.25
N LYS G 70 14.71 -46.31 -3.68
CA LYS G 70 15.07 -45.25 -2.74
C LYS G 70 15.71 -45.85 -1.48
N LYS G 71 15.16 -46.96 -0.99
CA LYS G 71 15.71 -47.60 0.20
C LYS G 71 17.00 -48.35 -0.14
N ILE G 72 17.03 -49.03 -1.29
CA ILE G 72 18.22 -49.77 -1.68
C ILE G 72 19.39 -48.83 -1.92
N GLN G 73 19.13 -47.69 -2.59
CA GLN G 73 20.18 -46.70 -2.76
C GLN G 73 20.63 -46.12 -1.43
N GLN G 74 19.68 -45.76 -0.56
CA GLN G 74 20.02 -45.21 0.75
C GLN G 74 20.90 -46.16 1.54
N ASN G 75 20.60 -47.46 1.49
CA ASN G 75 21.43 -48.44 2.17
C ASN G 75 22.81 -48.51 1.53
N THR G 76 22.90 -48.23 0.23
CA THR G 76 24.19 -48.27 -0.45
C THR G 76 25.03 -47.06 -0.07
N PHE G 77 24.41 -45.88 0.00
CA PHE G 77 25.13 -44.69 0.44
C PHE G 77 25.62 -44.83 1.86
N THR G 78 24.84 -45.52 2.70
CA THR G 78 25.22 -45.67 4.10
C THR G 78 26.47 -46.54 4.26
N ARG G 79 26.55 -47.63 3.49
CA ARG G 79 27.68 -48.54 3.62
C ARG G 79 28.97 -47.92 3.08
N TRP G 80 28.86 -47.21 1.95
CA TRP G 80 30.05 -46.68 1.29
C TRP G 80 30.77 -45.66 2.16
N CYS G 81 30.05 -44.66 2.65
CA CYS G 81 30.67 -43.59 3.42
C CYS G 81 31.20 -44.10 4.75
N ASN G 82 30.58 -45.13 5.31
CA ASN G 82 31.03 -45.65 6.61
C ASN G 82 32.40 -46.30 6.50
N GLU G 83 32.69 -46.94 5.37
CA GLU G 83 33.97 -47.63 5.21
C GLU G 83 35.14 -46.65 5.30
N HIS G 84 34.99 -45.47 4.71
CA HIS G 84 36.03 -44.46 4.82
C HIS G 84 36.14 -43.92 6.25
N LEU G 85 35.04 -43.95 6.99
CA LEU G 85 35.02 -43.42 8.35
C LEU G 85 35.47 -44.43 9.40
N LYS G 86 35.85 -45.65 9.00
CA LYS G 86 36.32 -46.62 9.99
C LYS G 86 37.62 -46.18 10.63
N CYS G 87 38.43 -45.39 9.92
CA CYS G 87 39.67 -44.89 10.49
C CYS G 87 39.41 -43.94 11.65
N VAL G 88 38.33 -43.14 11.57
CA VAL G 88 37.97 -42.22 12.63
C VAL G 88 36.98 -42.82 13.63
N SER G 89 36.60 -44.10 13.46
CA SER G 89 35.70 -44.79 14.38
C SER G 89 34.35 -44.08 14.48
N LYS G 90 33.76 -43.78 13.33
CA LYS G 90 32.46 -43.12 13.24
C LYS G 90 31.54 -43.94 12.34
N ARG G 91 30.29 -44.11 12.79
CA ARG G 91 29.29 -44.87 12.06
C ARG G 91 28.05 -44.00 11.87
N ILE G 92 27.35 -44.24 10.77
CA ILE G 92 26.16 -43.47 10.39
C ILE G 92 25.01 -44.47 10.32
N ALA G 93 24.20 -44.51 11.38
CA ALA G 93 23.07 -45.44 11.41
C ALA G 93 21.97 -45.00 10.44
N ASN G 94 21.60 -43.72 10.51
CA ASN G 94 20.57 -43.15 9.65
C ASN G 94 21.14 -41.90 8.99
N LEU G 95 21.25 -41.93 7.66
CA LEU G 95 21.89 -40.82 6.94
C LEU G 95 21.07 -39.54 7.05
N GLN G 96 19.76 -39.66 7.31
CA GLN G 96 18.90 -38.49 7.37
C GLN G 96 19.25 -37.61 8.57
N THR G 97 19.25 -38.21 9.78
CA THR G 97 19.38 -37.45 11.01
C THR G 97 20.81 -37.38 11.55
N ASP G 98 21.70 -38.26 11.10
CA ASP G 98 23.04 -38.28 11.67
C ASP G 98 23.87 -37.08 11.19
N LEU G 99 23.56 -36.56 10.01
CA LEU G 99 24.28 -35.40 9.46
C LEU G 99 23.72 -34.07 9.95
N SER G 100 22.82 -34.06 10.94
CA SER G 100 22.30 -32.81 11.44
C SER G 100 23.39 -31.98 12.11
N ASP G 101 24.22 -32.62 12.95
CA ASP G 101 25.31 -31.91 13.59
C ASP G 101 26.34 -31.45 12.54
N GLY G 102 26.46 -32.17 11.43
CA GLY G 102 27.38 -31.82 10.38
C GLY G 102 28.81 -32.26 10.60
N LEU G 103 29.16 -32.72 11.79
CA LEU G 103 30.54 -33.14 12.06
C LEU G 103 30.93 -34.33 11.19
N ARG G 104 30.00 -35.25 10.96
CA ARG G 104 30.29 -36.42 10.15
C ARG G 104 30.57 -36.03 8.71
N LEU G 105 29.89 -34.99 8.21
CA LEU G 105 30.16 -34.51 6.86
C LEU G 105 31.56 -33.91 6.77
N ILE G 106 32.00 -33.20 7.81
CA ILE G 106 33.34 -32.62 7.81
C ILE G 106 34.38 -33.73 7.84
N ALA G 107 34.17 -34.76 8.66
CA ALA G 107 35.13 -35.84 8.78
C ALA G 107 35.21 -36.64 7.48
N LEU G 108 34.08 -36.81 6.80
CA LEU G 108 34.08 -37.54 5.52
C LEU G 108 34.93 -36.83 4.48
N LEU G 109 34.86 -35.50 4.45
CA LEU G 109 35.65 -34.74 3.48
C LEU G 109 37.14 -34.78 3.84
N GLU G 110 37.46 -34.81 5.13
CA GLU G 110 38.85 -34.88 5.55
C GLU G 110 39.53 -36.15 5.05
N VAL G 111 38.82 -37.27 5.08
CA VAL G 111 39.40 -38.54 4.64
C VAL G 111 39.57 -38.55 3.14
N LEU G 112 38.52 -38.18 2.39
CA LEU G 112 38.57 -38.26 0.94
C LEU G 112 39.48 -37.20 0.34
N SER G 113 39.25 -35.93 0.69
CA SER G 113 40.02 -34.85 0.08
C SER G 113 41.45 -34.82 0.59
N GLN G 114 41.68 -35.31 1.82
CA GLN G 114 42.99 -35.25 2.47
C GLN G 114 43.47 -33.81 2.57
N LYS G 115 42.55 -32.90 2.87
CA LYS G 115 42.84 -31.48 3.02
C LYS G 115 42.18 -30.98 4.30
N LYS G 116 42.58 -29.78 4.72
CA LYS G 116 42.06 -29.14 5.91
C LYS G 116 41.06 -28.07 5.51
N MET G 117 40.07 -27.84 6.38
CA MET G 117 38.99 -26.90 6.07
C MET G 117 39.52 -25.48 6.02
N HIS G 118 38.91 -24.66 5.17
CA HIS G 118 39.36 -23.28 5.00
C HIS G 118 38.86 -22.38 6.13
N ARG G 119 37.73 -22.74 6.74
CA ARG G 119 37.23 -22.08 7.95
C ARG G 119 37.18 -23.09 9.08
N LYS G 120 37.49 -22.63 10.30
CA LYS G 120 37.40 -23.51 11.46
C LYS G 120 35.95 -23.78 11.80
N HIS G 121 35.66 -25.03 12.15
CA HIS G 121 34.31 -25.49 12.43
C HIS G 121 34.13 -25.69 13.93
N ASN G 122 32.89 -25.56 14.38
CA ASN G 122 32.57 -25.74 15.80
C ASN G 122 32.74 -27.19 16.21
N GLN G 123 33.31 -27.41 17.39
CA GLN G 123 33.59 -28.76 17.84
C GLN G 123 32.30 -29.51 18.17
N ARG G 124 31.35 -28.85 18.84
CA ARG G 124 30.02 -29.42 19.05
C ARG G 124 29.02 -28.26 19.01
N PRO G 125 28.01 -28.29 18.10
CA PRO G 125 26.96 -27.27 18.16
C PRO G 125 25.78 -27.67 19.03
N THR G 126 25.39 -26.81 19.97
CA THR G 126 24.18 -27.02 20.75
C THR G 126 22.98 -26.36 20.07
N PHE G 127 23.14 -25.12 19.64
CA PHE G 127 22.07 -24.38 18.99
C PHE G 127 22.00 -24.73 17.51
N ARG G 128 20.89 -24.35 16.90
CA ARG G 128 20.67 -24.62 15.49
C ARG G 128 21.60 -23.88 14.54
N GLN G 129 21.94 -22.63 14.88
CA GLN G 129 22.72 -21.81 13.97
C GLN G 129 24.15 -22.34 13.82
N MET G 130 24.71 -22.87 14.90
CA MET G 130 26.07 -23.41 14.83
C MET G 130 26.11 -24.68 13.99
N GLN G 131 25.01 -25.42 13.94
CA GLN G 131 24.93 -26.57 13.05
C GLN G 131 25.01 -26.14 11.59
N LEU G 132 24.25 -25.10 11.24
CA LEU G 132 24.26 -24.62 9.86
C LEU G 132 25.62 -24.02 9.50
N GLU G 133 26.32 -23.44 10.48
CA GLU G 133 27.66 -22.93 10.22
C GLU G 133 28.61 -24.05 9.84
N ASN G 134 28.49 -25.20 10.51
CA ASN G 134 29.35 -26.34 10.20
C ASN G 134 29.06 -26.88 8.81
N VAL G 135 27.78 -26.97 8.46
CA VAL G 135 27.40 -27.52 7.15
C VAL G 135 27.69 -26.51 6.04
N SER G 136 27.45 -25.23 6.31
CA SER G 136 27.73 -24.19 5.31
C SER G 136 29.22 -24.14 4.99
N VAL G 137 30.07 -24.28 6.00
CA VAL G 137 31.51 -24.32 5.76
C VAL G 137 31.88 -25.55 4.94
N ALA G 138 31.12 -26.64 5.09
CA ALA G 138 31.39 -27.84 4.31
C ALA G 138 31.11 -27.60 2.83
N LEU G 139 29.93 -27.08 2.52
CA LEU G 139 29.56 -26.86 1.12
C LEU G 139 30.47 -25.84 0.44
N GLU G 140 30.88 -24.81 1.19
CA GLU G 140 31.80 -23.83 0.63
C GLU G 140 33.16 -24.45 0.32
N PHE G 141 33.53 -25.51 1.03
CA PHE G 141 34.81 -26.17 0.76
C PHE G 141 34.77 -26.93 -0.57
N LEU G 142 33.62 -27.53 -0.89
CA LEU G 142 33.51 -28.26 -2.16
C LEU G 142 33.62 -27.32 -3.35
N ASP G 143 33.20 -26.05 -3.17
CA ASP G 143 33.41 -25.06 -4.21
C ASP G 143 34.89 -24.83 -4.46
N ARG G 144 35.69 -24.82 -3.38
CA ARG G 144 37.14 -24.73 -3.54
C ARG G 144 37.72 -25.99 -4.16
N GLU G 145 37.04 -27.13 -3.97
CA GLU G 145 37.43 -28.39 -4.57
C GLU G 145 37.04 -28.51 -6.04
N SER G 146 36.42 -27.46 -6.61
CA SER G 146 35.98 -27.45 -8.00
C SER G 146 34.96 -28.56 -8.27
N ILE G 147 33.96 -28.65 -7.38
CA ILE G 147 32.84 -29.56 -7.52
C ILE G 147 31.57 -28.72 -7.64
N LYS G 148 30.72 -29.08 -8.59
CA LYS G 148 29.49 -28.36 -8.86
C LYS G 148 28.34 -29.00 -8.07
N LEU G 149 27.65 -28.20 -7.28
CA LEU G 149 26.47 -28.63 -6.53
C LEU G 149 25.32 -27.69 -6.82
N VAL G 150 24.14 -28.26 -7.03
CA VAL G 150 22.94 -27.50 -7.36
C VAL G 150 21.84 -27.87 -6.37
N SER G 151 21.33 -26.85 -5.67
CA SER G 151 20.13 -26.99 -4.86
C SER G 151 20.33 -27.95 -3.69
N ILE G 152 21.48 -27.86 -3.03
CA ILE G 152 21.75 -28.57 -1.79
C ILE G 152 22.29 -27.56 -0.79
N ASP G 153 21.43 -27.14 0.15
CA ASP G 153 21.74 -26.09 1.11
C ASP G 153 21.88 -26.70 2.49
N SER G 154 22.37 -25.86 3.43
CA SER G 154 22.61 -26.34 4.78
C SER G 154 21.30 -26.63 5.52
N LYS G 155 20.24 -25.90 5.18
CA LYS G 155 18.95 -26.10 5.87
C LYS G 155 18.38 -27.48 5.56
N ALA G 156 18.48 -27.94 4.31
CA ALA G 156 17.91 -29.23 3.95
C ALA G 156 18.68 -30.37 4.59
N ILE G 157 20.02 -30.25 4.66
CA ILE G 157 20.83 -31.31 5.23
C ILE G 157 20.52 -31.49 6.71
N VAL G 158 20.25 -30.39 7.41
CA VAL G 158 19.93 -30.48 8.84
C VAL G 158 18.50 -30.98 9.03
N ASP G 159 17.57 -30.51 8.19
CA ASP G 159 16.17 -30.91 8.28
C ASP G 159 15.93 -32.32 7.75
N GLY G 160 16.93 -32.96 7.14
CA GLY G 160 16.80 -34.31 6.66
C GLY G 160 15.77 -34.50 5.56
N ASN G 161 15.90 -33.73 4.48
CA ASN G 161 15.09 -33.91 3.29
C ASN G 161 15.73 -35.03 2.48
N LEU G 162 15.27 -36.26 2.71
CA LEU G 162 16.01 -37.45 2.29
C LEU G 162 16.26 -37.48 0.77
N LYS G 163 15.44 -36.80 0.01
CA LYS G 163 15.63 -36.76 -1.43
C LYS G 163 16.91 -36.00 -1.80
N LEU G 164 17.33 -35.07 -0.95
CA LEU G 164 18.49 -34.25 -1.25
C LEU G 164 19.83 -34.70 -0.68
N ILE G 165 19.79 -35.36 0.47
CA ILE G 165 21.05 -35.79 1.08
C ILE G 165 21.68 -36.91 0.25
N LEU G 166 20.87 -37.77 -0.34
CA LEU G 166 21.41 -38.83 -1.18
C LEU G 166 22.10 -38.27 -2.41
N GLY G 167 21.63 -37.12 -2.90
CA GLY G 167 22.30 -36.47 -4.02
C GLY G 167 23.67 -35.95 -3.66
N LEU G 168 23.84 -35.51 -2.41
CA LEU G 168 25.12 -34.97 -1.98
C LEU G 168 26.20 -36.04 -1.98
N ILE G 169 25.87 -37.24 -1.50
CA ILE G 169 26.87 -38.29 -1.42
C ILE G 169 27.17 -38.85 -2.79
N TRP G 170 26.16 -38.90 -3.67
CA TRP G 170 26.36 -39.43 -5.01
C TRP G 170 27.36 -38.60 -5.80
N THR G 171 27.36 -37.28 -5.58
CA THR G 171 28.36 -36.42 -6.21
C THR G 171 29.76 -36.77 -5.74
N LEU G 172 29.89 -37.26 -4.50
CA LEU G 172 31.21 -37.60 -3.97
C LEU G 172 31.67 -38.95 -4.49
N ILE G 173 30.74 -39.87 -4.75
CA ILE G 173 31.11 -41.19 -5.24
C ILE G 173 31.77 -41.09 -6.61
N LEU G 174 31.17 -40.30 -7.50
CA LEU G 174 31.69 -40.19 -8.86
C LEU G 174 32.97 -39.36 -8.89
N HIS G 175 33.07 -38.34 -8.04
CA HIS G 175 34.28 -37.53 -7.98
C HIS G 175 35.42 -38.31 -7.38
N TYR G 176 35.18 -38.99 -6.25
CA TYR G 176 36.18 -39.82 -5.58
C TYR G 176 35.96 -41.27 -5.98
N SER G 177 36.76 -41.73 -6.94
CA SER G 177 36.67 -43.11 -7.41
C SER G 177 38.00 -43.57 -8.00
N THR H 5 23.81 -50.99 -19.26
CA THR H 5 23.21 -51.28 -20.55
C THR H 5 21.87 -50.57 -20.70
N THR H 6 21.12 -50.51 -19.61
CA THR H 6 19.83 -49.82 -19.62
C THR H 6 20.04 -48.32 -19.80
N ALA H 7 19.23 -47.72 -20.67
CA ALA H 7 19.30 -46.31 -20.99
C ALA H 7 18.14 -45.60 -20.31
N LEU H 8 18.45 -44.48 -19.65
CA LEU H 8 17.42 -43.73 -18.95
C LEU H 8 16.65 -42.84 -19.91
N VAL H 9 15.56 -42.26 -19.41
CA VAL H 9 14.67 -41.42 -20.19
C VAL H 9 14.47 -40.11 -19.42
N CYS H 10 14.34 -39.02 -20.15
CA CYS H 10 14.04 -37.71 -19.58
C CYS H 10 13.05 -37.00 -20.51
N ASP H 11 11.81 -36.86 -20.05
CA ASP H 11 10.79 -36.23 -20.86
C ASP H 11 11.07 -34.77 -21.19
N ASN H 12 11.59 -34.04 -20.22
CA ASN H 12 11.87 -32.61 -20.41
C ASN H 12 10.60 -31.87 -20.83
N GLY H 13 9.56 -32.01 -20.02
CA GLY H 13 8.31 -31.37 -20.32
C GLY H 13 8.38 -29.86 -20.17
N SER H 14 7.42 -29.20 -20.82
CA SER H 14 7.42 -27.73 -20.80
C SER H 14 6.95 -27.18 -19.46
N GLY H 15 6.38 -28.02 -18.61
CA GLY H 15 5.98 -27.64 -17.27
C GLY H 15 6.30 -28.64 -16.18
N LEU H 16 6.86 -29.79 -16.53
CA LEU H 16 7.11 -30.84 -15.55
C LEU H 16 8.19 -31.77 -16.11
N VAL H 17 9.14 -32.12 -15.26
CA VAL H 17 10.23 -33.00 -15.62
C VAL H 17 9.89 -34.41 -15.14
N LYS H 18 10.00 -35.38 -16.04
CA LYS H 18 9.65 -36.77 -15.75
C LYS H 18 10.74 -37.66 -16.34
N ALA H 19 11.50 -38.32 -15.46
CA ALA H 19 12.65 -39.12 -15.87
C ALA H 19 12.66 -40.43 -15.11
N GLY H 20 13.12 -41.48 -15.79
CA GLY H 20 13.23 -42.80 -15.19
C GLY H 20 13.95 -43.74 -16.12
N PHE H 21 14.31 -44.91 -15.58
CA PHE H 21 15.01 -45.91 -16.37
C PHE H 21 14.06 -46.59 -17.34
N ALA H 22 14.60 -47.03 -18.47
CA ALA H 22 13.79 -47.74 -19.45
C ALA H 22 13.37 -49.10 -18.91
N GLY H 23 12.34 -49.67 -19.54
CA GLY H 23 11.79 -50.92 -19.08
C GLY H 23 11.06 -50.83 -17.75
N ASP H 24 10.72 -49.62 -17.30
CA ASP H 24 10.06 -49.40 -16.02
C ASP H 24 8.66 -48.87 -16.28
N ASP H 25 7.68 -49.35 -15.51
CA ASP H 25 6.29 -48.97 -15.74
C ASP H 25 6.00 -47.58 -15.20
N ALA H 26 6.63 -47.21 -14.07
CA ALA H 26 6.43 -45.94 -13.41
C ALA H 26 7.76 -45.18 -13.36
N PRO H 27 7.75 -43.86 -13.47
CA PRO H 27 9.02 -43.12 -13.44
C PRO H 27 9.58 -43.04 -12.02
N ARG H 28 10.91 -42.99 -11.93
CA ARG H 28 11.60 -42.89 -10.67
C ARG H 28 11.44 -41.57 -9.92
N ALA H 29 11.50 -40.46 -10.65
CA ALA H 29 11.44 -39.12 -10.05
C ALA H 29 10.71 -38.17 -10.98
N VAL H 30 9.87 -37.32 -10.40
CA VAL H 30 9.16 -36.26 -11.11
C VAL H 30 9.21 -35.00 -10.25
N PHE H 31 9.47 -33.87 -10.89
CA PHE H 31 9.56 -32.60 -10.19
C PHE H 31 9.21 -31.49 -11.17
N PRO H 32 8.68 -30.35 -10.69
CA PRO H 32 8.33 -29.27 -11.61
C PRO H 32 9.56 -28.67 -12.27
N SER H 33 9.38 -28.18 -13.50
CA SER H 33 10.43 -27.52 -14.25
C SER H 33 10.49 -26.03 -13.91
N ILE H 34 11.11 -25.74 -12.77
CA ILE H 34 11.21 -24.38 -12.25
C ILE H 34 12.60 -24.16 -11.67
N VAL H 35 13.11 -22.94 -11.81
CA VAL H 35 14.31 -22.50 -11.11
C VAL H 35 13.99 -21.17 -10.44
N GLY H 36 14.32 -21.07 -9.16
CA GLY H 36 14.02 -19.88 -8.38
C GLY H 36 15.28 -19.29 -7.81
N ARG H 37 15.23 -17.99 -7.51
CA ARG H 37 16.32 -17.27 -6.88
C ARG H 37 15.75 -16.32 -5.83
N PRO H 38 16.49 -16.03 -4.76
CA PRO H 38 15.94 -15.14 -3.73
C PRO H 38 15.70 -13.73 -4.25
N ARG H 39 14.59 -13.14 -3.82
CA ARG H 39 14.31 -11.72 -4.04
C ARG H 39 14.42 -10.93 -2.75
N HIS H 40 15.09 -11.46 -1.72
CA HIS H 40 15.31 -10.78 -0.46
C HIS H 40 16.75 -11.00 -0.02
N GLN H 41 17.24 -10.10 0.83
CA GLN H 41 18.61 -10.21 1.33
C GLN H 41 18.69 -11.26 2.43
N GLY H 42 19.89 -11.82 2.59
CA GLY H 42 20.14 -12.84 3.60
C GLY H 42 20.69 -12.26 4.88
N VAL H 43 19.85 -12.19 5.92
CA VAL H 43 20.26 -11.58 7.18
C VAL H 43 21.09 -12.57 8.01
N MET H 44 20.75 -13.85 7.95
CA MET H 44 21.41 -14.84 8.78
C MET H 44 22.85 -15.06 8.32
N VAL H 45 23.66 -15.58 9.24
CA VAL H 45 25.06 -15.89 8.99
C VAL H 45 25.23 -17.41 9.02
N GLY H 46 26.02 -17.94 8.11
CA GLY H 46 26.20 -19.39 8.01
C GLY H 46 24.90 -20.12 7.74
N MET H 47 24.08 -19.59 6.84
CA MET H 47 22.75 -20.11 6.56
C MET H 47 22.71 -20.96 5.30
N GLY H 48 23.76 -20.94 4.48
CA GLY H 48 23.69 -21.56 3.16
C GLY H 48 23.10 -20.58 2.17
N GLN H 49 21.80 -20.73 1.93
CA GLN H 49 21.02 -19.80 1.11
C GLN H 49 21.65 -19.44 -0.23
N LYS H 50 22.03 -20.45 -0.98
CA LYS H 50 22.69 -20.22 -2.25
C LYS H 50 21.71 -19.66 -3.27
N ASP H 51 22.19 -19.48 -4.51
CA ASP H 51 21.44 -18.69 -5.48
C ASP H 51 20.26 -19.44 -6.06
N SER H 52 20.43 -20.72 -6.41
CA SER H 52 19.49 -21.43 -7.25
C SER H 52 18.81 -22.55 -6.48
N TYR H 53 17.50 -22.71 -6.72
CA TYR H 53 16.72 -23.84 -6.22
C TYR H 53 15.79 -24.31 -7.33
N VAL H 54 15.62 -25.63 -7.45
CA VAL H 54 14.82 -26.22 -8.51
C VAL H 54 13.99 -27.35 -7.91
N GLY H 55 12.97 -27.76 -8.67
CA GLY H 55 12.16 -28.90 -8.26
C GLY H 55 11.22 -28.55 -7.11
N ASP H 56 10.80 -29.58 -6.38
CA ASP H 56 9.91 -29.41 -5.24
C ASP H 56 10.57 -28.61 -4.12
N GLU H 57 11.90 -28.55 -4.07
CA GLU H 57 12.57 -27.70 -3.08
C GLU H 57 12.19 -26.24 -3.28
N ALA H 58 12.00 -25.83 -4.54
CA ALA H 58 11.62 -24.44 -4.81
C ALA H 58 10.21 -24.15 -4.31
N GLN H 59 9.29 -25.10 -4.49
CA GLN H 59 7.93 -24.91 -3.96
C GLN H 59 7.93 -24.80 -2.45
N SER H 60 8.88 -25.46 -1.77
CA SER H 60 8.94 -25.37 -0.32
C SER H 60 9.28 -23.96 0.12
N LYS H 61 10.21 -23.31 -0.58
CA LYS H 61 10.65 -21.97 -0.25
C LYS H 61 10.15 -20.92 -1.21
N ARG H 62 9.08 -21.20 -1.92
CA ARG H 62 8.60 -20.26 -2.94
C ARG H 62 8.22 -18.89 -2.41
N GLY H 63 7.93 -18.78 -1.12
CA GLY H 63 7.52 -17.49 -0.59
C GLY H 63 8.56 -16.40 -0.82
N ILE H 64 9.84 -16.75 -0.64
CA ILE H 64 10.95 -15.81 -0.80
C ILE H 64 11.76 -16.08 -2.06
N LEU H 65 11.20 -16.81 -3.02
CA LEU H 65 11.83 -17.09 -4.30
C LEU H 65 10.93 -16.63 -5.44
N THR H 66 11.55 -16.02 -6.45
CA THR H 66 10.87 -15.68 -7.69
C THR H 66 11.16 -16.77 -8.72
N LEU H 67 10.09 -17.40 -9.22
CA LEU H 67 10.20 -18.59 -10.05
C LEU H 67 10.15 -18.19 -11.52
N LYS H 68 11.11 -18.68 -12.30
CA LYS H 68 11.17 -18.47 -13.73
C LYS H 68 11.28 -19.82 -14.42
N TYR H 69 10.45 -20.08 -15.41
CA TYR H 69 10.53 -21.36 -16.08
C TYR H 69 11.59 -21.29 -17.16
N PRO H 70 12.54 -22.21 -17.13
CA PRO H 70 13.57 -22.20 -18.19
C PRO H 70 13.05 -22.67 -19.53
N ILE H 71 12.11 -23.62 -19.52
CA ILE H 71 11.48 -24.14 -20.73
C ILE H 71 10.13 -23.44 -20.88
N GLU H 72 9.84 -22.95 -22.08
CA GLU H 72 8.65 -22.16 -22.34
C GLU H 72 8.17 -22.41 -23.76
N HIS H 73 6.91 -22.86 -23.88
CA HIS H 73 6.30 -23.21 -25.17
C HIS H 73 7.15 -24.23 -25.93
N GLY H 74 7.75 -25.17 -25.21
CA GLY H 74 8.66 -26.11 -25.83
C GLY H 74 9.93 -25.49 -26.35
N ILE H 75 10.26 -24.28 -25.90
CA ILE H 75 11.44 -23.54 -26.34
C ILE H 75 12.21 -23.10 -25.11
N ILE H 76 13.53 -23.27 -25.15
CA ILE H 76 14.40 -23.01 -24.02
C ILE H 76 14.90 -21.57 -24.14
N THR H 77 14.65 -20.78 -23.10
CA THR H 77 15.07 -19.39 -23.04
C THR H 77 16.38 -19.23 -22.27
N ASN H 78 16.46 -19.79 -21.07
CA ASN H 78 17.65 -19.70 -20.21
C ASN H 78 18.37 -21.03 -20.29
N TRP H 79 19.49 -21.05 -21.02
CA TRP H 79 20.24 -22.29 -21.21
C TRP H 79 21.02 -22.66 -19.97
N ASP H 80 21.64 -21.67 -19.31
CA ASP H 80 22.37 -21.95 -18.07
C ASP H 80 21.43 -22.47 -16.99
N ASP H 81 20.17 -22.05 -17.02
CA ASP H 81 19.20 -22.54 -16.04
C ASP H 81 18.77 -23.97 -16.36
N MET H 82 18.54 -24.28 -17.63
CA MET H 82 18.10 -25.61 -18.01
C MET H 82 19.20 -26.64 -17.73
N GLU H 83 20.47 -26.21 -17.80
CA GLU H 83 21.57 -27.10 -17.44
C GLU H 83 21.48 -27.53 -15.99
N LYS H 84 20.95 -26.66 -15.12
CA LYS H 84 20.82 -26.99 -13.71
C LYS H 84 19.71 -28.02 -13.48
N ILE H 85 18.67 -28.00 -14.32
CA ILE H 85 17.58 -28.95 -14.19
C ILE H 85 18.08 -30.37 -14.45
N TRP H 86 18.95 -30.53 -15.44
CA TRP H 86 19.47 -31.84 -15.78
C TRP H 86 20.46 -32.33 -14.72
N HIS H 87 21.27 -31.41 -14.18
CA HIS H 87 22.17 -31.78 -13.10
C HIS H 87 21.39 -32.23 -11.87
N HIS H 88 20.28 -31.55 -11.59
CA HIS H 88 19.41 -31.97 -10.48
C HIS H 88 18.66 -33.24 -10.83
N THR H 89 18.36 -33.45 -12.12
CA THR H 89 17.58 -34.61 -12.52
C THR H 89 18.36 -35.91 -12.30
N PHE H 90 19.65 -35.91 -12.65
CA PHE H 90 20.45 -37.13 -12.60
C PHE H 90 21.10 -37.33 -11.23
N TYR H 91 21.79 -36.30 -10.74
CA TYR H 91 22.57 -36.46 -9.52
C TYR H 91 21.70 -36.42 -8.27
N ASN H 92 20.76 -35.48 -8.21
CA ASN H 92 19.98 -35.25 -7.00
C ASN H 92 18.69 -36.08 -6.96
N GLU H 93 17.94 -36.10 -8.06
CA GLU H 93 16.66 -36.81 -8.06
C GLU H 93 16.87 -38.31 -8.23
N LEU H 94 17.57 -38.73 -9.28
CA LEU H 94 17.76 -40.15 -9.57
C LEU H 94 18.99 -40.75 -8.93
N ARG H 95 20.02 -39.94 -8.65
CA ARG H 95 21.28 -40.44 -8.10
C ARG H 95 21.92 -41.50 -9.01
N VAL H 96 22.08 -41.15 -10.29
CA VAL H 96 22.61 -42.05 -11.30
C VAL H 96 23.56 -41.27 -12.19
N ALA H 97 24.64 -41.91 -12.61
CA ALA H 97 25.61 -41.25 -13.47
C ALA H 97 25.11 -41.26 -14.92
N PRO H 98 25.23 -40.15 -15.66
CA PRO H 98 24.90 -40.18 -17.09
C PRO H 98 25.99 -40.74 -17.98
N GLU H 99 27.24 -40.78 -17.51
CA GLU H 99 28.34 -41.23 -18.36
C GLU H 99 28.30 -42.74 -18.60
N GLU H 100 27.60 -43.48 -17.73
CA GLU H 100 27.62 -44.93 -17.82
C GLU H 100 26.78 -45.44 -18.97
N HIS H 101 25.60 -44.86 -19.18
CA HIS H 101 24.64 -45.33 -20.15
C HIS H 101 23.93 -44.16 -20.82
N PRO H 102 23.43 -44.35 -22.05
CA PRO H 102 22.89 -43.20 -22.79
C PRO H 102 21.51 -42.79 -22.26
N THR H 103 21.02 -41.68 -22.81
CA THR H 103 19.78 -41.04 -22.36
C THR H 103 18.87 -40.78 -23.55
N LEU H 104 17.56 -40.88 -23.29
CA LEU H 104 16.53 -40.59 -24.29
C LEU H 104 15.81 -39.31 -23.90
N LEU H 105 15.61 -38.44 -24.89
CA LEU H 105 15.00 -37.14 -24.69
C LEU H 105 13.77 -36.99 -25.58
N THR H 106 12.96 -36.00 -25.25
CA THR H 106 11.74 -35.71 -26.00
C THR H 106 11.63 -34.21 -26.21
N GLU H 107 10.93 -33.82 -27.27
CA GLU H 107 10.75 -32.42 -27.62
C GLU H 107 9.59 -32.30 -28.59
N ALA H 108 8.91 -31.16 -28.53
CA ALA H 108 7.69 -30.97 -29.30
C ALA H 108 8.02 -30.67 -30.77
N PRO H 109 7.12 -31.02 -31.69
CA PRO H 109 7.43 -30.83 -33.11
C PRO H 109 7.47 -29.35 -33.50
N LEU H 110 8.13 -29.07 -34.61
CA LEU H 110 8.26 -27.75 -35.21
C LEU H 110 8.99 -26.76 -34.31
N ASN H 111 9.73 -27.22 -33.30
CA ASN H 111 10.57 -26.34 -32.52
C ASN H 111 11.70 -25.80 -33.38
N PRO H 112 12.31 -24.69 -32.99
CA PRO H 112 13.44 -24.17 -33.78
C PRO H 112 14.63 -25.13 -33.76
N LYS H 113 15.43 -25.06 -34.82
CA LYS H 113 16.55 -25.98 -34.96
C LYS H 113 17.59 -25.75 -33.87
N ALA H 114 17.70 -24.53 -33.35
CA ALA H 114 18.67 -24.26 -32.30
C ALA H 114 18.37 -25.05 -31.03
N ASN H 115 17.10 -25.08 -30.64
CA ASN H 115 16.71 -25.90 -29.49
C ASN H 115 16.99 -27.38 -29.74
N ARG H 116 16.80 -27.82 -30.99
CA ARG H 116 16.98 -29.23 -31.32
C ARG H 116 18.47 -29.59 -31.37
N GLU H 117 19.32 -28.62 -31.73
CA GLU H 117 20.75 -28.87 -31.81
C GLU H 117 21.44 -28.55 -30.48
N LYS H 118 21.13 -27.40 -29.89
CA LYS H 118 21.78 -26.98 -28.65
C LYS H 118 21.49 -27.95 -27.51
N MET H 119 20.38 -28.65 -27.61
CA MET H 119 19.99 -29.64 -26.61
C MET H 119 21.06 -30.74 -26.62
N THR H 120 21.56 -31.06 -27.80
CA THR H 120 22.57 -32.09 -27.96
C THR H 120 23.96 -31.59 -27.57
N GLN H 121 24.23 -30.30 -27.84
CA GLN H 121 25.54 -29.73 -27.54
C GLN H 121 25.85 -29.76 -26.05
N ILE H 122 24.81 -29.74 -25.21
CA ILE H 122 25.02 -29.67 -23.77
C ILE H 122 25.35 -31.04 -23.19
N MET H 123 24.67 -32.08 -23.68
CA MET H 123 24.78 -33.41 -23.07
C MET H 123 26.20 -33.95 -23.16
N PHE H 124 26.75 -34.02 -24.37
CA PHE H 124 28.02 -34.70 -24.57
C PHE H 124 29.17 -33.93 -23.93
N GLU H 125 29.05 -32.61 -23.83
CA GLU H 125 30.12 -31.80 -23.25
C GLU H 125 29.98 -31.70 -21.74
N THR H 126 28.78 -31.38 -21.25
CA THR H 126 28.58 -31.24 -19.81
C THR H 126 28.55 -32.59 -19.13
N PHE H 127 27.61 -33.46 -19.51
CA PHE H 127 27.42 -34.75 -18.86
C PHE H 127 28.17 -35.89 -19.50
N ASN H 128 28.42 -35.83 -20.81
CA ASN H 128 29.24 -36.82 -21.51
C ASN H 128 28.60 -38.20 -21.44
N VAL H 129 27.36 -38.29 -21.90
CA VAL H 129 26.67 -39.59 -22.02
C VAL H 129 27.38 -40.39 -23.10
N PRO H 130 27.31 -41.73 -23.06
CA PRO H 130 27.92 -42.50 -24.17
C PRO H 130 27.20 -42.30 -25.48
N ALA H 131 25.90 -42.05 -25.44
CA ALA H 131 25.12 -41.78 -26.64
C ALA H 131 23.84 -41.07 -26.23
N MET H 132 23.06 -40.66 -27.22
CA MET H 132 21.85 -39.88 -26.99
C MET H 132 20.92 -40.06 -28.17
N TYR H 133 19.65 -39.70 -27.97
CA TYR H 133 18.66 -39.73 -29.04
C TYR H 133 17.47 -38.86 -28.66
N VAL H 134 16.97 -38.12 -29.64
CA VAL H 134 15.82 -37.25 -29.48
C VAL H 134 14.66 -37.85 -30.25
N ALA H 135 13.45 -37.61 -29.77
CA ALA H 135 12.25 -38.14 -30.40
C ALA H 135 11.09 -37.18 -30.21
N ILE H 136 10.24 -37.08 -31.22
CA ILE H 136 9.07 -36.22 -31.13
C ILE H 136 8.14 -36.74 -30.05
N GLN H 137 7.66 -35.84 -29.19
CA GLN H 137 6.89 -36.22 -28.01
C GLN H 137 5.62 -36.97 -28.38
N ALA H 138 5.12 -36.78 -29.60
CA ALA H 138 3.87 -37.40 -30.01
C ALA H 138 4.02 -38.88 -30.30
N VAL H 139 5.05 -39.24 -31.05
CA VAL H 139 5.21 -40.61 -31.48
C VAL H 139 5.30 -41.59 -30.34
N LEU H 140 5.87 -41.17 -29.22
CA LEU H 140 6.02 -42.07 -28.08
C LEU H 140 4.67 -42.53 -27.55
N SER H 141 3.62 -41.73 -27.73
CA SER H 141 2.31 -42.08 -27.18
C SER H 141 1.76 -43.35 -27.81
N LEU H 142 2.07 -43.59 -29.06
CA LEU H 142 1.60 -44.79 -29.73
C LEU H 142 2.21 -46.03 -29.07
N TYR H 143 3.48 -45.95 -28.72
CA TYR H 143 4.16 -47.07 -28.08
C TYR H 143 3.45 -47.42 -26.78
N ALA H 144 3.04 -46.39 -26.04
CA ALA H 144 2.33 -46.61 -24.79
C ALA H 144 0.96 -47.23 -25.04
N SER H 145 0.23 -46.70 -26.03
CA SER H 145 -1.07 -47.25 -26.38
C SER H 145 -0.97 -48.58 -27.13
N GLY H 146 0.19 -48.90 -27.71
CA GLY H 146 0.36 -50.16 -28.39
C GLY H 146 -0.45 -50.28 -29.67
N ARG H 147 -0.55 -49.21 -30.44
CA ARG H 147 -1.27 -49.20 -31.70
C ARG H 147 -0.48 -48.40 -32.73
N THR H 148 -0.46 -48.92 -33.97
CA THR H 148 0.35 -48.30 -35.02
C THR H 148 -0.33 -47.06 -35.60
N THR H 149 -1.67 -47.06 -35.64
CA THR H 149 -2.44 -46.01 -36.29
C THR H 149 -3.16 -45.18 -35.23
N GLY H 150 -3.21 -43.87 -35.46
CA GLY H 150 -3.93 -42.98 -34.58
C GLY H 150 -3.46 -41.55 -34.74
N ILE H 151 -4.21 -40.66 -34.10
CA ILE H 151 -3.88 -39.23 -34.02
C ILE H 151 -3.72 -38.89 -32.54
N VAL H 152 -2.61 -38.22 -32.20
CA VAL H 152 -2.17 -38.04 -30.83
C VAL H 152 -2.44 -36.60 -30.40
N LEU H 153 -2.76 -36.37 -29.15
CA LEU H 153 -2.95 -35.00 -28.68
C LEU H 153 -2.17 -34.84 -27.38
N ASP H 154 -0.96 -34.27 -27.46
CA ASP H 154 -0.13 -34.13 -26.28
C ASP H 154 -0.63 -33.20 -25.17
N SER H 155 -1.04 -32.00 -25.55
CA SER H 155 -1.59 -31.03 -24.59
C SER H 155 -0.69 -30.72 -23.38
N GLY H 156 0.62 -30.75 -23.57
CA GLY H 156 1.56 -30.45 -22.51
C GLY H 156 1.42 -29.02 -22.02
N ASP H 157 2.17 -28.71 -20.96
CA ASP H 157 2.03 -27.39 -20.34
C ASP H 157 2.51 -26.28 -21.28
N GLY H 158 3.28 -26.62 -22.31
CA GLY H 158 3.77 -25.61 -23.24
C GLY H 158 2.98 -25.54 -24.53
N VAL H 159 2.68 -26.69 -25.14
CA VAL H 159 2.21 -26.72 -26.52
C VAL H 159 1.36 -27.97 -26.74
N THR H 160 0.52 -27.94 -27.78
CA THR H 160 -0.24 -29.09 -28.26
C THR H 160 -0.01 -29.19 -29.75
N HIS H 161 0.10 -30.42 -30.27
CA HIS H 161 0.41 -30.60 -31.70
C HIS H 161 -0.64 -31.23 -32.64
N ASN H 162 -1.34 -32.27 -32.20
CA ASN H 162 -2.33 -32.90 -33.09
C ASN H 162 -1.70 -33.44 -34.37
N VAL H 163 -0.84 -34.45 -34.25
CA VAL H 163 -0.19 -35.05 -35.42
C VAL H 163 -0.87 -36.39 -35.74
N PRO H 164 -1.23 -36.68 -37.02
CA PRO H 164 -1.76 -38.01 -37.34
C PRO H 164 -0.69 -38.99 -37.79
N ILE H 165 -0.92 -40.29 -37.57
CA ILE H 165 -0.03 -41.36 -37.99
C ILE H 165 -0.88 -42.48 -38.56
N TYR H 166 -0.37 -43.16 -39.59
CA TYR H 166 -1.08 -44.20 -40.31
C TYR H 166 -0.15 -45.38 -40.53
N GLU H 167 -0.31 -46.41 -39.71
CA GLU H 167 0.56 -47.57 -39.77
C GLU H 167 2.02 -47.16 -39.50
N GLY H 168 2.24 -46.18 -38.62
CA GLY H 168 3.61 -45.79 -38.32
C GLY H 168 4.20 -44.74 -39.21
N TYR H 169 3.50 -44.32 -40.27
CA TYR H 169 3.98 -43.28 -41.17
C TYR H 169 3.49 -41.92 -40.69
N ALA H 170 4.43 -41.09 -40.24
CA ALA H 170 4.12 -39.73 -39.82
C ALA H 170 3.97 -38.85 -41.05
N LEU H 171 3.00 -37.95 -41.01
CA LEU H 171 2.81 -37.06 -42.12
C LEU H 171 3.17 -35.67 -41.67
N PRO H 172 4.27 -35.12 -42.18
CA PRO H 172 4.61 -33.74 -41.81
C PRO H 172 3.69 -32.70 -42.40
N HIS H 173 2.95 -33.02 -43.47
CA HIS H 173 2.05 -32.04 -44.07
C HIS H 173 0.82 -31.83 -43.18
N ALA H 174 0.41 -32.86 -42.44
CA ALA H 174 -0.79 -32.78 -41.61
C ALA H 174 -0.49 -32.30 -40.19
N ILE H 175 0.78 -32.20 -39.81
CA ILE H 175 1.10 -31.87 -38.42
C ILE H 175 0.73 -30.42 -38.15
N MET H 176 0.39 -30.16 -36.89
CA MET H 176 -0.04 -28.85 -36.43
C MET H 176 0.59 -28.50 -35.09
N ARG H 177 0.62 -27.21 -34.78
CA ARG H 177 1.17 -26.75 -33.51
C ARG H 177 0.35 -25.56 -33.05
N LEU H 178 -0.02 -25.58 -31.78
CA LEU H 178 -0.78 -24.49 -31.17
C LEU H 178 -0.20 -24.22 -29.79
N ASP H 179 0.22 -22.99 -29.55
CA ASP H 179 0.91 -22.63 -28.32
C ASP H 179 -0.01 -22.59 -27.10
N LEU H 180 -1.33 -22.66 -27.29
CA LEU H 180 -2.23 -22.68 -26.16
C LEU H 180 -1.99 -23.91 -25.29
N ALA H 181 -1.90 -23.69 -23.98
CA ALA H 181 -1.49 -24.76 -23.08
C ALA H 181 -1.87 -24.37 -21.64
N GLY H 182 -1.33 -25.12 -20.68
CA GLY H 182 -1.75 -24.94 -19.30
C GLY H 182 -1.35 -23.60 -18.70
N ARG H 183 -0.18 -23.09 -19.08
CA ARG H 183 0.24 -21.79 -18.56
C ARG H 183 -0.72 -20.70 -19.01
N ASP H 184 -1.27 -20.83 -20.21
CA ASP H 184 -2.31 -19.90 -20.64
C ASP H 184 -3.60 -20.10 -19.86
N LEU H 185 -3.89 -21.35 -19.49
CA LEU H 185 -5.03 -21.61 -18.61
C LEU H 185 -4.81 -21.02 -17.23
N THR H 186 -3.60 -21.19 -16.69
CA THR H 186 -3.28 -20.61 -15.40
C THR H 186 -3.29 -19.09 -15.46
N ASP H 187 -2.63 -18.51 -16.46
CA ASP H 187 -2.62 -17.07 -16.60
C ASP H 187 -4.03 -16.52 -16.82
N TYR H 188 -4.87 -17.26 -17.55
CA TYR H 188 -6.27 -16.86 -17.70
C TYR H 188 -7.05 -17.11 -16.43
N LEU H 189 -6.75 -18.20 -15.72
CA LEU H 189 -7.42 -18.46 -14.45
C LEU H 189 -7.05 -17.40 -13.42
N MET H 190 -5.80 -16.94 -13.44
CA MET H 190 -5.41 -15.82 -12.57
C MET H 190 -6.18 -14.55 -12.91
N LYS H 191 -6.63 -14.43 -14.17
CA LYS H 191 -7.32 -13.22 -14.60
C LYS H 191 -8.77 -13.22 -14.15
N ILE H 192 -9.49 -14.31 -14.41
CA ILE H 192 -10.94 -14.33 -14.15
C ILE H 192 -11.24 -14.32 -12.66
N LEU H 193 -10.32 -14.82 -11.84
CA LEU H 193 -10.54 -14.78 -10.38
C LEU H 193 -10.57 -13.36 -9.85
N THR H 194 -10.02 -12.43 -10.61
CA THR H 194 -10.05 -11.05 -10.21
C THR H 194 -11.52 -10.68 -10.10
N GLU H 195 -12.35 -11.31 -10.93
CA GLU H 195 -13.78 -11.06 -10.92
C GLU H 195 -14.40 -11.43 -9.58
N ARG H 196 -13.95 -12.52 -8.98
CA ARG H 196 -14.49 -12.97 -7.71
C ARG H 196 -13.84 -12.29 -6.52
N GLY H 197 -12.87 -11.43 -6.77
CA GLY H 197 -12.18 -10.71 -5.72
C GLY H 197 -10.92 -11.36 -5.19
N TYR H 198 -10.47 -12.45 -5.80
CA TYR H 198 -9.25 -13.12 -5.36
C TYR H 198 -8.13 -12.63 -6.25
N SER H 199 -6.99 -12.25 -5.68
CA SER H 199 -5.90 -11.75 -6.51
C SER H 199 -4.61 -12.55 -6.37
N PHE H 200 -4.15 -13.12 -7.48
CA PHE H 200 -2.91 -13.88 -7.51
C PHE H 200 -2.04 -13.25 -8.59
N VAL H 201 -1.02 -12.51 -8.19
CA VAL H 201 -0.27 -11.65 -9.10
C VAL H 201 1.25 -11.84 -8.95
N THR H 202 1.69 -13.02 -8.50
CA THR H 202 3.11 -13.32 -8.37
C THR H 202 3.40 -14.75 -8.81
N THR H 203 4.69 -15.04 -8.99
CA THR H 203 5.14 -16.35 -9.42
C THR H 203 4.79 -17.41 -8.39
N ALA H 204 4.99 -17.10 -7.12
CA ALA H 204 4.62 -18.04 -6.07
C ALA H 204 3.11 -18.22 -5.99
N GLU H 205 2.36 -17.12 -6.16
CA GLU H 205 0.91 -17.20 -6.15
C GLU H 205 0.38 -17.92 -7.39
N ARG H 206 1.18 -17.96 -8.46
CA ARG H 206 0.77 -18.69 -9.66
C ARG H 206 0.64 -20.18 -9.38
N GLU H 207 1.52 -20.72 -8.54
CA GLU H 207 1.56 -22.16 -8.33
C GLU H 207 0.31 -22.64 -7.60
N ILE H 208 -0.24 -21.82 -6.70
CA ILE H 208 -1.49 -22.19 -6.03
C ILE H 208 -2.63 -22.19 -7.04
N VAL H 209 -2.65 -21.21 -7.95
CA VAL H 209 -3.68 -21.18 -8.98
C VAL H 209 -3.55 -22.37 -9.90
N ARG H 210 -2.31 -22.81 -10.16
CA ARG H 210 -2.11 -24.04 -10.91
C ARG H 210 -2.61 -25.25 -10.12
N ASP H 211 -2.37 -25.25 -8.81
CA ASP H 211 -2.86 -26.35 -7.98
C ASP H 211 -4.39 -26.37 -7.94
N ILE H 212 -5.00 -25.19 -7.93
CA ILE H 212 -6.46 -25.11 -8.01
C ILE H 212 -6.94 -25.70 -9.33
N LYS H 213 -6.18 -25.48 -10.41
CA LYS H 213 -6.62 -25.93 -11.73
C LYS H 213 -6.64 -27.44 -11.83
N GLU H 214 -5.76 -28.13 -11.09
CA GLU H 214 -5.60 -29.57 -11.27
C GLU H 214 -6.80 -30.33 -10.71
N LYS H 215 -7.14 -30.12 -9.45
CA LYS H 215 -8.03 -31.01 -8.73
C LYS H 215 -9.49 -30.56 -8.71
N LEU H 216 -9.82 -29.41 -9.32
CA LEU H 216 -11.10 -28.76 -9.07
C LEU H 216 -11.83 -28.34 -10.35
N CYS H 217 -11.16 -28.29 -11.49
CA CYS H 217 -11.74 -27.79 -12.73
C CYS H 217 -12.24 -28.94 -13.58
N TYR H 218 -13.30 -28.69 -14.36
CA TYR H 218 -13.87 -29.66 -15.28
C TYR H 218 -14.20 -28.98 -16.60
N VAL H 219 -14.51 -29.79 -17.62
CA VAL H 219 -14.48 -29.30 -19.01
C VAL H 219 -15.83 -28.71 -19.41
N ALA H 220 -16.90 -29.01 -18.66
CA ALA H 220 -18.21 -28.45 -18.95
C ALA H 220 -18.72 -28.85 -20.33
N LEU H 221 -19.11 -30.13 -20.45
CA LEU H 221 -19.65 -30.71 -21.68
C LEU H 221 -20.54 -29.74 -22.47
N ASP H 222 -21.45 -29.05 -21.78
CA ASP H 222 -22.29 -28.03 -22.40
C ASP H 222 -21.99 -26.70 -21.71
N PHE H 223 -21.25 -25.84 -22.40
CA PHE H 223 -20.81 -24.58 -21.81
C PHE H 223 -22.00 -23.64 -21.58
N GLU H 224 -22.74 -23.33 -22.64
CA GLU H 224 -23.83 -22.36 -22.52
C GLU H 224 -24.90 -22.83 -21.55
N ASN H 225 -25.17 -24.13 -21.50
CA ASN H 225 -26.16 -24.65 -20.56
C ASN H 225 -25.65 -24.61 -19.13
N GLU H 226 -24.34 -24.82 -18.94
CA GLU H 226 -23.79 -24.92 -17.59
C GLU H 226 -23.61 -23.53 -16.99
N MET H 227 -23.29 -22.53 -17.82
CA MET H 227 -23.17 -21.16 -17.33
C MET H 227 -24.48 -20.67 -16.75
N ALA H 228 -25.60 -20.90 -17.45
CA ALA H 228 -26.90 -20.56 -16.91
C ALA H 228 -27.21 -21.39 -15.67
N THR H 229 -26.69 -22.62 -15.61
CA THR H 229 -26.89 -23.46 -14.45
C THR H 229 -26.08 -22.95 -13.25
N ALA H 230 -24.89 -22.40 -13.53
CA ALA H 230 -24.04 -21.91 -12.44
C ALA H 230 -24.67 -20.73 -11.72
N ALA H 231 -25.28 -19.81 -12.48
CA ALA H 231 -25.91 -18.65 -11.85
C ALA H 231 -27.16 -19.06 -11.07
N SER H 232 -27.90 -20.04 -11.58
CA SER H 232 -29.14 -20.45 -10.92
C SER H 232 -28.86 -21.33 -9.71
N SER H 233 -27.94 -22.29 -9.85
CA SER H 233 -27.63 -23.26 -8.81
C SER H 233 -26.20 -23.05 -8.30
N SER H 234 -26.05 -23.10 -6.98
CA SER H 234 -24.75 -22.96 -6.34
C SER H 234 -24.13 -24.31 -6.00
N SER H 235 -24.63 -25.40 -6.58
CA SER H 235 -24.09 -26.72 -6.28
C SER H 235 -22.67 -26.87 -6.79
N LEU H 236 -22.35 -26.24 -7.91
CA LEU H 236 -21.02 -26.39 -8.51
C LEU H 236 -19.96 -25.67 -7.68
N GLU H 237 -20.36 -24.70 -6.86
CA GLU H 237 -19.39 -23.96 -6.06
C GLU H 237 -18.71 -24.86 -5.04
N LYS H 238 -17.38 -24.86 -5.06
CA LYS H 238 -16.57 -25.59 -4.10
C LYS H 238 -15.45 -24.67 -3.63
N SER H 239 -14.80 -25.09 -2.54
CA SER H 239 -13.78 -24.30 -1.87
C SER H 239 -12.44 -25.03 -1.91
N TYR H 240 -11.36 -24.24 -1.84
CA TYR H 240 -10.01 -24.76 -1.80
C TYR H 240 -9.24 -24.03 -0.69
N GLU H 241 -8.46 -24.77 0.08
CA GLU H 241 -7.72 -24.22 1.22
C GLU H 241 -6.31 -23.86 0.77
N LEU H 242 -6.15 -22.64 0.26
CA LEU H 242 -4.83 -22.10 0.00
C LEU H 242 -4.15 -21.85 1.36
N PRO H 243 -2.83 -21.78 1.33
CA PRO H 243 -2.04 -21.53 2.55
C PRO H 243 -2.33 -20.13 3.03
N ASP H 244 -2.18 -19.89 4.32
CA ASP H 244 -2.48 -18.57 4.87
C ASP H 244 -3.97 -18.53 5.17
N GLY H 245 -4.60 -19.71 5.24
CA GLY H 245 -6.03 -19.80 5.49
C GLY H 245 -6.70 -19.11 4.32
N GLN H 246 -7.58 -18.15 4.60
CA GLN H 246 -8.23 -17.46 3.51
C GLN H 246 -8.96 -18.37 2.53
N VAL H 247 -9.80 -19.25 3.05
CA VAL H 247 -10.56 -20.13 2.16
C VAL H 247 -11.18 -19.30 1.04
N ILE H 248 -11.36 -19.97 -0.11
CA ILE H 248 -11.93 -19.34 -1.30
C ILE H 248 -13.01 -20.23 -1.88
N THR H 249 -13.78 -19.67 -2.82
CA THR H 249 -14.89 -20.38 -3.44
C THR H 249 -15.04 -19.88 -4.87
N ILE H 250 -14.92 -20.81 -5.83
CA ILE H 250 -15.04 -20.51 -7.25
C ILE H 250 -16.29 -21.18 -7.78
N GLY H 251 -17.01 -20.49 -8.65
CA GLY H 251 -18.24 -20.99 -9.26
C GLY H 251 -18.07 -21.24 -10.74
N ASN H 252 -18.55 -20.30 -11.56
CA ASN H 252 -18.39 -20.43 -13.00
C ASN H 252 -16.93 -20.34 -13.43
N GLU H 253 -16.05 -19.79 -12.60
CA GLU H 253 -14.62 -19.84 -12.88
C GLU H 253 -14.07 -21.25 -12.79
N ARG H 254 -14.80 -22.17 -12.14
CA ARG H 254 -14.33 -23.55 -12.02
C ARG H 254 -14.13 -24.19 -13.37
N PHE H 255 -14.99 -23.85 -14.35
CA PHE H 255 -14.94 -24.41 -15.69
C PHE H 255 -14.84 -23.37 -16.78
N ARG H 256 -14.51 -22.12 -16.46
CA ARG H 256 -14.39 -21.11 -17.50
C ARG H 256 -13.07 -21.25 -18.26
N CYS H 257 -11.98 -21.53 -17.55
CA CYS H 257 -10.68 -21.55 -18.21
C CYS H 257 -10.47 -22.75 -19.13
N PRO H 258 -10.90 -23.98 -18.81
CA PRO H 258 -10.62 -25.09 -19.75
C PRO H 258 -11.36 -24.96 -21.07
N GLU H 259 -12.44 -24.17 -21.10
CA GLU H 259 -13.11 -23.83 -22.34
C GLU H 259 -12.24 -23.04 -23.30
N THR H 260 -11.14 -22.45 -22.82
CA THR H 260 -10.23 -21.71 -23.69
C THR H 260 -9.67 -22.61 -24.78
N LEU H 261 -9.54 -23.91 -24.51
CA LEU H 261 -9.13 -24.86 -25.54
C LEU H 261 -10.09 -24.84 -26.73
N PHE H 262 -11.36 -25.15 -26.48
CA PHE H 262 -12.30 -25.33 -27.57
C PHE H 262 -12.61 -24.00 -28.26
N GLN H 263 -12.56 -22.90 -27.53
CA GLN H 263 -12.65 -21.56 -28.10
C GLN H 263 -11.59 -20.68 -27.43
N PRO H 264 -10.48 -20.37 -28.08
CA PRO H 264 -9.52 -19.42 -27.50
C PRO H 264 -9.88 -17.94 -27.67
N SER H 265 -11.14 -17.62 -28.01
CA SER H 265 -11.53 -16.22 -28.14
C SER H 265 -11.42 -15.48 -26.80
N PHE H 266 -11.52 -16.21 -25.68
CA PHE H 266 -11.39 -15.56 -24.38
C PHE H 266 -10.01 -14.96 -24.20
N ILE H 267 -8.96 -15.76 -24.39
CA ILE H 267 -7.59 -15.28 -24.26
C ILE H 267 -7.15 -14.45 -25.45
N GLY H 268 -7.85 -14.53 -26.58
CA GLY H 268 -7.59 -13.67 -27.72
C GLY H 268 -6.74 -14.27 -28.82
N MET H 269 -6.34 -15.54 -28.70
CA MET H 269 -5.55 -16.17 -29.74
C MET H 269 -6.40 -16.42 -30.98
N GLU H 270 -5.88 -16.05 -32.14
CA GLU H 270 -6.55 -16.28 -33.41
C GLU H 270 -6.31 -17.72 -33.86
N SER H 271 -7.00 -18.63 -33.18
CA SER H 271 -6.89 -20.06 -33.43
C SER H 271 -8.27 -20.66 -33.59
N ALA H 272 -8.33 -21.77 -34.33
CA ALA H 272 -9.61 -22.41 -34.60
C ALA H 272 -10.16 -23.13 -33.38
N GLY H 273 -9.29 -23.69 -32.56
CA GLY H 273 -9.66 -24.47 -31.40
C GLY H 273 -9.11 -25.89 -31.47
N ILE H 274 -9.10 -26.51 -30.29
CA ILE H 274 -8.53 -27.86 -30.18
C ILE H 274 -9.39 -28.86 -30.95
N HIS H 275 -10.71 -28.70 -30.88
CA HIS H 275 -11.60 -29.63 -31.57
C HIS H 275 -11.47 -29.51 -33.08
N GLU H 276 -11.19 -28.30 -33.57
CA GLU H 276 -11.21 -28.07 -35.01
C GLU H 276 -9.84 -28.32 -35.64
N THR H 277 -8.77 -28.20 -34.84
CA THR H 277 -7.44 -28.53 -35.34
C THR H 277 -7.33 -30.04 -35.59
N THR H 278 -7.85 -30.85 -34.68
CA THR H 278 -7.93 -32.29 -34.94
C THR H 278 -8.82 -32.56 -36.15
N TYR H 279 -9.86 -31.76 -36.33
CA TYR H 279 -10.68 -31.88 -37.53
C TYR H 279 -9.92 -31.40 -38.76
N ASN H 280 -9.12 -30.34 -38.61
CA ASN H 280 -8.34 -29.84 -39.74
C ASN H 280 -7.21 -30.80 -40.09
N SER H 281 -6.49 -31.30 -39.08
CA SER H 281 -5.35 -32.17 -39.34
C SER H 281 -5.77 -33.46 -40.04
N ILE H 282 -6.92 -34.00 -39.65
CA ILE H 282 -7.39 -35.24 -40.27
C ILE H 282 -7.80 -34.99 -41.72
N MET H 283 -8.41 -33.84 -41.99
CA MET H 283 -8.82 -33.53 -43.35
C MET H 283 -7.62 -33.29 -44.27
N LYS H 284 -6.50 -32.85 -43.70
CA LYS H 284 -5.28 -32.72 -44.51
C LYS H 284 -4.78 -34.06 -45.02
N CYS H 285 -5.13 -35.16 -44.36
CA CYS H 285 -4.68 -36.47 -44.76
C CYS H 285 -5.51 -36.98 -45.94
N ASP H 286 -5.08 -38.13 -46.49
CA ASP H 286 -5.81 -38.76 -47.57
C ASP H 286 -7.19 -39.22 -47.09
N ILE H 287 -8.08 -39.44 -48.02
CA ILE H 287 -9.44 -39.83 -47.70
C ILE H 287 -9.53 -41.18 -47.01
N ASP H 288 -8.73 -42.14 -47.42
CA ASP H 288 -8.81 -43.48 -46.82
C ASP H 288 -8.30 -43.48 -45.38
N ILE H 289 -7.45 -42.51 -45.03
CA ILE H 289 -6.84 -42.50 -43.69
C ILE H 289 -7.83 -41.99 -42.65
N ARG H 290 -8.78 -41.16 -43.06
CA ARG H 290 -9.67 -40.53 -42.10
C ARG H 290 -10.50 -41.47 -41.26
N LYS H 291 -10.81 -42.65 -41.78
CA LYS H 291 -11.65 -43.57 -41.04
C LYS H 291 -10.94 -44.07 -39.78
N ASP H 292 -9.68 -44.47 -39.92
CA ASP H 292 -8.97 -45.05 -38.79
C ASP H 292 -8.63 -44.00 -37.74
N LEU H 293 -8.35 -42.77 -38.16
CA LEU H 293 -8.00 -41.72 -37.22
C LEU H 293 -9.19 -41.37 -36.33
N TYR H 294 -10.38 -41.30 -36.91
CA TYR H 294 -11.58 -41.09 -36.10
C TYR H 294 -11.77 -42.24 -35.10
N ALA H 295 -11.52 -43.47 -35.54
CA ALA H 295 -11.67 -44.62 -34.65
C ALA H 295 -10.58 -44.65 -33.59
N ASN H 296 -9.40 -44.13 -33.91
CA ASN H 296 -8.24 -44.12 -33.01
C ASN H 296 -7.79 -42.67 -32.81
N ASN H 297 -8.39 -42.01 -31.81
CA ASN H 297 -8.03 -40.64 -31.44
C ASN H 297 -7.41 -40.71 -30.04
N VAL H 298 -6.09 -40.82 -29.99
CA VAL H 298 -5.40 -40.98 -28.72
C VAL H 298 -5.37 -39.65 -27.98
N MET H 299 -5.61 -39.72 -26.67
CA MET H 299 -5.54 -38.57 -25.78
C MET H 299 -4.47 -38.84 -24.74
N SER H 300 -3.48 -37.95 -24.66
CA SER H 300 -2.29 -38.17 -23.85
C SER H 300 -1.87 -36.88 -23.17
N GLY H 301 -0.78 -36.97 -22.41
CA GLY H 301 -0.15 -35.82 -21.82
C GLY H 301 -1.03 -35.09 -20.81
N GLY H 302 -0.43 -34.09 -20.17
CA GLY H 302 -1.15 -33.26 -19.24
C GLY H 302 -2.23 -32.43 -19.93
N THR H 303 -3.03 -31.77 -19.12
CA THR H 303 -4.14 -30.90 -19.51
C THR H 303 -5.35 -31.72 -19.99
N THR H 304 -5.24 -33.04 -20.10
CA THR H 304 -6.32 -33.91 -20.56
C THR H 304 -7.03 -34.61 -19.41
N MET H 305 -6.77 -34.18 -18.17
CA MET H 305 -7.35 -34.80 -16.98
C MET H 305 -8.66 -34.18 -16.55
N TYR H 306 -9.15 -33.15 -17.26
CA TYR H 306 -10.44 -32.58 -16.93
C TYR H 306 -11.53 -33.63 -17.13
N PRO H 307 -12.34 -33.95 -16.11
CA PRO H 307 -13.33 -35.02 -16.29
C PRO H 307 -14.33 -34.71 -17.41
N GLY H 308 -14.50 -35.68 -18.30
CA GLY H 308 -15.43 -35.56 -19.40
C GLY H 308 -14.86 -34.97 -20.67
N ILE H 309 -13.54 -34.71 -20.71
CA ILE H 309 -12.94 -34.11 -21.89
C ILE H 309 -13.09 -35.04 -23.09
N ALA H 310 -13.06 -36.36 -22.84
CA ALA H 310 -13.33 -37.31 -23.92
C ALA H 310 -14.78 -37.20 -24.39
N ASP H 311 -15.70 -36.89 -23.48
CA ASP H 311 -17.09 -36.73 -23.86
C ASP H 311 -17.30 -35.44 -24.64
N ARG H 312 -16.69 -34.35 -24.19
CA ARG H 312 -16.78 -33.08 -24.92
C ARG H 312 -16.16 -33.20 -26.30
N MET H 313 -14.99 -33.84 -26.38
CA MET H 313 -14.28 -33.94 -27.66
C MET H 313 -15.01 -34.89 -28.61
N GLN H 314 -15.56 -35.99 -28.06
CA GLN H 314 -16.34 -36.90 -28.88
C GLN H 314 -17.63 -36.24 -29.35
N LYS H 315 -18.29 -35.49 -28.47
CA LYS H 315 -19.51 -34.79 -28.84
C LYS H 315 -19.24 -33.71 -29.88
N GLU H 316 -18.06 -33.08 -29.80
CA GLU H 316 -17.77 -31.93 -30.64
C GLU H 316 -17.32 -32.36 -32.04
N ILE H 317 -16.40 -33.32 -32.12
CA ILE H 317 -15.94 -33.79 -33.42
C ILE H 317 -17.06 -34.48 -34.16
N THR H 318 -17.98 -35.12 -33.42
CA THR H 318 -19.10 -35.81 -34.06
C THR H 318 -19.98 -34.84 -34.83
N ALA H 319 -20.13 -33.62 -34.31
CA ALA H 319 -20.93 -32.62 -35.02
C ALA H 319 -20.25 -32.19 -36.31
N LEU H 320 -18.94 -31.98 -36.25
CA LEU H 320 -18.20 -31.58 -37.45
C LEU H 320 -18.01 -32.75 -38.40
N ALA H 321 -17.70 -33.93 -37.87
CA ALA H 321 -17.43 -35.08 -38.71
C ALA H 321 -18.73 -35.59 -39.34
N PRO H 322 -18.63 -36.29 -40.48
CA PRO H 322 -19.85 -36.81 -41.11
C PRO H 322 -20.36 -38.05 -40.39
N SER H 323 -21.63 -38.37 -40.66
CA SER H 323 -22.23 -39.57 -40.10
C SER H 323 -21.56 -40.81 -40.67
N THR H 324 -21.86 -41.95 -40.05
CA THR H 324 -21.36 -43.30 -40.37
C THR H 324 -19.92 -43.51 -39.90
N MET H 325 -19.25 -42.47 -39.40
CA MET H 325 -17.87 -42.57 -38.93
C MET H 325 -17.89 -42.76 -37.42
N LYS H 326 -17.45 -43.93 -36.96
CA LYS H 326 -17.39 -44.20 -35.53
C LYS H 326 -16.21 -43.47 -34.91
N ILE H 327 -16.49 -42.66 -33.90
CA ILE H 327 -15.48 -41.86 -33.20
C ILE H 327 -15.28 -42.47 -31.82
N LYS H 328 -14.07 -42.93 -31.56
CA LYS H 328 -13.68 -43.47 -30.27
C LYS H 328 -12.39 -42.80 -29.82
N ILE H 329 -12.48 -42.02 -28.74
CA ILE H 329 -11.35 -41.25 -28.23
C ILE H 329 -10.76 -42.02 -27.06
N ILE H 330 -9.48 -42.35 -27.18
CA ILE H 330 -8.79 -43.20 -26.22
C ILE H 330 -8.10 -42.31 -25.20
N ALA H 331 -8.68 -42.23 -24.00
CA ALA H 331 -8.17 -41.43 -22.90
C ALA H 331 -7.86 -42.37 -21.73
N PRO H 332 -6.74 -43.08 -21.77
CA PRO H 332 -6.45 -44.06 -20.73
C PRO H 332 -6.17 -43.38 -19.40
N PRO H 333 -6.33 -44.07 -18.27
CA PRO H 333 -5.94 -43.46 -16.99
C PRO H 333 -4.46 -43.16 -16.87
N GLU H 334 -3.61 -43.91 -17.56
CA GLU H 334 -2.17 -43.76 -17.43
C GLU H 334 -1.61 -42.57 -18.19
N ARG H 335 -2.45 -41.74 -18.81
CA ARG H 335 -1.95 -40.53 -19.45
C ARG H 335 -1.43 -39.57 -18.37
N LYS H 336 -0.76 -38.51 -18.84
CA LYS H 336 0.15 -37.64 -18.10
C LYS H 336 1.53 -38.31 -17.96
N TYR H 337 1.67 -39.55 -18.41
CA TYR H 337 2.94 -40.25 -18.46
C TYR H 337 3.14 -41.02 -19.76
N SER H 338 2.15 -41.06 -20.64
CA SER H 338 2.18 -41.96 -21.80
C SER H 338 3.37 -41.64 -22.71
N VAL H 339 3.76 -40.36 -22.75
CA VAL H 339 4.97 -40.00 -23.48
C VAL H 339 6.19 -40.66 -22.85
N TRP H 340 6.17 -40.85 -21.53
CA TRP H 340 7.30 -41.47 -20.86
C TRP H 340 7.33 -42.97 -21.09
N ILE H 341 6.18 -43.64 -20.95
CA ILE H 341 6.14 -45.09 -21.15
C ILE H 341 6.56 -45.44 -22.57
N GLY H 342 6.25 -44.57 -23.53
CA GLY H 342 6.78 -44.77 -24.87
C GLY H 342 8.29 -44.70 -24.90
N GLY H 343 8.88 -43.88 -24.03
CA GLY H 343 10.32 -43.80 -23.96
C GLY H 343 10.94 -45.05 -23.35
N SER H 344 10.30 -45.58 -22.31
CA SER H 344 10.75 -46.85 -21.74
C SER H 344 10.61 -47.98 -22.76
N ILE H 345 9.56 -47.94 -23.57
CA ILE H 345 9.37 -48.96 -24.61
C ILE H 345 10.34 -48.72 -25.76
N LEU H 346 10.42 -47.47 -26.23
CA LEU H 346 11.25 -47.16 -27.39
C LEU H 346 12.72 -47.48 -27.13
N ALA H 347 13.18 -47.25 -25.90
CA ALA H 347 14.56 -47.61 -25.56
C ALA H 347 14.73 -49.12 -25.41
N SER H 348 13.63 -49.84 -25.16
CA SER H 348 13.73 -51.28 -24.92
C SER H 348 13.91 -52.08 -26.21
N LEU H 349 13.52 -51.50 -27.35
CA LEU H 349 13.65 -52.20 -28.62
C LEU H 349 15.12 -52.50 -28.93
N SER H 350 15.38 -53.72 -29.39
CA SER H 350 16.73 -54.09 -29.81
C SER H 350 17.09 -53.42 -31.13
N THR H 351 16.10 -53.19 -31.96
CA THR H 351 16.30 -52.50 -33.22
C THR H 351 16.76 -51.09 -32.94
N PHE H 352 16.23 -50.50 -31.87
CA PHE H 352 16.50 -49.10 -31.53
C PHE H 352 17.96 -48.87 -31.17
N GLN H 353 18.73 -49.93 -30.88
CA GLN H 353 20.12 -49.77 -30.49
C GLN H 353 20.96 -49.15 -31.61
N GLN H 354 20.52 -49.30 -32.86
CA GLN H 354 21.26 -48.72 -33.98
C GLN H 354 21.04 -47.21 -34.08
N MET H 355 19.90 -46.73 -33.60
CA MET H 355 19.49 -45.35 -33.84
C MET H 355 20.07 -44.34 -32.85
N TRP H 356 20.90 -44.78 -31.90
CA TRP H 356 21.49 -43.84 -30.96
C TRP H 356 22.47 -42.90 -31.68
N ILE H 357 22.72 -41.75 -31.06
CA ILE H 357 23.70 -40.78 -31.52
C ILE H 357 24.90 -40.91 -30.59
N THR H 358 25.92 -41.63 -31.03
CA THR H 358 27.06 -41.93 -30.17
C THR H 358 28.02 -40.74 -30.09
N LYS H 359 28.92 -40.81 -29.10
CA LYS H 359 29.91 -39.76 -28.91
C LYS H 359 30.85 -39.65 -30.10
N GLN H 360 31.27 -40.79 -30.65
CA GLN H 360 32.27 -40.77 -31.71
C GLN H 360 31.71 -40.13 -32.98
N GLU H 361 30.39 -40.26 -33.21
CA GLU H 361 29.80 -39.69 -34.41
C GLU H 361 29.59 -38.18 -34.25
N TYR H 362 29.43 -37.70 -33.01
CA TYR H 362 29.25 -36.28 -32.78
C TYR H 362 30.49 -35.49 -33.19
N ASP H 363 31.66 -35.93 -32.75
CA ASP H 363 32.90 -35.22 -33.06
C ASP H 363 33.17 -35.20 -34.55
N GLU H 364 32.71 -36.24 -35.27
CA GLU H 364 32.96 -36.31 -36.71
C GLU H 364 32.06 -35.34 -37.47
N ALA H 365 30.77 -35.33 -37.16
CA ALA H 365 29.77 -34.57 -37.92
C ALA H 365 29.33 -33.29 -37.22
N GLY H 366 29.58 -33.15 -35.92
CA GLY H 366 29.17 -31.98 -35.20
C GLY H 366 27.73 -32.07 -34.73
N PRO H 367 27.19 -30.97 -34.20
CA PRO H 367 25.82 -30.99 -33.68
C PRO H 367 24.72 -30.99 -34.74
N SER H 368 25.06 -30.92 -36.03
CA SER H 368 24.08 -31.01 -37.10
C SER H 368 23.73 -32.45 -37.45
N ILE H 369 24.25 -33.43 -36.70
CA ILE H 369 23.94 -34.83 -36.96
C ILE H 369 22.52 -35.19 -36.55
N VAL H 370 21.88 -34.35 -35.74
CA VAL H 370 20.56 -34.68 -35.20
C VAL H 370 19.54 -34.79 -36.32
N HIS H 371 19.55 -33.84 -37.25
CA HIS H 371 18.43 -33.69 -38.19
C HIS H 371 18.32 -34.89 -39.13
N ARG H 372 19.46 -35.43 -39.59
CA ARG H 372 19.40 -36.50 -40.56
C ARG H 372 19.01 -37.82 -39.92
N LYS H 373 19.46 -38.06 -38.69
CA LYS H 373 19.17 -39.33 -38.01
C LYS H 373 17.84 -39.30 -37.28
N CYS H 374 17.61 -38.25 -36.48
CA CYS H 374 16.40 -38.19 -35.66
C CYS H 374 15.14 -38.16 -36.52
N PRO I 57 -12.99 47.94 39.93
CA PRO I 57 -13.10 47.66 38.49
C PRO I 57 -14.42 47.00 38.15
N ALA I 58 -14.71 46.95 36.84
CA ALA I 58 -15.94 46.33 36.37
C ALA I 58 -15.98 44.83 36.61
N THR I 59 -14.82 44.19 36.79
CA THR I 59 -14.78 42.75 36.96
C THR I 59 -15.46 42.31 38.25
N GLU I 60 -15.32 43.10 39.32
CA GLU I 60 -15.98 42.84 40.59
C GLU I 60 -16.66 44.13 41.08
N LYS I 61 -17.88 44.37 40.58
CA LYS I 61 -18.70 45.45 41.13
C LYS I 61 -19.36 45.02 42.43
N ASP I 62 -19.67 43.72 42.56
CA ASP I 62 -20.41 43.24 43.72
C ASP I 62 -19.52 43.14 44.95
N LEU I 63 -18.27 42.71 44.77
CA LEU I 63 -17.46 42.30 45.92
C LEU I 63 -17.00 43.48 46.77
N ALA I 64 -16.95 44.68 46.20
CA ALA I 64 -16.46 45.82 46.97
C ALA I 64 -17.33 46.11 48.18
N GLU I 65 -18.55 46.60 47.95
CA GLU I 65 -19.56 46.80 48.99
C GLU I 65 -20.83 47.35 48.34
N ASP I 66 -21.97 47.26 49.02
CA ASP I 66 -23.20 47.95 48.66
C ASP I 66 -23.73 47.51 47.30
N ALA I 67 -23.64 46.24 46.97
CA ALA I 67 -24.22 45.75 45.73
C ALA I 67 -25.74 45.85 45.81
N PRO I 68 -26.45 45.82 44.66
CA PRO I 68 -27.92 45.82 44.73
C PRO I 68 -28.49 44.61 45.46
N TRP I 69 -27.96 43.41 45.19
CA TRP I 69 -28.48 42.21 45.84
C TRP I 69 -28.23 42.25 47.35
N LYS I 70 -27.12 42.85 47.77
CA LYS I 70 -26.86 43.00 49.20
C LYS I 70 -27.91 43.89 49.86
N LYS I 71 -28.28 44.98 49.19
CA LYS I 71 -29.29 45.87 49.74
C LYS I 71 -30.68 45.28 49.59
N ILE I 72 -30.96 44.65 48.46
CA ILE I 72 -32.28 44.05 48.24
C ILE I 72 -32.52 42.90 49.22
N GLN I 73 -31.50 42.08 49.45
CA GLN I 73 -31.63 41.03 50.46
C GLN I 73 -31.80 41.61 51.84
N GLN I 74 -30.99 42.61 52.21
CA GLN I 74 -31.09 43.23 53.52
C GLN I 74 -32.48 43.79 53.77
N ASN I 75 -33.07 44.42 52.75
CA ASN I 75 -34.44 44.92 52.88
C ASN I 75 -35.43 43.77 53.04
N THR I 76 -35.11 42.61 52.45
CA THR I 76 -36.00 41.46 52.58
C THR I 76 -35.92 40.86 53.98
N PHE I 77 -34.72 40.75 54.53
CA PHE I 77 -34.56 40.25 55.90
C PHE I 77 -35.24 41.18 56.88
N THR I 78 -35.23 42.49 56.61
CA THR I 78 -35.83 43.45 57.53
C THR I 78 -37.34 43.29 57.59
N ARG I 79 -37.98 43.09 56.44
CA ARG I 79 -39.44 42.99 56.42
C ARG I 79 -39.92 41.69 57.04
N TRP I 80 -39.22 40.58 56.77
CA TRP I 80 -39.68 39.28 57.24
C TRP I 80 -39.70 39.21 58.76
N CYS I 81 -38.59 39.53 59.40
CA CYS I 81 -38.50 39.40 60.85
C CYS I 81 -39.43 40.37 61.57
N ASN I 82 -39.70 41.53 60.96
CA ASN I 82 -40.57 42.50 61.61
C ASN I 82 -42.00 42.00 61.71
N GLU I 83 -42.46 41.24 60.71
CA GLU I 83 -43.84 40.76 60.72
C GLU I 83 -44.11 39.87 61.92
N HIS I 84 -43.15 39.01 62.27
CA HIS I 84 -43.31 38.18 63.47
C HIS I 84 -43.28 39.02 64.74
N LEU I 85 -42.56 40.16 64.70
CA LEU I 85 -42.42 41.00 65.88
C LEU I 85 -43.57 41.99 66.06
N LYS I 86 -44.57 41.98 65.17
CA LYS I 86 -45.70 42.90 65.33
C LYS I 86 -46.49 42.58 66.59
N CYS I 87 -46.50 41.31 67.02
CA CYS I 87 -47.21 40.95 68.24
C CYS I 87 -46.57 41.60 69.47
N VAL I 88 -45.23 41.75 69.47
CA VAL I 88 -44.54 42.40 70.58
C VAL I 88 -44.33 43.89 70.36
N SER I 89 -44.83 44.45 69.25
CA SER I 89 -44.74 45.89 68.97
C SER I 89 -43.27 46.34 68.92
N LYS I 90 -42.47 45.62 68.15
CA LYS I 90 -41.05 45.93 67.96
C LYS I 90 -40.74 46.02 66.48
N ARG I 91 -39.98 47.05 66.10
CA ARG I 91 -39.60 47.28 64.72
C ARG I 91 -38.08 47.41 64.64
N ILE I 92 -37.53 46.99 63.49
CA ILE I 92 -36.10 46.97 63.24
C ILE I 92 -35.85 47.89 62.04
N ALA I 93 -35.43 49.12 62.31
CA ALA I 93 -35.17 50.07 61.23
C ALA I 93 -33.92 49.68 60.46
N ASN I 94 -32.83 49.42 61.18
CA ASN I 94 -31.56 49.03 60.58
C ASN I 94 -31.08 47.75 61.25
N LEU I 95 -30.99 46.67 60.46
CA LEU I 95 -30.65 45.37 61.03
C LEU I 95 -29.23 45.35 61.58
N GLN I 96 -28.37 46.25 61.09
CA GLN I 96 -26.98 46.25 61.54
C GLN I 96 -26.86 46.66 62.99
N THR I 97 -27.43 47.82 63.34
CA THR I 97 -27.22 48.42 64.66
C THR I 97 -28.34 48.11 65.66
N ASP I 98 -29.51 47.67 65.20
CA ASP I 98 -30.62 47.45 66.12
C ASP I 98 -30.41 46.19 66.96
N LEU I 99 -29.65 45.23 66.45
CA LEU I 99 -29.38 44.00 67.19
C LEU I 99 -28.18 44.12 68.11
N SER I 100 -27.65 45.32 68.34
CA SER I 100 -26.52 45.48 69.25
C SER I 100 -26.93 45.13 70.68
N ASP I 101 -28.08 45.63 71.13
CA ASP I 101 -28.56 45.28 72.47
C ASP I 101 -28.88 43.79 72.58
N GLY I 102 -29.25 43.17 71.47
CA GLY I 102 -29.56 41.75 71.46
C GLY I 102 -30.95 41.39 71.92
N LEU I 103 -31.70 42.32 72.51
CA LEU I 103 -33.04 42.01 72.99
C LEU I 103 -33.96 41.62 71.84
N ARG I 104 -33.82 42.27 70.69
CA ARG I 104 -34.66 41.96 69.54
C ARG I 104 -34.40 40.54 69.04
N LEU I 105 -33.15 40.09 69.12
CA LEU I 105 -32.83 38.72 68.74
C LEU I 105 -33.49 37.72 69.67
N ILE I 106 -33.52 38.03 70.97
CA ILE I 106 -34.18 37.14 71.93
C ILE I 106 -35.67 37.08 71.67
N ALA I 107 -36.29 38.23 71.41
CA ALA I 107 -37.73 38.27 71.18
C ALA I 107 -38.10 37.55 69.89
N LEU I 108 -37.25 37.64 68.87
CA LEU I 108 -37.53 36.96 67.61
C LEU I 108 -37.55 35.44 67.80
N LEU I 109 -36.64 34.92 68.64
CA LEU I 109 -36.60 33.49 68.89
C LEU I 109 -37.80 33.04 69.72
N GLU I 110 -38.26 33.90 70.63
CA GLU I 110 -39.43 33.56 71.45
C GLU I 110 -40.66 33.34 70.60
N VAL I 111 -40.85 34.16 69.56
CA VAL I 111 -42.03 34.04 68.72
C VAL I 111 -41.94 32.79 67.86
N LEU I 112 -40.80 32.59 67.21
CA LEU I 112 -40.66 31.48 66.26
C LEU I 112 -40.58 30.14 67.00
N SER I 113 -39.64 30.02 67.95
CA SER I 113 -39.45 28.73 68.61
C SER I 113 -40.58 28.42 69.58
N GLN I 114 -41.25 29.45 70.10
CA GLN I 114 -42.31 29.28 71.11
C GLN I 114 -41.77 28.55 72.33
N LYS I 115 -40.53 28.88 72.72
CA LYS I 115 -39.87 28.28 73.87
C LYS I 115 -39.24 29.40 74.69
N LYS I 116 -38.85 29.05 75.92
CA LYS I 116 -38.23 29.98 76.84
C LYS I 116 -36.72 29.75 76.88
N MET I 117 -35.97 30.82 77.13
CA MET I 117 -34.52 30.73 77.09
C MET I 117 -33.99 29.87 78.23
N HIS I 118 -32.88 29.20 77.98
CA HIS I 118 -32.31 28.29 78.98
C HIS I 118 -31.54 29.06 80.05
N ARG I 119 -31.00 30.22 79.71
CA ARG I 119 -30.40 31.14 80.66
C ARG I 119 -31.18 32.45 80.67
N LYS I 120 -31.30 33.06 81.85
CA LYS I 120 -31.96 34.34 81.95
C LYS I 120 -31.10 35.44 81.34
N HIS I 121 -31.74 36.35 80.61
CA HIS I 121 -31.05 37.42 79.89
C HIS I 121 -31.28 38.74 80.61
N ASN I 122 -30.32 39.66 80.42
CA ASN I 122 -30.42 40.98 81.05
C ASN I 122 -31.54 41.78 80.41
N GLN I 123 -32.29 42.51 81.25
CA GLN I 123 -33.43 43.26 80.75
C GLN I 123 -33.00 44.44 79.89
N ARG I 124 -31.96 45.17 80.33
CA ARG I 124 -31.35 46.21 79.51
C ARG I 124 -29.85 46.22 79.80
N PRO I 125 -28.97 46.02 78.80
CA PRO I 125 -27.53 46.18 79.05
C PRO I 125 -27.04 47.60 78.81
N THR I 126 -26.34 48.17 79.79
CA THR I 126 -25.68 49.46 79.60
C THR I 126 -24.26 49.26 79.10
N PHE I 127 -23.51 48.35 79.73
CA PHE I 127 -22.14 48.09 79.35
C PHE I 127 -22.08 47.12 78.17
N ARG I 128 -20.91 47.03 77.56
CA ARG I 128 -20.69 46.17 76.43
C ARG I 128 -20.78 44.68 76.75
N GLN I 129 -20.28 44.28 77.91
CA GLN I 129 -20.21 42.87 78.24
C GLN I 129 -21.60 42.26 78.42
N MET I 130 -22.53 43.02 78.98
CA MET I 130 -23.89 42.51 79.17
C MET I 130 -24.60 42.34 77.83
N GLN I 131 -24.24 43.14 76.83
CA GLN I 131 -24.77 42.95 75.49
C GLN I 131 -24.33 41.61 74.91
N LEU I 132 -23.04 41.30 75.06
CA LEU I 132 -22.53 40.04 74.54
C LEU I 132 -23.12 38.85 75.29
N GLU I 133 -23.43 39.03 76.58
CA GLU I 133 -24.06 37.97 77.35
C GLU I 133 -25.44 37.66 76.79
N ASN I 134 -26.19 38.68 76.38
CA ASN I 134 -27.52 38.47 75.82
C ASN I 134 -27.43 37.75 74.48
N VAL I 135 -26.46 38.14 73.65
CA VAL I 135 -26.33 37.53 72.32
C VAL I 135 -25.74 36.14 72.44
N SER I 136 -24.78 35.95 73.34
CA SER I 136 -24.18 34.64 73.52
C SER I 136 -25.21 33.62 74.02
N VAL I 137 -26.10 34.05 74.91
CA VAL I 137 -27.18 33.17 75.36
C VAL I 137 -28.11 32.84 74.20
N ALA I 138 -28.26 33.76 73.25
CA ALA I 138 -29.11 33.50 72.09
C ALA I 138 -28.52 32.40 71.22
N LEU I 139 -27.24 32.53 70.86
CA LEU I 139 -26.62 31.55 69.98
C LEU I 139 -26.54 30.17 70.63
N GLU I 140 -26.31 30.13 71.94
CA GLU I 140 -26.30 28.86 72.66
C GLU I 140 -27.66 28.20 72.64
N PHE I 141 -28.74 28.98 72.54
CA PHE I 141 -30.07 28.40 72.49
C PHE I 141 -30.32 27.69 71.17
N LEU I 142 -29.80 28.24 70.07
CA LEU I 142 -29.98 27.61 68.78
C LEU I 142 -29.27 26.26 68.71
N ASP I 143 -28.18 26.11 69.47
CA ASP I 143 -27.54 24.80 69.57
C ASP I 143 -28.48 23.79 70.21
N ARG I 144 -29.24 24.22 71.23
CA ARG I 144 -30.24 23.35 71.82
C ARG I 144 -31.39 23.08 70.86
N GLU I 145 -31.64 24.01 69.93
CA GLU I 145 -32.66 23.86 68.90
C GLU I 145 -32.20 22.95 67.75
N SER I 146 -30.99 22.41 67.82
CA SER I 146 -30.44 21.54 66.77
C SER I 146 -30.32 22.29 65.45
N ILE I 147 -29.77 23.50 65.50
CA ILE I 147 -29.48 24.31 64.32
C ILE I 147 -27.98 24.51 64.26
N LYS I 148 -27.41 24.33 63.06
CA LYS I 148 -25.97 24.45 62.84
C LYS I 148 -25.65 25.88 62.40
N LEU I 149 -24.73 26.51 63.12
CA LEU I 149 -24.25 27.84 62.78
C LEU I 149 -22.73 27.82 62.73
N VAL I 150 -22.17 28.46 61.70
CA VAL I 150 -20.73 28.51 61.48
C VAL I 150 -20.29 29.95 61.38
N SER I 151 -19.36 30.34 62.25
CA SER I 151 -18.67 31.63 62.14
C SER I 151 -19.61 32.81 62.31
N ILE I 152 -20.52 32.72 63.27
CA ILE I 152 -21.38 33.83 63.68
C ILE I 152 -21.30 33.93 65.20
N ASP I 153 -20.52 34.91 65.68
CA ASP I 153 -20.22 35.09 67.09
C ASP I 153 -20.93 36.33 67.61
N SER I 154 -20.91 36.49 68.94
CA SER I 154 -21.60 37.61 69.56
C SER I 154 -20.91 38.93 69.26
N LYS I 155 -19.60 38.90 69.07
CA LYS I 155 -18.87 40.14 68.79
C LYS I 155 -19.27 40.75 67.46
N ALA I 156 -19.44 39.90 66.43
CA ALA I 156 -19.78 40.41 65.11
C ALA I 156 -21.20 40.98 65.08
N ILE I 157 -22.13 40.34 65.79
CA ILE I 157 -23.51 40.80 65.78
C ILE I 157 -23.62 42.17 66.44
N VAL I 158 -22.82 42.42 67.49
CA VAL I 158 -22.85 43.71 68.15
C VAL I 158 -22.13 44.75 67.33
N ASP I 159 -21.00 44.39 66.72
CA ASP I 159 -20.22 45.30 65.91
C ASP I 159 -20.84 45.56 64.53
N GLY I 160 -21.91 44.85 64.18
CA GLY I 160 -22.61 45.09 62.94
C GLY I 160 -21.78 44.81 61.69
N ASN I 161 -21.22 43.61 61.61
CA ASN I 161 -20.55 43.16 60.39
C ASN I 161 -21.63 42.66 59.44
N LEU I 162 -22.10 43.55 58.56
CA LEU I 162 -23.35 43.33 57.84
C LEU I 162 -23.33 42.05 57.01
N LYS I 163 -22.16 41.59 56.62
CA LYS I 163 -22.05 40.37 55.85
C LYS I 163 -22.47 39.15 56.67
N LEU I 164 -22.33 39.23 57.99
CA LEU I 164 -22.63 38.09 58.85
C LEU I 164 -24.01 38.06 59.49
N ILE I 165 -24.59 39.22 59.75
CA ILE I 165 -25.91 39.25 60.38
C ILE I 165 -26.96 38.73 59.41
N LEU I 166 -26.81 39.03 58.13
CA LEU I 166 -27.77 38.53 57.14
C LEU I 166 -27.74 37.01 57.06
N GLY I 167 -26.58 36.41 57.31
CA GLY I 167 -26.50 34.96 57.34
C GLY I 167 -27.25 34.35 58.50
N LEU I 168 -27.29 35.06 59.63
CA LEU I 168 -27.97 34.54 60.82
C LEU I 168 -29.47 34.43 60.57
N ILE I 169 -30.06 35.44 59.94
CA ILE I 169 -31.50 35.44 59.73
C ILE I 169 -31.87 34.44 58.63
N TRP I 170 -31.01 34.27 57.63
CA TRP I 170 -31.30 33.36 56.54
C TRP I 170 -31.39 31.92 57.05
N THR I 171 -30.59 31.57 58.05
CA THR I 171 -30.69 30.25 58.66
C THR I 171 -32.04 30.06 59.33
N LEU I 172 -32.64 31.14 59.83
CA LEU I 172 -33.94 31.05 60.49
C LEU I 172 -35.07 30.94 59.48
N ILE I 173 -34.92 31.57 58.31
CA ILE I 173 -35.97 31.54 57.30
C ILE I 173 -36.18 30.10 56.82
N LEU I 174 -35.09 29.39 56.53
CA LEU I 174 -35.21 28.05 56.00
C LEU I 174 -35.63 27.06 57.07
N HIS I 175 -35.19 27.28 58.32
CA HIS I 175 -35.59 26.39 59.40
C HIS I 175 -37.06 26.61 59.76
N TYR I 176 -37.47 27.87 59.89
CA TYR I 176 -38.86 28.23 60.20
C TYR I 176 -39.55 28.59 58.91
N SER I 177 -40.31 27.64 58.36
CA SER I 177 -41.04 27.87 57.11
C SER I 177 -42.25 26.94 57.03
N THR J 5 -34.57 28.17 39.08
CA THR J 5 -34.11 27.57 37.82
C THR J 5 -32.62 27.84 37.62
N THR J 6 -32.18 29.03 38.01
CA THR J 6 -30.77 29.37 37.89
C THR J 6 -29.94 28.54 38.86
N ALA J 7 -28.81 28.04 38.36
CA ALA J 7 -27.91 27.19 39.13
C ALA J 7 -26.69 28.01 39.52
N LEU J 8 -26.31 27.92 40.80
CA LEU J 8 -25.16 28.69 41.27
C LEU J 8 -23.87 27.95 40.93
N VAL J 9 -22.76 28.66 41.15
CA VAL J 9 -21.42 28.17 40.84
C VAL J 9 -20.56 28.34 42.10
N CYS J 10 -19.64 27.40 42.30
CA CYS J 10 -18.67 27.47 43.39
C CYS J 10 -17.33 26.97 42.86
N ASP J 11 -16.38 27.87 42.70
CA ASP J 11 -15.07 27.51 42.17
C ASP J 11 -14.30 26.53 43.05
N ASN J 12 -14.38 26.73 44.36
CA ASN J 12 -13.66 25.89 45.31
C ASN J 12 -12.16 25.89 44.98
N GLY J 13 -11.59 27.09 44.94
CA GLY J 13 -10.18 27.23 44.63
C GLY J 13 -9.30 26.71 45.74
N SER J 14 -8.06 26.41 45.38
CA SER J 14 -7.11 25.85 46.33
C SER J 14 -6.62 26.89 47.33
N GLY J 15 -6.85 28.17 47.05
CA GLY J 15 -6.52 29.26 47.96
C GLY J 15 -7.56 30.34 48.09
N LEU J 16 -8.67 30.25 47.37
CA LEU J 16 -9.68 31.30 47.38
C LEU J 16 -10.99 30.70 46.90
N VAL J 17 -12.07 31.03 47.60
CA VAL J 17 -13.41 30.55 47.26
C VAL J 17 -14.11 31.65 46.48
N LYS J 18 -14.69 31.29 45.34
CA LYS J 18 -15.35 32.23 44.46
C LYS J 18 -16.65 31.59 43.98
N ALA J 19 -17.78 32.16 44.41
CA ALA J 19 -19.09 31.60 44.14
C ALA J 19 -20.05 32.70 43.73
N GLY J 20 -20.97 32.36 42.82
CA GLY J 20 -21.99 33.29 42.38
C GLY J 20 -23.00 32.58 41.50
N PHE J 21 -24.09 33.28 41.21
CA PHE J 21 -25.14 32.73 40.38
C PHE J 21 -24.69 32.72 38.92
N ALA J 22 -25.23 31.75 38.16
CA ALA J 22 -24.91 31.67 36.75
C ALA J 22 -25.56 32.83 36.00
N GLY J 23 -25.04 33.08 34.79
CA GLY J 23 -25.48 34.21 34.01
C GLY J 23 -25.09 35.56 34.57
N ASP J 24 -24.14 35.60 35.49
CA ASP J 24 -23.68 36.83 36.14
C ASP J 24 -22.24 37.10 35.72
N ASP J 25 -21.94 38.38 35.45
CA ASP J 25 -20.61 38.72 34.97
C ASP J 25 -19.59 38.74 36.08
N ALA J 26 -20.00 39.17 37.28
CA ALA J 26 -19.15 39.26 38.45
C ALA J 26 -19.67 38.35 39.56
N PRO J 27 -18.79 37.75 40.36
CA PRO J 27 -19.29 36.86 41.42
C PRO J 27 -19.88 37.64 42.58
N ARG J 28 -20.85 37.03 43.24
CA ARG J 28 -21.51 37.64 44.40
C ARG J 28 -20.65 37.77 45.65
N ALA J 29 -19.88 36.73 45.96
CA ALA J 29 -19.08 36.70 47.17
C ALA J 29 -17.78 35.96 46.91
N VAL J 30 -16.69 36.49 47.48
CA VAL J 30 -15.37 35.88 47.43
C VAL J 30 -14.73 36.01 48.80
N PHE J 31 -14.11 34.94 49.27
CA PHE J 31 -13.47 34.93 50.58
C PHE J 31 -12.35 33.91 50.56
N PRO J 32 -11.30 34.09 51.38
CA PRO J 32 -10.20 33.12 51.37
C PRO J 32 -10.65 31.76 51.90
N SER J 33 -10.00 30.71 51.38
CA SER J 33 -10.27 29.34 51.81
C SER J 33 -9.40 28.99 53.03
N ILE J 34 -9.86 29.44 54.19
CA ILE J 34 -9.14 29.26 55.45
C ILE J 34 -10.14 28.95 56.55
N VAL J 35 -9.72 28.10 57.49
CA VAL J 35 -10.46 27.87 58.73
C VAL J 35 -9.47 28.02 59.88
N GLY J 36 -9.85 28.81 60.87
CA GLY J 36 -8.99 29.09 62.01
C GLY J 36 -9.65 28.68 63.31
N ARG J 37 -8.82 28.43 64.32
CA ARG J 37 -9.28 28.09 65.66
C ARG J 37 -8.40 28.80 66.67
N PRO J 38 -8.94 29.16 67.85
CA PRO J 38 -8.11 29.88 68.83
C PRO J 38 -6.96 29.03 69.32
N ARG J 39 -5.81 29.68 69.50
CA ARG J 39 -4.66 29.09 70.18
C ARG J 39 -4.42 29.70 71.55
N HIS J 40 -5.43 30.38 72.12
CA HIS J 40 -5.35 30.98 73.44
C HIS J 40 -6.66 30.71 74.19
N GLN J 41 -6.58 30.76 75.51
CA GLN J 41 -7.75 30.52 76.34
C GLN J 41 -8.66 31.75 76.37
N GLY J 42 -9.94 31.50 76.60
CA GLY J 42 -10.93 32.56 76.67
C GLY J 42 -11.17 33.05 78.07
N VAL J 43 -10.66 34.24 78.39
CA VAL J 43 -10.79 34.77 79.75
C VAL J 43 -12.15 35.40 79.96
N MET J 44 -12.71 36.03 78.94
CA MET J 44 -13.97 36.73 79.09
C MET J 44 -15.12 35.75 79.27
N VAL J 45 -16.21 36.27 79.85
CA VAL J 45 -17.43 35.51 80.09
C VAL J 45 -18.52 36.06 79.20
N GLY J 46 -19.32 35.17 78.62
CA GLY J 46 -20.36 35.58 77.69
C GLY J 46 -19.81 36.30 76.48
N MET J 47 -18.71 35.79 75.92
CA MET J 47 -18.00 36.43 74.82
C MET J 47 -18.32 35.82 73.46
N GLY J 48 -18.97 34.66 73.43
CA GLY J 48 -19.12 33.92 72.20
C GLY J 48 -17.89 33.06 71.98
N GLN J 49 -16.97 33.57 71.16
CA GLN J 49 -15.66 32.95 70.93
C GLN J 49 -15.71 31.47 70.62
N LYS J 50 -16.53 31.09 69.66
CA LYS J 50 -16.68 29.69 69.31
C LYS J 50 -15.42 29.16 68.62
N ASP J 51 -15.48 27.90 68.20
CA ASP J 51 -14.26 27.20 67.80
C ASP J 51 -13.76 27.64 66.44
N SER J 52 -14.64 27.79 65.46
CA SER J 52 -14.26 27.88 64.06
C SER J 52 -14.58 29.26 63.50
N TYR J 53 -13.67 29.78 62.68
CA TYR J 53 -13.88 31.00 61.90
C TYR J 53 -13.31 30.78 60.51
N VAL J 54 -14.00 31.30 59.49
CA VAL J 54 -13.62 31.11 58.10
C VAL J 54 -13.81 32.43 57.36
N GLY J 55 -13.18 32.51 56.18
CA GLY J 55 -13.35 33.68 55.34
C GLY J 55 -12.60 34.89 55.86
N ASP J 56 -13.07 36.07 55.44
CA ASP J 56 -12.47 37.32 55.88
C ASP J 56 -12.62 37.56 57.37
N GLU J 57 -13.59 36.91 58.02
CA GLU J 57 -13.70 37.01 59.47
C GLU J 57 -12.45 36.46 60.15
N ALA J 58 -11.85 35.42 59.58
CA ALA J 58 -10.64 34.85 60.16
C ALA J 58 -9.47 35.82 60.04
N GLN J 59 -9.34 36.51 58.90
CA GLN J 59 -8.29 37.51 58.77
C GLN J 59 -8.45 38.64 59.77
N SER J 60 -9.69 38.96 60.15
CA SER J 60 -9.90 40.02 61.13
C SER J 60 -9.32 39.63 62.49
N LYS J 61 -9.50 38.38 62.88
CA LYS J 61 -9.03 37.88 64.17
C LYS J 61 -7.83 36.97 64.06
N ARG J 62 -7.09 37.05 62.97
CA ARG J 62 -5.98 36.14 62.75
C ARG J 62 -4.90 36.19 63.82
N GLY J 63 -4.80 37.29 64.55
CA GLY J 63 -3.75 37.38 65.55
C GLY J 63 -3.81 36.27 66.58
N ILE J 64 -5.02 35.91 67.02
CA ILE J 64 -5.23 34.87 68.02
C ILE J 64 -5.82 33.60 67.41
N LEU J 65 -5.71 33.42 66.10
CA LEU J 65 -6.18 32.22 65.41
C LEU J 65 -5.04 31.60 64.62
N THR J 66 -4.95 30.28 64.67
CA THR J 66 -4.03 29.50 63.84
C THR J 66 -4.79 29.02 62.61
N LEU J 67 -4.32 29.41 61.43
CA LEU J 67 -5.03 29.17 60.19
C LEU J 67 -4.50 27.91 59.52
N LYS J 68 -5.42 27.02 59.14
CA LYS J 68 -5.11 25.79 58.43
C LYS J 68 -5.95 25.74 57.16
N TYR J 69 -5.34 25.48 56.01
CA TYR J 69 -6.12 25.44 54.79
C TYR J 69 -6.70 24.06 54.63
N PRO J 70 -8.02 23.97 54.46
CA PRO J 70 -8.63 22.64 54.27
C PRO J 70 -8.32 22.05 52.90
N ILE J 71 -8.23 22.89 51.88
CA ILE J 71 -7.89 22.48 50.52
C ILE J 71 -6.40 22.74 50.31
N GLU J 72 -5.69 21.76 49.76
CA GLU J 72 -4.25 21.84 49.61
C GLU J 72 -3.82 21.08 48.36
N HIS J 73 -3.14 21.78 47.45
CA HIS J 73 -2.72 21.22 46.17
C HIS J 73 -3.89 20.62 45.40
N GLY J 74 -5.05 21.26 45.47
CA GLY J 74 -6.24 20.70 44.86
C GLY J 74 -6.72 19.42 45.51
N ILE J 75 -6.27 19.13 46.73
CA ILE J 75 -6.62 17.92 47.45
C ILE J 75 -7.10 18.32 48.83
N ILE J 76 -8.20 17.70 49.26
CA ILE J 76 -8.87 18.03 50.52
C ILE J 76 -8.30 17.13 51.61
N THR J 77 -7.77 17.74 52.66
CA THR J 77 -7.20 17.03 53.80
C THR J 77 -8.21 16.91 54.95
N ASN J 78 -8.81 18.02 55.35
CA ASN J 78 -9.78 18.07 56.44
C ASN J 78 -11.17 18.18 55.83
N TRP J 79 -11.91 17.06 55.85
CA TRP J 79 -13.24 17.04 55.24
C TRP J 79 -14.26 17.76 56.10
N ASP J 80 -14.19 17.58 57.42
CA ASP J 80 -15.11 18.28 58.32
C ASP J 80 -14.90 19.80 58.24
N ASP J 81 -13.67 20.23 57.94
CA ASP J 81 -13.40 21.66 57.80
C ASP J 81 -13.95 22.19 56.48
N MET J 82 -13.77 21.43 55.40
CA MET J 82 -14.25 21.90 54.10
C MET J 82 -15.77 21.96 54.06
N GLU J 83 -16.45 21.13 54.85
CA GLU J 83 -17.89 21.21 54.97
C GLU J 83 -18.32 22.56 55.54
N LYS J 84 -17.49 23.14 56.42
CA LYS J 84 -17.83 24.44 57.00
C LYS J 84 -17.69 25.56 55.97
N ILE J 85 -16.76 25.41 55.03
CA ILE J 85 -16.57 26.44 54.01
C ILE J 85 -17.81 26.55 53.13
N TRP J 86 -18.41 25.40 52.79
CA TRP J 86 -19.60 25.42 51.95
C TRP J 86 -20.81 25.94 52.71
N HIS J 87 -20.92 25.59 53.99
CA HIS J 87 -22.01 26.13 54.81
C HIS J 87 -21.89 27.64 54.93
N HIS J 88 -20.67 28.14 55.06
CA HIS J 88 -20.45 29.59 55.09
C HIS J 88 -20.64 30.20 53.71
N THR J 89 -20.36 29.43 52.66
CA THR J 89 -20.45 29.97 51.30
C THR J 89 -21.89 30.27 50.92
N PHE J 90 -22.82 29.37 51.27
CA PHE J 90 -24.20 29.48 50.84
C PHE J 90 -25.03 30.30 51.83
N TYR J 91 -24.97 29.93 53.12
CA TYR J 91 -25.85 30.55 54.10
C TYR J 91 -25.36 31.94 54.50
N ASN J 92 -24.05 32.07 54.76
CA ASN J 92 -23.51 33.31 55.31
C ASN J 92 -23.09 34.29 54.23
N GLU J 93 -22.35 33.83 53.21
CA GLU J 93 -21.84 34.74 52.20
C GLU J 93 -22.93 35.11 51.19
N LEU J 94 -23.57 34.11 50.57
CA LEU J 94 -24.57 34.35 49.54
C LEU J 94 -25.99 34.49 50.08
N ARG J 95 -26.28 33.87 51.22
CA ARG J 95 -27.64 33.86 51.78
C ARG J 95 -28.65 33.27 50.80
N VAL J 96 -28.35 32.06 50.32
CA VAL J 96 -29.17 31.38 49.32
C VAL J 96 -29.25 29.91 49.71
N ALA J 97 -30.41 29.31 49.49
CA ALA J 97 -30.59 27.90 49.82
C ALA J 97 -30.00 27.03 48.71
N PRO J 98 -29.27 25.95 49.05
CA PRO J 98 -28.82 25.03 48.00
C PRO J 98 -29.86 24.01 47.56
N GLU J 99 -30.90 23.78 48.36
CA GLU J 99 -31.88 22.76 48.03
C GLU J 99 -32.78 23.19 46.87
N GLU J 100 -32.86 24.50 46.60
CA GLU J 100 -33.80 24.99 45.61
C GLU J 100 -33.31 24.72 44.19
N HIS J 101 -32.02 24.91 43.94
CA HIS J 101 -31.44 24.83 42.61
C HIS J 101 -30.06 24.19 42.67
N PRO J 102 -29.61 23.55 41.57
CA PRO J 102 -28.35 22.81 41.64
C PRO J 102 -27.14 23.72 41.64
N THR J 103 -25.97 23.10 41.82
CA THR J 103 -24.70 23.80 41.97
C THR J 103 -23.67 23.23 41.02
N LEU J 104 -22.78 24.11 40.55
CA LEU J 104 -21.68 23.75 39.68
C LEU J 104 -20.36 23.90 40.45
N LEU J 105 -19.51 22.88 40.33
CA LEU J 105 -18.24 22.82 41.05
C LEU J 105 -17.09 22.69 40.07
N THR J 106 -15.89 22.93 40.56
CA THR J 106 -14.68 22.84 39.76
C THR J 106 -13.59 22.15 40.58
N GLU J 107 -12.67 21.52 39.88
CA GLU J 107 -11.58 20.78 40.51
C GLU J 107 -10.48 20.55 39.49
N ALA J 108 -9.25 20.48 39.99
CA ALA J 108 -8.09 20.42 39.11
C ALA J 108 -7.91 19.01 38.55
N PRO J 109 -7.31 18.86 37.37
CA PRO J 109 -7.22 17.53 36.76
C PRO J 109 -6.24 16.64 37.50
N LEU J 110 -6.39 15.32 37.29
CA LEU J 110 -5.55 14.28 37.85
C LEU J 110 -5.60 14.23 39.38
N ASN J 111 -6.62 14.82 40.00
CA ASN J 111 -6.80 14.67 41.43
C ASN J 111 -7.18 13.22 41.75
N PRO J 112 -6.98 12.78 42.99
CA PRO J 112 -7.38 11.42 43.33
C PRO J 112 -8.89 11.23 43.23
N LYS J 113 -9.30 9.99 42.98
CA LYS J 113 -10.70 9.68 42.77
C LYS J 113 -11.52 9.92 44.05
N ALA J 114 -10.90 9.79 45.22
CA ALA J 114 -11.62 10.01 46.46
C ALA J 114 -12.08 11.45 46.59
N ASN J 115 -11.21 12.41 46.24
CA ASN J 115 -11.60 13.81 46.24
C ASN J 115 -12.73 14.06 45.23
N ARG J 116 -12.68 13.36 44.10
CA ARG J 116 -13.67 13.58 43.05
C ARG J 116 -15.01 12.94 43.42
N GLU J 117 -14.98 11.87 44.21
CA GLU J 117 -16.20 11.20 44.63
C GLU J 117 -16.72 11.75 45.94
N LYS J 118 -15.84 11.92 46.93
CA LYS J 118 -16.26 12.38 48.25
C LYS J 118 -16.83 13.79 48.19
N MET J 119 -16.43 14.55 47.18
CA MET J 119 -16.93 15.90 46.98
C MET J 119 -18.42 15.80 46.71
N THR J 120 -18.83 14.76 45.99
CA THR J 120 -20.23 14.56 45.65
C THR J 120 -21.00 13.97 46.83
N GLN J 121 -20.35 13.12 47.62
CA GLN J 121 -21.02 12.47 48.75
C GLN J 121 -21.49 13.48 49.78
N ILE J 122 -20.83 14.64 49.86
CA ILE J 122 -21.17 15.63 50.89
C ILE J 122 -22.38 16.45 50.47
N MET J 123 -22.45 16.83 49.19
CA MET J 123 -23.48 17.77 48.74
C MET J 123 -24.88 17.22 48.94
N PHE J 124 -25.16 16.03 48.40
CA PHE J 124 -26.52 15.52 48.37
C PHE J 124 -26.99 15.14 49.78
N GLU J 125 -26.07 14.76 50.65
CA GLU J 125 -26.45 14.35 52.01
C GLU J 125 -26.51 15.56 52.94
N THR J 126 -25.48 16.40 52.93
CA THR J 126 -25.45 17.55 53.82
C THR J 126 -26.41 18.63 53.34
N PHE J 127 -26.19 19.14 52.13
CA PHE J 127 -26.96 20.26 51.59
C PHE J 127 -28.17 19.84 50.77
N ASN J 128 -28.12 18.68 50.12
CA ASN J 128 -29.25 18.13 49.38
C ASN J 128 -29.67 19.05 48.24
N VAL J 129 -28.72 19.34 47.35
CA VAL J 129 -29.02 20.10 46.14
C VAL J 129 -29.90 19.23 45.25
N PRO J 130 -30.70 19.82 44.35
CA PRO J 130 -31.49 18.98 43.44
C PRO J 130 -30.61 18.22 42.45
N ALA J 131 -29.48 18.81 42.07
CA ALA J 131 -28.53 18.15 41.18
C ALA J 131 -27.18 18.83 41.33
N MET J 132 -26.17 18.27 40.67
CA MET J 132 -24.81 18.74 40.79
C MET J 132 -24.03 18.36 39.54
N TYR J 133 -22.88 19.00 39.35
CA TYR J 133 -21.99 18.66 38.25
C TYR J 133 -20.60 19.21 38.55
N VAL J 134 -19.60 18.40 38.22
CA VAL J 134 -18.20 18.75 38.39
C VAL J 134 -17.59 18.97 37.01
N ALA J 135 -16.59 19.84 36.95
CA ALA J 135 -15.94 20.16 35.68
C ALA J 135 -14.47 20.49 35.94
N ILE J 136 -13.61 20.09 35.01
CA ILE J 136 -12.19 20.39 35.12
C ILE J 136 -12.00 21.90 35.04
N GLN J 137 -11.18 22.44 35.95
CA GLN J 137 -11.05 23.89 36.09
C GLN J 137 -10.49 24.53 34.82
N ALA J 138 -9.82 23.75 33.98
CA ALA J 138 -9.20 24.30 32.78
C ALA J 138 -10.23 24.58 31.69
N VAL J 139 -11.12 23.64 31.45
CA VAL J 139 -12.04 23.76 30.34
C VAL J 139 -12.91 25.00 30.43
N LEU J 140 -13.23 25.41 31.65
CA LEU J 140 -14.10 26.57 31.82
C LEU J 140 -13.46 27.84 31.26
N SER J 141 -12.13 27.90 31.21
CA SER J 141 -11.46 29.11 30.76
C SER J 141 -11.76 29.40 29.29
N LEU J 142 -11.95 28.37 28.49
CA LEU J 142 -12.26 28.57 27.09
C LEU J 142 -13.62 29.27 26.94
N TYR J 143 -14.58 28.88 27.77
CA TYR J 143 -15.90 29.47 27.71
C TYR J 143 -15.79 30.97 27.98
N ALA J 144 -14.94 31.34 28.93
CA ALA J 144 -14.73 32.75 29.24
C ALA J 144 -14.05 33.47 28.09
N SER J 145 -13.02 32.86 27.50
CA SER J 145 -12.34 33.45 26.36
C SER J 145 -13.15 33.35 25.07
N GLY J 146 -14.14 32.45 25.01
CA GLY J 146 -14.97 32.34 23.83
C GLY J 146 -14.24 31.80 22.63
N ARG J 147 -13.36 30.82 22.82
CA ARG J 147 -12.61 30.20 21.73
C ARG J 147 -12.55 28.69 21.96
N THR J 148 -12.69 27.93 20.88
CA THR J 148 -12.75 26.48 20.99
C THR J 148 -11.36 25.88 21.15
N THR J 149 -10.34 26.50 20.55
CA THR J 149 -8.99 25.96 20.51
C THR J 149 -8.08 26.80 21.40
N GLY J 150 -7.16 26.13 22.09
CA GLY J 150 -6.19 26.83 22.91
C GLY J 150 -5.61 25.90 23.96
N ILE J 151 -4.57 26.41 24.61
CA ILE J 151 -3.92 25.75 25.75
C ILE J 151 -4.05 26.68 26.95
N VAL J 152 -4.50 26.12 28.07
CA VAL J 152 -4.93 26.90 29.23
C VAL J 152 -3.88 26.79 30.32
N LEU J 153 -3.69 27.84 31.11
CA LEU J 153 -2.74 27.74 32.22
C LEU J 153 -3.42 28.30 33.46
N ASP J 154 -3.96 27.42 34.31
CA ASP J 154 -4.69 27.86 35.50
C ASP J 154 -3.87 28.60 36.56
N SER J 155 -2.73 28.04 36.95
CA SER J 155 -1.85 28.66 37.94
C SER J 155 -2.52 29.04 39.27
N GLY J 156 -3.50 28.25 39.71
CA GLY J 156 -4.18 28.49 40.97
C GLY J 156 -3.23 28.37 42.14
N ASP J 157 -3.75 28.70 43.33
CA ASP J 157 -2.91 28.73 44.52
C ASP J 157 -2.41 27.33 44.87
N GLY J 158 -3.05 26.28 44.35
CA GLY J 158 -2.64 24.92 44.66
C GLY J 158 -1.80 24.28 43.58
N VAL J 159 -2.22 24.41 42.31
CA VAL J 159 -1.66 23.59 41.24
C VAL J 159 -1.79 24.33 39.92
N THR J 160 -0.97 23.93 38.94
CA THR J 160 -1.06 24.40 37.56
C THR J 160 -1.07 23.16 36.66
N HIS J 161 -1.86 23.19 35.59
CA HIS J 161 -1.99 22.01 34.72
C HIS J 161 -1.46 22.05 33.28
N ASN J 162 -1.66 23.14 32.55
CA ASN J 162 -1.18 23.19 31.16
C ASN J 162 -1.80 22.10 30.30
N VAL J 163 -3.11 22.18 30.07
CA VAL J 163 -3.82 21.19 29.24
C VAL J 163 -4.10 21.80 27.87
N PRO J 164 -3.83 21.10 26.74
CA PRO J 164 -4.23 21.65 25.43
C PRO J 164 -5.59 21.16 24.96
N ILE J 165 -6.27 21.96 24.16
CA ILE J 165 -7.57 21.62 23.58
C ILE J 165 -7.56 22.04 22.11
N TYR J 166 -8.23 21.25 21.26
CA TYR J 166 -8.23 21.46 19.82
C TYR J 166 -9.66 21.30 19.31
N GLU J 167 -10.32 22.43 19.07
CA GLU J 167 -11.70 22.40 18.64
C GLU J 167 -12.58 21.73 19.71
N GLY J 168 -12.27 21.92 20.99
CA GLY J 168 -13.09 21.32 22.04
C GLY J 168 -12.73 19.91 22.44
N TYR J 169 -11.77 19.28 21.76
CA TYR J 169 -11.33 17.93 22.10
C TYR J 169 -10.17 18.02 23.08
N ALA J 170 -10.41 17.56 24.31
CA ALA J 170 -9.38 17.51 25.32
C ALA J 170 -8.51 16.28 25.09
N LEU J 171 -7.22 16.43 25.28
CA LEU J 171 -6.33 15.31 25.11
C LEU J 171 -5.78 14.93 26.46
N PRO J 172 -6.18 13.78 26.98
CA PRO J 172 -5.61 13.34 28.27
C PRO J 172 -4.16 12.93 28.19
N HIS J 173 -3.65 12.60 27.00
CA HIS J 173 -2.25 12.19 26.89
C HIS J 173 -1.32 13.40 27.03
N ALA J 174 -1.79 14.59 26.63
CA ALA J 174 -0.95 15.79 26.69
C ALA J 174 -1.10 16.55 27.99
N ILE J 175 -2.06 16.19 28.85
CA ILE J 175 -2.29 16.96 30.06
C ILE J 175 -1.13 16.78 31.02
N MET J 176 -0.90 17.83 31.82
CA MET J 176 0.19 17.88 32.78
C MET J 176 -0.27 18.46 34.11
N ARG J 177 0.49 18.18 35.16
CA ARG J 177 0.18 18.69 36.47
C ARG J 177 1.48 18.99 37.20
N LEU J 178 1.55 20.16 37.79
CA LEU J 178 2.72 20.58 38.56
C LEU J 178 2.25 21.26 39.83
N ASP J 179 2.68 20.75 40.98
CA ASP J 179 2.20 21.22 42.28
C ASP J 179 2.73 22.60 42.64
N LEU J 180 3.70 23.14 41.91
CA LEU J 180 4.21 24.47 42.20
C LEU J 180 3.11 25.50 42.03
N ALA J 181 2.97 26.38 43.02
CA ALA J 181 1.85 27.31 43.05
C ALA J 181 2.16 28.45 44.01
N GLY J 182 1.13 29.22 44.35
CA GLY J 182 1.34 30.43 45.13
C GLY J 182 1.81 30.16 46.55
N ARG J 183 1.31 29.09 47.17
CA ARG J 183 1.74 28.77 48.52
C ARG J 183 3.24 28.47 48.56
N ASP J 184 3.76 27.86 47.50
CA ASP J 184 5.20 27.67 47.38
C ASP J 184 5.91 29.00 47.18
N LEU J 185 5.28 29.92 46.46
CA LEU J 185 5.85 31.26 46.32
C LEU J 185 5.84 31.98 47.66
N THR J 186 4.74 31.87 48.39
CA THR J 186 4.66 32.50 49.71
C THR J 186 5.66 31.85 50.68
N ASP J 187 5.68 30.52 50.73
CA ASP J 187 6.63 29.83 51.60
C ASP J 187 8.07 30.15 51.21
N TYR J 188 8.33 30.29 49.91
CA TYR J 188 9.66 30.69 49.48
C TYR J 188 9.90 32.18 49.76
N LEU J 189 8.87 33.00 49.61
CA LEU J 189 9.01 34.42 49.92
C LEU J 189 9.26 34.61 51.41
N MET J 190 8.62 33.80 52.25
CA MET J 190 8.90 33.83 53.69
C MET J 190 10.35 33.44 53.98
N LYS J 191 10.96 32.65 53.09
CA LYS J 191 12.32 32.18 53.32
C LYS J 191 13.34 33.24 52.97
N ILE J 192 13.23 33.83 51.78
CA ILE J 192 14.27 34.73 51.30
C ILE J 192 14.27 36.05 52.09
N LEU J 193 13.13 36.43 52.67
CA LEU J 193 13.09 37.64 53.49
C LEU J 193 13.94 37.51 54.74
N THR J 194 14.25 36.27 55.12
CA THR J 194 15.08 36.06 56.27
C THR J 194 16.41 36.73 55.94
N GLU J 195 16.75 36.74 54.66
CA GLU J 195 18.00 37.36 54.21
C GLU J 195 18.03 38.85 54.52
N ARG J 196 16.90 39.52 54.36
CA ARG J 196 16.81 40.95 54.61
C ARG J 196 16.58 41.28 56.07
N GLY J 197 16.44 40.26 56.90
CA GLY J 197 16.21 40.46 58.33
C GLY J 197 14.77 40.51 58.78
N TYR J 198 13.82 40.24 57.87
CA TYR J 198 12.42 40.24 58.23
C TYR J 198 12.02 38.80 58.49
N SER J 199 11.32 38.53 59.59
CA SER J 199 10.93 37.15 59.88
C SER J 199 9.44 36.94 59.99
N PHE J 200 8.90 36.09 59.14
CA PHE J 200 7.48 35.75 59.16
C PHE J 200 7.39 34.23 59.28
N VAL J 201 7.03 33.74 60.46
CA VAL J 201 7.15 32.33 60.80
C VAL J 201 5.86 31.77 61.42
N THR J 202 4.71 32.37 61.11
CA THR J 202 3.43 31.89 61.62
C THR J 202 2.38 31.97 60.52
N THR J 203 1.25 31.31 60.78
CA THR J 203 0.13 31.28 59.85
C THR J 203 -0.45 32.66 59.63
N ALA J 204 -0.59 33.43 60.70
CA ALA J 204 -1.08 34.80 60.57
C ALA J 204 -0.06 35.67 59.84
N GLU J 205 1.22 35.47 60.14
CA GLU J 205 2.28 36.22 59.46
C GLU J 205 2.40 35.82 58.00
N ARG J 206 1.94 34.61 57.66
CA ARG J 206 1.97 34.18 56.27
C ARG J 206 1.07 35.03 55.40
N GLU J 207 -0.07 35.47 55.94
CA GLU J 207 -1.06 36.19 55.14
C GLU J 207 -0.53 37.56 54.72
N ILE J 208 0.27 38.20 55.58
CA ILE J 208 0.87 39.48 55.21
C ILE J 208 1.88 39.26 54.08
N VAL J 209 2.66 38.18 54.17
CA VAL J 209 3.63 37.88 53.11
C VAL J 209 2.90 37.58 51.81
N ARG J 210 1.73 36.93 51.90
CA ARG J 210 0.90 36.75 50.72
C ARG J 210 0.40 38.08 50.19
N ASP J 211 0.00 38.99 51.09
CA ASP J 211 -0.46 40.31 50.67
C ASP J 211 0.67 41.09 50.03
N ILE J 212 1.90 40.94 50.53
CA ILE J 212 3.05 41.57 49.90
C ILE J 212 3.24 41.02 48.49
N LYS J 213 2.98 39.72 48.31
CA LYS J 213 3.23 39.09 47.02
C LYS J 213 2.28 39.62 45.94
N GLU J 214 1.07 40.02 46.33
CA GLU J 214 0.07 40.38 45.34
C GLU J 214 0.39 41.70 44.65
N LYS J 215 0.59 42.76 45.43
CA LYS J 215 0.57 44.11 44.89
C LYS J 215 1.96 44.68 44.57
N LEU J 216 3.03 43.91 44.81
CA LEU J 216 4.39 44.47 44.84
C LEU J 216 5.40 43.68 44.01
N CYS J 217 5.09 42.45 43.64
CA CYS J 217 6.04 41.57 42.95
C CYS J 217 5.81 41.62 41.45
N TYR J 218 6.89 41.44 40.68
CA TYR J 218 6.84 41.39 39.22
C TYR J 218 7.73 40.26 38.72
N VAL J 219 7.61 39.95 37.43
CA VAL J 219 8.11 38.67 36.92
C VAL J 219 9.57 38.78 36.47
N ALA J 220 10.06 40.01 36.26
CA ALA J 220 11.46 40.21 35.89
C ALA J 220 11.80 39.55 34.56
N LEU J 221 11.29 40.17 33.47
CA LEU J 221 11.52 39.70 32.09
C LEU J 221 12.93 39.16 31.87
N ASP J 222 13.95 39.87 32.35
CA ASP J 222 15.33 39.40 32.28
C ASP J 222 15.85 39.25 33.70
N PHE J 223 15.95 38.01 34.17
CA PHE J 223 16.33 37.76 35.56
C PHE J 223 17.78 38.15 35.81
N GLU J 224 18.71 37.58 35.03
CA GLU J 224 20.13 37.81 35.27
C GLU J 224 20.49 39.29 35.10
N ASN J 225 19.85 39.96 34.15
CA ASN J 225 20.12 41.39 33.95
C ASN J 225 19.54 42.22 35.08
N GLU J 226 18.40 41.81 35.62
CA GLU J 226 17.71 42.62 36.63
C GLU J 226 18.36 42.45 38.00
N MET J 227 18.90 41.25 38.28
CA MET J 227 19.60 41.03 39.53
C MET J 227 20.82 41.94 39.65
N ALA J 228 21.62 42.03 38.58
CA ALA J 228 22.74 42.96 38.57
C ALA J 228 22.25 44.41 38.65
N THR J 229 21.06 44.67 38.10
CA THR J 229 20.49 46.02 38.18
C THR J 229 20.02 46.33 39.60
N ALA J 230 19.53 45.32 40.31
CA ALA J 230 19.02 45.55 41.66
C ALA J 230 20.14 45.95 42.61
N ALA J 231 21.31 45.30 42.50
CA ALA J 231 22.43 45.64 43.36
C ALA J 231 22.99 47.02 43.03
N SER J 232 23.00 47.37 41.76
CA SER J 232 23.57 48.66 41.35
C SER J 232 22.61 49.80 41.64
N SER J 233 21.33 49.63 41.32
CA SER J 233 20.31 50.66 41.45
C SER J 233 19.30 50.27 42.51
N SER J 234 18.95 51.22 43.37
CA SER J 234 17.96 51.03 44.42
C SER J 234 16.56 51.52 44.01
N SER J 235 16.35 51.75 42.70
CA SER J 235 15.06 52.25 42.26
C SER J 235 13.95 51.21 42.46
N LEU J 236 14.29 49.93 42.32
CA LEU J 236 13.29 48.88 42.44
C LEU J 236 12.82 48.70 43.89
N GLU J 237 13.62 49.15 44.86
CA GLU J 237 13.24 49.01 46.25
C GLU J 237 11.99 49.81 46.57
N LYS J 238 11.00 49.13 47.14
CA LYS J 238 9.77 49.76 47.61
C LYS J 238 9.43 49.23 48.99
N SER J 239 8.51 49.91 49.66
CA SER J 239 8.14 49.62 51.03
C SER J 239 6.68 49.20 51.12
N TYR J 240 6.36 48.42 52.14
CA TYR J 240 4.99 47.98 52.42
C TYR J 240 4.72 48.17 53.91
N GLU J 241 3.54 48.68 54.23
CA GLU J 241 3.17 48.97 55.61
C GLU J 241 2.40 47.79 56.19
N LEU J 242 3.12 46.83 56.74
CA LEU J 242 2.51 45.76 57.52
C LEU J 242 1.96 46.38 58.80
N PRO J 243 1.00 45.69 59.42
CA PRO J 243 0.39 46.13 60.66
C PRO J 243 1.42 46.09 61.77
N ASP J 244 1.27 46.92 62.78
CA ASP J 244 2.25 46.98 63.85
C ASP J 244 3.36 47.94 63.41
N GLY J 245 3.07 48.76 62.40
CA GLY J 245 4.04 49.69 61.89
C GLY J 245 5.17 48.86 61.33
N GLN J 246 6.40 49.12 61.75
CA GLN J 246 7.51 48.32 61.26
C GLN J 246 7.63 48.29 59.73
N VAL J 247 7.63 49.46 59.11
CA VAL J 247 7.76 49.48 57.66
C VAL J 247 8.93 48.59 57.24
N ILE J 248 8.82 48.06 56.02
CA ILE J 248 9.84 47.18 55.46
C ILE J 248 10.18 47.61 54.04
N THR J 249 11.25 47.04 53.51
CA THR J 249 11.72 47.39 52.17
C THR J 249 12.37 46.15 51.55
N ILE J 250 11.84 45.72 50.42
CA ILE J 250 12.35 44.56 49.68
C ILE J 250 12.93 45.04 48.36
N GLY J 251 14.06 44.44 47.98
CA GLY J 251 14.76 44.78 46.76
C GLY J 251 14.70 43.65 45.75
N ASN J 252 15.78 42.87 45.65
CA ASN J 252 15.80 41.73 44.75
C ASN J 252 14.83 40.64 45.18
N GLU J 253 14.39 40.64 46.43
CA GLU J 253 13.32 39.73 46.85
C GLU J 253 11.99 40.09 46.22
N ARG J 254 11.85 41.31 45.69
CA ARG J 254 10.60 41.73 45.06
C ARG J 254 10.25 40.83 43.88
N PHE J 255 11.27 40.37 43.15
CA PHE J 255 11.07 39.53 41.97
C PHE J 255 11.83 38.22 42.03
N ARG J 256 12.33 37.81 43.20
CA ARG J 256 13.05 36.54 43.28
C ARG J 256 12.07 35.36 43.28
N CYS J 257 10.97 35.48 44.01
CA CYS J 257 10.08 34.34 44.16
C CYS J 257 9.29 33.99 42.89
N PRO J 258 8.78 34.95 42.09
CA PRO J 258 8.00 34.53 40.91
C PRO J 258 8.85 33.81 39.87
N GLU J 259 10.17 34.00 39.90
CA GLU J 259 11.09 33.25 39.06
C GLU J 259 11.09 31.75 39.37
N THR J 260 10.56 31.35 40.54
CA THR J 260 10.47 29.94 40.90
C THR J 260 9.64 29.17 39.87
N LEU J 261 8.68 29.84 39.23
CA LEU J 261 7.92 29.21 38.15
C LEU J 261 8.83 28.76 37.02
N PHE J 262 9.56 29.69 36.41
CA PHE J 262 10.33 29.38 35.22
C PHE J 262 11.51 28.48 35.53
N GLN J 263 12.06 28.59 36.74
CA GLN J 263 13.07 27.65 37.22
C GLN J 263 12.73 27.31 38.68
N PRO J 264 12.20 26.13 38.96
CA PRO J 264 11.99 25.73 40.37
C PRO J 264 13.23 25.20 41.08
N SER J 265 14.43 25.43 40.54
CA SER J 265 15.65 24.97 41.20
C SER J 265 15.83 25.65 42.56
N PHE J 266 15.28 26.85 42.73
CA PHE J 266 15.38 27.54 44.01
C PHE J 266 14.70 26.76 45.12
N ILE J 267 13.42 26.41 44.92
CA ILE J 267 12.68 25.65 45.92
C ILE J 267 13.06 24.17 45.94
N GLY J 268 13.72 23.68 44.88
CA GLY J 268 14.25 22.33 44.86
C GLY J 268 13.39 21.30 44.16
N MET J 269 12.26 21.71 43.57
CA MET J 269 11.43 20.75 42.85
C MET J 269 12.09 20.32 41.56
N GLU J 270 12.11 19.00 41.32
CA GLU J 270 12.67 18.44 40.09
C GLU J 270 11.63 18.54 38.97
N SER J 271 11.47 19.78 38.49
CA SER J 271 10.51 20.08 37.44
C SER J 271 11.19 20.89 36.34
N ALA J 272 10.64 20.79 35.14
CA ALA J 272 11.24 21.46 33.98
C ALA J 272 11.01 22.96 34.03
N GLY J 273 9.86 23.39 34.54
CA GLY J 273 9.47 24.78 34.58
C GLY J 273 8.16 25.02 33.84
N ILE J 274 7.56 26.17 34.16
CA ILE J 274 6.27 26.51 33.58
C ILE J 274 6.39 26.73 32.08
N HIS J 275 7.49 27.38 31.65
CA HIS J 275 7.66 27.65 30.23
C HIS J 275 7.87 26.37 29.44
N GLU J 276 8.51 25.37 30.05
CA GLU J 276 8.89 24.17 29.31
C GLU J 276 7.79 23.11 29.36
N THR J 277 6.95 23.15 30.39
CA THR J 277 5.80 22.24 30.44
C THR J 277 4.80 22.58 29.35
N THR J 278 4.53 23.87 29.14
CA THR J 278 3.71 24.28 28.00
C THR J 278 4.39 23.89 26.69
N TYR J 279 5.72 23.95 26.65
CA TYR J 279 6.45 23.48 25.49
C TYR J 279 6.37 21.96 25.38
N ASN J 280 6.42 21.26 26.51
CA ASN J 280 6.32 19.81 26.49
C ASN J 280 4.91 19.36 26.13
N SER J 281 3.90 19.96 26.73
CA SER J 281 2.51 19.55 26.50
C SER J 281 2.12 19.73 25.04
N ILE J 282 2.58 20.82 24.41
CA ILE J 282 2.23 21.06 23.01
C ILE J 282 2.93 20.04 22.12
N MET J 283 4.17 19.67 22.44
CA MET J 283 4.89 18.70 21.63
C MET J 283 4.27 17.31 21.75
N LYS J 284 3.61 17.01 22.87
CA LYS J 284 2.91 15.74 22.99
C LYS J 284 1.76 15.62 22.01
N CYS J 285 1.22 16.74 21.54
CA CYS J 285 0.10 16.73 20.61
C CYS J 285 0.57 16.43 19.20
N ASP J 286 -0.40 16.25 18.30
CA ASP J 286 -0.09 16.02 16.90
C ASP J 286 0.59 17.26 16.30
N ILE J 287 1.26 17.05 15.18
CA ILE J 287 1.99 18.13 14.53
C ILE J 287 1.10 19.26 14.03
N ASP J 288 -0.06 18.92 13.49
CA ASP J 288 -0.96 19.94 12.95
C ASP J 288 -1.56 20.82 14.05
N ILE J 289 -1.63 20.30 15.28
CA ILE J 289 -2.28 21.02 16.37
C ILE J 289 -1.37 22.11 16.92
N ARG J 290 -0.08 21.93 16.80
CA ARG J 290 0.86 22.85 17.42
C ARG J 290 0.74 24.30 16.96
N LYS J 291 0.31 24.51 15.72
CA LYS J 291 0.25 25.87 15.20
C LYS J 291 -0.80 26.69 15.94
N ASP J 292 -1.99 26.12 16.16
CA ASP J 292 -3.08 26.87 16.77
C ASP J 292 -2.82 27.09 18.26
N LEU J 293 -2.16 26.14 18.92
CA LEU J 293 -1.91 26.29 20.36
C LEU J 293 -0.92 27.42 20.62
N TYR J 294 0.10 27.54 19.79
CA TYR J 294 1.02 28.68 19.90
C TYR J 294 0.27 29.99 19.68
N ALA J 295 -0.63 30.01 18.71
CA ALA J 295 -1.40 31.23 18.42
C ALA J 295 -2.40 31.53 19.54
N ASN J 296 -2.90 30.49 20.19
CA ASN J 296 -3.90 30.62 21.25
C ASN J 296 -3.35 29.98 22.52
N ASN J 297 -2.63 30.78 23.31
CA ASN J 297 -2.10 30.35 24.60
C ASN J 297 -2.81 31.15 25.68
N VAL J 298 -3.88 30.58 26.22
CA VAL J 298 -4.70 31.29 27.19
C VAL J 298 -4.00 31.33 28.53
N MET J 299 -4.05 32.48 29.19
CA MET J 299 -3.51 32.69 30.51
C MET J 299 -4.66 33.06 31.44
N SER J 300 -4.84 32.28 32.51
CA SER J 300 -6.00 32.41 33.38
C SER J 300 -5.59 32.22 34.83
N GLY J 301 -6.59 32.31 35.71
CA GLY J 301 -6.42 32.00 37.10
C GLY J 301 -5.45 32.93 37.82
N GLY J 302 -5.36 32.73 39.13
CA GLY J 302 -4.42 33.47 39.94
C GLY J 302 -2.99 33.14 39.59
N THR J 303 -2.08 33.92 40.18
CA THR J 303 -0.62 33.81 40.03
C THR J 303 -0.16 34.36 38.67
N THR J 304 -1.08 34.74 37.78
CA THR J 304 -0.74 35.27 36.46
C THR J 304 -0.84 36.78 36.40
N MET J 305 -0.95 37.45 37.55
CA MET J 305 -1.09 38.89 37.62
C MET J 305 0.24 39.63 37.72
N TYR J 306 1.36 38.92 37.76
CA TYR J 306 2.65 39.58 37.79
C TYR J 306 2.83 40.38 36.49
N PRO J 307 3.08 41.69 36.56
CA PRO J 307 3.17 42.47 35.31
C PRO J 307 4.29 41.98 34.39
N GLY J 308 3.94 41.76 33.13
CA GLY J 308 4.90 41.32 32.13
C GLY J 308 5.02 39.81 31.99
N ILE J 309 4.21 39.03 32.71
CA ILE J 309 4.32 37.58 32.63
C ILE J 309 4.01 37.10 31.22
N ALA J 310 3.12 37.79 30.52
CA ALA J 310 2.88 37.47 29.12
C ALA J 310 4.11 37.78 28.27
N ASP J 311 4.86 38.81 28.64
CA ASP J 311 6.08 39.15 27.90
C ASP J 311 7.18 38.13 28.18
N ARG J 312 7.34 37.74 29.45
CA ARG J 312 8.33 36.72 29.79
C ARG J 312 7.99 35.39 29.13
N MET J 313 6.73 35.01 29.16
CA MET J 313 6.33 33.71 28.62
C MET J 313 6.40 33.71 27.10
N GLN J 314 6.04 34.83 26.47
CA GLN J 314 6.18 34.95 25.03
C GLN J 314 7.65 34.97 24.61
N LYS J 315 8.48 35.68 25.37
CA LYS J 315 9.91 35.71 25.06
C LYS J 315 10.54 34.33 25.26
N GLU J 316 10.05 33.58 26.24
CA GLU J 316 10.70 32.32 26.61
C GLU J 316 10.30 31.20 25.66
N ILE J 317 9.00 31.06 25.38
CA ILE J 317 8.55 30.01 24.48
C ILE J 317 9.07 30.27 23.06
N THR J 318 9.25 31.54 22.70
CA THR J 318 9.74 31.87 21.38
C THR J 318 11.15 31.33 21.16
N ALA J 319 11.97 31.32 22.21
CA ALA J 319 13.32 30.77 22.10
C ALA J 319 13.27 29.27 21.88
N LEU J 320 12.40 28.57 22.62
CA LEU J 320 12.28 27.12 22.47
C LEU J 320 11.54 26.76 21.20
N ALA J 321 10.48 27.49 20.88
CA ALA J 321 9.67 27.16 19.72
C ALA J 321 10.42 27.50 18.43
N PRO J 322 10.07 26.86 17.31
CA PRO J 322 10.75 27.19 16.06
C PRO J 322 10.24 28.49 15.46
N SER J 323 11.03 29.03 14.53
CA SER J 323 10.63 30.23 13.83
C SER J 323 9.41 29.95 12.94
N THR J 324 8.81 31.04 12.45
CA THR J 324 7.64 31.06 11.57
C THR J 324 6.35 30.80 12.35
N MET J 325 6.42 30.45 13.63
CA MET J 325 5.25 30.17 14.46
C MET J 325 4.91 31.43 15.25
N LYS J 326 3.75 32.02 14.96
CA LYS J 326 3.32 33.21 15.67
C LYS J 326 2.80 32.82 17.06
N ILE J 327 3.38 33.42 18.09
CA ILE J 327 3.02 33.15 19.48
C ILE J 327 2.28 34.36 20.01
N LYS J 328 1.02 34.14 20.40
CA LYS J 328 0.18 35.17 21.00
C LYS J 328 -0.43 34.62 22.28
N ILE J 329 -0.03 35.18 23.42
CA ILE J 329 -0.47 34.71 24.72
C ILE J 329 -1.59 35.62 25.19
N ILE J 330 -2.75 35.04 25.45
CA ILE J 330 -3.96 35.78 25.78
C ILE J 330 -4.06 35.89 27.30
N ALA J 331 -3.75 37.07 27.83
CA ALA J 331 -3.80 37.34 29.27
C ALA J 331 -4.80 38.47 29.49
N PRO J 332 -6.11 38.17 29.49
CA PRO J 332 -7.11 39.23 29.61
C PRO J 332 -7.09 39.83 31.00
N PRO J 333 -7.59 41.07 31.17
CA PRO J 333 -7.68 41.63 32.52
C PRO J 333 -8.62 40.86 33.43
N GLU J 334 -9.65 40.21 32.88
CA GLU J 334 -10.66 39.54 33.69
C GLU J 334 -10.19 38.19 34.25
N ARG J 335 -8.94 37.80 34.05
CA ARG J 335 -8.45 36.59 34.68
C ARG J 335 -8.38 36.78 36.19
N LYS J 336 -8.13 35.67 36.89
CA LYS J 336 -8.39 35.45 38.32
C LYS J 336 -9.87 35.15 38.56
N TYR J 337 -10.71 35.22 37.51
CA TYR J 337 -12.10 34.82 37.59
C TYR J 337 -12.55 34.02 36.37
N SER J 338 -11.68 33.85 35.36
CA SER J 338 -12.11 33.30 34.08
C SER J 338 -12.65 31.88 34.24
N VAL J 339 -12.13 31.14 35.23
CA VAL J 339 -12.70 29.84 35.55
C VAL J 339 -14.14 29.98 36.03
N TRP J 340 -14.44 31.10 36.71
CA TRP J 340 -15.80 31.29 37.21
C TRP J 340 -16.74 31.70 36.08
N ILE J 341 -16.33 32.64 35.23
CA ILE J 341 -17.19 33.09 34.13
C ILE J 341 -17.51 31.92 33.21
N GLY J 342 -16.58 30.98 33.06
CA GLY J 342 -16.89 29.76 32.34
C GLY J 342 -17.99 28.97 33.01
N GLY J 343 -18.04 29.02 34.35
CA GLY J 343 -19.09 28.33 35.07
C GLY J 343 -20.44 28.99 34.88
N SER J 344 -20.47 30.33 34.89
CA SER J 344 -21.70 31.04 34.60
C SER J 344 -22.17 30.78 33.18
N ILE J 345 -21.21 30.66 32.24
CA ILE J 345 -21.57 30.35 30.87
C ILE J 345 -21.97 28.88 30.74
N LEU J 346 -21.16 27.98 31.31
CA LEU J 346 -21.41 26.54 31.16
C LEU J 346 -22.76 26.15 31.74
N ALA J 347 -23.15 26.78 32.84
CA ALA J 347 -24.47 26.52 33.41
C ALA J 347 -25.58 27.14 32.59
N SER J 348 -25.26 28.16 31.79
CA SER J 348 -26.30 28.87 31.03
C SER J 348 -26.73 28.10 29.79
N LEU J 349 -25.90 27.18 29.29
CA LEU J 349 -26.25 26.41 28.12
C LEU J 349 -27.50 25.56 28.36
N SER J 350 -28.41 25.57 27.39
CA SER J 350 -29.59 24.72 27.48
C SER J 350 -29.24 23.25 27.26
N THR J 351 -28.21 23.01 26.47
CA THR J 351 -27.74 21.65 26.24
C THR J 351 -27.22 21.09 27.55
N PHE J 352 -26.60 21.94 28.36
CA PHE J 352 -25.97 21.52 29.61
C PHE J 352 -26.98 20.98 30.61
N GLN J 353 -28.27 21.26 30.42
CA GLN J 353 -29.28 20.80 31.37
C GLN J 353 -29.34 19.28 31.46
N GLN J 354 -28.91 18.58 30.40
CA GLN J 354 -28.94 17.11 30.42
C GLN J 354 -27.79 16.55 31.25
N MET J 355 -26.70 17.31 31.38
CA MET J 355 -25.47 16.77 31.96
C MET J 355 -25.42 16.85 33.49
N TRP J 356 -26.47 17.35 34.14
CA TRP J 356 -26.46 17.41 35.60
C TRP J 356 -26.48 16.01 36.19
N ILE J 357 -26.03 15.91 37.44
CA ILE J 357 -26.08 14.68 38.22
C ILE J 357 -27.21 14.85 39.24
N THR J 358 -28.37 14.30 38.93
CA THR J 358 -29.56 14.52 39.75
C THR J 358 -29.53 13.64 41.00
N LYS J 359 -30.40 13.99 41.95
CA LYS J 359 -30.50 13.23 43.20
C LYS J 359 -30.96 11.80 42.95
N GLN J 360 -31.92 11.62 42.04
CA GLN J 360 -32.49 10.29 41.83
C GLN J 360 -31.47 9.33 41.24
N GLU J 361 -30.53 9.85 40.44
CA GLU J 361 -29.53 9.00 39.82
C GLU J 361 -28.44 8.63 40.82
N TYR J 362 -28.21 9.47 41.82
CA TYR J 362 -27.19 9.18 42.83
C TYR J 362 -27.56 7.94 43.63
N ASP J 363 -28.79 7.88 44.13
CA ASP J 363 -29.21 6.74 44.94
C ASP J 363 -29.19 5.44 44.15
N GLU J 364 -29.39 5.53 42.83
CA GLU J 364 -29.40 4.33 42.00
C GLU J 364 -27.99 3.80 41.78
N ALA J 365 -27.06 4.67 41.42
CA ALA J 365 -25.71 4.27 41.02
C ALA J 365 -24.66 4.52 42.11
N GLY J 366 -24.96 5.34 43.10
CA GLY J 366 -24.01 5.65 44.15
C GLY J 366 -23.06 6.76 43.75
N PRO J 367 -22.02 6.99 44.56
CA PRO J 367 -21.08 8.08 44.27
C PRO J 367 -20.10 7.81 43.14
N SER J 368 -20.10 6.60 42.55
CA SER J 368 -19.27 6.30 41.41
C SER J 368 -19.87 6.78 40.09
N ILE J 369 -21.00 7.49 40.13
CA ILE J 369 -21.63 7.99 38.92
C ILE J 369 -20.85 9.15 38.32
N VAL J 370 -19.94 9.77 39.09
CA VAL J 370 -19.25 10.97 38.62
C VAL J 370 -18.37 10.65 37.42
N HIS J 371 -17.63 9.54 37.48
CA HIS J 371 -16.56 9.30 36.52
C HIS J 371 -17.09 9.11 35.10
N ARG J 372 -18.22 8.41 34.96
CA ARG J 372 -18.72 8.10 33.62
C ARG J 372 -19.37 9.32 32.97
N LYS J 373 -20.04 10.15 33.78
CA LYS J 373 -20.75 11.31 33.24
C LYS J 373 -19.83 12.52 33.13
N CYS J 374 -19.10 12.85 34.21
CA CYS J 374 -18.29 14.06 34.22
C CYS J 374 -17.19 13.99 33.17
N HYP K 1 9.78 13.19 20.06
CA HYP K 1 10.94 13.68 20.78
C HYP K 1 11.97 12.56 20.70
O HYP K 1 11.56 11.44 20.71
CB HYP K 1 10.56 13.93 22.20
CG HYP K 1 9.08 13.75 22.21
CD HYP K 1 8.85 12.70 21.10
OD1 HYP K 1 8.44 14.93 21.86
HA HYP K 1 11.29 14.48 20.37
HB2 HYP K 1 10.99 13.29 22.77
HB3 HYP K 1 10.77 14.83 22.45
HG HYP K 1 8.77 13.38 23.05
HD22 HYP K 1 7.93 12.74 20.79
HD23 HYP K 1 9.09 11.80 21.38
HD1 HYP K 1 7.80 15.03 22.39
N ALA K 2 13.38 12.91 20.60
CA ALA K 2 14.47 11.94 20.48
C ALA K 2 14.60 11.54 19.02
N TRP K 3 13.94 12.35 18.01
CA TRP K 3 14.04 12.06 16.62
C TRP K 3 14.65 13.32 16.10
CG G5G K 4 17.50 15.66 12.77
CB G5G K 4 16.56 14.50 13.15
CA G5G K 4 15.71 14.73 14.38
N G5G K 4 15.16 13.45 14.76
C G5G K 4 14.55 15.70 14.17
O G5G K 4 14.78 16.86 14.03
O1 G5G K 4 17.97 16.28 13.93
CD1 G5G K 4 16.78 16.72 11.94
CD2 G5G K 4 18.69 15.09 12.01
O2 G5G K 4 17.52 17.07 10.81
H2 G5G K 4 15.15 12.81 14.21
H1 G5G K 4 15.97 14.29 12.42
H3 G5G K 4 17.10 13.73 13.33
HA G5G K 4 16.27 15.05 15.11
H8 G5G K 4 18.36 17.02 13.74
H10 G5G K 4 16.63 17.52 12.48
H9 G5G K 4 15.91 16.41 11.65
H11 G5G K 4 19.10 14.37 12.52
H12 G5G K 4 19.35 15.79 11.86
H13 G5G K 4 18.40 14.75 11.15
H14 G5G K 4 17.42 17.92 10.67
N ALA K 5 13.17 15.24 14.16
CA ALA K 5 12.11 16.21 13.96
C ALA K 5 10.81 15.80 14.61
N ALO K 6 9.78 15.04 13.91
CA ALO K 6 8.56 14.73 14.61
CB ALO K 6 7.48 14.18 13.69
CG2 ALO K 6 7.32 15.11 12.49
OG1 ALO K 6 6.29 14.10 14.40
C ALO K 6 8.93 13.70 15.67
O ALO K 6 9.88 13.05 15.50
H ALO K 6 9.89 14.75 13.12
HA ALO K 6 8.23 15.51 15.06
HB ALO K 6 7.75 13.31 13.38
HG21 ALO K 6 6.74 15.83 12.78
HG22 ALO K 6 6.88 14.62 11.77
HG23 ALO K 6 8.17 15.46 12.19
HG1 ALO K 6 5.68 14.34 13.88
N CYS K 7 8.10 13.57 16.85
CA CYS K 7 8.40 12.64 17.92
C CYS K 7 9.65 13.18 18.62
N HYP L 1 6.59 -14.76 -27.38
CA HYP L 1 7.68 -14.69 -26.43
C HYP L 1 8.17 -16.12 -26.30
O HYP L 1 7.37 -16.99 -26.38
CB HYP L 1 7.14 -14.20 -25.12
CG HYP L 1 5.76 -13.79 -25.43
CD HYP L 1 5.35 -14.74 -26.57
OD1 HYP L 1 5.73 -12.48 -25.91
HA HYP L 1 8.40 -14.13 -26.76
HB2 HYP L 1 7.65 -13.43 -24.83
HB3 HYP L 1 7.17 -14.91 -24.47
HG HYP L 1 5.16 -13.93 -24.67
HD22 HYP L 1 5.16 -15.65 -26.25
HD23 HYP L 1 4.60 -14.39 -27.07
HD1 HYP L 1 5.08 -12.10 -25.52
N ALA L 2 9.60 -16.36 -26.08
CA ALA L 2 10.21 -17.69 -25.98
C ALA L 2 10.46 -18.22 -27.38
N TRP L 3 10.39 -17.30 -28.49
CA TRP L 3 10.63 -17.72 -29.84
C TRP L 3 11.79 -16.83 -30.20
CG G5G L 4 15.93 -16.07 -32.84
CB G5G L 4 14.55 -16.73 -32.68
CA G5G L 4 13.63 -16.10 -31.65
N G5G L 4 12.56 -17.02 -31.40
C G5G L 4 13.02 -14.77 -32.11
O G5G L 4 13.72 -13.82 -32.18
O1 G5G L 4 16.37 -15.59 -31.60
CD1 G5G L 4 15.87 -14.88 -33.80
CD2 G5G L 4 16.92 -17.11 -33.34
O2 G5G L 4 16.89 -14.95 -34.75
H2 G5G L 4 12.40 -17.66 -31.96
H1 G5G L 4 14.69 -17.65 -32.39
H3 G5G L 4 14.08 -16.76 -33.52
HA G5G L 4 14.13 -15.96 -30.82
H8 G5G L 4 17.04 -15.07 -31.70
H10 G5G L 4 15.02 -14.86 -34.28
H9 G5G L 4 15.94 -14.05 -33.30
H11 G5G L 4 17.82 -16.75 -33.34
H12 G5G L 4 16.90 -17.89 -32.75
H13 G5G L 4 16.69 -17.38 -34.24
H14 G5G L 4 17.17 -14.13 -34.90
N ALA L 5 11.61 -14.66 -32.41
CA ALA L 5 11.08 -13.38 -32.83
C ALA L 5 9.63 -13.19 -32.48
N ALO L 6 8.55 -13.55 -33.38
CA ALO L 6 7.18 -13.31 -32.96
CB ALO L 6 6.19 -13.46 -34.09
CG2 ALO L 6 6.63 -12.64 -35.30
OG1 ALO L 6 4.94 -13.01 -33.65
C ALO L 6 6.90 -14.30 -31.86
O ALO L 6 7.53 -15.29 -31.82
H ALO L 6 8.68 -13.92 -34.14
HA ALO L 6 7.11 -12.41 -32.59
HB ALO L 6 6.13 -14.38 -34.34
HG21 ALO L 6 7.60 -12.67 -35.40
HG22 ALO L 6 6.20 -12.97 -36.10
HG23 ALO L 6 6.35 -11.73 -35.13
HG1 ALO L 6 4.60 -12.60 -34.30
N CYS L 7 5.87 -14.00 -30.88
CA CYS L 7 5.56 -14.89 -29.78
C CYS L 7 6.75 -14.81 -28.82
N HYP M 1 -4.50 -6.95 0.82
CA HYP M 1 -5.47 -6.34 1.70
C HYP M 1 -6.34 -5.48 0.78
O HYP M 1 -5.82 -4.97 -0.15
CB HYP M 1 -4.75 -5.48 2.68
CG HYP M 1 -3.32 -5.78 2.47
CD HYP M 1 -3.27 -6.14 0.98
OD1 HYP M 1 -2.95 -6.90 3.21
HA HYP M 1 -6.02 -7.00 2.13
HB2 HYP M 1 -5.01 -5.72 3.58
HB3 HYP M 1 -4.95 -4.55 2.52
HG HYP M 1 -2.76 -5.01 2.63
HD22 HYP M 1 -3.32 -5.34 0.40
HD23 HYP M 1 -2.47 -6.66 0.78
HD1 HYP M 1 -2.20 -6.72 3.55
N ALA M 2 -7.77 -5.35 1.09
CA ALA M 2 -8.72 -4.60 0.28
C ALA M 2 -9.17 -5.47 -0.87
N TRP M 3 -8.91 -6.90 -0.81
CA TRP M 3 -9.33 -7.80 -1.84
C TRP M 3 -10.20 -8.73 -1.06
CG G5G M 4 -14.08 -11.82 -0.89
CB G5G M 4 -12.95 -11.15 -1.67
CA G5G M 4 -11.84 -10.55 -0.83
N G5G M 4 -11.05 -9.70 -1.69
C G5G M 4 -10.90 -11.59 -0.22
O G5G M 4 -11.30 -12.28 0.67
O1 G5G M 4 -14.32 -11.13 0.30
CD1 G5G M 4 -13.74 -13.26 -0.53
CD2 G5G M 4 -15.36 -11.76 -1.73
O2 G5G M 4 -14.80 -14.14 -0.85
H2 G5G M 4 -11.12 -9.78 -2.55
H1 G5G M 4 -13.33 -10.43 -2.18
H3 G5G M 4 -12.55 -11.78 -2.30
HA G5G M 4 -12.23 -10.01 -0.12
H8 G5G M 4 -14.82 -11.58 0.82
H10 G5G M 4 -12.95 -13.56 -1.00
H9 G5G M 4 -13.56 -13.32 0.42
H11 G5G M 4 -16.11 -12.07 -1.21
H12 G5G M 4 -15.52 -10.85 -2.02
H13 G5G M 4 -15.26 -12.32 -2.52
H14 G5G M 4 -14.84 -14.74 -0.24
N ALA M 5 -9.53 -11.74 -0.67
CA ALA M 5 -8.69 -12.73 -0.04
C ALA M 5 -7.22 -12.36 -0.08
N ALO M 6 -6.33 -12.78 -1.15
CA ALO M 6 -4.93 -12.41 -1.07
CB ALO M 6 -4.07 -13.13 -2.10
CG2 ALO M 6 -4.34 -14.63 -2.02
OG1 ALO M 6 -2.74 -12.87 -1.81
C ALO M 6 -4.89 -10.92 -1.29
O ALO M 6 -5.76 -10.40 -1.88
H ALO M 6 -6.61 -13.21 -1.84
HA ALO M 6 -4.60 -12.59 -0.18
HB ALO M 6 -4.31 -12.81 -2.97
HG21 ALO M 6 -5.28 -14.81 -1.86
HG22 ALO M 6 -4.06 -15.04 -2.86
HG23 ALO M 6 -3.80 -14.97 -1.30
HG1 ALO M 6 -2.32 -13.58 -1.95
N CYS M 7 -3.76 -10.15 -0.77
CA CYS M 7 -3.67 -8.71 -0.91
C CYS M 7 -4.74 -8.11 0.00
PB ADP N . -7.17 8.52 -9.44
O1B ADP N . -7.40 8.45 -7.94
O2B ADP N . -7.97 9.59 -10.14
O3B ADP N . -7.16 7.19 -10.14
PA ADP N . -5.26 10.52 -9.05
O1A ADP N . -6.31 10.94 -8.05
O2A ADP N . -4.97 11.38 -10.25
O3A ADP N . -5.65 9.04 -9.55
O5' ADP N . -3.90 10.27 -8.24
C5' ADP N . -3.64 10.99 -7.04
C4' ADP N . -2.20 10.76 -6.61
O4' ADP N . -1.31 11.46 -7.47
C3' ADP N . -1.92 11.23 -5.20
O3' ADP N . -1.97 10.13 -4.27
C2' ADP N . -0.58 11.94 -5.26
O2' ADP N . 0.44 11.30 -4.50
C1' ADP N . -0.19 11.97 -6.74
N9 ADP N . 0.14 13.35 -7.17
C8 ADP N . -0.73 14.37 -7.33
N7 ADP N . -0.07 15.49 -7.73
C5 ADP N . 1.23 15.19 -7.84
C6 ADP N . 2.47 15.91 -8.22
N6 ADP N . 2.43 17.22 -8.58
N1 ADP N . 3.62 15.21 -8.21
C2 ADP N . 3.68 13.91 -7.86
N3 ADP N . 2.60 13.21 -7.50
C4 ADP N . 1.37 13.77 -7.47
H5'1 ADP N . -4.33 10.67 -6.26
H5'2 ADP N . -3.80 12.06 -7.21
H4' ADP N . -2.00 9.68 -6.66
H3' ADP N . -2.69 11.97 -4.93
HO3' ADP N . -1.86 10.46 -3.37
H2' ADP N . -0.70 12.98 -4.91
HO2' ADP N . 0.22 11.33 -3.56
H1' ADP N . 0.67 11.31 -6.88
H8 ADP N . -1.79 14.31 -7.15
HN61 ADP N . 3.29 17.69 -8.84
HN62 ADP N . 1.56 17.71 -8.58
H2 ADP N . 4.64 13.42 -7.86
MG MG O . -6.67 8.27 -11.80
PB ADP P . -4.61 -14.83 -59.84
O1B ADP P . -5.14 -14.68 -58.44
O2B ADP P . -4.77 -13.59 -60.70
O3B ADP P . -4.99 -16.12 -60.53
PA ADP P . -2.19 -13.70 -59.05
O1A ADP P . -3.15 -12.83 -58.29
O2A ADP P . -1.34 -13.12 -60.16
O3A ADP P . -3.02 -14.95 -59.63
O5' ADP P . -1.23 -14.39 -57.97
C5' ADP P . -0.95 -13.74 -56.74
C4' ADP P . 0.17 -14.48 -56.02
O4' ADP P . 1.41 -14.25 -56.66
C3' ADP P . 0.32 -14.03 -54.57
O3' ADP P . -0.33 -14.95 -53.69
C2' ADP P . 1.83 -13.91 -54.34
O2' ADP P . 2.34 -14.85 -53.38
C1' ADP P . 2.47 -14.15 -55.70
N9 ADP P . 3.40 -13.06 -56.05
C8 ADP P . 3.06 -11.79 -56.38
N7 ADP P . 4.17 -11.05 -56.63
C5 ADP P . 5.24 -11.85 -56.46
C6 ADP P . 6.71 -11.70 -56.57
N6 ADP P . 7.28 -10.51 -56.91
N1 ADP P . 7.47 -12.78 -56.31
C2 ADP P . 6.94 -13.97 -55.96
N3 ADP P . 5.61 -14.16 -55.84
C4 ADP P . 4.73 -13.16 -56.08
H5'1 ADP P . -1.85 -13.71 -56.12
H5'2 ADP P . -0.64 -12.71 -56.93
H4' ADP P . -0.07 -15.55 -56.03
H3' ADP P . -0.12 -13.04 -54.46
HO3' ADP P . -0.29 -14.62 -52.78
H2' ADP P . 2.06 -12.88 -54.02
HO2' ADP P . 1.96 -14.65 -52.51
H1' ADP P . 3.01 -15.11 -55.66
H8 ADP P . 2.05 -11.43 -56.43
HN61 ADP P . 8.28 -10.42 -56.98
HN62 ADP P . 6.68 -9.72 -57.10
H2 ADP P . 7.60 -14.80 -55.76
MG MG Q . -3.80 -15.45 -62.04
PB ADP R . 16.22 -3.55 25.66
O1B ADP R . 16.50 -2.26 26.39
O2B ADP R . 17.25 -4.62 25.87
O3B ADP R . 15.79 -3.38 24.22
PA ADP R . 14.99 -4.59 27.93
O1A ADP R . 16.16 -3.86 28.55
O2A ADP R . 14.90 -6.09 27.99
O3A ADP R . 14.91 -4.12 26.39
O5' ADP R . 13.65 -3.94 28.54
C5' ADP R . 13.68 -3.39 29.86
C4' ADP R . 12.25 -3.09 30.30
O4' ADP R . 11.56 -4.31 30.60
C3' ADP R . 12.20 -2.23 31.56
O3' ADP R . 11.98 -0.85 31.21
C2' ADP R . 11.11 -2.85 32.43
O2' ADP R . 9.98 -1.99 32.62
C1' ADP R . 10.68 -4.11 31.71
N9 ADP R . 10.73 -5.28 32.62
C8 ADP R . 11.84 -5.88 33.10
N7 ADP R . 11.52 -6.90 33.91
C5 ADP R . 10.18 -6.99 33.96
C6 ADP R . 9.19 -7.86 34.64
N6 ADP R . 9.58 -8.88 35.44
N1 ADP R . 7.88 -7.60 34.41
C2 ADP R . 7.47 -6.60 33.60
N3 ADP R . 8.33 -5.78 32.97
C4 ADP R . 9.66 -5.92 33.11
H5'1 ADP R . 14.28 -2.48 29.87
H5'2 ADP R . 14.14 -4.11 30.56
H4' ADP R . 11.75 -2.55 29.49
H3' ADP R . 13.15 -2.32 32.09
HO3' ADP R . 12.01 -0.31 32.01
H2' ADP R . 11.55 -3.12 33.40
HO2' ADP R . 10.25 -1.21 33.13
H1' ADP R . 9.65 -3.98 31.33
H8 ADP R . 12.86 -5.56 32.88
HN61 ADP R . 8.88 -9.45 35.89
HN62 ADP R . 10.55 -9.05 35.59
H2 ADP R . 6.41 -6.45 33.46
MG MG S . 15.56 -5.41 24.24
PB ADP T . 4.58 -32.18 -20.63
O1B ADP T . 5.20 -31.03 -19.85
O2B ADP T . 5.03 -33.55 -20.19
O3B ADP T . 4.55 -31.97 -22.13
PA ADP T . 2.62 -32.45 -18.68
O1A ADP T . 3.83 -32.20 -17.82
O2A ADP T . 1.91 -33.79 -18.63
O3A ADP T . 3.03 -32.12 -20.20
O5' ADP T . 1.56 -31.29 -18.35
C5' ADP T . 1.54 -30.68 -17.06
C4' ADP T . 0.30 -29.81 -16.95
O4' ADP T . -0.86 -30.62 -16.81
C3' ADP T . 0.34 -28.89 -15.73
O3' ADP T . 0.77 -27.58 -16.11
C2' ADP T . -1.05 -28.95 -15.11
O2' ADP T . -1.75 -27.71 -15.16
C1' ADP T . -1.80 -30.01 -15.91
N9 ADP T . -2.40 -31.02 -15.01
C8 ADP T . -1.74 -31.96 -14.30
N7 ADP T . -2.61 -32.72 -13.58
C5 ADP T . -3.85 -32.27 -13.82
C6 ADP T . -5.22 -32.61 -13.38
N6 ADP T . -5.44 -33.62 -12.52
N1 ADP T . -6.24 -31.88 -13.89
C2 ADP T . -6.04 -30.86 -14.76
N3 ADP T . -4.83 -30.50 -15.19
C4 ADP T . -3.71 -31.15 -14.77
H5'1 ADP T . 2.44 -30.07 -16.93
H5'2 ADP T . 1.52 -31.45 -16.30
H4' ADP T . 0.22 -29.18 -17.85
H3' ADP T . 1.06 -29.31 -15.01
HO3' ADP T . 0.85 -27.02 -15.33
H2' ADP T . -0.96 -29.30 -14.07
HO2' ADP T . -1.30 -27.06 -14.61
H1' ADP T . -2.59 -29.52 -16.50
H8 ADP T . -0.66 -32.08 -14.31
HN61 ADP T . -6.39 -33.85 -12.24
HN62 ADP T . -4.66 -34.16 -12.16
H2 ADP T . -6.91 -30.33 -15.12
MG MG U . 3.52 -33.74 -22.16
PB ADP V . -7.84 29.14 42.30
O1B ADP V . -7.70 28.98 43.79
O2B ADP V . -9.13 29.79 41.85
O3B ADP V . -7.46 27.92 41.50
PA ADP V . -6.84 31.73 42.46
O1A ADP V . -7.72 31.70 43.68
O2A ADP V . -7.16 32.63 41.30
O3A ADP V . -6.71 30.22 41.92
O5' ADP V . -5.35 32.04 42.96
C5' ADP V . -5.14 32.81 44.14
C4' ADP V . -3.67 33.17 44.26
O4' ADP V . -3.33 34.18 43.30
C3' ADP V . -3.30 33.73 45.62
O3' ADP V . -2.73 32.70 46.44
C2' ADP V . -2.39 34.91 45.35
O2' ADP V . -1.06 34.73 45.84
C1' ADP V . -2.38 35.08 43.84
N9 ADP V . -2.70 36.48 43.46
C8 ADP V . -3.91 37.07 43.57
N7 ADP V . -3.86 38.36 43.14
C5 ADP V . -2.59 38.60 42.75
C6 ADP V . -1.84 39.76 42.20
N6 ADP V . -2.46 40.94 41.97
N1 ADP V . -0.53 39.58 41.93
C2 ADP V . 0.10 38.41 42.14
N3 ADP V . -0.52 37.33 42.65
C4 ADP V . -1.84 37.36 42.96
H5'1 ADP V . -5.45 32.23 45.02
H5'2 ADP V . -5.74 33.72 44.11
H4' ADP V . -3.07 32.27 44.08
H3' ADP V . -4.22 34.10 46.10
HO3' ADP V . -2.56 33.04 47.32
H2' ADP V . -2.83 35.81 45.81
HO2' ADP V . -1.07 34.67 46.81
H1' ADP V . -1.37 34.83 43.47
H8 ADP V . -4.80 36.59 43.95
HN61 ADP V . -1.94 41.71 41.59
HN62 ADP V . -3.44 41.05 42.17
H2 ADP V . 1.15 38.35 41.91
MG MG W . -7.81 29.09 39.86
#